data_8ZPK
#
_entry.id   8ZPK
#
_cell.length_a   1.00
_cell.length_b   1.00
_cell.length_c   1.00
_cell.angle_alpha   90.00
_cell.angle_beta   90.00
_cell.angle_gamma   90.00
#
_symmetry.space_group_name_H-M   'P 1'
#
loop_
_entity.id
_entity.type
_entity.pdbx_description
1 polymer 'Origin recognition complex subunit 2'
2 polymer 'Origin recognition complex subunit 5'
3 polymer 'Origin recognition complex subunit 6'
4 polymer 'DNA (38-MER)'
5 polymer 'DNA (40-MER)'
6 polymer 'Origin recognition complex subunit 1'
7 polymer 'Origin recognition complex subunit 3'
8 polymer 'Origin recognition complex subunit 4'
9 non-polymer 'PHOSPHOTHIOPHOSPHORIC ACID-ADENYLATE ESTER'
10 non-polymer 'MAGNESIUM ION'
#
loop_
_entity_poly.entity_id
_entity_poly.type
_entity_poly.pdbx_seq_one_letter_code
_entity_poly.pdbx_strand_id
1 'polypeptide(L)'
;MLNGEDFVEHNDILSSPAKSRNVTPKRVDPHGERQLRRIHSSKKNLLERISLVGNERKNTSPDPALKPKTPSKAPRKRGR
PRKIQEELTDRIKKDEKDTISSKKKRKLDKDTSGNVNEESKTSNNKQVMEKTGIKEKREREKIQVATTTYEDNVTPQTDD
NFVSNSPEPPEPATPSKKSLTTNHDFTSPLKQIIMNNLKEYKDSTSPGKLTLSRNFTPTPVPKNKKLYQTSETKSASSFL
DTFEGYFDQRKIVRTNAKSRHTMSMAPDVTREEFSLVSNFFNENFQKRPRQKLFEIQKKMFPQYWFELTQGFSLLFYGVG
SKRNFLEEFAIDYLSPKIAYSQLAYENELQQNKPVNSIPCLILNGYNPSCNYRDVFKEITDLLVPAELTRSETKYWGNHV
ILQIQKMIDFYKNQPLDIKLILVVHNLDGPSIRKNTFQTMLSFLSVIRQIAIVASTDHIYAPLLWDNMKAQNYNFVFHDI
SNFEPSTVESTFQDVMKMGKSDTSSGAEGAKYVLQSLTVNSKKMYKLLIETQMQNMGNLSANTGPKRGTQRTGVELKLFN
HLCAADFIASNEIALRSMLREFIEHKMANITKNNSGMEIIWVPYTYAELEKLLKTVLNTL
;
B
2 'polypeptide(L)'
;MNVTTPEVAFREYQTNCLASYISADPDITPSNLILQGYSGTGKTYTLKKYFNANPNLHAVWLEPVELVSWKPLLQAIART
VQYKLKTLYPNIPTTDYDPLQVEEPFLLVKTLHNIFVQYESLQEKTCLFLILDGFDSLQDLDAALFNKYIKLNELLPKDS
KINIKFIYTMLETSFLQRYSTHCIPTVMFPRYNVDEVSTILVMSRCGELMEDSCLRKRIIEEQITDCTDDQFQNVAANFI
HLIVQAFHSYTGNDIFALNDLIDFKWPKYVSRITKENIFEPLALYKSAIKLFLSTDDNLSENGQGESAITTNRDDLENSQ
TYDLSIISKYLLIASYICSYLEPRYDASIFSRKTRIIQGRAAYGRRKKKEVNPRYLQPSLFAIERLLAIFQAIFPIQGKA
ESGSLSALREESLMKANIEVFQNLSELHTLKLIATTMNKNIDYLSPKVRWKVNVPWEIIKEISESVHFNISDYFSDIHE
;
E
3 'polypeptide(L)'
;MSLLVKKYCKMTTEEIIRLCNDFELPREVAYKIVDEYNINASRLVCPWQLVCGLVLNCTFIVFNERRRKDPRIDHFIVSK
MCSLMLTSKVDDVIECVKLVKELIIGEKWFRDLQIRYDDFDGIRYDEIIFRKLGSMLQTTNILVTDDQYNIWKKRIEMDL
ALTEPLGSGSDYKDDDDKI
;
F
4 'polydeoxyribonucleotide'
;(DT)(DA)(DC)(DA)(DG)(DA)(DT)(DT)(DT)(DT)(DA)(DT)(DG)(DT)(DT)(DT)(DA)(DG)(DA)(DT)
(DC)(DT)(DT)(DT)(DT)(DA)(DT)(DG)(DC)(DT)(DT)(DG)(DC)(DT)(DT)(DT)(DT)(DC)(DA)(DA)
(DA)(DA)(DG)(DG)(DC)(DC)(DT)(DG)(DC)(DA)(DG)(DG)(DC)(DA)(DA)(DG)(DT)(DG)(DC)(DA)
(DC)(DA)(DA)(DA)(DC)(DA)(DA)(DT)(DA)(DC)(DT)(DT)(DA)(DA)(DA)(DT)(DA)
;
G
5 'polydeoxyribonucleotide'
;(DT)(DA)(DT)(DT)(DT)(DA)(DA)(DG)(DT)(DA)(DT)(DT)(DG)(DT)(DT)(DT)(DG)(DT)(DG)(DC)
(DA)(DC)(DT)(DT)(DG)(DC)(DC)(DT)(DG)(DC)(DA)(DG)(DG)(DC)(DC)(DT)(DT)(DT)(DT)(DG)
(DA)(DA)(DA)(DA)(DG)(DC)(DA)(DA)(DG)(DC)(DA)(DT)(DA)(DA)(DA)(DA)(DG)(DA)(DT)(DC)
(DT)(DA)(DA)(DA)(DC)(DA)(DT)(DA)(DA)(DA)(DA)(DT)(DC)(DT)(DG)(DT)(DA)
;
H
6 'polypeptide(L)'
;MAKTLKDLQGWEIITTDEQGNIIDGGQKRLRRRGAKTEHYLKRSSDGIKLGRGDSVVMHNEAAGTYSVYMIQELRLNTLN
NVVELWALTYLRWFEVNPLAHYRQFNPDANILNRPLNYYNKLFSETANKNELYLTAELAELQLFNFIRVANVMDGSKWEV
LKGNVDPERDFTVRYICEPTGEKFVDINIEDVKAYIKKVEPREAQEYLKDLTLPSKKKEIKRGPQKKDKATQTAQISDAE
TRATDITDNEDGNEDESSDYESPSDIDVSEDMDSGEISADELEEEEDEEEDEDEEEKEARHTNSPRKRGRKIKLGKDDID
ASVQPPPKKRGRKPKDPSKPRQMLLISSCRANNTPVIRKFTKKNVARAKKKYTPFSKRFKSIAAIPDLTSLPEFYGNSSE
LMASRFENKLKTTQKHQIVETIFSKVKKQLNSSYVKEEILKSANFQDYLPARENEFASIYLSAYSAIESDSATTIYVAGT
PGVGKTLTVREVVKELLSSSAQREIPDFLYVEINGLKMVKPTDCYETLWNKVSGERLTWAASMESLEFYFKRVPKNKKKT
IVVLLDELDAMVTKSQDIMYNFFNWTTYENAKLIVIAVANTMDLPERQLGNKITSRIGFTRIMFTGYTHEELKNIIDLRL
KGLNDSFFYVDTKTGNAILIDAAGNDTTVKQTLPEDVRKVRLRMSADAIEIASRKVASVSGDARRALKVCKRAAEIAEKH
YMAKHGYGYDGKTVIEDENEEQIYDDEDKDLIESNKAKDDNDDDDDNDGVQTVHITHVMKALNETLNSHVITFMTRLSFT
AKLFIYALLNLMKKNGSQEQELGDIVDEIKLLIEVNGSNKFVMEIAKTLFQQGSDNISEQLRIISWDFVLNQLLDAGILF
KQTMKNDRICCVKLNISVEEAKRAMNEDETLRNL
;
A
7 'polypeptide(L)'
;MSDLNQSKKMNVSEFADAQRSHYTVYPSLPQSNKNDKHIPFVKLLSGKESEVNVEKRWELYHQLHSHFHDQVDHIIDNIE
ADLKAEISDLLYSETTQKRRCFNTIFLLGSDSTTKIELKDESSRYNVLIELTPKESPNVRMMLRRSMYKLYSAADAEEHP
TIKYEDINDEDGDFTEQNNDVSYDLSLVENFKRLFGKDLAMVFNFKDVDSINFNTLDNFIILLKSAFKYDHVKISLIFNI
NTNLSNIEKNLRQSTIRLLKRNYHKLDVSSNKGFKYGNQIFQSFLDTVDGKLNLSDRFVEFILSKMANNTNHNLQLLTKM
LDYSLMSYFFQNAFSVFIDPVNVDFLNDDYLKILSRCPTFMFFVEGLIKQHAPADEILSLLTNKNRGLEEFFVEFLVREN
PINGHAKFVARFLEEELNITNFNLIELYHNLLIGKLDSYLDRWSACKEYKDRLHFEPIDTIFQELFTLDNRSGLLTQSIF
PSYKSNIEDNLLSWEQVLPSLDKENYDTLSGDLDKIMAPVLGQLFKLYREANMTINIYDFYIAFRETLPKEEILNFIRKD
PSNTKLLELAETPDAFDKVALILFMQAIFAFENMGLIKFQSTKSYDLVEKCVWRGI
;
C
8 'polypeptide(L)'
;MTISEARLSPQVNLLPIKRHSNEEVEETAAILKKRTIDNEKCKDSDPGFGSLQRRLLQQLYGTLPTDEKIIFTYLQDCQQ
EIDRIIKQSIIQKESHSVILVGPRQSYKTYLLDYELSLLQQSYKEQFITIRLNGFIHSEQTAINGIATQLEQQLQKIHGS
EEKIDDTSLETISSGSLTEVFEKILLLLDSTTKTRNEDSGEVDRESITKITVVFIFDEIDTFAGPVRQTLLYNLFDMVEH
SRVPVCIFGCTTKLNILEYLEKRVKSRFSQRVIYMPQIQNLDDMVDAVRNLLTVRSEISPWVSQWNETLEKELSDPRSNL
NRHIRMNFETFRSLPTLKNSIIPLVATSKNFGSLCTAIKSCSFLDIYNKNQLSNNLTGRLQSLSDLELAILISAARVALR
AKDGSFNFNLAYAEYEKMIKAINSRIPTVAPTTNVGTGQSTFSIDNTIKLWLKKDVKNVWENLVQLDFFTEKSAVGLRDN
ATAAFYASNYQFQGTMIPFDLRSYQMQIILQELRRIIPKSNMYYSWTQL
;
D
#
loop_
_chem_comp.id
_chem_comp.type
_chem_comp.name
_chem_comp.formula
AGS non-polymer 'PHOSPHOTHIOPHOSPHORIC ACID-ADENYLATE ESTER' 'C10 H16 N5 O12 P3 S'
DA DNA linking 2'-DEOXYADENOSINE-5'-MONOPHOSPHATE 'C10 H14 N5 O6 P'
DC DNA linking 2'-DEOXYCYTIDINE-5'-MONOPHOSPHATE 'C9 H14 N3 O7 P'
DG DNA linking 2'-DEOXYGUANOSINE-5'-MONOPHOSPHATE 'C10 H14 N5 O7 P'
DT DNA linking THYMIDINE-5'-MONOPHOSPHATE 'C10 H15 N2 O8 P'
MG non-polymer 'MAGNESIUM ION' 'Mg 2'
#
# COMPACT_ATOMS: atom_id res chain seq x y z
N ALA A 236 -31.39 4.69 -38.88
CA ALA A 236 -30.81 5.13 -37.62
C ALA A 236 -29.32 5.39 -37.76
N SER A 237 -28.64 4.51 -38.49
CA SER A 237 -27.20 4.63 -38.71
C SER A 237 -26.86 4.14 -40.10
N SER A 238 -25.71 4.57 -40.59
CA SER A 238 -25.22 4.20 -41.92
C SER A 238 -24.09 3.19 -41.89
N PHE A 239 -23.31 3.14 -40.82
CA PHE A 239 -22.22 2.18 -40.66
C PHE A 239 -22.52 1.28 -39.47
N LEU A 240 -22.19 -0.01 -39.62
CA LEU A 240 -22.40 -0.97 -38.55
C LEU A 240 -21.13 -1.63 -38.05
N ASP A 241 -20.04 -1.57 -38.83
CA ASP A 241 -18.78 -2.20 -38.44
C ASP A 241 -17.65 -1.18 -38.41
N THR A 242 -16.43 -1.65 -38.14
CA THR A 242 -15.24 -0.83 -38.09
C THR A 242 -15.36 0.31 -37.09
N PHE A 243 -14.42 1.26 -37.14
CA PHE A 243 -14.47 2.40 -36.23
C PHE A 243 -15.55 3.39 -36.66
N GLU A 244 -15.93 3.37 -37.93
CA GLU A 244 -16.98 4.26 -38.41
C GLU A 244 -18.30 3.97 -37.72
N GLY A 245 -18.64 2.69 -37.56
CA GLY A 245 -19.86 2.35 -36.84
C GLY A 245 -19.80 2.77 -35.39
N TYR A 246 -18.64 2.58 -34.76
CA TYR A 246 -18.47 3.00 -33.37
C TYR A 246 -18.67 4.50 -33.22
N PHE A 247 -18.13 5.29 -34.13
CA PHE A 247 -18.28 6.74 -34.05
C PHE A 247 -19.71 7.17 -34.37
N ASP A 248 -20.37 6.49 -35.31
CA ASP A 248 -21.70 6.89 -35.73
C ASP A 248 -22.78 6.50 -34.73
N GLN A 249 -22.61 5.37 -34.04
CA GLN A 249 -23.66 4.84 -33.19
C GLN A 249 -23.64 5.41 -31.77
N ARG A 250 -22.73 6.33 -31.46
CA ARG A 250 -22.62 6.90 -30.12
C ARG A 250 -23.14 8.33 -30.06
N LYS A 251 -23.90 8.78 -31.06
CA LYS A 251 -24.45 10.12 -31.03
C LYS A 251 -25.56 10.21 -29.99
N ILE A 252 -25.68 11.41 -29.40
CA ILE A 252 -26.64 11.61 -28.32
C ILE A 252 -28.05 11.66 -28.88
N VAL A 253 -28.99 11.00 -28.19
CA VAL A 253 -30.38 10.96 -28.59
C VAL A 253 -31.03 12.30 -28.26
N ARG A 254 -32.25 12.52 -28.77
CA ARG A 254 -32.96 13.77 -28.54
C ARG A 254 -33.39 13.97 -27.10
N THR A 255 -33.28 12.93 -26.27
CA THR A 255 -33.60 12.93 -24.84
C THR A 255 -35.09 13.06 -24.55
N ASN A 256 -35.94 13.20 -25.58
CA ASN A 256 -37.37 13.22 -25.40
C ASN A 256 -38.06 11.99 -25.96
N ALA A 257 -37.39 11.24 -26.82
CA ALA A 257 -37.93 9.99 -27.36
C ALA A 257 -37.61 8.79 -26.49
N LYS A 258 -36.96 8.99 -25.35
CA LYS A 258 -36.62 7.89 -24.45
C LYS A 258 -37.89 7.20 -23.98
N SER A 259 -38.01 5.91 -24.29
CA SER A 259 -39.17 5.13 -23.88
C SER A 259 -39.19 4.94 -22.36
N ARG A 260 -40.40 4.96 -21.80
CA ARG A 260 -40.60 4.81 -20.36
C ARG A 260 -40.89 3.36 -19.97
N HIS A 261 -40.74 2.42 -20.90
CA HIS A 261 -41.02 1.02 -20.61
C HIS A 261 -40.10 0.51 -19.51
N THR A 262 -40.64 -0.33 -18.64
CA THR A 262 -39.90 -0.88 -17.52
C THR A 262 -40.04 -2.39 -17.50
N MET A 263 -39.00 -3.07 -17.01
CA MET A 263 -38.99 -4.53 -16.98
C MET A 263 -40.03 -5.12 -16.04
N SER A 264 -40.63 -4.30 -15.17
CA SER A 264 -41.61 -4.83 -14.22
C SER A 264 -42.83 -5.39 -14.93
N MET A 265 -43.27 -4.74 -16.02
CA MET A 265 -44.46 -5.18 -16.73
C MET A 265 -44.15 -6.33 -17.69
N ALA A 266 -43.52 -7.39 -17.15
CA ALA A 266 -43.19 -8.59 -17.88
C ALA A 266 -43.80 -9.80 -17.18
N PRO A 267 -44.08 -10.88 -17.90
CA PRO A 267 -44.70 -12.05 -17.27
C PRO A 267 -43.85 -12.59 -16.13
N ASP A 268 -44.51 -13.03 -15.07
CA ASP A 268 -43.81 -13.51 -13.88
C ASP A 268 -43.48 -14.99 -14.04
N VAL A 269 -42.24 -15.34 -13.68
CA VAL A 269 -41.73 -16.69 -13.82
C VAL A 269 -41.08 -17.11 -12.52
N THR A 270 -41.46 -18.27 -12.00
CA THR A 270 -40.86 -18.81 -10.79
C THR A 270 -39.64 -19.65 -11.14
N ARG A 271 -38.87 -20.00 -10.10
CA ARG A 271 -37.60 -20.71 -10.32
C ARG A 271 -37.85 -22.10 -10.92
N GLU A 272 -38.88 -22.80 -10.46
CA GLU A 272 -39.12 -24.16 -10.93
C GLU A 272 -39.42 -24.19 -12.42
N GLU A 273 -40.29 -23.29 -12.89
CA GLU A 273 -40.60 -23.24 -14.32
C GLU A 273 -39.37 -22.86 -15.13
N PHE A 274 -38.57 -21.92 -14.61
CA PHE A 274 -37.31 -21.55 -15.26
C PHE A 274 -36.42 -22.78 -15.44
N SER A 275 -36.21 -23.54 -14.36
CA SER A 275 -35.36 -24.71 -14.44
C SER A 275 -35.91 -25.75 -15.41
N LEU A 276 -37.23 -25.98 -15.37
CA LEU A 276 -37.82 -26.99 -16.24
C LEU A 276 -37.65 -26.61 -17.71
N VAL A 277 -38.03 -25.39 -18.08
CA VAL A 277 -37.94 -24.97 -19.48
C VAL A 277 -36.49 -24.94 -19.94
N SER A 278 -35.59 -24.42 -19.10
CA SER A 278 -34.19 -24.36 -19.47
C SER A 278 -33.61 -25.74 -19.68
N ASN A 279 -33.94 -26.69 -18.79
CA ASN A 279 -33.43 -28.04 -18.95
C ASN A 279 -33.97 -28.70 -20.21
N PHE A 280 -35.26 -28.53 -20.50
CA PHE A 280 -35.82 -29.14 -21.70
C PHE A 280 -35.18 -28.59 -22.96
N PHE A 281 -35.05 -27.26 -23.05
CA PHE A 281 -34.46 -26.66 -24.25
C PHE A 281 -32.95 -26.91 -24.33
N ASN A 282 -32.28 -27.13 -23.20
CA ASN A 282 -30.87 -27.47 -23.25
C ASN A 282 -30.66 -28.93 -23.64
N GLU A 283 -31.62 -29.80 -23.35
CA GLU A 283 -31.44 -31.22 -23.61
C GLU A 283 -31.98 -31.69 -24.94
N ASN A 284 -32.98 -31.01 -25.52
CA ASN A 284 -33.63 -31.54 -26.72
C ASN A 284 -33.64 -30.62 -27.93
N PHE A 285 -33.13 -29.39 -27.82
CA PHE A 285 -33.27 -28.44 -28.93
C PHE A 285 -32.52 -28.86 -30.19
N GLN A 286 -31.19 -28.91 -30.12
CA GLN A 286 -30.35 -29.17 -31.29
C GLN A 286 -29.25 -30.17 -30.95
N LYS A 287 -29.63 -31.28 -30.34
CA LYS A 287 -28.65 -32.27 -29.90
C LYS A 287 -27.91 -32.90 -31.06
N ARG A 288 -28.62 -33.21 -32.15
CA ARG A 288 -28.01 -33.93 -33.26
C ARG A 288 -26.90 -33.14 -33.95
N PRO A 289 -27.09 -31.88 -34.36
CA PRO A 289 -25.97 -31.15 -34.97
C PRO A 289 -24.78 -30.99 -34.04
N ARG A 290 -25.02 -30.77 -32.74
CA ARG A 290 -23.91 -30.65 -31.80
C ARG A 290 -23.15 -31.96 -31.69
N GLN A 291 -23.87 -33.10 -31.64
CA GLN A 291 -23.20 -34.39 -31.59
C GLN A 291 -22.38 -34.64 -32.85
N LYS A 292 -22.93 -34.29 -34.02
CA LYS A 292 -22.17 -34.47 -35.25
C LYS A 292 -20.94 -33.59 -35.27
N LEU A 293 -21.05 -32.35 -34.79
CA LEU A 293 -19.89 -31.47 -34.73
C LEU A 293 -18.83 -32.01 -33.78
N PHE A 294 -19.26 -32.56 -32.65
CA PHE A 294 -18.30 -33.16 -31.71
C PHE A 294 -17.58 -34.34 -32.34
N GLU A 295 -18.32 -35.19 -33.06
CA GLU A 295 -17.69 -36.31 -33.74
C GLU A 295 -16.71 -35.82 -34.81
N ILE A 296 -17.06 -34.74 -35.50
CA ILE A 296 -16.19 -34.20 -36.54
C ILE A 296 -14.90 -33.68 -35.93
N GLN A 297 -14.99 -32.95 -34.83
CA GLN A 297 -13.82 -32.33 -34.22
C GLN A 297 -13.10 -33.23 -33.25
N LYS A 298 -13.58 -34.47 -33.03
CA LYS A 298 -12.82 -35.42 -32.25
C LYS A 298 -11.56 -35.88 -32.96
N LYS A 299 -11.52 -35.78 -34.29
CA LYS A 299 -10.41 -36.28 -35.10
C LYS A 299 -9.16 -35.43 -35.00
N MET A 300 -9.12 -34.39 -34.16
CA MET A 300 -7.95 -33.56 -33.98
C MET A 300 -7.12 -33.97 -32.77
N PHE A 301 -7.51 -35.06 -32.09
CA PHE A 301 -6.82 -35.46 -30.87
C PHE A 301 -5.35 -35.80 -31.09
N PRO A 302 -4.96 -36.62 -32.08
CA PRO A 302 -3.54 -36.90 -32.26
C PRO A 302 -2.69 -35.67 -32.50
N GLN A 303 -3.21 -34.66 -33.21
CA GLN A 303 -2.44 -33.44 -33.39
C GLN A 303 -2.23 -32.71 -32.07
N TYR A 304 -3.27 -32.67 -31.23
CA TYR A 304 -3.11 -32.06 -29.91
C TYR A 304 -2.06 -32.80 -29.09
N TRP A 305 -2.09 -34.13 -29.12
CA TRP A 305 -1.09 -34.91 -28.38
C TRP A 305 0.31 -34.65 -28.92
N PHE A 306 0.46 -34.59 -30.24
CA PHE A 306 1.75 -34.32 -30.85
C PHE A 306 2.27 -32.95 -30.44
N GLU A 307 1.41 -31.94 -30.43
CA GLU A 307 1.84 -30.60 -30.03
C GLU A 307 2.20 -30.57 -28.55
N LEU A 308 1.46 -31.29 -27.72
CA LEU A 308 1.77 -31.33 -26.29
C LEU A 308 3.08 -32.07 -26.01
N THR A 309 3.44 -33.02 -26.88
CA THR A 309 4.68 -33.77 -26.68
C THR A 309 5.90 -32.86 -26.81
N GLN A 310 5.84 -31.89 -27.72
CA GLN A 310 6.98 -31.04 -28.03
C GLN A 310 7.04 -29.78 -27.18
N GLY A 311 6.50 -29.83 -25.96
CA GLY A 311 6.64 -28.71 -25.03
C GLY A 311 5.89 -27.46 -25.39
N PHE A 312 4.67 -27.59 -25.90
CA PHE A 312 3.79 -26.45 -26.11
C PHE A 312 2.69 -26.49 -25.05
N SER A 313 1.73 -25.57 -25.16
CA SER A 313 0.63 -25.48 -24.21
C SER A 313 -0.62 -25.06 -24.96
N LEU A 314 -1.61 -25.94 -25.01
CA LEU A 314 -2.82 -25.67 -25.76
C LEU A 314 -3.69 -24.64 -25.04
N LEU A 315 -4.37 -23.80 -25.82
CA LEU A 315 -5.38 -22.90 -25.29
C LEU A 315 -6.59 -22.95 -26.21
N PHE A 316 -7.71 -23.43 -25.70
CA PHE A 316 -8.94 -23.55 -26.47
C PHE A 316 -9.82 -22.34 -26.20
N TYR A 317 -10.29 -21.70 -27.26
CA TYR A 317 -11.18 -20.56 -27.14
C TYR A 317 -12.33 -20.68 -28.12
N GLY A 318 -13.44 -20.05 -27.78
CA GLY A 318 -14.60 -20.06 -28.64
C GLY A 318 -15.84 -19.65 -27.87
N VAL A 319 -16.99 -19.91 -28.49
CA VAL A 319 -18.29 -19.64 -27.90
C VAL A 319 -18.95 -20.97 -27.56
N GLY A 320 -19.45 -21.08 -26.33
CA GLY A 320 -20.04 -22.30 -25.84
C GLY A 320 -19.39 -22.73 -24.54
N SER A 321 -19.56 -23.99 -24.20
CA SER A 321 -18.99 -24.58 -22.99
C SER A 321 -17.95 -25.62 -23.37
N LYS A 322 -16.74 -25.46 -22.84
CA LYS A 322 -15.62 -26.34 -23.16
C LYS A 322 -15.28 -27.30 -22.03
N ARG A 323 -16.21 -27.51 -21.09
CA ARG A 323 -15.94 -28.37 -19.95
C ARG A 323 -15.90 -29.84 -20.36
N ASN A 324 -16.98 -30.31 -20.98
CA ASN A 324 -17.06 -31.72 -21.37
C ASN A 324 -15.97 -32.09 -22.36
N PHE A 325 -15.72 -31.21 -23.34
CA PHE A 325 -14.68 -31.48 -24.33
C PHE A 325 -13.32 -31.64 -23.67
N LEU A 326 -12.95 -30.69 -22.81
CA LEU A 326 -11.64 -30.74 -22.17
C LEU A 326 -11.51 -31.96 -21.27
N GLU A 327 -12.54 -32.26 -20.48
CA GLU A 327 -12.45 -33.41 -19.58
C GLU A 327 -12.35 -34.71 -20.36
N GLU A 328 -13.17 -34.87 -21.41
CA GLU A 328 -13.13 -36.08 -22.21
C GLU A 328 -11.80 -36.24 -22.92
N PHE A 329 -11.22 -35.14 -23.40
CA PHE A 329 -9.93 -35.23 -24.08
C PHE A 329 -8.81 -35.58 -23.10
N ALA A 330 -8.77 -34.90 -21.96
CA ALA A 330 -7.67 -35.07 -21.03
C ALA A 330 -7.71 -36.43 -20.33
N ILE A 331 -8.91 -36.86 -19.91
CA ILE A 331 -9.00 -38.04 -19.05
C ILE A 331 -9.03 -39.32 -19.88
N ASP A 332 -9.88 -39.36 -20.92
CA ASP A 332 -10.14 -40.61 -21.61
C ASP A 332 -9.18 -40.90 -22.77
N TYR A 333 -8.45 -39.89 -23.25
CA TYR A 333 -7.58 -40.09 -24.40
C TYR A 333 -6.11 -39.85 -24.09
N LEU A 334 -5.76 -38.68 -23.53
CA LEU A 334 -4.36 -38.31 -23.42
C LEU A 334 -3.63 -39.18 -22.40
N SER A 335 -4.22 -39.39 -21.23
CA SER A 335 -3.52 -40.10 -20.17
C SER A 335 -3.20 -41.55 -20.52
N PRO A 336 -4.13 -42.38 -20.98
CA PRO A 336 -3.74 -43.74 -21.36
C PRO A 336 -2.71 -43.80 -22.47
N LYS A 337 -2.82 -42.91 -23.45
CA LYS A 337 -1.85 -42.90 -24.55
C LYS A 337 -0.46 -42.54 -24.06
N ILE A 338 -0.36 -41.53 -23.19
CA ILE A 338 0.94 -41.17 -22.62
C ILE A 338 1.49 -42.31 -21.78
N ALA A 339 0.63 -42.94 -20.97
CA ALA A 339 1.09 -44.03 -20.12
C ALA A 339 1.62 -45.19 -20.94
N TYR A 340 0.94 -45.53 -22.03
CA TYR A 340 1.42 -46.62 -22.88
C TYR A 340 2.67 -46.22 -23.66
N SER A 341 2.80 -44.95 -24.02
CA SER A 341 3.93 -44.52 -24.84
C SER A 341 5.23 -44.46 -24.06
N GLN A 342 5.18 -44.43 -22.73
CA GLN A 342 6.37 -44.28 -21.90
C GLN A 342 6.83 -45.62 -21.31
N LEU A 343 6.24 -46.73 -21.72
CA LEU A 343 6.66 -48.04 -21.24
C LEU A 343 7.78 -48.60 -22.10
N VAL A 355 2.70 -50.56 -13.54
CA VAL A 355 2.24 -49.56 -14.48
C VAL A 355 0.97 -48.88 -13.97
N ASN A 356 0.88 -47.57 -14.17
CA ASN A 356 -0.29 -46.81 -13.76
C ASN A 356 -0.41 -45.58 -14.65
N SER A 357 -1.61 -45.02 -14.71
CA SER A 357 -1.88 -43.89 -15.57
C SER A 357 -1.35 -42.60 -14.95
N ILE A 358 -1.14 -41.60 -15.79
CA ILE A 358 -0.64 -40.30 -15.34
C ILE A 358 -1.74 -39.58 -14.56
N PRO A 359 -1.48 -39.10 -13.35
CA PRO A 359 -2.53 -38.41 -12.60
C PRO A 359 -2.87 -37.06 -13.21
N CYS A 360 -4.16 -36.73 -13.17
CA CYS A 360 -4.66 -35.48 -13.71
C CYS A 360 -5.21 -34.63 -12.57
N LEU A 361 -4.87 -33.34 -12.60
CA LEU A 361 -5.31 -32.39 -11.58
C LEU A 361 -6.32 -31.44 -12.21
N ILE A 362 -7.59 -31.80 -12.11
CA ILE A 362 -8.66 -30.92 -12.59
C ILE A 362 -8.70 -29.69 -11.71
N LEU A 363 -8.75 -28.51 -12.33
CA LEU A 363 -8.72 -27.24 -11.61
C LEU A 363 -9.90 -26.39 -12.09
N ASN A 364 -10.99 -26.45 -11.33
CA ASN A 364 -12.16 -25.63 -11.66
C ASN A 364 -11.80 -24.15 -11.61
N GLY A 365 -12.27 -23.42 -12.61
CA GLY A 365 -11.94 -22.01 -12.72
C GLY A 365 -13.11 -21.08 -12.46
N TYR A 366 -14.31 -21.54 -12.81
CA TYR A 366 -15.51 -20.72 -12.62
C TYR A 366 -15.85 -20.53 -11.15
N ASN A 367 -15.27 -21.32 -10.26
CA ASN A 367 -15.57 -21.20 -8.83
C ASN A 367 -14.88 -19.96 -8.28
N PRO A 368 -15.62 -19.03 -7.66
CA PRO A 368 -14.99 -17.81 -7.14
C PRO A 368 -14.15 -18.03 -5.89
N SER A 369 -14.11 -19.25 -5.35
CA SER A 369 -13.44 -19.52 -4.09
C SER A 369 -12.11 -20.25 -4.26
N CYS A 370 -11.50 -20.15 -5.44
CA CYS A 370 -10.22 -20.79 -5.67
C CYS A 370 -9.12 -20.07 -4.89
N ASN A 371 -8.12 -20.83 -4.48
CA ASN A 371 -6.97 -20.30 -3.76
C ASN A 371 -5.72 -21.04 -4.22
N TYR A 372 -4.70 -20.28 -4.63
CA TYR A 372 -3.51 -20.91 -5.18
C TYR A 372 -2.66 -21.60 -4.13
N ARG A 373 -2.84 -21.26 -2.85
CA ARG A 373 -2.10 -21.96 -1.80
C ARG A 373 -2.48 -23.43 -1.75
N ASP A 374 -3.79 -23.73 -1.80
CA ASP A 374 -4.22 -25.12 -1.81
C ASP A 374 -3.78 -25.84 -3.07
N VAL A 375 -3.83 -25.17 -4.21
CA VAL A 375 -3.39 -25.77 -5.46
C VAL A 375 -1.92 -26.14 -5.38
N PHE A 376 -1.09 -25.24 -4.85
CA PHE A 376 0.33 -25.55 -4.72
C PHE A 376 0.56 -26.62 -3.66
N LYS A 377 -0.27 -26.67 -2.62
CA LYS A 377 -0.15 -27.74 -1.63
C LYS A 377 -0.38 -29.10 -2.27
N GLU A 378 -1.41 -29.21 -3.10
CA GLU A 378 -1.67 -30.49 -3.76
C GLU A 378 -0.63 -30.79 -4.84
N ILE A 379 -0.10 -29.76 -5.50
CA ILE A 379 1.00 -29.96 -6.44
C ILE A 379 2.22 -30.53 -5.71
N THR A 380 2.54 -29.97 -4.54
CA THR A 380 3.64 -30.48 -3.72
C THR A 380 3.38 -31.91 -3.30
N ASP A 381 2.15 -32.23 -2.91
CA ASP A 381 1.83 -33.60 -2.52
C ASP A 381 2.02 -34.57 -3.69
N LEU A 382 1.60 -34.17 -4.89
CA LEU A 382 1.70 -35.06 -6.04
C LEU A 382 3.14 -35.22 -6.50
N LEU A 383 3.90 -34.14 -6.58
CA LEU A 383 5.23 -34.17 -7.16
C LEU A 383 6.34 -34.42 -6.15
N VAL A 384 6.09 -34.11 -4.88
CA VAL A 384 7.07 -34.26 -3.80
C VAL A 384 8.37 -33.54 -4.17
N PRO A 385 8.38 -32.21 -4.18
CA PRO A 385 9.63 -31.49 -4.45
C PRO A 385 10.51 -31.42 -3.21
N ALA A 386 11.79 -31.12 -3.46
CA ALA A 386 12.74 -30.97 -2.36
C ALA A 386 12.39 -29.74 -1.54
N GLU A 387 12.75 -29.78 -0.25
CA GLU A 387 12.45 -28.70 0.66
C GLU A 387 13.35 -27.49 0.38
N LEU A 388 13.17 -26.44 1.17
CA LEU A 388 13.84 -25.17 0.97
C LEU A 388 14.79 -24.92 2.13
N THR A 389 16.08 -24.77 1.84
CA THR A 389 17.07 -24.52 2.87
C THR A 389 16.92 -23.10 3.42
N ARG A 390 17.55 -22.87 4.57
CA ARG A 390 17.45 -21.56 5.23
C ARG A 390 18.07 -20.46 4.39
N SER A 391 19.19 -20.75 3.72
CA SER A 391 19.86 -19.75 2.91
C SER A 391 19.08 -19.37 1.66
N GLU A 392 18.03 -20.12 1.32
CA GLU A 392 17.22 -19.84 0.14
C GLU A 392 15.88 -19.21 0.48
N THR A 393 15.53 -19.11 1.75
CA THR A 393 14.26 -18.51 2.15
C THR A 393 14.29 -16.99 2.10
N LYS A 394 15.47 -16.37 2.15
CA LYS A 394 15.64 -14.93 2.08
C LYS A 394 14.93 -14.22 3.24
N TYR A 395 14.82 -12.90 3.16
CA TYR A 395 14.25 -12.10 4.23
C TYR A 395 12.76 -11.88 3.96
N TRP A 396 11.91 -12.64 4.65
CA TRP A 396 10.46 -12.57 4.49
C TRP A 396 10.06 -12.72 3.02
N GLY A 397 10.72 -13.65 2.33
CA GLY A 397 10.41 -13.91 0.94
C GLY A 397 9.26 -14.88 0.77
N ASN A 398 8.57 -14.76 -0.37
CA ASN A 398 7.47 -15.67 -0.66
C ASN A 398 7.97 -17.11 -0.77
N HIS A 399 7.23 -18.03 -0.16
CA HIS A 399 7.64 -19.43 -0.08
C HIS A 399 7.03 -20.29 -1.19
N VAL A 400 6.35 -19.68 -2.15
CA VAL A 400 5.79 -20.40 -3.28
C VAL A 400 6.59 -20.18 -4.55
N ILE A 401 6.85 -18.91 -4.89
CA ILE A 401 7.61 -18.60 -6.10
C ILE A 401 9.03 -19.14 -5.99
N LEU A 402 9.63 -19.04 -4.80
CA LEU A 402 10.98 -19.56 -4.61
C LEU A 402 11.02 -21.07 -4.82
N GLN A 403 10.04 -21.79 -4.28
CA GLN A 403 10.00 -23.24 -4.47
C GLN A 403 9.74 -23.59 -5.93
N ILE A 404 8.92 -22.81 -6.62
CA ILE A 404 8.68 -23.06 -8.05
C ILE A 404 9.96 -22.87 -8.85
N GLN A 405 10.72 -21.81 -8.54
CA GLN A 405 11.99 -21.60 -9.23
C GLN A 405 12.99 -22.70 -8.92
N LYS A 406 13.01 -23.17 -7.67
CA LYS A 406 13.88 -24.29 -7.33
C LYS A 406 13.49 -25.54 -8.11
N MET A 407 12.20 -25.81 -8.24
CA MET A 407 11.74 -26.96 -9.03
C MET A 407 12.13 -26.79 -10.49
N ILE A 408 12.02 -25.57 -11.02
CA ILE A 408 12.41 -25.32 -12.40
C ILE A 408 13.89 -25.61 -12.61
N ASP A 409 14.74 -25.14 -11.68
CA ASP A 409 16.16 -25.39 -11.78
C ASP A 409 16.49 -26.87 -11.63
N PHE A 410 15.70 -27.60 -10.83
CA PHE A 410 15.97 -29.02 -10.64
C PHE A 410 15.55 -29.84 -11.86
N TYR A 411 14.39 -29.52 -12.44
CA TYR A 411 13.81 -30.32 -13.52
C TYR A 411 14.44 -30.08 -14.88
N LYS A 412 15.54 -29.33 -14.95
CA LYS A 412 16.23 -29.07 -16.20
C LYS A 412 17.23 -30.16 -16.57
N ASN A 413 17.33 -31.22 -15.78
CA ASN A 413 18.25 -32.31 -16.05
C ASN A 413 17.62 -33.68 -16.08
N GLN A 414 16.43 -33.86 -15.51
CA GLN A 414 15.76 -35.15 -15.54
C GLN A 414 15.34 -35.49 -16.97
N PRO A 415 15.19 -36.78 -17.28
CA PRO A 415 14.74 -37.18 -18.61
C PRO A 415 13.35 -36.61 -18.91
N LEU A 416 13.15 -36.25 -20.18
CA LEU A 416 11.92 -35.60 -20.61
C LEU A 416 10.80 -36.63 -20.63
N ASP A 417 9.98 -36.62 -19.57
CA ASP A 417 8.83 -37.52 -19.47
C ASP A 417 7.69 -36.77 -18.80
N ILE A 418 6.49 -36.92 -19.36
CA ILE A 418 5.32 -36.27 -18.78
C ILE A 418 4.92 -37.02 -17.51
N LYS A 419 4.86 -36.30 -16.39
CA LYS A 419 4.53 -36.89 -15.10
C LYS A 419 3.26 -36.33 -14.48
N LEU A 420 2.65 -35.31 -15.07
CA LEU A 420 1.45 -34.71 -14.53
C LEU A 420 0.77 -33.91 -15.62
N ILE A 421 -0.55 -34.01 -15.68
CA ILE A 421 -1.37 -33.25 -16.63
C ILE A 421 -2.37 -32.44 -15.83
N LEU A 422 -2.43 -31.13 -16.07
CA LEU A 422 -3.36 -30.27 -15.35
C LEU A 422 -4.25 -29.51 -16.31
N VAL A 423 -5.53 -29.46 -15.94
CA VAL A 423 -6.61 -28.86 -16.73
C VAL A 423 -7.09 -27.63 -15.97
N VAL A 424 -7.07 -26.48 -16.64
CA VAL A 424 -7.64 -25.24 -16.11
C VAL A 424 -8.88 -24.94 -16.93
N HIS A 425 -10.04 -24.96 -16.28
CA HIS A 425 -11.29 -24.92 -17.03
C HIS A 425 -11.61 -23.51 -17.53
N ASN A 426 -11.52 -22.52 -16.65
CA ASN A 426 -11.73 -21.12 -17.01
C ASN A 426 -10.51 -20.33 -16.55
N LEU A 427 -9.60 -20.05 -17.48
CA LEU A 427 -8.36 -19.38 -17.13
C LEU A 427 -8.56 -17.92 -16.73
N ASP A 428 -9.71 -17.34 -17.02
CA ASP A 428 -10.01 -15.96 -16.66
C ASP A 428 -11.30 -15.87 -15.84
N GLY A 429 -11.43 -16.73 -14.84
CA GLY A 429 -12.56 -16.70 -13.96
C GLY A 429 -12.51 -15.52 -13.01
N PRO A 430 -13.56 -15.39 -12.19
CA PRO A 430 -13.62 -14.24 -11.28
C PRO A 430 -12.53 -14.20 -10.23
N SER A 431 -11.87 -15.33 -9.95
CA SER A 431 -10.86 -15.38 -8.91
C SER A 431 -9.51 -15.90 -9.37
N ILE A 432 -9.41 -16.49 -10.57
CA ILE A 432 -8.15 -17.01 -11.08
C ILE A 432 -7.45 -16.00 -11.99
N ARG A 433 -8.09 -14.88 -12.29
CA ARG A 433 -7.52 -13.88 -13.17
C ARG A 433 -6.57 -12.92 -12.45
N LYS A 434 -6.42 -13.05 -11.14
CA LYS A 434 -5.56 -12.14 -10.40
C LYS A 434 -4.10 -12.36 -10.77
N ASN A 435 -3.30 -11.31 -10.55
CA ASN A 435 -1.93 -11.29 -11.06
C ASN A 435 -1.07 -12.37 -10.41
N THR A 436 -1.21 -12.57 -9.10
CA THR A 436 -0.38 -13.57 -8.42
C THR A 436 -0.64 -14.97 -8.95
N PHE A 437 -1.91 -15.31 -9.17
CA PHE A 437 -2.22 -16.63 -9.67
C PHE A 437 -1.66 -16.83 -11.08
N GLN A 438 -1.76 -15.79 -11.91
CA GLN A 438 -1.21 -15.86 -13.26
C GLN A 438 0.30 -16.01 -13.23
N THR A 439 0.97 -15.32 -12.32
CA THR A 439 2.42 -15.47 -12.20
C THR A 439 2.78 -16.89 -11.78
N MET A 440 2.06 -17.45 -10.81
CA MET A 440 2.32 -18.81 -10.39
C MET A 440 2.12 -19.79 -11.53
N LEU A 441 1.03 -19.64 -12.28
CA LEU A 441 0.76 -20.55 -13.39
C LEU A 441 1.77 -20.39 -14.51
N SER A 442 2.21 -19.16 -14.78
CA SER A 442 3.21 -18.93 -15.82
C SER A 442 4.54 -19.57 -15.45
N PHE A 443 4.96 -19.43 -14.19
CA PHE A 443 6.20 -20.07 -13.76
C PHE A 443 6.06 -21.59 -13.77
N LEU A 444 4.89 -22.10 -13.41
CA LEU A 444 4.68 -23.54 -13.37
C LEU A 444 4.67 -24.17 -14.75
N SER A 445 4.46 -23.39 -15.80
CA SER A 445 4.38 -23.93 -17.16
C SER A 445 5.72 -24.00 -17.86
N VAL A 446 6.78 -23.42 -17.27
CA VAL A 446 8.10 -23.54 -17.87
C VAL A 446 8.61 -24.98 -17.78
N ILE A 447 8.23 -25.70 -16.73
CA ILE A 447 8.66 -27.08 -16.56
C ILE A 447 8.13 -27.91 -17.71
N ARG A 448 9.02 -28.65 -18.36
CA ARG A 448 8.67 -29.46 -19.52
C ARG A 448 8.09 -30.81 -19.13
N GLN A 449 8.12 -31.16 -17.84
CA GLN A 449 7.68 -32.46 -17.37
C GLN A 449 6.21 -32.49 -16.98
N ILE A 450 5.49 -31.38 -17.11
CA ILE A 450 4.06 -31.35 -16.84
C ILE A 450 3.35 -30.71 -18.03
N ALA A 451 2.12 -31.12 -18.26
CA ALA A 451 1.35 -30.72 -19.43
C ALA A 451 0.18 -29.83 -19.02
N ILE A 452 -0.04 -28.78 -19.79
CA ILE A 452 -1.08 -27.78 -19.54
C ILE A 452 -2.17 -27.94 -20.58
N VAL A 453 -3.43 -27.93 -20.14
CA VAL A 453 -4.55 -27.66 -21.04
C VAL A 453 -5.45 -26.63 -20.36
N ALA A 454 -5.92 -25.66 -21.14
CA ALA A 454 -6.66 -24.53 -20.58
C ALA A 454 -7.68 -24.01 -21.59
N SER A 455 -8.62 -23.22 -21.09
CA SER A 455 -9.64 -22.61 -21.93
C SER A 455 -10.04 -21.27 -21.34
N THR A 456 -10.56 -20.39 -22.19
CA THR A 456 -10.97 -19.05 -21.80
C THR A 456 -12.35 -18.75 -22.36
N ASP A 457 -13.02 -17.79 -21.73
CA ASP A 457 -14.38 -17.41 -22.14
C ASP A 457 -14.49 -15.94 -22.46
N HIS A 458 -13.75 -15.09 -21.74
CA HIS A 458 -13.84 -13.66 -21.95
C HIS A 458 -13.30 -13.28 -23.32
N ILE A 459 -13.64 -12.06 -23.76
CA ILE A 459 -13.28 -11.61 -25.10
C ILE A 459 -12.07 -10.68 -25.10
N TYR A 460 -11.72 -10.09 -23.96
CA TYR A 460 -10.49 -9.33 -23.81
C TYR A 460 -9.42 -10.14 -23.09
N ALA A 461 -9.47 -11.46 -23.24
CA ALA A 461 -8.53 -12.34 -22.53
C ALA A 461 -7.08 -12.05 -22.86
N PRO A 462 -6.67 -11.85 -24.12
CA PRO A 462 -5.23 -11.65 -24.38
C PRO A 462 -4.64 -10.43 -23.70
N LEU A 463 -5.46 -9.45 -23.32
CA LEU A 463 -4.97 -8.29 -22.58
C LEU A 463 -4.38 -8.69 -21.23
N LEU A 464 -4.74 -9.87 -20.72
CA LEU A 464 -4.32 -10.32 -19.40
C LEU A 464 -2.87 -10.79 -19.35
N TRP A 465 -2.24 -11.04 -20.49
CA TRP A 465 -0.91 -11.64 -20.54
C TRP A 465 0.12 -10.62 -21.00
N ASP A 466 1.23 -10.58 -20.27
CA ASP A 466 2.31 -9.62 -20.53
C ASP A 466 3.13 -10.08 -21.74
N ASN A 467 4.21 -9.36 -22.03
CA ASN A 467 5.17 -9.79 -23.03
C ASN A 467 6.16 -10.81 -22.50
N MET A 468 6.23 -10.99 -21.18
CA MET A 468 7.06 -12.01 -20.57
C MET A 468 6.27 -13.27 -20.25
N LYS A 469 5.02 -13.13 -19.81
CA LYS A 469 4.19 -14.30 -19.56
C LYS A 469 3.89 -15.07 -20.84
N ALA A 470 3.67 -14.37 -21.96
CA ALA A 470 3.46 -15.04 -23.22
C ALA A 470 4.71 -15.79 -23.70
N GLN A 471 5.88 -15.44 -23.18
CA GLN A 471 7.09 -16.14 -23.58
C GLN A 471 7.20 -17.52 -22.95
N ASN A 472 6.87 -17.63 -21.66
CA ASN A 472 7.03 -18.91 -20.97
C ASN A 472 5.75 -19.72 -20.88
N TYR A 473 4.58 -19.12 -21.13
CA TYR A 473 3.39 -19.92 -21.37
C TYR A 473 3.55 -20.76 -22.63
N ASN A 474 4.14 -20.17 -23.69
CA ASN A 474 4.36 -20.85 -24.96
C ASN A 474 3.04 -21.38 -25.53
N PHE A 475 2.05 -20.51 -25.60
CA PHE A 475 0.71 -20.92 -25.99
C PHE A 475 0.66 -21.32 -27.47
N VAL A 476 -0.28 -22.20 -27.77
CA VAL A 476 -0.75 -22.44 -29.13
C VAL A 476 -2.27 -22.41 -29.08
N PHE A 477 -2.88 -21.64 -29.97
CA PHE A 477 -4.29 -21.29 -29.89
C PHE A 477 -5.11 -22.20 -30.79
N HIS A 478 -6.22 -22.72 -30.27
CA HIS A 478 -7.16 -23.52 -31.03
C HIS A 478 -8.56 -23.00 -30.78
N ASP A 479 -9.41 -23.12 -31.80
CA ASP A 479 -10.78 -22.63 -31.75
C ASP A 479 -11.74 -23.80 -31.80
N ILE A 480 -12.65 -23.86 -30.83
CA ILE A 480 -13.71 -24.86 -30.78
C ILE A 480 -14.98 -24.17 -30.32
N SER A 481 -15.96 -24.04 -31.23
CA SER A 481 -17.23 -23.43 -30.93
C SER A 481 -18.34 -24.45 -31.12
N ASN A 482 -19.18 -24.62 -30.10
CA ASN A 482 -20.23 -25.63 -30.14
C ASN A 482 -21.57 -25.15 -29.62
N PHE A 483 -21.69 -23.91 -29.14
CA PHE A 483 -22.95 -23.36 -28.65
C PHE A 483 -23.55 -24.22 -27.54
N GLU A 484 -22.70 -24.73 -26.67
CA GLU A 484 -23.16 -25.58 -25.58
C GLU A 484 -23.90 -24.75 -24.53
N PRO A 485 -24.88 -25.34 -23.86
CA PRO A 485 -25.69 -24.55 -22.89
C PRO A 485 -24.90 -23.99 -21.73
N SER A 486 -23.85 -24.69 -21.28
CA SER A 486 -23.06 -24.29 -20.11
C SER A 486 -23.96 -24.15 -18.87
N THR A 487 -24.56 -25.28 -18.48
CA THR A 487 -25.46 -25.32 -17.35
C THR A 487 -24.75 -25.49 -16.01
N VAL A 488 -23.46 -25.83 -16.02
CA VAL A 488 -22.74 -26.04 -14.76
C VAL A 488 -22.03 -24.76 -14.33
N GLU A 489 -21.43 -24.03 -15.27
CA GLU A 489 -20.77 -22.78 -14.93
C GLU A 489 -21.76 -21.75 -14.39
N SER A 490 -23.00 -21.80 -14.84
CA SER A 490 -24.03 -20.88 -14.38
C SER A 490 -24.78 -21.45 -13.17
N THR A 491 -24.01 -21.87 -12.16
CA THR A 491 -24.57 -22.35 -10.90
C THR A 491 -24.19 -21.47 -9.72
N PHE A 492 -23.05 -20.79 -9.77
CA PHE A 492 -22.59 -19.93 -8.70
C PHE A 492 -23.20 -18.53 -8.76
N GLN A 493 -24.03 -18.25 -9.76
CA GLN A 493 -24.66 -16.95 -9.91
C GLN A 493 -26.17 -17.13 -10.10
N ASP A 494 -26.92 -16.12 -9.68
CA ASP A 494 -28.39 -16.15 -9.74
C ASP A 494 -28.81 -15.61 -11.10
N VAL A 495 -29.22 -16.51 -12.00
CA VAL A 495 -29.64 -16.09 -13.33
C VAL A 495 -30.97 -15.34 -13.27
N MET A 496 -31.75 -15.56 -12.21
CA MET A 496 -33.08 -14.95 -12.11
C MET A 496 -33.02 -13.43 -11.99
N LYS A 497 -31.87 -12.87 -11.61
CA LYS A 497 -31.72 -11.44 -11.40
C LYS A 497 -30.80 -10.80 -12.45
N MET A 498 -30.87 -11.30 -13.68
CA MET A 498 -30.14 -10.75 -14.83
C MET A 498 -28.63 -10.79 -14.64
N GLY A 499 -28.13 -11.66 -13.76
CA GLY A 499 -26.69 -11.84 -13.64
C GLY A 499 -25.95 -10.71 -12.95
N LYS A 500 -26.61 -9.94 -12.08
CA LYS A 500 -25.98 -8.87 -11.33
C LYS A 500 -25.90 -9.22 -9.84
N SER A 501 -25.60 -10.48 -9.54
CA SER A 501 -25.70 -11.02 -8.19
C SER A 501 -24.34 -11.13 -7.49
N ASP A 502 -23.46 -10.16 -7.68
CA ASP A 502 -22.18 -10.09 -6.97
C ASP A 502 -21.35 -11.38 -7.19
N THR A 503 -20.91 -11.51 -8.44
CA THR A 503 -20.27 -12.75 -8.89
C THR A 503 -19.11 -13.18 -7.99
N SER A 504 -18.38 -12.23 -7.43
CA SER A 504 -17.21 -12.56 -6.61
C SER A 504 -17.56 -13.00 -5.20
N SER A 505 -18.85 -13.05 -4.85
CA SER A 505 -19.24 -13.44 -3.50
C SER A 505 -19.14 -14.95 -3.31
N GLY A 506 -19.90 -15.71 -4.09
CA GLY A 506 -19.90 -17.16 -3.97
C GLY A 506 -20.91 -17.74 -3.02
N ALA A 507 -21.94 -16.97 -2.63
CA ALA A 507 -22.92 -17.45 -1.68
C ALA A 507 -23.95 -18.38 -2.31
N GLU A 508 -24.07 -18.39 -3.64
CA GLU A 508 -25.06 -19.26 -4.27
C GLU A 508 -24.64 -20.72 -4.21
N GLY A 509 -23.33 -21.00 -4.33
CA GLY A 509 -22.85 -22.36 -4.21
C GLY A 509 -23.18 -22.99 -2.87
N ALA A 510 -23.16 -22.19 -1.80
CA ALA A 510 -23.55 -22.72 -0.49
C ALA A 510 -25.00 -23.15 -0.49
N LYS A 511 -25.89 -22.34 -1.07
CA LYS A 511 -27.29 -22.73 -1.17
C LYS A 511 -27.45 -24.01 -1.97
N TYR A 512 -26.75 -24.10 -3.11
CA TYR A 512 -26.85 -25.30 -3.94
C TYR A 512 -26.36 -26.54 -3.19
N VAL A 513 -25.29 -26.40 -2.41
CA VAL A 513 -24.77 -27.54 -1.65
C VAL A 513 -25.75 -27.96 -0.55
N LEU A 514 -26.26 -27.00 0.22
CA LEU A 514 -27.23 -27.34 1.25
C LEU A 514 -28.54 -27.88 0.69
N GLN A 515 -28.82 -27.64 -0.60
CA GLN A 515 -30.01 -28.23 -1.19
C GLN A 515 -29.99 -29.76 -1.18
N SER A 516 -28.82 -30.37 -1.06
CA SER A 516 -28.69 -31.83 -1.17
C SER A 516 -27.79 -32.39 -0.06
N LEU A 517 -28.05 -31.99 1.18
CA LEU A 517 -27.29 -32.47 2.32
C LEU A 517 -28.21 -33.15 3.33
N THR A 518 -27.59 -33.89 4.25
CA THR A 518 -28.33 -34.65 5.24
C THR A 518 -28.96 -33.72 6.29
N VAL A 519 -29.85 -34.29 7.09
CA VAL A 519 -30.62 -33.49 8.05
C VAL A 519 -29.74 -32.99 9.19
N ASN A 520 -28.81 -33.83 9.67
CA ASN A 520 -28.01 -33.44 10.83
C ASN A 520 -27.07 -32.30 10.52
N SER A 521 -26.44 -32.31 9.33
CA SER A 521 -25.50 -31.25 8.98
C SER A 521 -26.21 -29.90 8.87
N LYS A 522 -27.43 -29.90 8.32
CA LYS A 522 -28.15 -28.65 8.13
C LYS A 522 -28.43 -27.96 9.47
N LYS A 523 -28.81 -28.73 10.49
CA LYS A 523 -29.07 -28.14 11.79
C LYS A 523 -27.79 -27.56 12.40
N MET A 524 -26.67 -28.25 12.23
CA MET A 524 -25.40 -27.73 12.74
C MET A 524 -25.03 -26.43 12.04
N TYR A 525 -25.20 -26.37 10.71
CA TYR A 525 -24.92 -25.14 10.00
C TYR A 525 -25.86 -24.02 10.43
N LYS A 526 -27.12 -24.35 10.67
CA LYS A 526 -28.08 -23.36 11.16
C LYS A 526 -27.64 -22.80 12.50
N LEU A 527 -27.21 -23.67 13.42
CA LEU A 527 -26.76 -23.21 14.73
C LEU A 527 -25.53 -22.31 14.60
N LEU A 528 -24.57 -22.72 13.77
CA LEU A 528 -23.37 -21.91 13.57
C LEU A 528 -23.72 -20.55 12.99
N ILE A 529 -24.61 -20.52 11.99
CA ILE A 529 -24.99 -19.26 11.35
C ILE A 529 -25.70 -18.35 12.35
N GLU A 530 -26.61 -18.91 13.15
CA GLU A 530 -27.32 -18.10 14.13
C GLU A 530 -26.36 -17.51 15.16
N THR A 531 -25.42 -18.31 15.66
CA THR A 531 -24.47 -17.80 16.66
C THR A 531 -23.57 -16.72 16.04
N GLN A 532 -23.09 -16.94 14.82
CA GLN A 532 -22.24 -15.95 14.18
C GLN A 532 -23.00 -14.65 13.91
N MET A 533 -24.27 -14.76 13.50
CA MET A 533 -25.07 -13.57 13.29
C MET A 533 -25.31 -12.81 14.60
N GLN A 534 -25.54 -13.54 15.69
CA GLN A 534 -25.67 -12.89 17.00
C GLN A 534 -24.40 -12.13 17.35
N ASN A 535 -23.24 -12.77 17.18
CA ASN A 535 -21.98 -12.11 17.50
C ASN A 535 -21.75 -10.89 16.62
N MET A 536 -22.05 -11.00 15.32
CA MET A 536 -21.86 -9.88 14.40
C MET A 536 -22.77 -8.72 14.76
N GLY A 537 -24.02 -9.01 15.10
CA GLY A 537 -24.94 -7.95 15.50
C GLY A 537 -24.50 -7.27 16.78
N ASN A 538 -24.02 -8.05 17.75
CA ASN A 538 -23.61 -7.46 19.03
C ASN A 538 -22.34 -6.64 18.90
N LEU A 539 -21.41 -7.07 18.05
CA LEU A 539 -20.11 -6.41 18.00
C LEU A 539 -20.16 -5.11 17.20
N SER A 540 -20.75 -5.15 16.01
CA SER A 540 -20.82 -3.96 15.16
C SER A 540 -21.76 -2.91 15.74
N GLY A 544 -24.70 -4.23 9.42
CA GLY A 544 -24.54 -3.62 8.12
C GLY A 544 -23.96 -4.56 7.08
N PRO A 545 -23.20 -4.01 6.13
CA PRO A 545 -22.59 -4.83 5.08
C PRO A 545 -21.22 -5.40 5.41
N LYS A 546 -20.79 -5.34 6.67
CA LYS A 546 -19.49 -5.86 7.05
C LYS A 546 -19.46 -7.38 6.91
N ARG A 547 -18.35 -7.89 6.38
CA ARG A 547 -18.18 -9.32 6.22
C ARG A 547 -17.76 -9.97 7.53
N GLY A 548 -18.09 -11.25 7.67
CA GLY A 548 -17.74 -11.99 8.88
C GLY A 548 -16.36 -12.59 8.77
N THR A 549 -15.60 -12.47 9.85
CA THR A 549 -14.22 -12.94 9.90
C THR A 549 -13.98 -13.61 11.25
N GLN A 550 -12.70 -13.84 11.57
CA GLN A 550 -12.35 -14.53 12.80
C GLN A 550 -12.82 -13.79 14.04
N ARG A 551 -12.90 -12.45 13.97
CA ARG A 551 -13.31 -11.67 15.13
C ARG A 551 -14.73 -12.00 15.56
N THR A 552 -15.56 -12.50 14.65
CA THR A 552 -16.96 -12.79 14.92
C THR A 552 -17.24 -14.28 14.75
N GLY A 553 -16.29 -15.13 15.14
CA GLY A 553 -16.44 -16.56 15.04
C GLY A 553 -16.95 -17.18 16.33
N VAL A 554 -16.87 -18.51 16.38
CA VAL A 554 -17.32 -19.30 17.52
C VAL A 554 -16.19 -20.22 17.95
N GLU A 555 -15.90 -20.25 19.25
CA GLU A 555 -14.88 -21.14 19.76
C GLU A 555 -15.29 -22.60 19.61
N LEU A 556 -14.31 -23.46 19.33
CA LEU A 556 -14.61 -24.86 19.06
C LEU A 556 -15.20 -25.56 20.27
N LYS A 557 -14.65 -25.31 21.46
CA LYS A 557 -15.19 -25.93 22.68
C LYS A 557 -16.60 -25.44 22.96
N LEU A 558 -16.83 -24.14 22.82
CA LEU A 558 -18.17 -23.58 23.03
C LEU A 558 -19.15 -24.15 22.03
N PHE A 559 -18.74 -24.27 20.76
CA PHE A 559 -19.62 -24.84 19.75
C PHE A 559 -19.93 -26.29 20.04
N ASN A 560 -18.93 -27.05 20.51
CA ASN A 560 -19.18 -28.44 20.89
C ASN A 560 -20.17 -28.54 22.03
N HIS A 561 -20.02 -27.68 23.04
CA HIS A 561 -20.97 -27.68 24.15
C HIS A 561 -22.37 -27.31 23.68
N LEU A 562 -22.47 -26.36 22.75
CA LEU A 562 -23.78 -25.95 22.25
C LEU A 562 -24.45 -27.05 21.45
N CYS A 563 -23.71 -27.66 20.51
CA CYS A 563 -24.31 -28.67 19.64
C CYS A 563 -24.59 -29.96 20.38
N ALA A 564 -23.78 -30.31 21.38
CA ALA A 564 -24.03 -31.52 22.16
C ALA A 564 -25.31 -31.43 22.96
N ALA A 565 -25.82 -30.22 23.20
CA ALA A 565 -27.04 -30.03 23.98
C ALA A 565 -28.30 -30.10 23.12
N ASP A 566 -28.17 -30.30 21.80
CA ASP A 566 -29.31 -30.44 20.91
C ASP A 566 -29.31 -31.78 20.19
N PHE A 567 -28.54 -32.75 20.69
CA PHE A 567 -28.47 -34.09 20.11
C PHE A 567 -28.04 -34.06 18.65
N ILE A 568 -27.13 -33.14 18.33
CA ILE A 568 -26.56 -33.07 16.99
C ILE A 568 -25.27 -33.86 16.90
N ALA A 569 -24.38 -33.67 17.85
CA ALA A 569 -23.13 -34.42 17.93
C ALA A 569 -22.93 -34.91 19.36
N SER A 570 -22.30 -36.07 19.48
CA SER A 570 -22.08 -36.70 20.79
C SER A 570 -20.73 -36.32 21.39
N ASN A 571 -19.66 -36.39 20.61
CA ASN A 571 -18.32 -36.05 21.07
C ASN A 571 -17.62 -35.24 20.00
N GLU A 572 -16.41 -34.77 20.32
CA GLU A 572 -15.65 -33.93 19.40
C GLU A 572 -15.30 -34.67 18.12
N ILE A 573 -15.20 -36.00 18.17
CA ILE A 573 -14.80 -36.77 17.00
C ILE A 573 -15.84 -36.61 15.89
N ALA A 574 -17.12 -36.73 16.23
CA ALA A 574 -18.17 -36.59 15.23
C ALA A 574 -18.20 -35.18 14.66
N LEU A 575 -18.02 -34.17 15.52
CA LEU A 575 -18.03 -32.79 15.07
C LEU A 575 -16.89 -32.53 14.08
N ARG A 576 -15.68 -32.96 14.42
CA ARG A 576 -14.55 -32.78 13.52
C ARG A 576 -14.67 -33.65 12.27
N SER A 577 -15.42 -34.75 12.34
CA SER A 577 -15.63 -35.57 11.15
C SER A 577 -16.59 -34.89 10.18
N MET A 578 -17.66 -34.29 10.70
CA MET A 578 -18.64 -33.65 9.83
C MET A 578 -18.29 -32.21 9.46
N LEU A 579 -17.29 -31.62 10.12
CA LEU A 579 -16.86 -30.28 9.74
C LEU A 579 -15.92 -30.28 8.54
N ARG A 580 -15.27 -31.41 8.24
CA ARG A 580 -14.31 -31.45 7.15
C ARG A 580 -14.99 -31.24 5.81
N GLU A 581 -16.20 -31.78 5.64
CA GLU A 581 -16.92 -31.58 4.39
C GLU A 581 -17.22 -30.10 4.15
N PHE A 582 -17.64 -29.38 5.19
CA PHE A 582 -17.90 -27.96 5.04
C PHE A 582 -16.61 -27.17 4.82
N ILE A 583 -15.53 -27.58 5.47
CA ILE A 583 -14.25 -26.89 5.29
C ILE A 583 -13.74 -27.06 3.86
N GLU A 584 -13.88 -28.26 3.31
CA GLU A 584 -13.34 -28.53 1.98
C GLU A 584 -13.99 -27.67 0.91
N HIS A 585 -15.30 -27.48 0.99
CA HIS A 585 -16.05 -26.70 0.02
C HIS A 585 -15.91 -25.19 0.22
N LYS A 586 -14.97 -24.75 1.05
CA LYS A 586 -14.73 -23.33 1.30
C LYS A 586 -15.98 -22.62 1.82
N MET A 587 -16.70 -23.29 2.71
CA MET A 587 -17.91 -22.73 3.32
C MET A 587 -17.76 -22.49 4.81
N ALA A 588 -16.59 -22.78 5.38
CA ALA A 588 -16.31 -22.57 6.79
C ALA A 588 -14.81 -22.72 7.00
N ASN A 589 -14.25 -21.90 7.88
CA ASN A 589 -12.81 -21.90 8.13
C ASN A 589 -12.52 -22.05 9.61
N ILE A 590 -11.39 -22.68 9.91
CA ILE A 590 -10.91 -22.91 11.26
C ILE A 590 -9.53 -22.31 11.38
N THR A 591 -9.31 -21.50 12.42
CA THR A 591 -8.02 -20.86 12.58
C THR A 591 -7.79 -20.52 14.05
N LYS A 592 -6.54 -20.28 14.40
CA LYS A 592 -6.13 -20.02 15.77
C LYS A 592 -5.76 -18.55 15.96
N ASN A 593 -6.21 -17.98 17.07
CA ASN A 593 -5.92 -16.60 17.41
C ASN A 593 -4.63 -16.53 18.23
N ASN A 594 -4.36 -15.36 18.81
CA ASN A 594 -3.11 -15.17 19.55
C ASN A 594 -3.11 -15.91 20.88
N SER A 595 -4.30 -16.11 21.47
CA SER A 595 -4.40 -16.78 22.76
C SER A 595 -4.43 -18.29 22.66
N GLY A 596 -4.36 -18.84 21.45
CA GLY A 596 -4.28 -20.28 21.27
C GLY A 596 -5.61 -20.98 21.05
N MET A 597 -6.73 -20.26 21.13
CA MET A 597 -8.03 -20.89 20.93
C MET A 597 -8.21 -21.27 19.46
N GLU A 598 -9.26 -22.05 19.20
CA GLU A 598 -9.66 -22.41 17.85
C GLU A 598 -11.00 -21.76 17.54
N ILE A 599 -11.06 -21.04 16.42
CA ILE A 599 -12.24 -20.27 16.03
C ILE A 599 -12.68 -20.76 14.67
N ILE A 600 -13.98 -21.04 14.54
CA ILE A 600 -14.61 -21.42 13.29
C ILE A 600 -15.49 -20.26 12.84
N TRP A 601 -15.45 -19.95 11.55
CA TRP A 601 -16.14 -18.77 11.05
C TRP A 601 -16.51 -18.95 9.59
N VAL A 602 -17.54 -18.22 9.18
CA VAL A 602 -18.12 -18.30 7.85
C VAL A 602 -17.82 -16.98 7.13
N PRO A 603 -17.18 -17.01 5.96
CA PRO A 603 -16.77 -15.77 5.27
C PRO A 603 -17.85 -15.19 4.36
N TYR A 604 -19.01 -14.91 4.94
CA TYR A 604 -20.13 -14.34 4.21
C TYR A 604 -20.51 -12.99 4.81
N THR A 605 -21.55 -12.38 4.25
CA THR A 605 -22.04 -11.08 4.66
C THR A 605 -23.36 -11.25 5.41
N TYR A 606 -23.67 -10.26 6.26
CA TYR A 606 -24.86 -10.35 7.10
C TYR A 606 -26.13 -10.51 6.28
N ALA A 607 -26.26 -9.73 5.20
CA ALA A 607 -27.44 -9.85 4.35
C ALA A 607 -27.52 -11.23 3.71
N GLU A 608 -26.39 -11.73 3.20
CA GLU A 608 -26.38 -13.05 2.59
C GLU A 608 -26.68 -14.14 3.62
N LEU A 609 -26.15 -13.99 4.84
CA LEU A 609 -26.43 -14.96 5.89
C LEU A 609 -27.91 -14.97 6.24
N GLU A 610 -28.53 -13.79 6.35
CA GLU A 610 -29.95 -13.72 6.64
C GLU A 610 -30.76 -14.34 5.50
N LYS A 611 -30.38 -14.07 4.25
CA LYS A 611 -31.08 -14.68 3.13
C LYS A 611 -30.98 -16.19 3.15
N LEU A 612 -29.79 -16.72 3.45
CA LEU A 612 -29.61 -18.17 3.55
C LEU A 612 -30.47 -18.74 4.67
N LEU A 613 -30.52 -18.06 5.82
CA LEU A 613 -31.34 -18.53 6.92
C LEU A 613 -32.82 -18.50 6.58
N LYS A 614 -33.24 -17.56 5.74
CA LYS A 614 -34.67 -17.38 5.48
C LYS A 614 -35.19 -18.19 4.29
N THR A 615 -34.34 -18.53 3.32
CA THR A 615 -34.84 -19.13 2.09
C THR A 615 -34.71 -20.65 2.05
N VAL A 616 -33.72 -21.24 2.71
CA VAL A 616 -33.47 -22.66 2.58
C VAL A 616 -33.41 -23.41 3.91
N LEU A 617 -33.07 -22.75 5.02
CA LEU A 617 -32.97 -23.42 6.31
C LEU A 617 -34.08 -23.04 7.27
N ASN A 618 -35.04 -22.23 6.85
CA ASN A 618 -36.10 -21.81 7.75
C ASN A 618 -37.07 -22.95 8.07
N THR A 619 -37.31 -23.83 7.09
CA THR A 619 -38.28 -24.90 7.26
C THR A 619 -37.66 -26.25 7.61
N LEU A 620 -36.35 -26.39 7.50
CA LEU A 620 -35.65 -27.67 7.72
C LEU A 620 -36.23 -28.78 6.85
N MET B 1 33.41 32.03 31.24
CA MET B 1 33.89 31.46 32.50
C MET B 1 35.34 31.01 32.39
N ASN B 2 35.52 29.75 31.98
CA ASN B 2 36.85 29.17 31.83
C ASN B 2 36.94 28.37 30.54
N VAL B 3 36.43 28.95 29.45
CA VAL B 3 36.40 28.29 28.15
C VAL B 3 36.97 29.23 27.10
N THR B 4 37.45 28.65 26.00
CA THR B 4 38.12 29.39 24.94
C THR B 4 37.21 29.45 23.71
N THR B 5 37.03 30.66 23.17
CA THR B 5 36.19 30.86 22.01
C THR B 5 37.04 30.76 20.74
N PRO B 6 36.74 29.83 19.84
CA PRO B 6 37.46 29.79 18.56
C PRO B 6 37.03 30.92 17.65
N GLU B 7 37.80 31.12 16.59
CA GLU B 7 37.56 32.17 15.61
C GLU B 7 37.00 31.56 14.34
N VAL B 8 35.71 31.81 14.09
CA VAL B 8 35.05 31.34 12.88
C VAL B 8 34.76 32.58 12.03
N ALA B 9 34.78 32.37 10.70
CA ALA B 9 34.73 33.47 9.74
C ALA B 9 33.53 34.38 9.92
N PHE B 10 32.32 33.84 9.73
CA PHE B 10 31.10 34.64 9.75
C PHE B 10 30.08 34.11 10.75
N ARG B 11 30.55 33.54 11.86
CA ARG B 11 29.68 32.97 12.88
C ARG B 11 30.09 33.46 14.26
N GLU B 12 30.30 34.77 14.40
CA GLU B 12 30.79 35.31 15.67
C GLU B 12 29.77 35.16 16.78
N TYR B 13 28.53 35.59 16.52
CA TYR B 13 27.52 35.58 17.58
C TYR B 13 27.15 34.15 17.96
N GLN B 14 27.07 33.26 16.96
CA GLN B 14 26.79 31.86 17.26
C GLN B 14 27.89 31.26 18.13
N THR B 15 29.15 31.55 17.82
CA THR B 15 30.26 31.05 18.63
C THR B 15 30.19 31.61 20.04
N ASN B 16 29.85 32.90 20.18
CA ASN B 16 29.72 33.49 21.51
C ASN B 16 28.63 32.81 22.31
N CYS B 17 27.47 32.56 21.70
CA CYS B 17 26.38 31.89 22.40
C CYS B 17 26.77 30.46 22.77
N LEU B 18 27.45 29.75 21.87
CA LEU B 18 27.88 28.39 22.17
C LEU B 18 28.83 28.37 23.35
N ALA B 19 29.82 29.28 23.36
CA ALA B 19 30.71 29.37 24.50
C ALA B 19 29.97 29.80 25.76
N SER B 20 28.87 30.52 25.62
CA SER B 20 28.09 30.94 26.78
C SER B 20 27.27 29.80 27.38
N TYR B 21 26.79 28.88 26.54
CA TYR B 21 25.84 27.87 27.02
C TYR B 21 26.55 26.66 27.63
N ILE B 22 27.36 25.97 26.84
CA ILE B 22 27.94 24.70 27.24
C ILE B 22 29.29 24.93 27.90
N SER B 23 29.53 24.23 29.00
CA SER B 23 30.79 24.32 29.73
C SER B 23 31.02 23.02 30.48
N ALA B 24 32.10 22.96 31.24
CA ALA B 24 32.51 21.75 31.94
C ALA B 24 31.87 21.59 33.31
N ASP B 25 31.06 22.56 33.76
CA ASP B 25 30.45 22.50 35.07
C ASP B 25 29.00 22.09 34.94
N PRO B 26 28.60 20.93 35.48
CA PRO B 26 27.19 20.52 35.38
C PRO B 26 26.24 21.45 36.12
N ASP B 27 26.73 22.24 37.07
CA ASP B 27 25.86 23.14 37.82
C ASP B 27 25.31 24.25 36.94
N ILE B 28 26.11 24.75 36.00
CA ILE B 28 25.70 25.84 35.12
C ILE B 28 25.84 25.34 33.69
N THR B 29 24.77 24.75 33.17
CA THR B 29 24.64 24.30 31.78
C THR B 29 23.21 23.83 31.56
N PRO B 30 22.64 24.04 30.37
CA PRO B 30 21.27 23.58 30.12
C PRO B 30 21.23 22.10 29.76
N SER B 31 20.12 21.47 30.15
CA SER B 31 19.97 20.04 29.88
C SER B 31 19.73 19.76 28.40
N ASN B 32 19.21 20.74 27.66
CA ASN B 32 18.93 20.56 26.25
C ASN B 32 19.36 21.80 25.48
N LEU B 33 19.65 21.62 24.20
CA LEU B 33 20.08 22.72 23.34
C LEU B 33 19.82 22.36 21.90
N ILE B 34 19.25 23.29 21.15
CA ILE B 34 18.91 23.10 19.74
C ILE B 34 19.67 24.13 18.90
N LEU B 35 20.30 23.64 17.82
CA LEU B 35 20.86 24.50 16.79
C LEU B 35 20.06 24.28 15.52
N GLN B 36 19.54 25.36 14.94
CA GLN B 36 18.69 25.28 13.76
C GLN B 36 19.34 26.00 12.60
N GLY B 37 19.19 25.43 11.41
CA GLY B 37 19.71 26.02 10.19
C GLY B 37 19.47 25.12 8.99
N TYR B 38 19.22 25.71 7.84
CA TYR B 38 18.94 24.93 6.65
C TYR B 38 20.22 24.31 6.10
N SER B 39 20.10 23.63 4.96
CA SER B 39 21.23 22.89 4.41
C SER B 39 22.36 23.83 4.03
N GLY B 40 23.58 23.42 4.35
CA GLY B 40 24.76 24.20 4.00
C GLY B 40 24.82 25.55 4.68
N THR B 41 24.56 25.60 5.99
CA THR B 41 24.58 26.85 6.72
C THR B 41 25.74 26.98 7.71
N GLY B 42 26.46 25.89 7.99
CA GLY B 42 27.65 25.97 8.82
C GLY B 42 27.43 25.77 10.30
N LYS B 43 26.79 24.66 10.68
CA LYS B 43 26.56 24.34 12.09
C LYS B 43 27.46 23.23 12.60
N THR B 44 27.57 22.12 11.86
CA THR B 44 28.48 21.05 12.27
C THR B 44 29.92 21.54 12.26
N TYR B 45 30.27 22.37 11.28
CA TYR B 45 31.62 22.94 11.23
C TYR B 45 31.92 23.75 12.48
N THR B 46 30.99 24.63 12.86
CA THR B 46 31.19 25.46 14.04
C THR B 46 31.27 24.62 15.31
N LEU B 47 30.37 23.64 15.45
CA LEU B 47 30.36 22.82 16.65
C LEU B 47 31.65 21.99 16.77
N LYS B 48 32.10 21.40 15.64
CA LYS B 48 33.32 20.63 15.66
C LYS B 48 34.53 21.50 15.97
N LYS B 49 34.58 22.71 15.41
CA LYS B 49 35.67 23.61 15.74
C LYS B 49 35.66 24.00 17.20
N TYR B 50 34.48 24.23 17.76
CA TYR B 50 34.39 24.59 19.18
C TYR B 50 34.89 23.46 20.07
N PHE B 51 34.49 22.22 19.77
CA PHE B 51 34.97 21.11 20.59
C PHE B 51 36.45 20.83 20.37
N ASN B 52 36.97 21.09 19.16
CA ASN B 52 38.39 20.93 18.92
C ASN B 52 39.21 22.01 19.61
N ALA B 53 38.62 23.18 19.87
CA ALA B 53 39.34 24.23 20.58
C ALA B 53 39.45 23.96 22.07
N ASN B 54 38.53 23.18 22.64
CA ASN B 54 38.56 22.85 24.07
C ASN B 54 38.69 21.35 24.24
N PRO B 55 39.86 20.81 24.59
CA PRO B 55 40.01 19.36 24.67
C PRO B 55 39.52 18.75 25.97
N ASN B 56 39.25 19.56 27.00
CA ASN B 56 38.78 19.01 28.26
C ASN B 56 37.35 18.47 28.15
N LEU B 57 36.52 19.11 27.34
CA LEU B 57 35.13 18.70 27.21
C LEU B 57 35.04 17.34 26.53
N HIS B 58 34.15 16.49 27.05
CA HIS B 58 33.91 15.17 26.50
C HIS B 58 32.66 15.19 25.63
N ALA B 59 32.70 14.45 24.52
CA ALA B 59 31.60 14.47 23.58
C ALA B 59 31.51 13.12 22.86
N VAL B 60 30.28 12.76 22.51
CA VAL B 60 30.00 11.56 21.72
C VAL B 60 29.17 11.98 20.52
N TRP B 61 29.61 11.58 19.33
CA TRP B 61 28.97 12.01 18.09
C TRP B 61 28.11 10.90 17.51
N LEU B 62 26.86 11.22 17.21
CA LEU B 62 25.96 10.31 16.51
C LEU B 62 25.41 11.01 15.27
N GLU B 63 24.85 10.21 14.37
CA GLU B 63 24.23 10.69 13.14
C GLU B 63 22.95 9.89 12.91
N PRO B 64 21.81 10.37 13.40
CA PRO B 64 20.58 9.58 13.28
C PRO B 64 19.96 9.66 11.90
N VAL B 65 20.80 9.54 10.87
CA VAL B 65 20.33 9.33 9.51
C VAL B 65 20.71 7.96 8.98
N GLU B 66 21.90 7.46 9.30
CA GLU B 66 22.22 6.07 9.03
C GLU B 66 21.29 5.14 9.79
N LEU B 67 21.08 5.41 11.08
CA LEU B 67 20.03 4.74 11.82
C LEU B 67 18.69 5.29 11.40
N VAL B 68 17.75 4.41 11.07
CA VAL B 68 16.52 4.82 10.42
C VAL B 68 15.29 4.50 11.26
N SER B 69 15.45 4.40 12.58
CA SER B 69 14.31 4.15 13.48
C SER B 69 14.69 4.63 14.87
N TRP B 70 13.87 4.26 15.86
CA TRP B 70 14.11 4.66 17.24
C TRP B 70 14.81 3.56 18.05
N LYS B 71 14.46 2.30 17.81
CA LYS B 71 15.16 1.20 18.47
C LYS B 71 16.65 1.18 18.14
N PRO B 72 17.08 1.28 16.88
CA PRO B 72 18.52 1.41 16.62
C PRO B 72 19.15 2.62 17.27
N LEU B 73 18.41 3.73 17.37
CA LEU B 73 18.95 4.91 18.03
C LEU B 73 19.21 4.63 19.51
N LEU B 74 18.26 3.98 20.19
CA LEU B 74 18.46 3.62 21.60
C LEU B 74 19.65 2.70 21.76
N GLN B 75 19.77 1.68 20.91
CA GLN B 75 20.88 0.75 21.04
C GLN B 75 22.21 1.45 20.78
N ALA B 76 22.26 2.33 19.78
CA ALA B 76 23.49 3.05 19.48
C ALA B 76 23.90 3.94 20.64
N ILE B 77 22.93 4.62 21.27
CA ILE B 77 23.25 5.43 22.44
C ILE B 77 23.83 4.54 23.54
N ALA B 78 23.16 3.43 23.84
CA ALA B 78 23.60 2.56 24.92
C ALA B 78 24.96 1.93 24.65
N ARG B 79 25.35 1.77 23.39
CA ARG B 79 26.67 1.23 23.09
C ARG B 79 27.76 2.29 23.12
N THR B 80 27.52 3.43 22.46
CA THR B 80 28.53 4.48 22.41
C THR B 80 28.82 5.06 23.79
N VAL B 81 27.81 5.16 24.66
CA VAL B 81 28.06 5.66 26.01
C VAL B 81 29.06 4.75 26.73
N GLN B 82 28.84 3.44 26.66
CA GLN B 82 29.76 2.50 27.29
C GLN B 82 31.15 2.60 26.69
N TYR B 83 31.24 2.67 25.36
CA TYR B 83 32.55 2.69 24.72
C TYR B 83 33.33 3.93 25.13
N LYS B 84 32.67 5.10 25.08
CA LYS B 84 33.35 6.34 25.44
C LYS B 84 33.73 6.37 26.92
N LEU B 85 32.86 5.88 27.79
CA LEU B 85 33.18 5.88 29.22
C LEU B 85 34.31 4.90 29.53
N LYS B 86 34.41 3.80 28.80
CA LYS B 86 35.51 2.86 29.02
C LYS B 86 36.83 3.43 28.52
N THR B 87 36.83 4.02 27.33
CA THR B 87 38.09 4.53 26.77
C THR B 87 38.63 5.72 27.54
N LEU B 88 37.79 6.42 28.30
CA LEU B 88 38.26 7.63 28.99
C LEU B 88 38.88 7.30 30.33
N TYR B 89 38.16 6.56 31.17
CA TYR B 89 38.72 6.04 32.42
C TYR B 89 39.02 4.56 32.25
N PRO B 90 40.28 4.15 32.22
CA PRO B 90 40.61 2.72 32.07
C PRO B 90 40.92 1.98 33.37
N ASN B 91 41.02 2.69 34.51
CA ASN B 91 41.41 2.09 35.77
C ASN B 91 40.22 1.72 36.64
N ILE B 92 38.99 1.91 36.17
CA ILE B 92 37.80 1.59 36.92
C ILE B 92 37.29 0.23 36.43
N PRO B 93 37.30 -0.81 37.26
CA PRO B 93 36.77 -2.10 36.83
C PRO B 93 35.28 -2.01 36.54
N THR B 94 34.85 -2.73 35.51
CA THR B 94 33.45 -2.65 35.08
C THR B 94 33.06 -3.92 34.36
N THR B 95 31.76 -4.20 34.35
CA THR B 95 31.20 -5.31 33.59
C THR B 95 30.75 -4.81 32.22
N ASP B 96 30.02 -5.64 31.49
CA ASP B 96 29.56 -5.28 30.16
C ASP B 96 28.08 -5.64 30.03
N TYR B 97 27.28 -4.69 29.58
CA TYR B 97 25.87 -4.91 29.31
C TYR B 97 25.63 -4.92 27.81
N ASP B 98 24.92 -5.93 27.34
CA ASP B 98 24.69 -6.06 25.90
C ASP B 98 23.76 -4.95 25.42
N PRO B 99 24.17 -4.16 24.43
CA PRO B 99 23.27 -3.10 23.93
C PRO B 99 21.97 -3.64 23.35
N LEU B 100 21.98 -4.85 22.78
CA LEU B 100 20.78 -5.38 22.13
C LEU B 100 19.66 -5.67 23.11
N GLN B 101 19.92 -5.67 24.42
CA GLN B 101 18.85 -5.84 25.40
C GLN B 101 17.94 -4.62 25.47
N VAL B 102 18.40 -3.46 24.98
CA VAL B 102 17.61 -2.24 25.02
C VAL B 102 16.60 -2.29 23.87
N GLU B 103 15.32 -2.45 24.22
CA GLU B 103 14.25 -2.51 23.23
C GLU B 103 13.13 -1.53 23.48
N GLU B 104 13.06 -0.91 24.65
CA GLU B 104 12.01 0.04 25.01
C GLU B 104 12.66 1.24 25.67
N PRO B 105 11.99 2.40 25.66
CA PRO B 105 12.59 3.58 26.31
C PRO B 105 12.90 3.37 27.78
N PHE B 106 12.06 2.63 28.50
CA PHE B 106 12.32 2.38 29.92
C PHE B 106 13.59 1.56 30.11
N LEU B 107 13.79 0.54 29.26
CA LEU B 107 14.98 -0.28 29.38
C LEU B 107 16.25 0.53 29.14
N LEU B 108 16.18 1.56 28.29
CA LEU B 108 17.32 2.45 28.12
C LEU B 108 17.65 3.17 29.41
N VAL B 109 16.63 3.66 30.11
CA VAL B 109 16.86 4.33 31.39
C VAL B 109 17.47 3.37 32.40
N LYS B 110 16.95 2.15 32.46
CA LYS B 110 17.50 1.17 33.40
C LYS B 110 18.96 0.87 33.10
N THR B 111 19.28 0.64 31.81
CA THR B 111 20.65 0.33 31.43
C THR B 111 21.58 1.49 31.72
N LEU B 112 21.13 2.72 31.41
CA LEU B 112 21.97 3.89 31.67
C LEU B 112 22.23 4.08 33.16
N HIS B 113 21.21 3.85 33.98
CA HIS B 113 21.41 3.94 35.43
C HIS B 113 22.41 2.89 35.90
N ASN B 114 22.28 1.65 35.40
CA ASN B 114 23.21 0.59 35.80
C ASN B 114 24.64 0.93 35.38
N ILE B 115 24.81 1.51 34.19
CA ILE B 115 26.14 1.90 33.74
C ILE B 115 26.69 3.01 34.62
N PHE B 116 25.88 4.02 34.92
CA PHE B 116 26.36 5.18 35.68
C PHE B 116 26.62 4.86 37.14
N VAL B 117 26.04 3.78 37.67
CA VAL B 117 26.26 3.44 39.08
C VAL B 117 27.73 3.14 39.33
N GLN B 118 28.38 2.43 38.41
CA GLN B 118 29.73 1.92 38.66
C GLN B 118 30.73 3.05 38.87
N TYR B 119 30.64 4.11 38.06
CA TYR B 119 31.61 5.20 38.15
C TYR B 119 31.26 6.17 39.26
N GLU B 120 31.10 5.67 40.49
CA GLU B 120 30.78 6.50 41.64
C GLU B 120 32.00 6.78 42.51
N SER B 121 33.18 6.32 42.10
CA SER B 121 34.41 6.54 42.85
C SER B 121 35.19 7.74 42.34
N LEU B 122 34.64 8.50 41.40
CA LEU B 122 35.33 9.65 40.84
C LEU B 122 35.41 10.78 41.86
N GLN B 123 36.23 11.78 41.54
CA GLN B 123 36.49 12.87 42.48
C GLN B 123 35.36 13.90 42.46
N GLU B 124 35.13 14.52 41.30
CA GLU B 124 34.16 15.60 41.19
C GLU B 124 33.25 15.34 39.99
N LYS B 125 32.05 15.91 40.06
CA LYS B 125 31.04 15.68 39.04
C LYS B 125 31.47 16.23 37.69
N THR B 126 31.28 15.45 36.64
CA THR B 126 31.58 15.84 35.28
C THR B 126 30.30 15.86 34.46
N CYS B 127 30.43 16.13 33.16
CA CYS B 127 29.29 16.14 32.26
C CYS B 127 29.71 15.52 30.93
N LEU B 128 28.86 14.66 30.39
CA LEU B 128 29.10 13.99 29.12
C LEU B 128 28.09 14.51 28.10
N PHE B 129 28.58 14.99 26.98
CA PHE B 129 27.75 15.64 25.97
C PHE B 129 27.42 14.64 24.86
N LEU B 130 26.14 14.44 24.61
CA LEU B 130 25.65 13.53 23.58
C LEU B 130 25.04 14.38 22.46
N ILE B 131 25.67 14.35 21.28
CA ILE B 131 25.30 15.21 20.17
C ILE B 131 24.54 14.36 19.16
N LEU B 132 23.22 14.53 19.11
CA LEU B 132 22.38 13.86 18.12
C LEU B 132 22.29 14.76 16.90
N ASP B 133 23.36 14.76 16.12
CA ASP B 133 23.50 15.67 14.98
C ASP B 133 22.67 15.17 13.82
N GLY B 134 21.49 15.76 13.64
CA GLY B 134 20.62 15.40 12.53
C GLY B 134 19.31 14.77 12.94
N PHE B 135 18.78 15.20 14.09
CA PHE B 135 17.59 14.56 14.65
C PHE B 135 16.38 14.64 13.74
N ASP B 136 16.32 15.61 12.84
CA ASP B 136 15.17 15.79 11.98
C ASP B 136 15.24 14.95 10.70
N SER B 137 16.30 14.19 10.50
CA SER B 137 16.50 13.43 9.27
C SER B 137 16.13 11.96 9.41
N LEU B 138 15.48 11.57 10.50
CA LEU B 138 15.01 10.20 10.63
C LEU B 138 13.95 9.92 9.58
N GLN B 139 14.03 8.73 8.97
CA GLN B 139 13.16 8.41 7.84
C GLN B 139 11.70 8.31 8.26
N ASP B 140 11.42 7.54 9.31
CA ASP B 140 10.05 7.38 9.82
C ASP B 140 9.95 8.21 11.11
N LEU B 141 9.57 9.47 10.95
CA LEU B 141 9.53 10.41 12.05
C LEU B 141 8.08 10.79 12.37
N ASP B 142 7.79 10.92 13.65
CA ASP B 142 6.49 11.36 14.13
C ASP B 142 6.68 12.46 15.16
N ALA B 143 5.58 13.04 15.61
CA ALA B 143 5.61 14.18 16.51
C ALA B 143 5.66 13.78 17.98
N ALA B 144 6.13 12.57 18.28
CA ALA B 144 6.17 12.09 19.66
C ALA B 144 7.56 11.70 20.15
N LEU B 145 8.53 11.47 19.25
CA LEU B 145 9.85 11.04 19.70
C LEU B 145 10.54 12.10 20.54
N PHE B 146 10.47 13.35 20.11
CA PHE B 146 11.17 14.43 20.82
C PHE B 146 10.65 14.59 22.24
N ASN B 147 9.36 14.35 22.46
CA ASN B 147 8.78 14.49 23.78
C ASN B 147 9.35 13.49 24.78
N LYS B 148 9.99 12.42 24.31
CA LYS B 148 10.63 11.47 25.19
C LYS B 148 12.06 11.88 25.52
N TYR B 149 12.81 12.33 24.52
CA TYR B 149 14.18 12.77 24.76
C TYR B 149 14.24 14.06 25.56
N ILE B 150 13.19 14.89 25.52
CA ILE B 150 13.18 16.07 26.37
C ILE B 150 13.12 15.65 27.84
N LYS B 151 12.23 14.72 28.18
CA LYS B 151 11.98 14.34 29.57
C LYS B 151 12.85 13.18 30.04
N LEU B 152 13.72 12.65 29.19
CA LEU B 152 14.62 11.57 29.61
C LEU B 152 15.59 12.00 30.71
N ASN B 153 15.76 13.29 30.94
CA ASN B 153 16.75 13.79 31.89
C ASN B 153 16.19 13.91 33.31
N GLU B 154 14.97 13.46 33.57
CA GLU B 154 14.39 13.51 34.90
C GLU B 154 14.34 12.17 35.61
N LEU B 155 14.32 11.06 34.87
CA LEU B 155 14.28 9.74 35.48
C LEU B 155 15.67 9.18 35.81
N LEU B 156 16.73 9.85 35.36
CA LEU B 156 18.08 9.46 35.72
C LEU B 156 18.41 9.91 37.14
N PRO B 157 19.42 9.31 37.76
CA PRO B 157 19.80 9.72 39.11
C PRO B 157 20.20 11.20 39.16
N LYS B 158 19.91 11.81 40.31
CA LYS B 158 20.13 13.24 40.48
C LYS B 158 21.47 13.58 41.14
N ASP B 159 22.10 12.63 41.82
CA ASP B 159 23.34 12.90 42.54
C ASP B 159 24.50 12.04 42.03
N SER B 160 24.39 11.51 40.83
CA SER B 160 25.47 10.71 40.28
C SER B 160 26.65 11.61 39.87
N LYS B 161 27.81 10.97 39.69
CA LYS B 161 29.01 11.68 39.29
C LYS B 161 29.13 11.84 37.78
N ILE B 162 28.24 11.23 37.01
CA ILE B 162 28.23 11.33 35.55
C ILE B 162 26.89 11.90 35.14
N ASN B 163 26.90 13.07 34.51
CA ASN B 163 25.70 13.73 34.02
C ASN B 163 25.74 13.79 32.50
N ILE B 164 24.60 13.49 31.88
CA ILE B 164 24.49 13.45 30.43
C ILE B 164 23.66 14.64 29.96
N LYS B 165 24.14 15.33 28.93
CA LYS B 165 23.47 16.47 28.36
C LYS B 165 23.35 16.29 26.86
N PHE B 166 22.20 16.65 26.30
CA PHE B 166 21.90 16.43 24.89
C PHE B 166 22.11 17.72 24.10
N ILE B 167 22.39 17.55 22.81
CA ILE B 167 22.53 18.66 21.87
C ILE B 167 21.99 18.19 20.53
N TYR B 168 20.98 18.87 20.00
CA TYR B 168 20.38 18.52 18.74
C TYR B 168 20.74 19.56 17.67
N THR B 169 20.67 19.15 16.41
CA THR B 169 20.90 20.04 15.27
C THR B 169 19.75 19.78 14.29
N MET B 170 18.84 20.74 14.19
CA MET B 170 17.56 20.54 13.52
C MET B 170 17.50 21.39 12.24
N LEU B 171 16.85 20.85 11.22
CA LEU B 171 16.82 21.51 9.92
C LEU B 171 15.65 22.47 9.77
N GLU B 172 14.42 21.95 9.85
CA GLU B 172 13.25 22.72 9.48
C GLU B 172 12.80 23.65 10.60
N THR B 173 11.89 24.56 10.27
CA THR B 173 11.24 25.43 11.24
C THR B 173 9.84 24.97 11.62
N SER B 174 9.12 24.34 10.67
CA SER B 174 7.79 23.84 10.98
C SER B 174 7.83 22.78 12.07
N PHE B 175 8.85 21.91 12.03
CA PHE B 175 9.00 20.91 13.08
C PHE B 175 9.37 21.56 14.42
N LEU B 176 10.25 22.55 14.39
CA LEU B 176 10.74 23.16 15.63
C LEU B 176 9.65 23.96 16.32
N GLN B 177 8.77 24.60 15.54
CA GLN B 177 7.71 25.42 16.15
C GLN B 177 6.70 24.58 16.91
N ARG B 178 6.67 23.25 16.69
CA ARG B 178 5.73 22.41 17.43
C ARG B 178 6.06 22.38 18.93
N TYR B 179 7.33 22.52 19.28
CA TYR B 179 7.79 22.43 20.67
C TYR B 179 8.23 23.79 21.19
N SER B 180 7.52 24.85 20.81
CA SER B 180 7.89 26.20 21.23
C SER B 180 7.45 26.53 22.65
N THR B 181 6.53 25.75 23.23
CA THR B 181 6.07 26.02 24.59
C THR B 181 7.04 25.53 25.64
N HIS B 182 7.93 24.59 25.29
CA HIS B 182 8.87 24.05 26.28
C HIS B 182 9.92 25.06 26.71
N CYS B 183 10.15 26.09 25.91
CA CYS B 183 11.12 27.15 26.22
C CYS B 183 12.52 26.59 26.42
N ILE B 184 13.02 25.92 25.39
CA ILE B 184 14.35 25.35 25.39
C ILE B 184 15.30 26.34 24.71
N PRO B 185 16.49 26.59 25.27
CA PRO B 185 17.39 27.54 24.61
C PRO B 185 17.77 27.10 23.21
N THR B 186 17.86 28.07 22.31
CA THR B 186 18.09 27.80 20.89
C THR B 186 19.09 28.80 20.33
N VAL B 187 19.88 28.33 19.36
CA VAL B 187 20.78 29.18 18.60
C VAL B 187 20.53 28.90 17.13
N MET B 188 20.14 29.93 16.38
CA MET B 188 19.71 29.78 15.00
C MET B 188 20.81 30.24 14.05
N PHE B 189 20.98 29.48 12.97
CA PHE B 189 22.02 29.76 11.98
C PHE B 189 21.37 30.28 10.70
N PRO B 190 21.36 31.60 10.46
CA PRO B 190 20.74 32.11 9.24
C PRO B 190 21.57 31.78 8.01
N ARG B 191 20.92 31.87 6.85
CA ARG B 191 21.57 31.56 5.59
C ARG B 191 22.58 32.65 5.23
N TYR B 192 23.38 32.36 4.21
CA TYR B 192 24.50 33.20 3.83
C TYR B 192 24.11 34.23 2.78
N ASN B 193 24.92 35.27 2.68
CA ASN B 193 24.83 36.24 1.59
C ASN B 193 25.56 35.67 0.38
N VAL B 194 25.80 36.51 -0.63
CA VAL B 194 26.58 36.07 -1.79
C VAL B 194 28.07 36.34 -1.57
N ASP B 195 28.41 37.47 -0.96
CA ASP B 195 29.82 37.77 -0.68
C ASP B 195 30.41 36.76 0.28
N GLU B 196 29.66 36.38 1.32
CA GLU B 196 30.14 35.39 2.27
C GLU B 196 30.35 34.04 1.60
N VAL B 197 29.43 33.64 0.73
CA VAL B 197 29.60 32.38 0.01
C VAL B 197 30.83 32.43 -0.88
N SER B 198 31.04 33.55 -1.57
CA SER B 198 32.22 33.66 -2.43
C SER B 198 33.51 33.56 -1.62
N THR B 199 33.58 34.29 -0.50
CA THR B 199 34.79 34.26 0.31
C THR B 199 35.03 32.88 0.92
N ILE B 200 33.97 32.24 1.41
CA ILE B 200 34.11 30.90 1.98
C ILE B 200 34.56 29.91 0.92
N LEU B 201 33.99 30.00 -0.28
CA LEU B 201 34.35 29.10 -1.35
C LEU B 201 35.80 29.28 -1.76
N VAL B 202 36.27 30.52 -1.84
CA VAL B 202 37.68 30.77 -2.14
C VAL B 202 38.57 30.20 -1.04
N MET B 203 38.26 30.54 0.22
CA MET B 203 39.08 30.08 1.33
C MET B 203 39.15 28.56 1.39
N SER B 204 38.08 27.87 1.00
CA SER B 204 38.09 26.42 1.02
C SER B 204 38.81 25.85 -0.20
N ARG B 205 38.25 26.05 -1.38
CA ARG B 205 38.82 25.48 -2.61
C ARG B 205 39.73 26.46 -3.34
N CYS B 206 40.67 27.09 -2.63
CA CYS B 206 41.76 27.79 -3.29
C CYS B 206 43.07 27.01 -3.24
N GLY B 207 43.52 26.63 -2.05
CA GLY B 207 44.78 25.92 -1.94
C GLY B 207 44.76 24.56 -2.60
N GLU B 208 43.67 23.81 -2.42
CA GLU B 208 43.62 22.45 -2.93
C GLU B 208 43.62 22.40 -4.45
N LEU B 209 43.09 23.44 -5.11
CA LEU B 209 42.93 23.39 -6.56
C LEU B 209 44.28 23.39 -7.27
N MET B 210 45.29 24.04 -6.70
CA MET B 210 46.51 24.27 -7.47
C MET B 210 47.42 23.05 -7.50
N GLU B 211 47.39 22.22 -6.46
CA GLU B 211 48.19 20.99 -6.51
C GLU B 211 47.59 19.93 -7.43
N ASP B 212 46.56 20.26 -8.21
CA ASP B 212 46.02 19.32 -9.17
C ASP B 212 47.04 19.03 -10.26
N SER B 213 47.02 17.81 -10.77
CA SER B 213 48.02 17.38 -11.76
C SER B 213 47.79 18.01 -13.12
N CYS B 214 46.54 18.39 -13.44
CA CYS B 214 46.26 18.92 -14.78
C CYS B 214 47.02 20.21 -15.04
N LEU B 215 47.01 21.14 -14.08
CA LEU B 215 47.69 22.41 -14.28
C LEU B 215 49.20 22.22 -14.31
N ARG B 216 49.72 21.30 -13.49
CA ARG B 216 51.14 20.99 -13.54
C ARG B 216 51.53 20.46 -14.92
N LYS B 217 50.71 19.56 -15.49
CA LYS B 217 50.98 19.07 -16.83
C LYS B 217 50.91 20.20 -17.85
N ARG B 218 49.92 21.09 -17.72
CA ARG B 218 49.77 22.17 -18.68
C ARG B 218 50.90 23.19 -18.60
N ILE B 219 51.54 23.33 -17.43
CA ILE B 219 52.64 24.28 -17.33
C ILE B 219 53.98 23.64 -17.68
N ILE B 220 54.15 22.34 -17.44
CA ILE B 220 55.36 21.68 -17.92
C ILE B 220 55.33 21.55 -19.44
N GLU B 221 54.13 21.46 -20.03
CA GLU B 221 54.00 21.55 -21.48
C GLU B 221 54.14 22.97 -21.99
N GLU B 222 54.24 23.96 -21.11
CA GLU B 222 54.37 25.36 -21.47
C GLU B 222 55.71 25.89 -20.92
N GLN B 223 55.90 27.20 -21.04
CA GLN B 223 57.16 27.83 -20.67
C GLN B 223 57.15 28.21 -19.20
N ILE B 224 58.16 28.98 -18.78
CA ILE B 224 58.33 29.33 -17.37
C ILE B 224 57.24 30.31 -16.94
N THR B 225 56.93 30.31 -15.64
CA THR B 225 55.95 31.22 -15.04
C THR B 225 56.54 31.72 -13.72
N ASP B 226 57.21 32.88 -13.79
CA ASP B 226 57.77 33.48 -12.58
C ASP B 226 56.66 34.03 -11.69
N CYS B 227 57.01 34.27 -10.43
CA CYS B 227 56.02 34.59 -9.39
C CYS B 227 54.93 33.53 -9.36
N THR B 228 55.38 32.28 -9.31
CA THR B 228 54.51 31.13 -9.58
C THR B 228 53.33 31.05 -8.61
N ASP B 229 53.62 31.11 -7.30
CA ASP B 229 52.59 30.87 -6.31
C ASP B 229 51.51 31.96 -6.34
N ASP B 230 51.93 33.23 -6.34
CA ASP B 230 50.96 34.33 -6.31
C ASP B 230 50.11 34.34 -7.57
N GLN B 231 50.74 34.15 -8.73
CA GLN B 231 49.99 34.11 -9.98
C GLN B 231 49.02 32.95 -10.00
N PHE B 232 49.44 31.79 -9.51
CA PHE B 232 48.55 30.63 -9.47
C PHE B 232 47.34 30.89 -8.57
N GLN B 233 47.57 31.46 -7.39
CA GLN B 233 46.46 31.77 -6.50
C GLN B 233 45.52 32.81 -7.11
N ASN B 234 46.09 33.80 -7.81
CA ASN B 234 45.25 34.79 -8.47
C ASN B 234 44.40 34.14 -9.57
N VAL B 235 44.98 33.21 -10.32
CA VAL B 235 44.22 32.51 -11.36
C VAL B 235 43.08 31.73 -10.75
N ALA B 236 43.36 31.00 -9.66
CA ALA B 236 42.31 30.24 -9.00
C ALA B 236 41.19 31.15 -8.49
N ALA B 237 41.55 32.26 -7.84
CA ALA B 237 40.55 33.17 -7.32
C ALA B 237 39.71 33.76 -8.44
N ASN B 238 40.35 34.11 -9.56
CA ASN B 238 39.61 34.65 -10.69
C ASN B 238 38.63 33.62 -11.25
N PHE B 239 39.06 32.35 -11.34
CA PHE B 239 38.16 31.32 -11.82
C PHE B 239 36.96 31.15 -10.89
N ILE B 240 37.21 31.14 -9.58
CA ILE B 240 36.11 30.99 -8.63
C ILE B 240 35.14 32.16 -8.74
N HIS B 241 35.68 33.38 -8.83
CA HIS B 241 34.82 34.55 -8.95
C HIS B 241 34.00 34.51 -10.24
N LEU B 242 34.62 34.08 -11.34
CA LEU B 242 33.90 33.99 -12.60
C LEU B 242 32.77 32.98 -12.52
N ILE B 243 33.03 31.80 -11.95
CA ILE B 243 31.98 30.79 -11.89
C ILE B 243 30.85 31.23 -10.97
N VAL B 244 31.18 31.92 -9.87
CA VAL B 244 30.13 32.42 -8.98
C VAL B 244 29.29 33.46 -9.69
N GLN B 245 29.93 34.44 -10.32
CA GLN B 245 29.20 35.50 -11.01
C GLN B 245 28.38 34.94 -12.18
N ALA B 246 28.80 33.79 -12.72
CA ALA B 246 28.06 33.21 -13.84
C ALA B 246 26.85 32.43 -13.38
N PHE B 247 26.98 31.62 -12.32
CA PHE B 247 25.93 30.67 -11.97
C PHE B 247 25.30 30.93 -10.60
N HIS B 248 25.46 32.14 -10.05
CA HIS B 248 24.78 32.44 -8.79
C HIS B 248 23.26 32.46 -8.96
N SER B 249 22.77 32.99 -10.08
CA SER B 249 21.33 33.06 -10.30
C SER B 249 20.70 31.71 -10.52
N TYR B 250 21.49 30.65 -10.72
CA TYR B 250 20.97 29.31 -10.93
C TYR B 250 21.21 28.39 -9.74
N THR B 251 22.33 28.53 -9.05
CA THR B 251 22.62 27.68 -7.89
C THR B 251 22.12 28.27 -6.59
N GLY B 252 21.69 29.53 -6.57
CA GLY B 252 21.28 30.14 -5.32
C GLY B 252 22.48 30.29 -4.38
N ASN B 253 22.17 30.42 -3.10
CA ASN B 253 23.20 30.48 -2.06
C ASN B 253 23.53 29.09 -1.53
N ASP B 254 23.83 28.16 -2.44
CA ASP B 254 24.12 26.77 -2.11
C ASP B 254 25.61 26.52 -2.29
N ILE B 255 26.29 26.17 -1.20
CA ILE B 255 27.72 25.90 -1.27
C ILE B 255 27.98 24.63 -2.06
N PHE B 256 27.13 23.61 -1.89
CA PHE B 256 27.41 22.31 -2.49
C PHE B 256 27.29 22.34 -4.01
N ALA B 257 26.27 23.02 -4.54
CA ALA B 257 26.08 23.07 -5.99
C ALA B 257 27.24 23.80 -6.67
N LEU B 258 27.66 24.94 -6.10
CA LEU B 258 28.80 25.65 -6.65
C LEU B 258 30.07 24.83 -6.51
N ASN B 259 30.23 24.14 -5.38
CA ASN B 259 31.41 23.30 -5.17
C ASN B 259 31.43 22.12 -6.12
N ASP B 260 30.29 21.72 -6.67
CA ASP B 260 30.27 20.68 -7.67
C ASP B 260 30.53 21.24 -9.07
N LEU B 261 29.97 22.42 -9.35
CA LEU B 261 30.19 23.04 -10.65
C LEU B 261 31.67 23.39 -10.85
N ILE B 262 32.33 23.86 -9.78
CA ILE B 262 33.75 24.22 -9.87
C ILE B 262 34.57 23.01 -10.28
N ASP B 263 34.31 21.85 -9.64
CA ASP B 263 35.02 20.64 -10.02
C ASP B 263 34.64 20.18 -11.42
N PHE B 264 33.39 20.42 -11.83
CA PHE B 264 32.95 20.01 -13.15
C PHE B 264 33.67 20.78 -14.25
N LYS B 265 33.86 22.08 -14.06
CA LYS B 265 34.36 22.95 -15.12
C LYS B 265 35.84 23.31 -14.97
N TRP B 266 36.57 22.61 -14.10
CA TRP B 266 37.99 22.89 -13.94
C TRP B 266 38.88 22.24 -15.02
N PRO B 267 38.72 20.96 -15.35
CA PRO B 267 39.68 20.31 -16.27
C PRO B 267 39.72 20.91 -17.66
N LYS B 268 38.70 21.63 -18.10
CA LYS B 268 38.69 22.24 -19.42
C LYS B 268 39.23 23.68 -19.41
N TYR B 269 38.86 24.46 -18.39
CA TYR B 269 39.37 25.81 -18.28
C TYR B 269 40.89 25.81 -18.15
N VAL B 270 41.45 24.83 -17.44
CA VAL B 270 42.90 24.73 -17.33
C VAL B 270 43.51 24.31 -18.65
N SER B 271 42.75 23.62 -19.50
CA SER B 271 43.26 23.26 -20.82
C SER B 271 43.22 24.46 -21.78
N ARG B 272 42.26 25.36 -21.61
CA ARG B 272 42.13 26.49 -22.52
C ARG B 272 43.20 27.55 -22.31
N ILE B 273 43.95 27.51 -21.20
CA ILE B 273 44.93 28.56 -20.95
C ILE B 273 46.14 28.37 -21.86
N THR B 274 46.92 29.44 -21.98
CA THR B 274 48.14 29.42 -22.77
C THR B 274 49.05 30.55 -22.29
N LYS B 275 50.32 30.50 -22.74
CA LYS B 275 51.33 31.42 -22.24
C LYS B 275 51.00 32.86 -22.60
N GLU B 276 50.48 33.10 -23.80
CA GLU B 276 50.24 34.48 -24.24
C GLU B 276 49.09 35.14 -23.50
N ASN B 277 48.32 34.40 -22.70
CA ASN B 277 47.29 35.03 -21.88
C ASN B 277 47.29 34.50 -20.45
N ILE B 278 48.38 33.87 -20.01
CA ILE B 278 48.47 33.41 -18.63
C ILE B 278 48.45 34.59 -17.67
N PHE B 279 48.98 35.73 -18.11
CA PHE B 279 48.98 36.95 -17.32
C PHE B 279 47.96 37.96 -17.81
N GLU B 280 47.08 37.57 -18.73
CA GLU B 280 46.03 38.44 -19.26
C GLU B 280 44.68 37.80 -18.99
N PRO B 281 44.03 38.14 -17.87
CA PRO B 281 42.75 37.49 -17.53
C PRO B 281 41.66 37.72 -18.56
N LEU B 282 41.59 38.90 -19.17
CA LEU B 282 40.49 39.21 -20.07
C LEU B 282 40.53 38.34 -21.32
N ALA B 283 41.69 38.28 -21.99
CA ALA B 283 41.79 37.48 -23.20
C ALA B 283 41.55 36.01 -22.92
N LEU B 284 42.02 35.54 -21.76
CA LEU B 284 41.73 34.16 -21.35
C LEU B 284 40.23 33.96 -21.15
N TYR B 285 39.55 34.96 -20.59
CA TYR B 285 38.10 34.86 -20.43
C TYR B 285 37.39 34.76 -21.77
N LYS B 286 37.85 35.54 -22.76
CA LYS B 286 37.26 35.41 -24.10
C LYS B 286 37.53 34.05 -24.71
N SER B 287 38.73 33.49 -24.50
CA SER B 287 39.08 32.21 -25.11
C SER B 287 38.34 31.02 -24.51
N ALA B 288 37.73 31.19 -23.33
CA ALA B 288 37.00 30.11 -22.66
C ALA B 288 35.58 30.54 -22.36
N ILE B 289 34.95 31.27 -23.30
CA ILE B 289 33.60 31.76 -23.08
C ILE B 289 32.55 30.66 -23.24
N LYS B 290 32.90 29.52 -23.86
CA LYS B 290 31.91 28.48 -24.10
C LYS B 290 31.41 27.88 -22.79
N LEU B 291 32.33 27.57 -21.87
CA LEU B 291 31.94 26.96 -20.60
C LEU B 291 31.57 27.98 -19.52
N PHE B 292 30.71 28.95 -19.89
CA PHE B 292 30.17 29.89 -18.93
C PHE B 292 28.74 30.31 -19.26
N LEU B 293 28.11 29.67 -20.24
CA LEU B 293 26.76 30.02 -20.69
C LEU B 293 25.76 28.91 -20.42
N SER B 294 26.09 27.67 -20.76
CA SER B 294 25.21 26.52 -20.55
C SER B 294 25.73 25.69 -19.39
N THR B 295 24.84 25.37 -18.45
CA THR B 295 25.24 24.60 -17.28
C THR B 295 25.71 23.20 -17.66
N ASP B 296 24.90 22.49 -18.45
CA ASP B 296 25.20 21.13 -18.92
C ASP B 296 25.47 20.20 -17.74
N ASP B 297 24.43 20.02 -16.93
CA ASP B 297 24.46 19.15 -15.76
C ASP B 297 23.60 17.91 -15.98
N ASN B 298 23.61 17.38 -17.20
CA ASN B 298 22.83 16.20 -17.54
C ASN B 298 23.76 15.05 -17.90
N LEU B 299 23.23 13.84 -17.85
CA LEU B 299 24.00 12.65 -18.16
C LEU B 299 24.12 12.44 -19.66
N GLN B 320 16.41 7.91 -31.95
CA GLN B 320 15.09 7.84 -31.33
C GLN B 320 15.20 7.74 -29.81
N THR B 321 14.31 8.45 -29.11
CA THR B 321 14.33 8.41 -27.65
C THR B 321 13.99 7.02 -27.13
N TYR B 322 13.01 6.36 -27.75
CA TYR B 322 12.56 5.04 -27.33
C TYR B 322 12.84 4.02 -28.42
N ASP B 323 12.77 2.75 -28.02
CA ASP B 323 13.02 1.66 -28.95
C ASP B 323 11.82 0.72 -29.02
N LEU B 324 10.62 1.28 -29.10
CA LEU B 324 9.40 0.50 -29.15
C LEU B 324 9.13 0.00 -30.57
N SER B 325 8.20 -0.94 -30.67
CA SER B 325 7.81 -1.48 -31.95
C SER B 325 6.88 -0.51 -32.69
N ILE B 326 6.50 -0.89 -33.91
CA ILE B 326 5.67 0.00 -34.73
C ILE B 326 4.29 0.16 -34.11
N ILE B 327 3.64 -0.94 -33.75
CA ILE B 327 2.27 -0.85 -33.27
C ILE B 327 2.20 -0.20 -31.90
N SER B 328 3.20 -0.40 -31.05
CA SER B 328 3.24 0.30 -29.77
C SER B 328 3.48 1.80 -29.99
N LYS B 329 4.27 2.13 -31.01
CA LYS B 329 4.53 3.53 -31.33
C LYS B 329 3.24 4.27 -31.66
N TYR B 330 2.38 3.65 -32.47
CA TYR B 330 1.09 4.26 -32.79
C TYR B 330 0.12 4.14 -31.63
N LEU B 331 0.26 3.11 -30.80
CA LEU B 331 -0.64 2.93 -29.67
C LEU B 331 -0.46 4.05 -28.65
N LEU B 332 0.80 4.47 -28.41
CA LEU B 332 1.02 5.58 -27.49
C LEU B 332 0.40 6.87 -28.02
N ILE B 333 0.54 7.13 -29.32
CA ILE B 333 -0.06 8.32 -29.92
C ILE B 333 -1.58 8.28 -29.80
N ALA B 334 -2.17 7.12 -30.07
CA ALA B 334 -3.62 6.98 -29.96
C ALA B 334 -4.07 7.20 -28.52
N SER B 335 -3.32 6.68 -27.55
CA SER B 335 -3.68 6.88 -26.15
C SER B 335 -3.59 8.36 -25.77
N TYR B 336 -2.57 9.06 -26.26
CA TYR B 336 -2.46 10.49 -26.01
C TYR B 336 -3.64 11.25 -26.60
N ILE B 337 -4.01 10.92 -27.84
CA ILE B 337 -5.16 11.56 -28.47
C ILE B 337 -6.44 11.29 -27.68
N CYS B 338 -6.61 10.05 -27.23
CA CYS B 338 -7.78 9.71 -26.43
C CYS B 338 -7.82 10.52 -25.14
N SER B 339 -6.67 10.65 -24.47
CA SER B 339 -6.64 11.26 -23.15
C SER B 339 -6.83 12.78 -23.22
N TYR B 340 -6.19 13.44 -24.19
CA TYR B 340 -6.20 14.89 -24.24
C TYR B 340 -7.12 15.44 -25.32
N LEU B 341 -8.29 14.82 -25.50
CA LEU B 341 -9.28 15.34 -26.45
C LEU B 341 -10.67 14.96 -25.96
N GLU B 342 -11.66 15.70 -26.42
CA GLU B 342 -13.02 15.48 -25.94
C GLU B 342 -13.80 14.61 -26.91
N PRO B 343 -14.54 13.62 -26.39
CA PRO B 343 -15.19 12.65 -27.29
C PRO B 343 -16.21 13.26 -28.24
N ARG B 344 -16.93 14.31 -27.83
CA ARG B 344 -18.03 14.81 -28.63
C ARG B 344 -17.58 15.29 -30.01
N TYR B 345 -16.31 15.69 -30.14
CA TYR B 345 -15.78 16.19 -31.40
C TYR B 345 -14.98 15.14 -32.15
N ASP B 346 -15.08 13.87 -31.76
CA ASP B 346 -14.29 12.83 -32.42
C ASP B 346 -14.74 12.61 -33.86
N ALA B 347 -16.06 12.53 -34.07
CA ALA B 347 -16.58 12.17 -35.39
C ALA B 347 -16.16 13.17 -36.46
N SER B 348 -15.93 14.42 -36.08
CA SER B 348 -15.55 15.45 -37.04
C SER B 348 -14.11 15.33 -37.51
N ILE B 349 -13.29 14.49 -36.88
CA ILE B 349 -11.88 14.44 -37.18
C ILE B 349 -11.47 13.18 -37.95
N PHE B 350 -12.22 12.09 -37.85
CA PHE B 350 -11.78 10.81 -38.40
C PHE B 350 -12.73 10.19 -39.41
N SER B 351 -13.94 10.70 -39.57
CA SER B 351 -14.87 10.15 -40.56
C SER B 351 -14.37 10.46 -41.96
N ARG B 352 -14.04 9.41 -42.73
CA ARG B 352 -13.43 9.61 -44.03
C ARG B 352 -13.95 8.62 -45.07
N LYS B 353 -15.20 8.19 -44.97
CA LYS B 353 -15.77 7.25 -45.94
C LYS B 353 -17.15 7.69 -46.37
N THR B 354 -17.60 7.13 -47.49
CA THR B 354 -18.88 7.50 -48.09
C THR B 354 -20.03 6.82 -47.36
N ARG B 355 -21.25 7.22 -47.73
CA ARG B 355 -22.46 6.73 -47.10
C ARG B 355 -23.44 6.24 -48.15
N ILE B 356 -24.21 5.21 -47.79
CA ILE B 356 -25.30 4.73 -48.62
C ILE B 356 -26.65 5.16 -48.06
N ILE B 357 -26.84 5.04 -46.75
CA ILE B 357 -28.04 5.52 -46.07
C ILE B 357 -27.86 7.00 -45.78
N GLN B 358 -28.95 7.76 -45.91
CA GLN B 358 -28.91 9.19 -45.69
C GLN B 358 -28.48 9.49 -44.25
N GLY B 359 -27.48 10.36 -44.11
CA GLY B 359 -26.97 10.71 -42.80
C GLY B 359 -26.07 11.93 -42.89
N ARG B 360 -25.78 12.50 -41.72
CA ARG B 360 -24.97 13.70 -41.61
C ARG B 360 -23.90 13.51 -40.54
N ALA B 361 -22.76 14.13 -40.76
CA ALA B 361 -21.66 14.07 -39.81
C ALA B 361 -21.87 15.11 -38.71
N ALA B 362 -20.87 15.31 -37.86
CA ALA B 362 -20.95 16.28 -36.79
C ALA B 362 -20.48 17.64 -37.27
N TYR B 363 -21.15 18.69 -36.78
CA TYR B 363 -20.80 20.04 -37.19
C TYR B 363 -19.40 20.42 -36.71
N GLY B 364 -19.06 20.04 -35.48
CA GLY B 364 -17.75 20.34 -34.92
C GLY B 364 -17.78 21.52 -33.98
N ARG B 365 -16.58 21.86 -33.50
CA ARG B 365 -16.42 22.95 -32.56
C ARG B 365 -16.75 24.29 -33.20
N ARG B 366 -17.24 25.22 -32.38
CA ARG B 366 -17.52 26.58 -32.82
C ARG B 366 -16.56 27.61 -32.26
N LYS B 367 -15.92 27.34 -31.12
CA LYS B 367 -14.96 28.25 -30.54
C LYS B 367 -13.78 27.45 -29.97
N LYS B 368 -12.61 28.06 -30.00
CA LYS B 368 -11.39 27.40 -29.56
C LYS B 368 -11.18 27.60 -28.06
N LYS B 369 -10.65 26.57 -27.40
CA LYS B 369 -10.30 26.68 -26.00
C LYS B 369 -9.08 27.58 -25.83
N GLU B 370 -9.04 28.29 -24.70
CA GLU B 370 -7.98 29.26 -24.43
C GLU B 370 -7.17 28.87 -23.20
N VAL B 371 -6.99 27.56 -22.97
CA VAL B 371 -6.30 27.08 -21.77
C VAL B 371 -5.15 26.16 -22.15
N ASN B 372 -5.07 25.78 -23.44
CA ASN B 372 -4.06 24.84 -23.92
C ASN B 372 -4.10 23.57 -23.07
N PRO B 373 -5.11 22.71 -23.28
CA PRO B 373 -5.38 21.62 -22.32
C PRO B 373 -4.20 20.73 -21.97
N ARG B 374 -3.10 20.83 -22.70
CA ARG B 374 -1.93 20.02 -22.39
C ARG B 374 -1.18 20.51 -21.14
N TYR B 375 -1.66 21.57 -20.49
CA TYR B 375 -1.11 22.02 -19.21
C TYR B 375 -1.78 21.38 -18.01
N LEU B 376 -2.79 20.54 -18.22
CA LEU B 376 -3.58 19.98 -17.13
C LEU B 376 -3.40 18.47 -17.07
N GLN B 377 -3.93 17.89 -15.98
CA GLN B 377 -3.81 16.45 -15.79
C GLN B 377 -4.63 15.70 -16.84
N PRO B 378 -4.14 14.55 -17.30
CA PRO B 378 -4.87 13.82 -18.35
C PRO B 378 -6.17 13.23 -17.81
N SER B 379 -7.12 13.04 -18.72
CA SER B 379 -8.42 12.50 -18.39
C SER B 379 -8.42 10.98 -18.58
N LEU B 380 -9.56 10.35 -18.31
CA LEU B 380 -9.71 8.91 -18.40
C LEU B 380 -10.57 8.54 -19.59
N PHE B 381 -10.31 7.35 -20.15
CA PHE B 381 -11.02 6.88 -21.33
C PHE B 381 -11.29 5.39 -21.16
N ALA B 382 -11.70 4.74 -22.25
CA ALA B 382 -12.01 3.32 -22.25
C ALA B 382 -11.21 2.60 -23.32
N ILE B 383 -11.13 1.27 -23.18
CA ILE B 383 -10.32 0.47 -24.10
C ILE B 383 -10.91 0.49 -25.50
N GLU B 384 -12.24 0.50 -25.61
CA GLU B 384 -12.87 0.45 -26.92
C GLU B 384 -12.56 1.69 -27.74
N ARG B 385 -12.63 2.87 -27.11
CA ARG B 385 -12.29 4.11 -27.81
C ARG B 385 -10.83 4.11 -28.23
N LEU B 386 -9.95 3.61 -27.38
CA LEU B 386 -8.53 3.54 -27.72
C LEU B 386 -8.32 2.66 -28.94
N LEU B 387 -8.97 1.50 -28.98
CA LEU B 387 -8.84 0.61 -30.13
C LEU B 387 -9.40 1.25 -31.38
N ALA B 388 -10.53 1.94 -31.27
CA ALA B 388 -11.15 2.57 -32.44
C ALA B 388 -10.25 3.65 -33.02
N ILE B 389 -9.70 4.52 -32.17
CA ILE B 389 -8.83 5.58 -32.67
C ILE B 389 -7.52 5.01 -33.19
N PHE B 390 -7.00 3.96 -32.54
CA PHE B 390 -5.79 3.31 -33.04
C PHE B 390 -6.01 2.75 -34.44
N GLN B 391 -7.17 2.14 -34.67
CA GLN B 391 -7.50 1.68 -36.01
C GLN B 391 -7.64 2.85 -36.98
N ALA B 392 -8.24 3.94 -36.52
CA ALA B 392 -8.46 5.10 -37.39
C ALA B 392 -7.16 5.72 -37.88
N ILE B 393 -6.18 5.87 -36.98
CA ILE B 393 -4.96 6.60 -37.31
C ILE B 393 -3.83 5.68 -37.77
N PHE B 394 -4.02 4.37 -37.73
CA PHE B 394 -2.96 3.47 -38.18
C PHE B 394 -2.78 3.59 -39.69
N PRO B 395 -1.54 3.55 -40.18
CA PRO B 395 -1.31 3.63 -41.63
C PRO B 395 -1.93 2.43 -42.33
N ILE B 396 -2.36 2.67 -43.57
CA ILE B 396 -3.02 1.62 -44.34
C ILE B 396 -2.06 0.44 -44.53
N GLN B 397 -2.63 -0.77 -44.58
CA GLN B 397 -1.84 -1.97 -44.66
C GLN B 397 -1.24 -2.13 -46.06
N GLY B 398 0.05 -2.45 -46.12
CA GLY B 398 0.73 -2.63 -47.39
C GLY B 398 0.38 -3.95 -48.06
N SER B 406 -8.41 -7.65 -58.02
CA SER B 406 -8.92 -8.69 -57.12
C SER B 406 -8.78 -8.28 -55.66
N ALA B 407 -9.47 -7.21 -55.29
CA ALA B 407 -9.45 -6.69 -53.93
C ALA B 407 -10.65 -7.14 -53.11
N LEU B 408 -11.39 -8.16 -53.58
CA LEU B 408 -12.57 -8.63 -52.86
C LEU B 408 -12.21 -9.26 -51.52
N ARG B 409 -10.97 -9.67 -51.33
CA ARG B 409 -10.54 -10.28 -50.06
C ARG B 409 -9.32 -9.54 -49.53
N GLU B 410 -9.39 -8.20 -49.50
CA GLU B 410 -8.23 -7.41 -49.12
C GLU B 410 -8.14 -7.23 -47.61
N GLU B 411 -9.24 -6.83 -46.97
CA GLU B 411 -9.26 -6.49 -45.54
C GLU B 411 -8.21 -5.43 -45.22
N SER B 412 -8.41 -4.26 -45.82
CA SER B 412 -7.38 -3.21 -45.78
C SER B 412 -7.13 -2.73 -44.35
N LEU B 413 -8.19 -2.52 -43.57
CA LEU B 413 -8.03 -1.96 -42.24
C LEU B 413 -7.38 -2.96 -41.30
N MET B 414 -6.53 -2.46 -40.41
CA MET B 414 -5.88 -3.31 -39.43
C MET B 414 -6.87 -3.77 -38.37
N LYS B 415 -6.76 -5.02 -37.97
CA LYS B 415 -7.62 -5.62 -36.96
C LYS B 415 -6.83 -5.89 -35.69
N ALA B 416 -7.55 -6.02 -34.58
CA ALA B 416 -6.93 -6.21 -33.26
C ALA B 416 -6.73 -7.69 -33.01
N ASN B 417 -5.55 -8.19 -33.36
CA ASN B 417 -5.18 -9.58 -33.14
C ASN B 417 -4.48 -9.71 -31.79
N ILE B 418 -3.84 -10.87 -31.56
CA ILE B 418 -3.25 -11.16 -30.26
C ILE B 418 -2.14 -10.17 -29.94
N GLU B 419 -1.27 -9.91 -30.92
CA GLU B 419 -0.07 -9.12 -30.64
C GLU B 419 -0.40 -7.67 -30.29
N VAL B 420 -1.53 -7.15 -30.76
CA VAL B 420 -1.93 -5.80 -30.37
C VAL B 420 -2.21 -5.74 -28.87
N PHE B 421 -2.98 -6.72 -28.37
CA PHE B 421 -3.26 -6.78 -26.93
C PHE B 421 -1.98 -7.04 -26.14
N GLN B 422 -1.10 -7.89 -26.66
CA GLN B 422 0.17 -8.15 -25.99
C GLN B 422 1.00 -6.89 -25.86
N ASN B 423 1.09 -6.10 -26.94
CA ASN B 423 1.83 -4.86 -26.89
C ASN B 423 1.16 -3.82 -26.00
N LEU B 424 -0.16 -3.81 -25.93
CA LEU B 424 -0.83 -2.92 -24.99
C LEU B 424 -0.50 -3.29 -23.55
N SER B 425 -0.47 -4.58 -23.24
CA SER B 425 -0.07 -5.02 -21.91
C SER B 425 1.38 -4.65 -21.62
N GLU B 426 2.25 -4.79 -22.62
CA GLU B 426 3.64 -4.38 -22.46
C GLU B 426 3.75 -2.88 -22.18
N LEU B 427 2.94 -2.08 -22.88
CA LEU B 427 2.91 -0.65 -22.61
C LEU B 427 2.46 -0.35 -21.19
N HIS B 428 1.44 -1.08 -20.72
CA HIS B 428 0.95 -0.84 -19.36
C HIS B 428 2.01 -1.22 -18.32
N THR B 429 2.71 -2.33 -18.52
CA THR B 429 3.64 -2.79 -17.50
C THR B 429 4.92 -1.96 -17.46
N LEU B 430 5.15 -1.11 -18.45
CA LEU B 430 6.30 -0.20 -18.45
C LEU B 430 5.98 1.13 -17.80
N LYS B 431 4.81 1.25 -17.17
CA LYS B 431 4.35 2.48 -16.52
C LYS B 431 4.17 3.63 -17.49
N LEU B 432 4.00 3.34 -18.77
CA LEU B 432 3.64 4.35 -19.75
C LEU B 432 2.14 4.54 -19.87
N ILE B 433 1.35 3.66 -19.27
CA ILE B 433 -0.10 3.78 -19.24
C ILE B 433 -0.56 3.45 -17.81
N ALA B 434 -1.39 4.29 -17.24
CA ALA B 434 -1.90 4.08 -15.89
C ALA B 434 -3.38 3.74 -15.92
N THR B 435 -3.86 3.24 -14.79
CA THR B 435 -5.27 2.92 -14.60
C THR B 435 -5.67 3.40 -13.21
N THR B 436 -6.91 3.10 -12.82
CA THR B 436 -7.35 3.39 -11.46
C THR B 436 -6.53 2.53 -10.50
N MET B 437 -5.63 3.18 -9.75
CA MET B 437 -4.59 2.46 -9.03
C MET B 437 -5.16 1.83 -7.77
N ASN B 438 -5.20 0.50 -7.75
CA ASN B 438 -5.49 -0.27 -6.55
C ASN B 438 -4.77 -1.60 -6.67
N LYS B 439 -4.52 -2.24 -5.53
CA LYS B 439 -3.73 -3.46 -5.51
C LYS B 439 -4.48 -4.59 -6.22
N ASN B 440 -3.74 -5.34 -7.04
CA ASN B 440 -4.27 -6.50 -7.77
C ASN B 440 -5.44 -6.09 -8.66
N ILE B 441 -5.12 -5.26 -9.65
CA ILE B 441 -6.12 -4.87 -10.64
C ILE B 441 -6.58 -6.09 -11.42
N ASP B 442 -7.83 -6.04 -11.89
CA ASP B 442 -8.38 -7.03 -12.81
C ASP B 442 -8.70 -6.33 -14.12
N TYR B 443 -7.93 -6.66 -15.16
CA TYR B 443 -8.06 -5.95 -16.43
C TYR B 443 -9.41 -6.18 -17.08
N LEU B 444 -10.16 -7.20 -16.66
CA LEU B 444 -11.43 -7.55 -17.29
C LEU B 444 -12.55 -7.17 -16.34
N SER B 445 -12.97 -5.91 -16.42
CA SER B 445 -14.09 -5.36 -15.65
C SER B 445 -14.46 -4.00 -16.21
N PRO B 446 -15.76 -3.70 -16.34
CA PRO B 446 -16.16 -2.41 -16.91
C PRO B 446 -15.76 -1.21 -16.08
N LYS B 447 -15.42 -1.40 -14.80
CA LYS B 447 -15.13 -0.29 -13.90
C LYS B 447 -13.65 0.08 -13.89
N VAL B 448 -12.92 -0.20 -14.95
CA VAL B 448 -11.50 0.10 -15.05
C VAL B 448 -11.27 0.99 -16.26
N ARG B 449 -10.53 2.09 -16.04
CA ARG B 449 -10.27 3.08 -17.08
C ARG B 449 -8.80 3.46 -17.04
N TRP B 450 -8.29 3.92 -18.19
CA TRP B 450 -6.86 4.13 -18.40
C TRP B 450 -6.56 5.60 -18.66
N LYS B 451 -5.27 5.93 -18.61
CA LYS B 451 -4.78 7.27 -18.92
C LYS B 451 -3.29 7.19 -19.21
N VAL B 452 -2.72 8.33 -19.58
CA VAL B 452 -1.36 8.42 -20.13
C VAL B 452 -0.42 9.01 -19.08
N ASN B 453 0.85 8.60 -19.14
CA ASN B 453 1.89 9.11 -18.24
C ASN B 453 3.16 9.50 -19.00
N VAL B 454 3.00 10.24 -20.10
CA VAL B 454 4.18 10.80 -20.76
C VAL B 454 3.96 12.28 -21.01
N PRO B 455 5.00 13.11 -20.95
CA PRO B 455 4.85 14.53 -21.23
C PRO B 455 4.81 14.79 -22.74
N TRP B 456 4.62 16.06 -23.10
CA TRP B 456 4.45 16.41 -24.51
C TRP B 456 5.72 16.18 -25.31
N GLU B 457 6.90 16.34 -24.69
CA GLU B 457 8.14 16.19 -25.44
C GLU B 457 8.33 14.76 -25.95
N ILE B 458 8.06 13.77 -25.10
CA ILE B 458 8.25 12.38 -25.49
C ILE B 458 7.29 12.00 -26.61
N ILE B 459 6.03 12.38 -26.49
CA ILE B 459 5.06 12.05 -27.53
C ILE B 459 5.38 12.78 -28.82
N LYS B 460 5.88 14.02 -28.73
CA LYS B 460 6.28 14.74 -29.94
C LYS B 460 7.44 14.05 -30.63
N GLU B 461 8.43 13.60 -29.87
CA GLU B 461 9.56 12.88 -30.46
C GLU B 461 9.09 11.59 -31.11
N ILE B 462 8.21 10.85 -30.43
CA ILE B 462 7.69 9.60 -30.98
C ILE B 462 6.92 9.85 -32.27
N SER B 463 6.08 10.89 -32.29
CA SER B 463 5.32 11.20 -33.49
C SER B 463 6.24 11.60 -34.64
N GLU B 464 7.25 12.42 -34.35
CA GLU B 464 8.16 12.86 -35.40
C GLU B 464 9.08 11.73 -35.87
N SER B 465 9.24 10.68 -35.08
CA SER B 465 10.10 9.58 -35.46
C SER B 465 9.40 8.57 -36.37
N VAL B 466 8.11 8.75 -36.65
CA VAL B 466 7.38 7.81 -37.49
C VAL B 466 6.62 8.60 -38.55
N HIS B 467 6.99 9.88 -38.71
CA HIS B 467 6.40 10.76 -39.71
C HIS B 467 4.88 10.92 -39.49
N PHE B 468 4.54 11.44 -38.32
CA PHE B 468 3.16 11.74 -37.96
C PHE B 468 3.07 13.17 -37.49
N ASN B 469 2.07 13.90 -38.00
CA ASN B 469 1.88 15.32 -37.66
C ASN B 469 0.83 15.42 -36.56
N ILE B 470 1.27 15.14 -35.33
CA ILE B 470 0.35 15.18 -34.20
C ILE B 470 -0.12 16.60 -33.91
N SER B 471 0.76 17.59 -34.12
CA SER B 471 0.43 18.97 -33.75
C SER B 471 -0.81 19.48 -34.47
N ASP B 472 -1.09 18.98 -35.67
CA ASP B 472 -2.27 19.42 -36.40
C ASP B 472 -3.55 19.13 -35.62
N TYR B 473 -3.55 18.06 -34.81
CA TYR B 473 -4.72 17.77 -34.00
C TYR B 473 -4.86 18.72 -32.82
N PHE B 474 -3.75 19.30 -32.35
CA PHE B 474 -3.78 20.19 -31.20
C PHE B 474 -3.64 21.66 -31.55
N SER B 475 -3.17 21.98 -32.76
CA SER B 475 -3.02 23.38 -33.14
C SER B 475 -4.36 24.09 -33.21
N ASP B 476 -5.41 23.38 -33.66
CA ASP B 476 -6.71 24.00 -33.85
C ASP B 476 -7.29 24.48 -32.52
N ILE B 477 -7.23 23.66 -31.48
CA ILE B 477 -7.79 24.06 -30.19
C ILE B 477 -6.96 25.19 -29.58
N HIS B 478 -5.64 25.03 -29.55
CA HIS B 478 -4.71 26.08 -29.12
C HIS B 478 -3.30 25.62 -29.43
N GLU B 479 -2.50 26.52 -29.97
CA GLU B 479 -1.12 26.20 -30.35
C GLU B 479 -0.30 25.76 -29.15
N SER C 2 -22.18 8.43 -64.45
CA SER C 2 -23.17 7.54 -65.05
C SER C 2 -24.29 7.22 -64.05
N LEU C 3 -24.74 5.96 -64.05
CA LEU C 3 -25.82 5.56 -63.17
C LEU C 3 -25.42 5.64 -61.71
N LEU C 4 -24.17 5.30 -61.38
CA LEU C 4 -23.69 5.41 -60.01
C LEU C 4 -23.72 6.86 -59.53
N VAL C 5 -23.30 7.79 -60.38
CA VAL C 5 -23.21 9.19 -59.97
C VAL C 5 -24.59 9.78 -59.78
N LYS C 6 -25.61 9.22 -60.42
CA LYS C 6 -26.96 9.75 -60.30
C LYS C 6 -27.43 9.74 -58.84
N LYS C 7 -27.96 10.86 -58.40
CA LYS C 7 -28.46 11.01 -57.04
C LYS C 7 -29.98 11.16 -57.08
N TYR C 8 -30.67 10.30 -56.33
CA TYR C 8 -32.13 10.29 -56.26
C TYR C 8 -32.74 10.12 -57.65
N CYS C 9 -32.40 8.99 -58.27
CA CYS C 9 -32.88 8.68 -59.61
C CYS C 9 -34.28 8.09 -59.50
N LYS C 10 -34.80 7.57 -60.60
CA LYS C 10 -36.12 6.96 -60.64
C LYS C 10 -35.99 5.49 -61.05
N MET C 11 -36.62 4.60 -60.29
CA MET C 11 -36.61 3.19 -60.59
C MET C 11 -38.00 2.61 -60.38
N THR C 12 -38.27 1.52 -61.11
CA THR C 12 -39.54 0.81 -61.03
C THR C 12 -39.32 -0.60 -61.56
N THR C 13 -40.39 -1.39 -61.56
CA THR C 13 -40.24 -2.85 -61.58
C THR C 13 -39.68 -3.38 -62.90
N GLU C 14 -40.13 -2.87 -64.04
CA GLU C 14 -39.88 -3.58 -65.30
C GLU C 14 -38.40 -3.62 -65.65
N GLU C 15 -37.67 -2.52 -65.44
CA GLU C 15 -36.24 -2.55 -65.71
C GLU C 15 -35.45 -3.30 -64.64
N ILE C 16 -35.95 -3.34 -63.41
CA ILE C 16 -35.25 -4.05 -62.34
C ILE C 16 -35.21 -5.55 -62.63
N ILE C 17 -36.35 -6.12 -63.04
CA ILE C 17 -36.36 -7.51 -63.46
C ILE C 17 -35.50 -7.69 -64.71
N ARG C 18 -35.61 -6.75 -65.66
CA ARG C 18 -34.75 -6.80 -66.84
C ARG C 18 -33.29 -6.62 -66.48
N LEU C 19 -33.00 -5.93 -65.37
CA LEU C 19 -31.62 -5.76 -64.93
C LEU C 19 -31.01 -7.08 -64.47
N CYS C 20 -31.82 -8.10 -64.20
CA CYS C 20 -31.32 -9.41 -63.78
C CYS C 20 -31.46 -10.48 -64.84
N ASN C 21 -32.33 -10.30 -65.83
CA ASN C 21 -32.46 -11.28 -66.90
C ASN C 21 -31.23 -11.33 -67.80
N ASP C 22 -30.38 -10.30 -67.75
CA ASP C 22 -29.15 -10.32 -68.54
C ASP C 22 -28.23 -11.45 -68.12
N PHE C 23 -28.12 -11.68 -66.81
CA PHE C 23 -27.32 -12.78 -66.27
C PHE C 23 -28.10 -14.09 -66.20
N GLU C 24 -29.40 -14.08 -66.49
CA GLU C 24 -30.26 -15.25 -66.43
C GLU C 24 -30.19 -15.90 -65.05
N LEU C 25 -30.57 -15.12 -64.05
CA LEU C 25 -30.65 -15.61 -62.68
C LEU C 25 -31.94 -16.39 -62.47
N PRO C 26 -31.97 -17.30 -61.50
CA PRO C 26 -33.23 -17.99 -61.18
C PRO C 26 -34.30 -17.01 -60.74
N ARG C 27 -35.56 -17.39 -61.02
CA ARG C 27 -36.67 -16.47 -60.79
C ARG C 27 -36.81 -16.09 -59.33
N GLU C 28 -36.67 -17.07 -58.43
CA GLU C 28 -36.87 -16.81 -57.00
C GLU C 28 -35.89 -15.76 -56.49
N VAL C 29 -34.63 -15.83 -56.93
CA VAL C 29 -33.66 -14.82 -56.54
C VAL C 29 -34.08 -13.45 -57.05
N ALA C 30 -34.61 -13.38 -58.27
CA ALA C 30 -35.04 -12.10 -58.83
C ALA C 30 -36.17 -11.49 -58.01
N TYR C 31 -37.20 -12.29 -57.68
CA TYR C 31 -38.29 -11.76 -56.87
C TYR C 31 -37.82 -11.41 -55.46
N LYS C 32 -36.88 -12.17 -54.90
CA LYS C 32 -36.35 -11.83 -53.60
C LYS C 32 -35.63 -10.48 -53.64
N ILE C 33 -34.84 -10.24 -54.69
CA ILE C 33 -34.15 -8.96 -54.84
C ILE C 33 -35.17 -7.83 -54.98
N VAL C 34 -36.20 -8.05 -55.79
CA VAL C 34 -37.22 -7.03 -56.00
C VAL C 34 -37.91 -6.69 -54.68
N ASP C 35 -38.27 -7.71 -53.90
CA ASP C 35 -38.91 -7.48 -52.61
C ASP C 35 -37.98 -6.75 -51.66
N GLU C 36 -36.69 -7.12 -51.66
CA GLU C 36 -35.74 -6.46 -50.77
C GLU C 36 -35.56 -4.99 -51.13
N TYR C 37 -35.61 -4.66 -52.42
CA TYR C 37 -35.41 -3.28 -52.84
C TYR C 37 -36.45 -2.35 -52.25
N ASN C 38 -37.72 -2.79 -52.23
CA ASN C 38 -38.79 -1.93 -51.74
C ASN C 38 -38.62 -1.58 -50.27
N ILE C 39 -38.00 -2.47 -49.49
CA ILE C 39 -37.84 -2.21 -48.06
C ILE C 39 -36.91 -1.02 -47.82
N ASN C 40 -35.80 -0.97 -48.52
CA ASN C 40 -34.80 0.07 -48.34
C ASN C 40 -34.89 1.16 -49.41
N ALA C 41 -35.96 1.18 -50.20
CA ALA C 41 -36.05 2.15 -51.29
C ALA C 41 -36.13 3.58 -50.76
N SER C 42 -36.80 3.78 -49.62
CA SER C 42 -37.02 5.13 -49.11
C SER C 42 -35.70 5.82 -48.76
N ARG C 43 -34.78 5.09 -48.11
CA ARG C 43 -33.53 5.67 -47.63
C ARG C 43 -32.40 5.21 -48.54
N LEU C 44 -32.17 5.97 -49.61
CA LEU C 44 -31.08 5.70 -50.54
C LEU C 44 -30.61 7.02 -51.14
N VAL C 45 -29.39 6.99 -51.68
CA VAL C 45 -28.83 8.13 -52.40
C VAL C 45 -28.46 7.75 -53.82
N CYS C 46 -27.86 6.57 -54.03
CA CYS C 46 -27.52 6.06 -55.35
C CYS C 46 -28.03 4.63 -55.45
N PRO C 47 -29.34 4.45 -55.72
CA PRO C 47 -29.90 3.09 -55.74
C PRO C 47 -29.25 2.17 -56.76
N TRP C 48 -28.65 2.73 -57.82
CA TRP C 48 -27.95 1.90 -58.79
C TRP C 48 -26.84 1.10 -58.12
N GLN C 49 -26.15 1.71 -57.14
CA GLN C 49 -25.12 1.00 -56.40
C GLN C 49 -25.69 -0.22 -55.69
N LEU C 50 -26.83 -0.05 -55.02
CA LEU C 50 -27.45 -1.15 -54.30
C LEU C 50 -27.89 -2.25 -55.25
N VAL C 51 -28.51 -1.88 -56.37
CA VAL C 51 -28.94 -2.88 -57.34
C VAL C 51 -27.73 -3.64 -57.87
N CYS C 52 -26.66 -2.92 -58.22
CA CYS C 52 -25.43 -3.54 -58.68
C CYS C 52 -24.90 -4.55 -57.66
N GLY C 53 -24.81 -4.12 -56.40
CA GLY C 53 -24.28 -5.01 -55.37
C GLY C 53 -25.10 -6.27 -55.19
N LEU C 54 -26.43 -6.11 -55.07
CA LEU C 54 -27.28 -7.28 -54.89
C LEU C 54 -27.17 -8.24 -56.07
N VAL C 55 -27.27 -7.71 -57.30
CA VAL C 55 -27.26 -8.61 -58.45
C VAL C 55 -25.91 -9.30 -58.57
N LEU C 56 -24.81 -8.57 -58.35
CA LEU C 56 -23.49 -9.19 -58.51
C LEU C 56 -23.25 -10.26 -57.46
N ASN C 57 -23.60 -9.99 -56.20
CA ASN C 57 -23.43 -11.00 -55.16
C ASN C 57 -24.28 -12.23 -55.46
N CYS C 58 -25.52 -12.03 -55.91
CA CYS C 58 -26.36 -13.17 -56.25
C CYS C 58 -25.76 -13.97 -57.40
N THR C 59 -25.24 -13.29 -58.42
CA THR C 59 -24.66 -14.01 -59.55
C THR C 59 -23.45 -14.84 -59.14
N PHE C 60 -22.57 -14.28 -58.30
CA PHE C 60 -21.45 -15.10 -57.80
C PHE C 60 -21.94 -16.26 -56.96
N ILE C 61 -22.98 -16.05 -56.14
CA ILE C 61 -23.47 -17.14 -55.30
C ILE C 61 -24.05 -18.27 -56.14
N VAL C 62 -24.84 -17.93 -57.16
CA VAL C 62 -25.60 -18.96 -57.88
C VAL C 62 -24.78 -19.65 -58.97
N PHE C 63 -23.72 -19.04 -59.46
CA PHE C 63 -22.89 -19.62 -60.53
C PHE C 63 -21.50 -19.97 -60.04
N ASN C 64 -21.40 -20.56 -58.85
CA ASN C 64 -20.10 -20.97 -58.32
C ASN C 64 -19.58 -22.23 -59.01
N GLU C 65 -20.47 -23.18 -59.31
CA GLU C 65 -20.03 -24.43 -59.93
C GLU C 65 -19.33 -24.19 -61.26
N ARG C 66 -19.92 -23.33 -62.11
CA ARG C 66 -19.29 -23.01 -63.38
C ARG C 66 -17.97 -22.27 -63.17
N ARG C 67 -17.93 -21.35 -62.20
CA ARG C 67 -16.71 -20.62 -61.92
C ARG C 67 -15.59 -21.53 -61.43
N ARG C 68 -15.93 -22.57 -60.67
CA ARG C 68 -14.91 -23.49 -60.18
C ARG C 68 -14.21 -24.21 -61.32
N LYS C 69 -14.98 -24.68 -62.30
CA LYS C 69 -14.39 -25.42 -63.42
C LYS C 69 -13.54 -24.51 -64.30
N ASP C 70 -14.08 -23.35 -64.68
CA ASP C 70 -13.38 -22.43 -65.58
C ASP C 70 -13.02 -21.15 -64.84
N PRO C 71 -11.75 -20.95 -64.47
CA PRO C 71 -11.37 -19.68 -63.82
C PRO C 71 -11.59 -18.45 -64.68
N ARG C 72 -11.70 -18.59 -65.99
CA ARG C 72 -11.80 -17.44 -66.88
C ARG C 72 -13.15 -16.74 -66.78
N ILE C 73 -14.15 -17.36 -66.16
CA ILE C 73 -15.52 -16.87 -66.25
C ILE C 73 -15.65 -15.48 -65.62
N ASP C 74 -15.09 -15.30 -64.42
CA ASP C 74 -15.32 -14.07 -63.66
C ASP C 74 -14.83 -12.84 -64.40
N HIS C 75 -13.78 -12.97 -65.22
CA HIS C 75 -13.28 -11.83 -65.97
C HIS C 75 -14.36 -11.20 -66.82
N PHE C 76 -14.91 -11.97 -67.78
CA PHE C 76 -15.95 -11.38 -68.61
C PHE C 76 -17.25 -11.20 -67.85
N ILE C 77 -17.47 -11.96 -66.76
CA ILE C 77 -18.67 -11.75 -65.95
C ILE C 77 -18.70 -10.33 -65.40
N VAL C 78 -17.58 -9.88 -64.85
CA VAL C 78 -17.52 -8.52 -64.32
C VAL C 78 -17.40 -7.50 -65.46
N SER C 79 -16.68 -7.85 -66.53
CA SER C 79 -16.45 -6.89 -67.61
C SER C 79 -17.73 -6.55 -68.35
N LYS C 80 -18.59 -7.55 -68.58
CA LYS C 80 -19.83 -7.30 -69.32
C LYS C 80 -20.70 -6.28 -68.60
N MET C 81 -20.89 -6.46 -67.31
CA MET C 81 -21.76 -5.55 -66.57
C MET C 81 -21.06 -4.21 -66.29
N CYS C 82 -19.74 -4.21 -66.20
CA CYS C 82 -19.02 -2.94 -66.13
C CYS C 82 -19.23 -2.12 -67.38
N SER C 83 -19.17 -2.77 -68.55
CA SER C 83 -19.50 -2.08 -69.80
C SER C 83 -20.97 -1.65 -69.82
N LEU C 84 -21.86 -2.50 -69.31
CA LEU C 84 -23.27 -2.17 -69.24
C LEU C 84 -23.56 -1.03 -68.29
N MET C 85 -22.64 -0.71 -67.39
CA MET C 85 -22.86 0.28 -66.36
C MET C 85 -22.44 1.67 -66.82
N LEU C 86 -21.95 1.79 -68.06
CA LEU C 86 -21.52 3.08 -68.63
C LEU C 86 -20.41 3.71 -67.79
N THR C 87 -19.47 2.89 -67.33
CA THR C 87 -18.33 3.37 -66.57
C THR C 87 -17.11 2.54 -66.92
N SER C 88 -16.01 3.21 -67.27
CA SER C 88 -14.79 2.51 -67.65
C SER C 88 -14.08 1.93 -66.44
N LYS C 89 -14.07 2.66 -65.33
CA LYS C 89 -13.36 2.21 -64.13
C LYS C 89 -14.03 0.96 -63.57
N VAL C 90 -13.20 0.01 -63.12
CA VAL C 90 -13.70 -1.23 -62.53
C VAL C 90 -13.65 -1.22 -61.00
N ASP C 91 -12.86 -0.34 -60.39
CA ASP C 91 -12.77 -0.32 -58.93
C ASP C 91 -14.08 0.15 -58.30
N ASP C 92 -14.84 0.98 -58.99
CA ASP C 92 -16.11 1.46 -58.45
C ASP C 92 -17.08 0.30 -58.23
N VAL C 93 -17.18 -0.60 -59.19
CA VAL C 93 -18.09 -1.74 -59.06
C VAL C 93 -17.68 -2.61 -57.88
N ILE C 94 -16.38 -2.88 -57.75
CA ILE C 94 -15.90 -3.71 -56.66
C ILE C 94 -16.18 -3.06 -55.32
N GLU C 95 -15.93 -1.75 -55.22
CA GLU C 95 -16.15 -1.05 -53.95
C GLU C 95 -17.63 -1.02 -53.58
N CYS C 96 -18.49 -0.78 -54.57
CA CYS C 96 -19.93 -0.77 -54.29
C CYS C 96 -20.42 -2.15 -53.88
N VAL C 97 -19.90 -3.20 -54.52
CA VAL C 97 -20.28 -4.56 -54.14
C VAL C 97 -19.82 -4.86 -52.71
N LYS C 98 -18.61 -4.44 -52.36
CA LYS C 98 -18.12 -4.65 -51.00
C LYS C 98 -18.99 -3.92 -49.98
N LEU C 99 -19.41 -2.69 -50.29
CA LEU C 99 -20.31 -1.98 -49.38
C LEU C 99 -21.66 -2.68 -49.27
N VAL C 100 -22.19 -3.18 -50.39
CA VAL C 100 -23.49 -3.85 -50.37
C VAL C 100 -23.42 -5.13 -49.56
N LYS C 101 -22.29 -5.84 -49.63
CA LYS C 101 -22.15 -7.10 -48.90
C LYS C 101 -22.34 -6.90 -47.40
N GLU C 102 -21.89 -5.76 -46.87
CA GLU C 102 -22.01 -5.49 -45.44
C GLU C 102 -23.48 -5.39 -45.02
N LEU C 103 -24.31 -4.76 -45.84
CA LEU C 103 -25.70 -4.48 -45.47
C LEU C 103 -26.58 -5.73 -45.49
N ILE C 104 -26.11 -6.84 -46.04
CA ILE C 104 -26.98 -7.97 -46.32
C ILE C 104 -26.36 -9.25 -45.75
N ILE C 105 -25.35 -9.10 -44.90
CA ILE C 105 -24.58 -10.27 -44.44
C ILE C 105 -25.45 -11.19 -43.59
N GLY C 106 -26.28 -10.65 -42.70
CA GLY C 106 -26.96 -11.46 -41.73
C GLY C 106 -28.45 -11.61 -41.93
N GLU C 107 -28.89 -11.81 -43.16
CA GLU C 107 -30.30 -11.98 -43.46
C GLU C 107 -30.64 -13.45 -43.64
N LYS C 108 -31.90 -13.80 -43.32
CA LYS C 108 -32.31 -15.19 -43.34
C LYS C 108 -32.27 -15.78 -44.75
N TRP C 109 -32.77 -15.03 -45.74
CA TRP C 109 -32.85 -15.60 -47.08
C TRP C 109 -31.47 -15.77 -47.70
N PHE C 110 -30.53 -14.89 -47.36
CA PHE C 110 -29.15 -15.06 -47.81
C PHE C 110 -28.55 -16.36 -47.28
N ARG C 111 -28.77 -16.63 -45.99
CA ARG C 111 -28.29 -17.89 -45.41
C ARG C 111 -28.98 -19.08 -46.06
N ASP C 112 -30.28 -18.98 -46.31
CA ASP C 112 -30.99 -20.06 -46.96
C ASP C 112 -30.44 -20.34 -48.36
N LEU C 113 -30.16 -19.27 -49.12
CA LEU C 113 -29.58 -19.44 -50.45
C LEU C 113 -28.20 -20.08 -50.37
N GLN C 114 -27.37 -19.63 -49.43
CA GLN C 114 -26.04 -20.20 -49.29
C GLN C 114 -26.10 -21.67 -48.92
N ILE C 115 -27.02 -22.04 -48.03
CA ILE C 115 -27.16 -23.44 -47.66
C ILE C 115 -27.66 -24.27 -48.84
N ARG C 116 -28.65 -23.76 -49.57
CA ARG C 116 -29.21 -24.50 -50.69
C ARG C 116 -28.18 -24.73 -51.78
N TYR C 117 -27.41 -23.69 -52.12
CA TYR C 117 -26.42 -23.83 -53.18
C TYR C 117 -25.06 -24.29 -52.67
N ASP C 118 -24.88 -24.37 -51.35
CA ASP C 118 -23.66 -24.89 -50.73
C ASP C 118 -22.43 -24.17 -51.25
N ASP C 119 -22.38 -22.86 -51.00
CA ASP C 119 -21.28 -22.02 -51.41
C ASP C 119 -20.34 -21.69 -50.24
N PHE C 120 -20.89 -21.16 -49.15
CA PHE C 120 -20.15 -20.88 -47.92
C PHE C 120 -18.88 -20.10 -48.21
N ASP C 121 -19.08 -18.91 -48.78
CA ASP C 121 -18.00 -18.05 -49.24
C ASP C 121 -17.18 -18.73 -50.32
N GLY C 122 -17.82 -19.53 -51.17
CA GLY C 122 -17.16 -20.19 -52.28
C GLY C 122 -16.45 -21.47 -51.93
N ILE C 123 -16.53 -21.94 -50.70
CA ILE C 123 -15.86 -23.15 -50.25
C ILE C 123 -16.91 -24.12 -49.71
N ARG C 124 -16.88 -25.35 -50.18
CA ARG C 124 -17.83 -26.36 -49.72
C ARG C 124 -17.69 -26.57 -48.22
N TYR C 125 -18.83 -26.85 -47.56
CA TYR C 125 -18.86 -26.89 -46.10
C TYR C 125 -17.87 -27.90 -45.54
N ASP C 126 -17.65 -29.01 -46.25
CA ASP C 126 -16.76 -30.05 -45.75
C ASP C 126 -15.33 -29.55 -45.56
N GLU C 127 -14.97 -28.43 -46.20
CA GLU C 127 -13.63 -27.87 -46.12
C GLU C 127 -13.52 -26.68 -45.18
N ILE C 128 -14.56 -25.85 -45.08
CA ILE C 128 -14.49 -24.64 -44.28
C ILE C 128 -14.37 -24.98 -42.79
N ILE C 129 -15.04 -26.04 -42.33
CA ILE C 129 -14.96 -26.41 -40.93
C ILE C 129 -13.55 -26.87 -40.57
N PHE C 130 -12.94 -27.69 -41.44
CA PHE C 130 -11.57 -28.14 -41.19
C PHE C 130 -10.59 -26.99 -41.27
N ARG C 131 -10.83 -26.01 -42.14
CA ARG C 131 -9.98 -24.83 -42.17
C ARG C 131 -10.15 -23.99 -40.91
N LYS C 132 -11.36 -23.91 -40.37
CA LYS C 132 -11.60 -23.17 -39.14
C LYS C 132 -10.91 -23.83 -37.95
N LEU C 133 -10.99 -25.15 -37.85
CA LEU C 133 -10.37 -25.83 -36.71
C LEU C 133 -8.87 -25.63 -36.68
N GLY C 134 -8.21 -25.72 -37.84
CA GLY C 134 -6.78 -25.55 -37.89
C GLY C 134 -6.05 -26.85 -38.17
N SER C 135 -6.73 -27.80 -38.79
CA SER C 135 -6.13 -29.09 -39.09
C SER C 135 -5.02 -28.93 -40.12
N MET C 136 -3.92 -29.67 -39.91
CA MET C 136 -2.82 -29.66 -40.86
C MET C 136 -3.13 -30.43 -42.13
N LEU C 137 -4.17 -31.27 -42.12
CA LEU C 137 -4.55 -32.06 -43.29
C LEU C 137 -5.60 -31.33 -44.13
N GLN C 138 -5.31 -30.11 -44.52
CA GLN C 138 -6.19 -29.32 -45.37
C GLN C 138 -5.59 -29.20 -46.77
N THR C 139 -6.46 -28.91 -47.74
CA THR C 139 -6.07 -28.88 -49.15
C THR C 139 -5.26 -27.61 -49.41
N THR C 140 -3.94 -27.74 -49.28
CA THR C 140 -3.06 -26.62 -49.60
C THR C 140 -3.07 -26.35 -51.09
N ASN C 141 -3.22 -25.08 -51.47
CA ASN C 141 -3.29 -24.69 -52.88
C ASN C 141 -1.87 -24.55 -53.43
N ILE C 142 -1.23 -25.72 -53.61
CA ILE C 142 0.15 -25.75 -54.11
C ILE C 142 0.24 -26.80 -55.22
N LEU C 143 -0.80 -27.61 -55.37
CA LEU C 143 -0.88 -28.65 -56.38
C LEU C 143 -2.14 -28.48 -57.20
N VAL C 144 -2.07 -28.85 -58.48
CA VAL C 144 -3.24 -28.75 -59.35
C VAL C 144 -4.27 -29.79 -58.93
N THR C 145 -5.50 -29.34 -58.72
CA THR C 145 -6.55 -30.24 -58.27
C THR C 145 -6.90 -31.24 -59.37
N ASP C 146 -7.54 -32.34 -58.97
CA ASP C 146 -7.79 -33.45 -59.89
C ASP C 146 -8.71 -33.04 -61.03
N ASP C 147 -9.77 -32.28 -60.73
CA ASP C 147 -10.78 -31.99 -61.73
C ASP C 147 -10.21 -31.24 -62.93
N GLN C 148 -9.41 -30.20 -62.67
CA GLN C 148 -8.79 -29.49 -63.77
C GLN C 148 -7.68 -30.31 -64.43
N TYR C 149 -7.04 -31.20 -63.65
CA TYR C 149 -6.04 -32.08 -64.24
C TYR C 149 -6.66 -33.02 -65.26
N ASN C 150 -7.83 -33.57 -64.95
CA ASN C 150 -8.47 -34.52 -65.86
C ASN C 150 -8.84 -33.84 -67.18
N ILE C 151 -9.44 -32.66 -67.11
CA ILE C 151 -9.82 -31.95 -68.33
C ILE C 151 -8.59 -31.48 -69.09
N TRP C 152 -7.54 -31.08 -68.36
CA TRP C 152 -6.29 -30.70 -69.03
C TRP C 152 -5.67 -31.89 -69.74
N LYS C 153 -5.69 -33.07 -69.12
CA LYS C 153 -5.15 -34.26 -69.75
C LYS C 153 -5.96 -34.65 -70.97
N LYS C 154 -7.29 -34.60 -70.88
CA LYS C 154 -8.14 -34.95 -72.02
C LYS C 154 -7.90 -34.02 -73.20
N ARG C 155 -7.78 -32.71 -72.93
CA ARG C 155 -7.58 -31.75 -74.00
C ARG C 155 -6.23 -31.95 -74.69
N ILE C 156 -5.19 -32.28 -73.92
CA ILE C 156 -3.85 -32.39 -74.49
C ILE C 156 -3.62 -33.72 -75.19
N GLU C 157 -4.52 -34.69 -75.05
CA GLU C 157 -4.40 -35.96 -75.75
C GLU C 157 -4.38 -35.76 -77.27
N PRO F 355 26.72 -21.71 13.86
CA PRO F 355 25.27 -21.92 14.01
C PRO F 355 24.46 -21.27 12.89
N VAL F 356 23.46 -20.46 13.27
CA VAL F 356 22.60 -19.79 12.31
C VAL F 356 22.61 -18.30 12.61
N ILE F 357 22.09 -17.52 11.66
CA ILE F 357 21.97 -16.08 11.79
C ILE F 357 20.50 -15.74 11.99
N ARG F 358 20.17 -15.21 13.16
CA ARG F 358 18.79 -14.86 13.47
C ARG F 358 18.40 -13.57 12.75
N LYS F 359 17.18 -13.55 12.22
CA LYS F 359 16.69 -12.36 11.54
C LYS F 359 16.26 -11.29 12.52
N PHE F 360 15.88 -11.68 13.74
CA PHE F 360 15.66 -10.74 14.83
C PHE F 360 15.77 -11.53 16.13
N THR F 361 15.90 -10.80 17.24
CA THR F 361 16.16 -11.42 18.53
C THR F 361 15.20 -10.90 19.58
N LYS F 362 14.88 -11.77 20.54
CA LYS F 362 14.06 -11.43 21.71
C LYS F 362 14.88 -11.79 22.95
N LYS F 363 15.56 -10.81 23.51
CA LYS F 363 16.49 -11.03 24.61
C LYS F 363 15.90 -10.70 25.98
N ASN F 364 14.63 -10.32 26.04
CA ASN F 364 13.97 -9.95 27.30
C ASN F 364 12.69 -10.76 27.47
N VAL F 365 12.77 -12.06 27.25
CA VAL F 365 11.62 -12.96 27.40
C VAL F 365 11.69 -13.59 28.78
N ALA F 366 10.57 -13.57 29.49
CA ALA F 366 10.46 -14.16 30.81
C ALA F 366 9.24 -15.08 30.83
N ARG F 367 9.44 -16.32 31.24
CA ARG F 367 8.39 -17.33 31.23
C ARG F 367 8.30 -17.98 32.60
N ALA F 368 7.07 -18.06 33.13
CA ALA F 368 6.85 -18.68 34.43
C ALA F 368 6.88 -20.20 34.32
N LYS F 369 7.12 -20.84 35.46
CA LYS F 369 7.21 -22.30 35.53
C LYS F 369 5.82 -22.85 35.82
N LYS F 370 5.10 -23.23 34.77
CA LYS F 370 3.77 -23.81 34.89
C LYS F 370 3.67 -25.05 34.03
N LYS F 371 2.96 -26.07 34.52
CA LYS F 371 2.85 -27.34 33.83
C LYS F 371 1.76 -27.29 32.76
N TYR F 372 1.73 -28.32 31.92
CA TYR F 372 0.81 -28.40 30.80
C TYR F 372 -0.23 -29.50 30.92
N THR F 373 0.05 -30.56 31.66
CA THR F 373 -0.86 -31.71 31.69
C THR F 373 -2.08 -31.39 32.54
N PRO F 374 -3.30 -31.53 31.98
CA PRO F 374 -4.51 -31.23 32.77
C PRO F 374 -4.75 -32.19 33.92
N PHE F 375 -5.83 -31.97 34.66
CA PHE F 375 -6.12 -32.79 35.81
C PHE F 375 -6.67 -34.16 35.44
N SER F 376 -7.37 -34.28 34.31
CA SER F 376 -7.97 -35.56 33.96
C SER F 376 -6.95 -36.46 33.29
N LYS F 377 -5.75 -36.54 33.86
CA LYS F 377 -4.75 -37.53 33.51
C LYS F 377 -3.96 -38.01 34.71
N ARG F 378 -4.30 -37.54 35.91
CA ARG F 378 -3.45 -37.75 37.10
C ARG F 378 -3.84 -39.03 37.84
N PHE F 379 -5.10 -39.13 38.25
CA PHE F 379 -5.56 -40.24 39.08
C PHE F 379 -6.09 -41.41 38.28
N LYS F 380 -5.77 -41.49 36.99
CA LYS F 380 -6.09 -42.64 36.14
C LYS F 380 -7.62 -42.77 36.09
N SER F 381 -8.18 -43.93 36.42
CA SER F 381 -9.61 -44.15 36.29
C SER F 381 -10.38 -43.32 37.32
N ILE F 382 -11.66 -43.07 37.02
CA ILE F 382 -12.50 -42.27 37.91
C ILE F 382 -12.66 -42.94 39.27
N ALA F 383 -12.71 -44.26 39.30
CA ALA F 383 -12.87 -44.99 40.55
C ALA F 383 -11.63 -44.95 41.42
N ALA F 384 -10.50 -44.46 40.90
CA ALA F 384 -9.25 -44.39 41.65
C ALA F 384 -9.00 -43.02 42.26
N ILE F 385 -9.96 -42.11 42.17
CA ILE F 385 -9.80 -40.77 42.73
C ILE F 385 -9.96 -40.82 44.24
N PRO F 386 -8.98 -40.38 45.01
CA PRO F 386 -9.11 -40.42 46.48
C PRO F 386 -9.99 -39.30 47.00
N ASP F 387 -10.13 -39.21 48.33
CA ASP F 387 -10.92 -38.16 48.94
C ASP F 387 -10.13 -36.86 48.89
N LEU F 388 -10.69 -35.85 48.23
CA LEU F 388 -10.01 -34.58 48.07
C LEU F 388 -10.14 -33.67 49.29
N THR F 389 -11.03 -33.99 50.23
CA THR F 389 -11.18 -33.15 51.42
C THR F 389 -10.00 -33.29 52.36
N SER F 390 -9.43 -34.50 52.45
CA SER F 390 -8.39 -34.80 53.42
C SER F 390 -6.98 -34.54 52.91
N LEU F 391 -6.81 -34.23 51.63
CA LEU F 391 -5.48 -33.98 51.10
C LEU F 391 -4.91 -32.71 51.71
N PRO F 392 -3.60 -32.68 52.01
CA PRO F 392 -3.02 -31.48 52.63
C PRO F 392 -2.81 -30.32 51.66
N GLU F 393 -2.95 -30.55 50.36
CA GLU F 393 -2.75 -29.49 49.38
C GLU F 393 -4.05 -28.95 48.80
N PHE F 394 -5.12 -29.73 48.83
CA PHE F 394 -6.38 -29.31 48.23
C PHE F 394 -7.17 -28.42 49.18
N TYR F 395 -7.94 -27.50 48.59
CA TYR F 395 -8.83 -26.59 49.31
C TYR F 395 -8.08 -25.71 50.31
N GLY F 396 -6.79 -25.49 50.09
CA GLY F 396 -6.02 -24.66 50.99
C GLY F 396 -5.98 -25.17 52.42
N ASN F 397 -5.84 -26.48 52.61
CA ASN F 397 -5.84 -27.05 53.94
C ASN F 397 -4.66 -26.55 54.76
N SER F 398 -3.45 -26.57 54.18
CA SER F 398 -2.26 -26.06 54.87
C SER F 398 -1.47 -25.18 53.91
N SER F 399 -1.88 -23.90 53.84
CA SER F 399 -1.07 -22.88 53.18
C SER F 399 -1.46 -21.54 53.79
N GLU F 400 -0.69 -21.10 54.79
CA GLU F 400 -0.99 -19.85 55.49
C GLU F 400 0.29 -19.09 55.79
N LEU F 401 1.21 -19.02 54.83
CA LEU F 401 2.48 -18.34 55.03
C LEU F 401 2.84 -17.39 53.88
N MET F 402 1.92 -17.17 52.93
CA MET F 402 2.22 -16.24 51.84
C MET F 402 2.28 -14.80 52.33
N ALA F 403 1.45 -14.44 53.31
CA ALA F 403 1.46 -13.07 53.83
C ALA F 403 2.79 -12.75 54.51
N SER F 404 3.33 -13.69 55.29
CA SER F 404 4.60 -13.46 55.97
C SER F 404 5.77 -13.36 55.01
N ARG F 405 5.61 -13.81 53.76
CA ARG F 405 6.70 -13.76 52.81
C ARG F 405 7.10 -12.33 52.49
N PHE F 406 6.12 -11.44 52.29
CA PHE F 406 6.38 -10.09 51.84
C PHE F 406 6.08 -9.01 52.87
N GLU F 407 5.45 -9.35 53.99
CA GLU F 407 5.22 -8.38 55.04
C GLU F 407 6.52 -8.12 55.80
N ASN F 408 6.46 -7.21 56.76
CA ASN F 408 7.60 -6.78 57.58
C ASN F 408 8.68 -6.08 56.77
N LYS F 409 8.44 -5.85 55.47
CA LYS F 409 9.39 -5.09 54.67
C LYS F 409 9.18 -3.59 54.81
N LEU F 410 7.92 -3.15 54.84
CA LEU F 410 7.58 -1.74 54.99
C LEU F 410 7.34 -1.39 56.45
N LYS F 411 8.38 -1.59 57.27
CA LYS F 411 8.30 -1.30 58.70
C LYS F 411 9.52 -0.51 59.14
N THR F 412 9.30 0.38 60.11
CA THR F 412 10.38 1.17 60.68
C THR F 412 10.01 1.48 62.13
N THR F 413 11.00 1.90 62.90
CA THR F 413 10.86 2.09 64.35
C THR F 413 11.16 3.53 64.75
N GLN F 414 10.13 4.38 64.68
CA GLN F 414 10.21 5.74 65.19
C GLN F 414 8.81 6.34 65.20
N LYS F 415 8.47 7.03 66.30
CA LYS F 415 7.29 7.88 66.35
C LYS F 415 7.59 9.02 67.31
N HIS F 416 7.60 10.25 66.78
CA HIS F 416 7.98 11.42 67.57
C HIS F 416 6.75 12.09 68.19
N GLN F 417 5.92 11.30 68.86
CA GLN F 417 4.71 11.80 69.51
C GLN F 417 3.85 12.62 68.54
N ILE F 418 3.36 11.94 67.51
CA ILE F 418 2.60 12.60 66.46
C ILE F 418 1.39 13.29 67.07
N VAL F 419 1.25 14.59 66.81
CA VAL F 419 0.14 15.35 67.34
C VAL F 419 -1.14 14.95 66.64
N GLU F 420 -2.22 14.77 67.42
CA GLU F 420 -3.52 14.37 66.89
C GLU F 420 -4.52 15.46 67.28
N THR F 421 -4.83 16.36 66.34
CA THR F 421 -5.77 17.42 66.59
C THR F 421 -7.19 16.86 66.74
N ILE F 422 -8.13 17.75 67.07
CA ILE F 422 -9.50 17.32 67.31
C ILE F 422 -10.12 16.76 66.04
N PHE F 423 -9.94 17.44 64.92
CA PHE F 423 -10.56 17.04 63.67
C PHE F 423 -9.93 15.80 63.07
N SER F 424 -8.77 15.37 63.58
CA SER F 424 -8.13 14.17 63.05
C SER F 424 -8.99 12.94 63.28
N LYS F 425 -9.65 12.85 64.44
CA LYS F 425 -10.53 11.72 64.70
C LYS F 425 -11.70 11.68 63.72
N VAL F 426 -12.30 12.85 63.44
CA VAL F 426 -13.42 12.90 62.50
C VAL F 426 -12.97 12.51 61.11
N LYS F 427 -11.80 13.00 60.68
CA LYS F 427 -11.28 12.62 59.36
C LYS F 427 -11.00 11.13 59.29
N LYS F 428 -10.43 10.56 60.35
CA LYS F 428 -10.08 9.14 60.35
C LYS F 428 -11.33 8.27 60.31
N GLN F 429 -12.36 8.63 61.08
CA GLN F 429 -13.57 7.84 61.18
C GLN F 429 -14.57 8.14 60.07
N LEU F 430 -14.11 8.70 58.96
CA LEU F 430 -14.99 9.03 57.85
C LEU F 430 -14.42 8.55 56.51
N ASN F 431 -13.38 7.72 56.52
CA ASN F 431 -12.83 7.16 55.30
C ASN F 431 -13.76 6.09 54.74
N SER F 432 -13.42 5.62 53.54
CA SER F 432 -14.21 4.60 52.86
C SER F 432 -13.77 3.18 53.21
N SER F 433 -13.08 3.01 54.34
CA SER F 433 -12.62 1.70 54.79
C SER F 433 -13.09 1.35 56.19
N TYR F 434 -13.19 2.33 57.08
CA TYR F 434 -13.60 2.10 58.46
C TYR F 434 -15.03 1.58 58.53
N TYR F 448 -23.12 -2.81 60.38
CA TYR F 448 -24.56 -2.67 60.42
C TYR F 448 -25.08 -1.90 59.21
N LEU F 449 -25.62 -2.63 58.24
CA LEU F 449 -26.14 -1.99 57.04
C LEU F 449 -27.44 -1.27 57.36
N PRO F 450 -27.52 0.05 57.17
CA PRO F 450 -28.72 0.79 57.56
C PRO F 450 -29.86 0.69 56.56
N ALA F 451 -29.54 0.63 55.27
CA ALA F 451 -30.54 0.71 54.22
C ALA F 451 -30.69 -0.57 53.40
N ARG F 452 -29.60 -1.26 53.12
CA ARG F 452 -29.63 -2.45 52.28
C ARG F 452 -29.97 -3.66 53.14
N GLU F 453 -31.26 -3.99 53.21
CA GLU F 453 -31.73 -5.15 53.95
C GLU F 453 -32.47 -6.17 53.08
N ASN F 454 -33.29 -5.71 52.13
CA ASN F 454 -34.01 -6.64 51.27
C ASN F 454 -33.05 -7.42 50.38
N GLU F 455 -32.06 -6.74 49.79
CA GLU F 455 -31.08 -7.42 48.97
C GLU F 455 -30.25 -8.39 49.81
N PHE F 456 -29.88 -7.98 51.03
CA PHE F 456 -29.17 -8.87 51.93
C PHE F 456 -29.99 -10.13 52.20
N ALA F 457 -31.28 -9.96 52.51
CA ALA F 457 -32.12 -11.11 52.80
C ALA F 457 -32.24 -12.03 51.60
N SER F 458 -32.45 -11.46 50.41
CA SER F 458 -32.59 -12.28 49.21
C SER F 458 -31.33 -13.07 48.92
N ILE F 459 -30.17 -12.40 48.91
CA ILE F 459 -28.92 -13.08 48.60
C ILE F 459 -28.62 -14.14 49.65
N TYR F 460 -28.81 -13.81 50.93
CA TYR F 460 -28.53 -14.77 51.99
C TYR F 460 -29.44 -15.99 51.88
N LEU F 461 -30.73 -15.77 51.62
CA LEU F 461 -31.65 -16.90 51.48
C LEU F 461 -31.26 -17.78 50.31
N SER F 462 -30.95 -17.19 49.16
CA SER F 462 -30.57 -17.99 48.01
C SER F 462 -29.30 -18.81 48.29
N ALA F 463 -28.28 -18.17 48.85
CA ALA F 463 -27.02 -18.86 49.10
C ALA F 463 -27.19 -19.94 50.17
N TYR F 464 -27.96 -19.67 51.22
CA TYR F 464 -28.18 -20.65 52.27
C TYR F 464 -28.94 -21.86 51.73
N SER F 465 -29.97 -21.63 50.92
CA SER F 465 -30.69 -22.74 50.32
C SER F 465 -29.78 -23.56 49.39
N ALA F 466 -28.92 -22.89 48.63
CA ALA F 466 -28.00 -23.60 47.76
C ALA F 466 -27.01 -24.44 48.55
N ILE F 467 -26.46 -23.89 49.64
CA ILE F 467 -25.47 -24.62 50.43
C ILE F 467 -26.11 -25.79 51.15
N GLU F 468 -27.31 -25.59 51.72
CA GLU F 468 -27.90 -26.61 52.58
C GLU F 468 -28.21 -27.89 51.81
N SER F 469 -28.70 -27.76 50.58
CA SER F 469 -29.15 -28.91 49.80
C SER F 469 -28.10 -29.48 48.87
N ASP F 470 -26.87 -28.97 48.92
CA ASP F 470 -25.76 -29.44 48.09
C ASP F 470 -26.11 -29.33 46.60
N SER F 471 -26.30 -28.09 46.16
CA SER F 471 -26.65 -27.83 44.77
C SER F 471 -25.78 -26.72 44.18
N ALA F 472 -26.11 -26.29 42.96
CA ALA F 472 -25.38 -25.23 42.29
C ALA F 472 -26.36 -24.13 41.90
N THR F 473 -25.87 -22.89 41.87
CA THR F 473 -26.76 -21.78 41.56
C THR F 473 -25.94 -20.57 41.10
N THR F 474 -26.65 -19.62 40.49
CA THR F 474 -26.05 -18.40 39.96
C THR F 474 -26.89 -17.20 40.37
N ILE F 475 -26.23 -16.20 40.94
CA ILE F 475 -26.87 -14.96 41.38
C ILE F 475 -26.19 -13.82 40.64
N TYR F 476 -26.99 -12.97 39.99
CA TYR F 476 -26.52 -11.83 39.23
C TYR F 476 -26.99 -10.56 39.93
N VAL F 477 -26.06 -9.64 40.17
CA VAL F 477 -26.33 -8.37 40.83
C VAL F 477 -25.88 -7.27 39.88
N ALA F 478 -26.76 -6.31 39.63
CA ALA F 478 -26.43 -5.21 38.73
C ALA F 478 -26.75 -3.88 39.38
N GLY F 479 -25.87 -2.91 39.19
CA GLY F 479 -26.10 -1.62 39.80
C GLY F 479 -25.19 -0.55 39.23
N THR F 480 -25.27 0.64 39.83
CA THR F 480 -24.50 1.82 39.46
C THR F 480 -23.42 2.08 40.52
N PRO F 481 -22.32 2.73 40.16
CA PRO F 481 -21.20 2.87 41.10
C PRO F 481 -21.60 3.52 42.42
N GLY F 482 -21.01 3.01 43.50
CA GLY F 482 -21.17 3.57 44.82
C GLY F 482 -22.39 3.12 45.60
N VAL F 483 -23.18 2.19 45.08
CA VAL F 483 -24.39 1.78 45.79
C VAL F 483 -24.03 0.96 47.02
N GLY F 484 -23.09 0.03 46.90
CA GLY F 484 -22.74 -0.81 48.03
C GLY F 484 -23.01 -2.28 47.83
N LYS F 485 -22.88 -2.76 46.58
CA LYS F 485 -23.16 -4.16 46.31
C LYS F 485 -22.04 -5.06 46.82
N THR F 486 -20.78 -4.67 46.60
CA THR F 486 -19.67 -5.48 47.09
C THR F 486 -19.68 -5.59 48.60
N LEU F 487 -19.99 -4.49 49.29
CA LEU F 487 -20.02 -4.49 50.74
C LEU F 487 -21.06 -5.49 51.27
N THR F 488 -22.27 -5.46 50.71
CA THR F 488 -23.30 -6.36 51.20
C THR F 488 -23.03 -7.81 50.82
N VAL F 489 -22.43 -8.05 49.64
CA VAL F 489 -22.06 -9.41 49.28
C VAL F 489 -21.01 -9.96 50.25
N ARG F 490 -20.01 -9.14 50.58
CA ARG F 490 -18.99 -9.57 51.53
C ARG F 490 -19.59 -9.81 52.91
N GLU F 491 -20.54 -8.96 53.32
CA GLU F 491 -21.20 -9.18 54.60
C GLU F 491 -21.99 -10.48 54.62
N VAL F 492 -22.67 -10.79 53.51
CA VAL F 492 -23.38 -12.06 53.39
C VAL F 492 -22.41 -13.23 53.51
N VAL F 493 -21.26 -13.13 52.84
CA VAL F 493 -20.26 -14.19 52.90
C VAL F 493 -19.76 -14.38 54.32
N LYS F 494 -19.50 -13.27 55.02
CA LYS F 494 -19.03 -13.36 56.41
C LYS F 494 -20.07 -14.01 57.30
N GLU F 495 -21.34 -13.64 57.14
CA GLU F 495 -22.40 -14.25 57.94
C GLU F 495 -22.51 -15.75 57.65
N LEU F 496 -22.40 -16.12 56.37
CA LEU F 496 -22.45 -17.54 56.02
C LEU F 496 -21.29 -18.30 56.62
N LEU F 497 -20.08 -17.70 56.61
CA LEU F 497 -18.93 -18.35 57.20
C LEU F 497 -19.12 -18.54 58.71
N SER F 498 -19.66 -17.53 59.39
CA SER F 498 -19.93 -17.66 60.82
C SER F 498 -20.94 -18.76 61.08
N SER F 499 -22.01 -18.82 60.28
CA SER F 499 -23.02 -19.86 60.47
C SER F 499 -22.43 -21.24 60.23
N SER F 500 -21.58 -21.38 59.21
CA SER F 500 -20.94 -22.66 58.95
C SER F 500 -20.01 -23.07 60.10
N ALA F 501 -19.24 -22.12 60.62
CA ALA F 501 -18.38 -22.40 61.77
C ALA F 501 -19.20 -22.73 63.01
N GLN F 502 -20.46 -22.29 63.06
CA GLN F 502 -21.35 -22.66 64.15
C GLN F 502 -21.87 -24.10 64.01
N ARG F 503 -21.44 -24.82 62.99
CA ARG F 503 -21.84 -26.21 62.74
C ARG F 503 -23.35 -26.33 62.52
N GLU F 504 -23.82 -25.65 61.48
CA GLU F 504 -25.18 -25.77 61.01
C GLU F 504 -25.28 -26.15 59.54
N ILE F 505 -24.29 -25.79 58.73
CA ILE F 505 -24.24 -26.18 57.33
C ILE F 505 -22.84 -26.71 57.04
N PRO F 506 -22.70 -27.57 56.03
CA PRO F 506 -21.36 -28.09 55.70
C PRO F 506 -20.40 -26.97 55.32
N ASP F 507 -19.14 -27.16 55.70
CA ASP F 507 -18.12 -26.15 55.44
C ASP F 507 -17.93 -25.96 53.94
N PHE F 508 -17.34 -24.83 53.58
CA PHE F 508 -17.16 -24.48 52.18
C PHE F 508 -15.88 -23.67 52.03
N LEU F 509 -15.66 -23.14 50.83
CA LEU F 509 -14.50 -22.33 50.50
C LEU F 509 -14.95 -21.06 49.81
N TYR F 510 -14.27 -19.96 50.10
CA TYR F 510 -14.61 -18.65 49.55
C TYR F 510 -13.45 -18.16 48.69
N VAL F 511 -13.70 -17.99 47.39
CA VAL F 511 -12.70 -17.53 46.44
C VAL F 511 -13.23 -16.25 45.80
N GLU F 512 -12.40 -15.21 45.80
CA GLU F 512 -12.76 -13.92 45.24
C GLU F 512 -11.89 -13.63 44.04
N ILE F 513 -12.54 -13.34 42.90
CA ILE F 513 -11.86 -13.06 41.65
C ILE F 513 -12.33 -11.71 41.14
N ASN F 514 -11.38 -10.83 40.84
CA ASN F 514 -11.68 -9.50 40.32
C ASN F 514 -11.35 -9.44 38.82
N GLY F 515 -11.92 -8.44 38.15
CA GLY F 515 -11.76 -8.34 36.71
C GLY F 515 -10.74 -7.31 36.28
N LEU F 516 -10.59 -6.24 37.05
CA LEU F 516 -9.64 -5.18 36.73
C LEU F 516 -8.27 -5.40 37.35
N LYS F 517 -8.10 -6.45 38.16
CA LYS F 517 -6.83 -6.74 38.83
C LYS F 517 -6.10 -7.89 38.17
N MET F 518 -6.30 -8.09 36.87
CA MET F 518 -5.63 -9.14 36.11
C MET F 518 -5.07 -8.54 34.83
N VAL F 519 -3.84 -8.92 34.49
CA VAL F 519 -3.21 -8.40 33.28
C VAL F 519 -3.89 -8.97 32.03
N LYS F 520 -3.85 -10.29 31.88
CA LYS F 520 -4.61 -10.84 30.77
C LYS F 520 -5.99 -11.28 31.24
N PRO F 521 -7.02 -11.09 30.43
CA PRO F 521 -8.38 -11.46 30.86
C PRO F 521 -8.55 -12.95 31.11
N THR F 522 -7.72 -13.80 30.52
CA THR F 522 -7.83 -15.24 30.68
C THR F 522 -7.03 -15.78 31.86
N ASP F 523 -6.67 -14.91 32.80
CA ASP F 523 -5.95 -15.33 34.00
C ASP F 523 -6.89 -15.77 35.12
N CYS F 524 -8.20 -15.69 34.92
CA CYS F 524 -9.14 -16.14 35.94
C CYS F 524 -9.01 -17.63 36.18
N TYR F 525 -9.07 -18.42 35.11
CA TYR F 525 -9.13 -19.89 35.23
C TYR F 525 -8.05 -20.41 36.17
N GLU F 526 -6.78 -20.19 35.81
CA GLU F 526 -5.69 -20.72 36.61
C GLU F 526 -5.81 -20.26 38.06
N THR F 527 -6.16 -19.00 38.28
CA THR F 527 -6.30 -18.51 39.64
C THR F 527 -7.25 -19.39 40.43
N LEU F 528 -8.44 -19.62 39.88
CA LEU F 528 -9.41 -20.49 40.55
C LEU F 528 -8.80 -21.84 40.84
N TRP F 529 -8.14 -22.43 39.84
CA TRP F 529 -7.52 -23.74 40.06
C TRP F 529 -6.45 -23.65 41.13
N ASN F 530 -5.64 -22.59 41.10
CA ASN F 530 -4.59 -22.43 42.08
C ASN F 530 -5.16 -22.25 43.48
N LYS F 531 -6.42 -21.85 43.60
CA LYS F 531 -7.04 -21.68 44.89
C LYS F 531 -7.83 -22.91 45.35
N VAL F 532 -7.82 -24.00 44.58
CA VAL F 532 -8.65 -25.14 44.93
C VAL F 532 -7.83 -26.42 44.90
N SER F 533 -6.66 -26.37 44.27
CA SER F 533 -5.81 -27.56 44.13
C SER F 533 -4.37 -27.36 44.56
N GLY F 534 -3.84 -26.14 44.53
CA GLY F 534 -2.46 -25.89 44.85
C GLY F 534 -1.51 -26.10 43.70
N GLU F 535 -1.99 -26.54 42.55
CA GLU F 535 -1.17 -26.72 41.37
C GLU F 535 -0.96 -25.37 40.66
N ARG F 536 -0.09 -25.36 39.66
CA ARG F 536 0.23 -24.17 38.89
C ARG F 536 0.32 -24.55 37.42
N LEU F 537 -0.79 -24.39 36.71
CA LEU F 537 -0.91 -24.76 35.31
C LEU F 537 -1.21 -23.52 34.46
N THR F 538 -1.07 -23.70 33.15
CA THR F 538 -1.45 -22.64 32.20
C THR F 538 -2.98 -22.51 32.16
N TRP F 539 -3.46 -21.56 31.36
CA TRP F 539 -4.88 -21.23 31.41
C TRP F 539 -5.73 -22.30 30.72
N ALA F 540 -5.29 -22.81 29.58
CA ALA F 540 -6.07 -23.82 28.87
C ALA F 540 -6.18 -25.10 29.70
N ALA F 541 -5.04 -25.64 30.13
CA ALA F 541 -5.05 -26.84 30.96
C ALA F 541 -5.85 -26.62 32.23
N SER F 542 -5.82 -25.40 32.78
CA SER F 542 -6.69 -25.08 33.90
C SER F 542 -8.16 -25.18 33.52
N MET F 543 -8.49 -24.77 32.29
CA MET F 543 -9.89 -24.85 31.86
C MET F 543 -10.36 -26.30 31.80
N GLU F 544 -9.59 -27.17 31.16
CA GLU F 544 -10.01 -28.58 31.14
C GLU F 544 -9.99 -29.20 32.54
N SER F 545 -9.02 -28.82 33.37
CA SER F 545 -8.96 -29.37 34.72
C SER F 545 -10.22 -28.99 35.50
N LEU F 546 -10.61 -27.72 35.44
CA LEU F 546 -11.82 -27.28 36.13
C LEU F 546 -13.06 -27.94 35.56
N GLU F 547 -13.12 -28.11 34.24
CA GLU F 547 -14.27 -28.77 33.63
C GLU F 547 -14.42 -30.19 34.15
N PHE F 548 -13.31 -30.96 34.14
CA PHE F 548 -13.36 -32.33 34.63
C PHE F 548 -13.71 -32.38 36.11
N TYR F 549 -13.12 -31.49 36.90
CA TYR F 549 -13.38 -31.49 38.34
C TYR F 549 -14.83 -31.21 38.64
N PHE F 550 -15.43 -30.24 37.94
CA PHE F 550 -16.83 -29.91 38.19
C PHE F 550 -17.79 -30.91 37.58
N LYS F 551 -17.36 -31.69 36.58
CA LYS F 551 -18.29 -32.60 35.93
C LYS F 551 -18.27 -34.00 36.52
N ARG F 552 -17.10 -34.60 36.71
CA ARG F 552 -17.02 -36.04 36.93
C ARG F 552 -16.62 -36.46 38.34
N VAL F 553 -16.06 -35.57 39.14
CA VAL F 553 -15.67 -35.96 40.51
C VAL F 553 -16.93 -36.19 41.33
N PRO F 554 -17.07 -37.34 42.01
CA PRO F 554 -18.30 -37.62 42.75
C PRO F 554 -18.50 -36.65 43.91
N LYS F 555 -19.78 -36.45 44.26
CA LYS F 555 -20.15 -35.47 45.27
C LYS F 555 -19.73 -35.86 46.67
N ASN F 556 -19.32 -37.11 46.89
CA ASN F 556 -18.88 -37.55 48.21
C ASN F 556 -17.45 -37.14 48.53
N LYS F 557 -16.72 -36.58 47.57
CA LYS F 557 -15.31 -36.24 47.73
C LYS F 557 -15.03 -34.84 47.22
N LYS F 558 -15.89 -33.88 47.57
CA LYS F 558 -15.73 -32.50 47.14
C LYS F 558 -16.09 -31.58 48.31
N LYS F 559 -16.21 -30.30 48.01
CA LYS F 559 -16.62 -29.29 48.97
C LYS F 559 -17.18 -28.10 48.21
N THR F 560 -18.26 -27.52 48.72
CA THR F 560 -18.90 -26.40 48.04
C THR F 560 -17.97 -25.20 47.96
N ILE F 561 -18.06 -24.48 46.85
CA ILE F 561 -17.19 -23.34 46.56
C ILE F 561 -18.05 -22.14 46.21
N VAL F 562 -17.68 -20.97 46.74
CA VAL F 562 -18.44 -19.74 46.54
C VAL F 562 -17.53 -18.77 45.80
N VAL F 563 -17.70 -18.67 44.48
CA VAL F 563 -16.92 -17.73 43.67
C VAL F 563 -17.62 -16.38 43.69
N LEU F 564 -16.85 -15.31 43.51
CA LEU F 564 -17.36 -13.95 43.59
C LEU F 564 -16.83 -13.14 42.38
N LEU F 565 -17.06 -13.68 41.19
CA LEU F 565 -16.76 -12.97 39.96
C LEU F 565 -17.21 -11.52 40.05
N ASP F 566 -16.24 -10.60 39.92
CA ASP F 566 -16.48 -9.18 40.15
C ASP F 566 -15.97 -8.39 38.95
N GLU F 567 -16.61 -7.24 38.70
CA GLU F 567 -16.35 -6.42 37.53
C GLU F 567 -16.42 -7.27 36.26
N LEU F 568 -17.56 -7.95 36.10
CA LEU F 568 -17.71 -8.96 35.06
C LEU F 568 -17.59 -8.36 33.67
N ASP F 569 -17.93 -7.08 33.50
CA ASP F 569 -17.92 -6.47 32.17
C ASP F 569 -16.52 -6.31 31.60
N ALA F 570 -15.47 -6.46 32.42
CA ALA F 570 -14.11 -6.34 31.94
C ALA F 570 -13.53 -7.66 31.45
N MET F 571 -14.23 -8.78 31.63
CA MET F 571 -13.77 -10.07 31.14
C MET F 571 -14.32 -10.37 29.75
N VAL F 572 -15.61 -10.11 29.52
CA VAL F 572 -16.23 -10.34 28.22
C VAL F 572 -16.08 -9.06 27.41
N THR F 573 -14.92 -8.93 26.77
CA THR F 573 -14.68 -7.81 25.86
C THR F 573 -14.23 -8.24 24.47
N LYS F 574 -13.80 -9.49 24.29
CA LYS F 574 -13.52 -10.05 22.99
C LYS F 574 -14.42 -11.23 22.63
N SER F 575 -14.83 -12.03 23.62
CA SER F 575 -15.72 -13.16 23.40
C SER F 575 -16.42 -13.49 24.70
N GLN F 576 -17.52 -14.23 24.59
CA GLN F 576 -18.32 -14.62 25.74
C GLN F 576 -17.89 -15.94 26.36
N ASP F 577 -16.63 -16.35 26.15
CA ASP F 577 -16.19 -17.67 26.59
C ASP F 577 -16.18 -17.78 28.11
N ILE F 578 -15.58 -16.80 28.79
CA ILE F 578 -15.42 -16.90 30.24
C ILE F 578 -16.78 -16.91 30.93
N MET F 579 -17.66 -15.98 30.54
CA MET F 579 -18.99 -15.91 31.14
C MET F 579 -19.77 -17.18 30.90
N TYR F 580 -19.74 -17.68 29.65
CA TYR F 580 -20.49 -18.89 29.33
C TYR F 580 -20.00 -20.07 30.15
N ASN F 581 -18.69 -20.24 30.24
CA ASN F 581 -18.16 -21.35 31.02
C ASN F 581 -18.55 -21.25 32.49
N PHE F 582 -18.35 -20.06 33.08
CA PHE F 582 -18.61 -19.89 34.51
C PHE F 582 -20.10 -20.07 34.83
N PHE F 583 -20.98 -19.59 33.95
CA PHE F 583 -22.40 -19.77 34.18
C PHE F 583 -22.85 -21.21 33.92
N ASN F 584 -22.24 -21.88 32.95
CA ASN F 584 -22.63 -23.23 32.59
C ASN F 584 -22.16 -24.26 33.60
N TRP F 585 -21.06 -24.01 34.30
CA TRP F 585 -20.58 -24.98 35.28
C TRP F 585 -21.58 -25.19 36.42
N THR F 586 -22.54 -24.30 36.59
CA THR F 586 -23.58 -24.49 37.59
C THR F 586 -24.70 -25.40 37.13
N THR F 587 -24.74 -25.76 35.85
CA THR F 587 -25.79 -26.63 35.34
C THR F 587 -25.55 -28.10 35.72
N TYR F 588 -24.29 -28.51 35.83
CA TYR F 588 -23.98 -29.91 36.08
C TYR F 588 -24.49 -30.35 37.44
N GLU F 589 -24.92 -31.62 37.51
CA GLU F 589 -25.45 -32.15 38.75
C GLU F 589 -24.35 -32.43 39.76
N ASN F 590 -23.21 -32.96 39.30
CA ASN F 590 -22.13 -33.33 40.21
C ASN F 590 -21.43 -32.11 40.81
N ALA F 591 -21.52 -30.96 40.17
CA ALA F 591 -20.87 -29.77 40.69
C ALA F 591 -21.62 -29.24 41.91
N LYS F 592 -20.92 -28.43 42.70
CA LYS F 592 -21.46 -27.81 43.90
C LYS F 592 -21.08 -26.33 43.93
N LEU F 593 -21.27 -25.65 42.81
CA LEU F 593 -20.79 -24.28 42.62
C LEU F 593 -21.91 -23.28 42.87
N ILE F 594 -21.54 -22.15 43.48
CA ILE F 594 -22.46 -21.07 43.79
C ILE F 594 -21.79 -19.79 43.32
N VAL F 595 -22.17 -19.30 42.14
CA VAL F 595 -21.53 -18.16 41.52
C VAL F 595 -22.32 -16.90 41.85
N ILE F 596 -21.62 -15.83 42.22
CA ILE F 596 -22.21 -14.52 42.44
C ILE F 596 -21.45 -13.53 41.57
N ALA F 597 -22.13 -12.94 40.59
CA ALA F 597 -21.51 -12.04 39.64
C ALA F 597 -22.17 -10.67 39.72
N VAL F 598 -21.36 -9.62 39.87
CA VAL F 598 -21.84 -8.26 39.96
C VAL F 598 -21.39 -7.50 38.72
N ALA F 599 -22.19 -6.51 38.32
CA ALA F 599 -21.91 -5.79 37.09
C ALA F 599 -22.66 -4.45 37.10
N ASN F 600 -22.34 -3.63 36.10
CA ASN F 600 -22.95 -2.32 35.97
C ASN F 600 -24.31 -2.39 35.28
N THR F 601 -24.34 -2.88 34.05
CA THR F 601 -25.58 -2.95 33.29
C THR F 601 -26.40 -4.17 33.71
N MET F 602 -27.72 -4.02 33.64
CA MET F 602 -28.61 -5.10 34.04
C MET F 602 -28.65 -6.21 33.00
N ASP F 603 -29.06 -5.88 31.78
CA ASP F 603 -29.26 -6.88 30.73
C ASP F 603 -27.97 -7.08 29.92
N LEU F 604 -26.90 -7.41 30.63
CA LEU F 604 -25.62 -7.64 30.00
C LEU F 604 -25.53 -9.05 29.42
N PRO F 605 -25.91 -10.11 30.17
CA PRO F 605 -25.84 -11.46 29.56
C PRO F 605 -26.69 -11.61 28.31
N GLU F 606 -27.88 -11.00 28.28
CA GLU F 606 -28.72 -11.08 27.09
C GLU F 606 -28.02 -10.48 25.88
N ARG F 607 -27.32 -9.37 26.08
CA ARG F 607 -26.58 -8.74 24.99
C ARG F 607 -25.36 -9.56 24.57
N GLN F 608 -24.98 -10.56 25.37
CA GLN F 608 -23.76 -11.32 25.11
C GLN F 608 -24.04 -12.76 24.70
N LEU F 609 -24.77 -13.51 25.55
CA LEU F 609 -24.95 -14.94 25.29
C LEU F 609 -26.08 -15.18 24.29
N GLY F 610 -27.29 -14.76 24.63
CA GLY F 610 -28.47 -15.05 23.84
C GLY F 610 -29.63 -15.40 24.74
N ASN F 611 -30.84 -15.20 24.22
CA ASN F 611 -32.04 -15.38 25.04
C ASN F 611 -32.24 -16.83 25.44
N LYS F 612 -32.03 -17.77 24.52
CA LYS F 612 -32.34 -19.17 24.82
C LYS F 612 -31.33 -19.77 25.80
N ILE F 613 -30.05 -19.45 25.66
CA ILE F 613 -29.05 -19.95 26.60
C ILE F 613 -29.31 -19.41 27.99
N THR F 614 -29.63 -18.10 28.09
CA THR F 614 -29.94 -17.51 29.38
C THR F 614 -31.18 -18.14 30.00
N SER F 615 -32.21 -18.40 29.19
CA SER F 615 -33.40 -19.07 29.69
C SER F 615 -33.06 -20.46 30.19
N ARG F 616 -32.18 -21.18 29.49
CA ARG F 616 -31.76 -22.50 29.96
C ARG F 616 -31.04 -22.42 31.29
N ILE F 617 -30.14 -21.45 31.44
CA ILE F 617 -29.33 -21.36 32.65
C ILE F 617 -30.20 -21.08 33.87
N GLY F 618 -31.05 -20.05 33.78
CA GLY F 618 -32.00 -19.77 34.84
C GLY F 618 -31.38 -19.32 36.14
N PHE F 619 -30.78 -18.13 36.16
CA PHE F 619 -30.18 -17.57 37.36
C PHE F 619 -31.14 -16.63 38.06
N THR F 620 -30.71 -16.11 39.20
CA THR F 620 -31.46 -15.10 39.93
C THR F 620 -30.92 -13.72 39.61
N ARG F 621 -31.82 -12.74 39.55
CA ARG F 621 -31.47 -11.37 39.16
C ARG F 621 -31.81 -10.40 40.28
N ILE F 622 -30.89 -9.48 40.57
CA ILE F 622 -31.10 -8.43 41.56
C ILE F 622 -30.58 -7.11 41.02
N MET F 623 -31.34 -6.04 41.25
CA MET F 623 -30.99 -4.68 40.84
C MET F 623 -30.80 -3.81 42.08
N PHE F 624 -29.72 -3.04 42.09
CA PHE F 624 -29.41 -2.13 43.18
C PHE F 624 -29.69 -0.70 42.72
N THR F 625 -30.77 -0.10 43.22
CA THR F 625 -31.09 1.27 42.89
C THR F 625 -30.21 2.22 43.69
N GLY F 626 -30.15 3.47 43.22
CA GLY F 626 -29.35 4.48 43.88
C GLY F 626 -29.92 4.87 45.23
N TYR F 627 -29.16 5.70 45.93
CA TYR F 627 -29.55 6.16 47.25
C TYR F 627 -30.45 7.39 47.15
N THR F 628 -31.06 7.75 48.28
CA THR F 628 -31.88 8.94 48.41
C THR F 628 -31.26 9.87 49.44
N HIS F 629 -31.87 11.04 49.60
CA HIS F 629 -31.32 12.04 50.50
C HIS F 629 -31.58 11.75 51.97
N GLU F 630 -32.36 10.71 52.27
CA GLU F 630 -32.55 10.29 53.66
C GLU F 630 -31.59 9.17 54.05
N GLU F 631 -31.43 8.17 53.18
CA GLU F 631 -30.53 7.06 53.48
C GLU F 631 -29.08 7.54 53.55
N LEU F 632 -28.70 8.47 52.68
CA LEU F 632 -27.33 9.00 52.71
C LEU F 632 -27.07 9.75 54.02
N LYS F 633 -28.03 10.57 54.45
CA LYS F 633 -27.88 11.26 55.73
C LYS F 633 -27.83 10.28 56.89
N ASN F 634 -28.62 9.21 56.81
CA ASN F 634 -28.58 8.19 57.85
C ASN F 634 -27.21 7.53 57.91
N ILE F 635 -26.62 7.23 56.74
CA ILE F 635 -25.29 6.64 56.70
C ILE F 635 -24.27 7.57 57.34
N ILE F 636 -24.30 8.84 56.94
CA ILE F 636 -23.33 9.80 57.46
C ILE F 636 -23.48 9.97 58.97
N ASP F 637 -24.73 10.06 59.45
CA ASP F 637 -24.97 10.20 60.88
C ASP F 637 -24.53 8.97 61.65
N LEU F 638 -24.78 7.78 61.10
CA LEU F 638 -24.36 6.54 61.75
C LEU F 638 -22.84 6.47 61.85
N ARG F 639 -22.13 6.89 60.81
CA ARG F 639 -20.68 6.84 60.85
C ARG F 639 -20.08 7.81 61.86
N LEU F 640 -20.86 8.75 62.39
CA LEU F 640 -20.41 9.68 63.42
C LEU F 640 -21.41 9.64 64.57
N LYS F 641 -21.22 8.72 65.51
CA LYS F 641 -22.10 8.58 66.66
C LYS F 641 -21.39 8.92 67.96
N GLY F 642 -20.30 8.25 68.27
CA GLY F 642 -19.58 8.54 69.51
C GLY F 642 -18.91 9.89 69.50
N LEU F 643 -18.36 10.30 68.35
CA LEU F 643 -17.59 11.54 68.28
C LEU F 643 -18.48 12.77 68.41
N ASN F 644 -19.60 12.78 67.71
CA ASN F 644 -20.45 13.97 67.69
C ASN F 644 -20.99 14.28 69.08
N ASP F 645 -20.94 15.56 69.45
CA ASP F 645 -21.41 16.04 70.74
C ASP F 645 -20.75 15.28 71.89
N SER F 646 -19.42 15.38 71.95
CA SER F 646 -18.64 14.73 73.00
C SER F 646 -17.73 15.74 73.68
N PHE F 647 -16.84 15.26 74.55
CA PHE F 647 -15.91 16.11 75.28
C PHE F 647 -14.49 15.63 75.04
N PHE F 648 -13.56 16.57 74.92
CA PHE F 648 -12.16 16.29 74.64
C PHE F 648 -11.27 17.11 75.55
N TYR F 649 -10.18 16.48 76.02
CA TYR F 649 -9.10 17.18 76.71
C TYR F 649 -8.08 17.62 75.66
N VAL F 650 -7.79 18.91 75.64
CA VAL F 650 -6.89 19.50 74.65
C VAL F 650 -5.77 20.22 75.37
N ASP F 651 -4.53 19.90 75.02
CA ASP F 651 -3.37 20.61 75.54
C ASP F 651 -3.14 21.88 74.73
N THR F 652 -2.95 22.99 75.43
CA THR F 652 -2.84 24.28 74.76
C THR F 652 -1.50 24.45 74.04
N LYS F 653 -0.42 23.93 74.64
CA LYS F 653 0.91 24.15 74.08
C LYS F 653 1.07 23.49 72.71
N THR F 654 0.68 22.21 72.61
CA THR F 654 0.86 21.45 71.38
C THR F 654 -0.43 21.38 70.56
N GLY F 655 -1.52 20.90 71.18
CA GLY F 655 -2.78 20.77 70.47
C GLY F 655 -3.30 19.35 70.47
N ASN F 656 -2.65 18.47 71.20
CA ASN F 656 -3.07 17.07 71.27
C ASN F 656 -4.44 16.96 71.92
N ALA F 657 -5.27 16.05 71.39
CA ALA F 657 -6.63 15.86 71.86
C ALA F 657 -6.81 14.43 72.34
N ILE F 658 -7.51 14.28 73.46
CA ILE F 658 -7.77 12.98 74.06
C ILE F 658 -9.27 12.88 74.38
N LEU F 659 -9.89 11.79 73.95
CA LEU F 659 -11.30 11.57 74.26
C LEU F 659 -11.47 11.21 75.73
N ILE F 660 -12.53 11.71 76.35
CA ILE F 660 -12.81 11.42 77.75
C ILE F 660 -13.31 9.99 77.90
N ASP F 676 -2.88 24.79 81.57
CA ASP F 676 -2.63 23.36 81.49
C ASP F 676 -3.37 22.74 80.31
N VAL F 677 -4.58 22.23 80.57
CA VAL F 677 -5.40 21.61 79.54
C VAL F 677 -6.81 22.20 79.61
N ARG F 678 -7.54 22.04 78.52
CA ARG F 678 -8.89 22.57 78.41
C ARG F 678 -9.85 21.46 78.03
N LYS F 679 -11.12 21.65 78.37
CA LYS F 679 -12.19 20.74 78.00
C LYS F 679 -13.03 21.41 76.91
N VAL F 680 -13.11 20.75 75.75
CA VAL F 680 -13.80 21.31 74.60
C VAL F 680 -14.80 20.30 74.06
N ARG F 681 -15.63 20.75 73.13
CA ARG F 681 -16.63 19.91 72.49
C ARG F 681 -16.49 20.01 70.98
N LEU F 682 -16.96 18.96 70.30
CA LEU F 682 -17.01 18.93 68.85
C LEU F 682 -18.47 18.76 68.42
N ARG F 683 -18.92 19.62 67.51
CA ARG F 683 -20.28 19.58 67.01
C ARG F 683 -20.28 19.66 65.49
N MET F 684 -21.23 18.97 64.87
CA MET F 684 -21.46 19.03 63.44
C MET F 684 -22.92 19.39 63.21
N SER F 685 -23.17 20.51 62.55
CA SER F 685 -24.53 20.99 62.36
C SER F 685 -25.28 20.05 61.41
N ALA F 686 -26.48 19.64 61.84
CA ALA F 686 -27.28 18.72 61.03
C ALA F 686 -27.70 19.36 59.71
N ASP F 687 -27.78 20.69 59.66
CA ASP F 687 -28.13 21.36 58.42
C ASP F 687 -27.06 21.12 57.35
N ALA F 688 -25.79 21.14 57.74
CA ALA F 688 -24.72 20.88 56.78
C ALA F 688 -24.81 19.47 56.22
N ILE F 689 -25.05 18.49 57.09
CA ILE F 689 -25.19 17.11 56.64
C ILE F 689 -26.38 16.98 55.70
N GLU F 690 -27.51 17.61 56.06
CA GLU F 690 -28.70 17.52 55.23
C GLU F 690 -28.47 18.14 53.86
N ILE F 691 -27.84 19.31 53.80
CA ILE F 691 -27.63 19.96 52.50
C ILE F 691 -26.63 19.18 51.67
N ALA F 692 -25.58 18.62 52.29
CA ALA F 692 -24.64 17.81 51.54
C ALA F 692 -25.31 16.56 50.97
N SER F 693 -26.13 15.88 51.78
CA SER F 693 -26.82 14.70 51.30
C SER F 693 -27.81 15.05 50.19
N ARG F 694 -28.53 16.16 50.35
CA ARG F 694 -29.50 16.57 49.34
C ARG F 694 -28.81 16.88 48.02
N LYS F 695 -27.65 17.54 48.06
CA LYS F 695 -26.95 17.85 46.83
C LYS F 695 -26.35 16.61 46.18
N VAL F 696 -25.74 15.73 46.98
CA VAL F 696 -25.09 14.56 46.40
C VAL F 696 -26.12 13.59 45.83
N ALA F 697 -27.18 13.31 46.60
CA ALA F 697 -28.19 12.36 46.15
C ALA F 697 -28.96 12.84 44.93
N SER F 698 -29.02 14.16 44.72
CA SER F 698 -29.79 14.69 43.60
C SER F 698 -29.14 14.34 42.26
N VAL F 699 -27.80 14.36 42.20
CA VAL F 699 -27.10 14.23 40.92
C VAL F 699 -26.72 12.79 40.63
N SER F 700 -26.10 12.10 41.59
CA SER F 700 -25.57 10.76 41.33
C SER F 700 -26.22 9.69 42.20
N GLY F 701 -26.26 9.88 43.51
CA GLY F 701 -26.68 8.84 44.43
C GLY F 701 -25.55 8.10 45.10
N ASP F 702 -24.30 8.53 44.90
CA ASP F 702 -23.15 7.88 45.49
C ASP F 702 -23.18 8.00 47.02
N ALA F 703 -22.30 7.25 47.67
CA ALA F 703 -21.98 7.44 49.07
C ALA F 703 -20.53 7.84 49.29
N ARG F 704 -19.63 7.38 48.44
CA ARG F 704 -18.23 7.78 48.52
C ARG F 704 -18.09 9.28 48.39
N ARG F 705 -18.82 9.88 47.46
CA ARG F 705 -18.69 11.32 47.22
C ARG F 705 -19.22 12.12 48.42
N ALA F 706 -20.33 11.69 49.01
CA ALA F 706 -20.83 12.37 50.20
C ALA F 706 -19.85 12.27 51.36
N LEU F 707 -19.28 11.08 51.57
CA LEU F 707 -18.28 10.92 52.62
C LEU F 707 -17.08 11.81 52.37
N LYS F 708 -16.62 11.88 51.12
CA LYS F 708 -15.46 12.70 50.79
C LYS F 708 -15.76 14.18 50.95
N VAL F 709 -16.99 14.61 50.64
CA VAL F 709 -17.37 16.01 50.81
C VAL F 709 -17.34 16.37 52.30
N CYS F 710 -17.91 15.52 53.14
CA CYS F 710 -17.88 15.79 54.57
C CYS F 710 -16.44 15.81 55.09
N LYS F 711 -15.61 14.87 54.62
CA LYS F 711 -14.21 14.84 55.04
C LYS F 711 -13.47 16.11 54.61
N ARG F 712 -13.74 16.59 53.40
CA ARG F 712 -13.08 17.80 52.93
C ARG F 712 -13.52 19.02 53.72
N ALA F 713 -14.80 19.11 54.08
CA ALA F 713 -15.25 20.20 54.94
C ALA F 713 -14.54 20.16 56.28
N ALA F 714 -14.42 18.97 56.88
CA ALA F 714 -13.71 18.84 58.14
C ALA F 714 -12.24 19.24 57.98
N GLU F 715 -11.63 18.87 56.86
CA GLU F 715 -10.23 19.22 56.63
C GLU F 715 -10.05 20.72 56.51
N ILE F 716 -10.97 21.40 55.81
CA ILE F 716 -10.90 22.85 55.70
C ILE F 716 -11.00 23.50 57.08
N ALA F 717 -11.95 23.03 57.89
CA ALA F 717 -12.10 23.57 59.24
C ALA F 717 -10.83 23.34 60.05
N GLU F 718 -10.23 22.15 59.93
CA GLU F 718 -9.00 21.86 60.67
C GLU F 718 -7.86 22.76 60.24
N LYS F 719 -7.72 23.00 58.93
CA LYS F 719 -6.68 23.89 58.44
C LYS F 719 -6.86 25.29 59.00
N HIS F 720 -8.09 25.80 58.98
CA HIS F 720 -8.33 27.13 59.53
C HIS F 720 -8.01 27.16 61.02
N TYR F 721 -8.38 26.12 61.76
CA TYR F 721 -8.14 26.07 63.19
C TYR F 721 -6.65 26.12 63.49
N MET F 722 -5.86 25.26 62.84
CA MET F 722 -4.42 25.24 63.09
C MET F 722 -3.77 26.54 62.65
N ALA F 723 -4.21 27.11 61.53
CA ALA F 723 -3.65 28.36 61.06
C ALA F 723 -3.90 29.48 62.07
N LYS F 724 -5.11 29.55 62.62
CA LYS F 724 -5.43 30.59 63.59
C LYS F 724 -4.66 30.40 64.89
N HIS F 725 -4.59 29.17 65.40
CA HIS F 725 -3.96 28.92 66.68
C HIS F 725 -2.44 28.74 66.58
N GLY F 726 -1.88 28.75 65.39
CA GLY F 726 -0.44 28.64 65.23
C GLY F 726 0.15 27.33 65.71
N TYR F 727 -0.52 26.22 65.42
CA TYR F 727 0.00 24.90 65.77
C TYR F 727 0.87 24.38 64.63
N GLY F 728 1.22 23.10 64.68
CA GLY F 728 2.04 22.54 63.63
C GLY F 728 2.04 21.03 63.70
N TYR F 729 2.65 20.42 62.67
CA TYR F 729 2.76 18.98 62.58
C TYR F 729 3.98 18.51 63.35
N ASP F 730 3.77 17.54 64.24
CA ASP F 730 4.85 16.97 65.05
C ASP F 730 5.59 18.04 65.85
N GLY F 769 -13.51 26.96 73.42
CA GLY F 769 -14.95 27.02 73.45
C GLY F 769 -15.61 25.76 72.92
N VAL F 770 -16.29 25.90 71.78
CA VAL F 770 -17.00 24.80 71.14
C VAL F 770 -16.60 24.82 69.67
N GLN F 771 -15.66 23.96 69.29
CA GLN F 771 -15.17 23.91 67.92
C GLN F 771 -16.16 23.12 67.06
N THR F 772 -16.78 23.80 66.10
CA THR F 772 -17.78 23.19 65.24
C THR F 772 -17.38 23.36 63.77
N VAL F 773 -18.21 22.80 62.90
CA VAL F 773 -18.11 23.02 61.46
C VAL F 773 -19.45 23.57 60.98
N HIS F 774 -19.42 24.72 60.34
CA HIS F 774 -20.64 25.39 59.92
C HIS F 774 -21.05 24.95 58.52
N ILE F 775 -22.20 25.44 58.07
CA ILE F 775 -22.64 25.18 56.71
C ILE F 775 -21.73 25.87 55.70
N THR F 776 -21.01 26.91 56.12
CA THR F 776 -20.12 27.61 55.20
C THR F 776 -19.00 26.70 54.71
N HIS F 777 -18.41 25.90 55.61
CA HIS F 777 -17.36 24.99 55.20
C HIS F 777 -17.87 23.96 54.20
N VAL F 778 -19.05 23.40 54.46
CA VAL F 778 -19.61 22.39 53.57
C VAL F 778 -19.92 23.00 52.20
N MET F 779 -20.48 24.21 52.19
CA MET F 779 -20.78 24.87 50.92
C MET F 779 -19.50 25.16 50.15
N LYS F 780 -18.45 25.61 50.84
CA LYS F 780 -17.18 25.88 50.18
C LYS F 780 -16.57 24.61 49.60
N ALA F 781 -16.66 23.51 50.34
CA ALA F 781 -16.11 22.25 49.84
C ALA F 781 -16.96 21.69 48.70
N LEU F 782 -18.26 21.97 48.71
CA LEU F 782 -19.16 21.48 47.67
C LEU F 782 -19.02 22.26 46.38
N ASN F 783 -18.75 23.56 46.47
CA ASN F 783 -18.61 24.38 45.26
C ASN F 783 -17.36 24.03 44.46
N GLU F 784 -16.37 23.39 45.08
CA GLU F 784 -15.13 23.09 44.38
C GLU F 784 -15.28 22.02 43.32
N THR F 785 -16.34 21.20 43.39
CA THR F 785 -16.52 20.11 42.44
C THR F 785 -17.48 20.43 41.31
N LEU F 786 -18.32 21.46 41.47
CA LEU F 786 -19.30 21.81 40.44
C LEU F 786 -18.82 22.93 39.52
N ASN F 787 -18.06 23.89 40.04
CA ASN F 787 -17.62 25.02 39.23
C ASN F 787 -16.56 24.59 38.23
N SER F 788 -16.37 25.41 37.20
CA SER F 788 -15.37 25.19 36.17
C SER F 788 -14.36 26.33 36.20
N HIS F 789 -13.14 26.03 35.76
CA HIS F 789 -12.05 26.98 35.87
C HIS F 789 -11.54 27.41 34.49
N VAL F 790 -12.45 27.69 33.57
CA VAL F 790 -12.09 28.17 32.25
C VAL F 790 -12.20 29.70 32.16
N ILE F 791 -13.28 30.26 32.71
CA ILE F 791 -13.45 31.71 32.70
C ILE F 791 -12.32 32.39 33.45
N THR F 792 -11.98 31.88 34.62
CA THR F 792 -10.85 32.44 35.37
C THR F 792 -9.54 32.26 34.63
N PHE F 793 -9.39 31.14 33.92
CA PHE F 793 -8.17 30.91 33.15
C PHE F 793 -8.02 31.94 32.05
N MET F 794 -9.09 32.25 31.32
CA MET F 794 -9.00 33.23 30.25
C MET F 794 -8.95 34.66 30.77
N THR F 795 -9.52 34.94 31.94
CA THR F 795 -9.46 36.33 32.41
C THR F 795 -8.06 36.73 32.87
N ARG F 796 -7.05 35.87 32.72
CA ARG F 796 -5.69 36.18 33.11
C ARG F 796 -4.69 35.87 31.99
N LEU F 797 -5.16 35.56 30.79
CA LEU F 797 -4.27 35.24 29.68
C LEU F 797 -3.59 36.51 29.17
N SER F 798 -2.59 36.30 28.31
CA SER F 798 -1.86 37.40 27.71
C SER F 798 -2.75 38.16 26.72
N PHE F 799 -2.25 39.32 26.29
CA PHE F 799 -3.03 40.14 25.35
C PHE F 799 -3.14 39.47 23.98
N THR F 800 -2.07 38.82 23.52
CA THR F 800 -2.09 38.21 22.20
C THR F 800 -3.09 37.06 22.13
N ALA F 801 -3.16 36.23 23.18
CA ALA F 801 -4.13 35.13 23.18
C ALA F 801 -5.56 35.66 23.16
N LYS F 802 -5.83 36.72 23.93
CA LYS F 802 -7.16 37.31 23.92
C LYS F 802 -7.48 37.91 22.56
N LEU F 803 -6.49 38.50 21.89
CA LEU F 803 -6.70 39.00 20.53
C LEU F 803 -7.02 37.85 19.58
N PHE F 804 -6.34 36.72 19.72
CA PHE F 804 -6.63 35.55 18.90
C PHE F 804 -8.06 35.07 19.10
N ILE F 805 -8.48 34.98 20.37
CA ILE F 805 -9.85 34.53 20.66
C ILE F 805 -10.86 35.52 20.10
N TYR F 806 -10.59 36.81 20.24
CA TYR F 806 -11.49 37.84 19.71
C TYR F 806 -11.62 37.74 18.20
N ALA F 807 -10.51 37.53 17.49
CA ALA F 807 -10.57 37.39 16.04
C ALA F 807 -11.35 36.14 15.64
N LEU F 808 -11.14 35.03 16.35
CA LEU F 808 -11.88 33.82 16.05
C LEU F 808 -13.38 34.02 16.26
N LEU F 809 -13.76 34.68 17.35
CA LEU F 809 -15.17 34.95 17.61
C LEU F 809 -15.76 35.87 16.53
N ASN F 810 -15.00 36.88 16.11
CA ASN F 810 -15.50 37.77 15.07
C ASN F 810 -15.71 37.03 13.76
N LEU F 811 -14.78 36.16 13.39
CA LEU F 811 -14.96 35.39 12.16
C LEU F 811 -16.15 34.44 12.26
N MET F 812 -16.33 33.82 13.42
CA MET F 812 -17.49 32.95 13.62
C MET F 812 -18.79 33.72 13.58
N LYS F 813 -18.80 34.98 14.02
CA LYS F 813 -20.01 35.80 13.98
C LYS F 813 -20.37 36.26 12.57
N LYS F 814 -19.47 36.11 11.60
CA LYS F 814 -19.77 36.44 10.22
C LYS F 814 -20.06 35.20 9.38
N ASN F 815 -19.14 34.22 9.37
CA ASN F 815 -19.36 33.04 8.54
C ASN F 815 -20.37 32.10 9.18
N GLY F 816 -20.34 31.98 10.51
CA GLY F 816 -21.21 31.02 11.19
C GLY F 816 -20.95 29.60 10.76
N SER F 817 -19.67 29.22 10.70
CA SER F 817 -19.28 27.91 10.19
C SER F 817 -18.69 26.99 11.26
N GLN F 818 -18.31 27.52 12.42
CA GLN F 818 -17.82 26.79 13.58
C GLN F 818 -16.45 26.18 13.35
N GLU F 819 -15.86 26.33 12.16
CA GLU F 819 -14.57 25.74 11.82
C GLU F 819 -13.85 26.70 10.88
N GLN F 820 -12.93 27.49 11.42
CA GLN F 820 -12.34 28.59 10.68
C GLN F 820 -10.96 28.24 10.14
N GLU F 821 -10.56 28.93 9.08
CA GLU F 821 -9.23 28.79 8.52
C GLU F 821 -8.28 29.74 9.23
N LEU F 822 -7.01 29.34 9.28
CA LEU F 822 -6.04 30.07 10.09
C LEU F 822 -5.59 31.36 9.40
N GLY F 823 -5.43 31.33 8.08
CA GLY F 823 -5.08 32.54 7.36
C GLY F 823 -6.13 33.62 7.49
N ASP F 824 -7.41 33.21 7.53
CA ASP F 824 -8.47 34.18 7.77
C ASP F 824 -8.31 34.83 9.14
N ILE F 825 -7.92 34.07 10.15
CA ILE F 825 -7.67 34.63 11.47
C ILE F 825 -6.52 35.64 11.42
N VAL F 826 -5.45 35.30 10.70
CA VAL F 826 -4.31 36.21 10.60
C VAL F 826 -4.74 37.51 9.93
N ASP F 827 -5.48 37.40 8.83
CA ASP F 827 -5.93 38.60 8.12
C ASP F 827 -6.88 39.42 8.98
N GLU F 828 -7.75 38.77 9.73
CA GLU F 828 -8.65 39.50 10.62
C GLU F 828 -7.89 40.23 11.70
N ILE F 829 -6.85 39.60 12.26
CA ILE F 829 -6.03 40.27 13.26
C ILE F 829 -5.35 41.49 12.67
N LYS F 830 -4.79 41.36 11.47
CA LYS F 830 -4.14 42.49 10.82
C LYS F 830 -5.13 43.62 10.56
N LEU F 831 -6.32 43.29 10.08
CA LEU F 831 -7.33 44.31 9.82
C LEU F 831 -7.78 45.00 11.10
N LEU F 832 -7.96 44.22 12.17
CA LEU F 832 -8.34 44.81 13.46
C LEU F 832 -7.27 45.76 13.96
N ILE F 833 -6.00 45.39 13.81
CA ILE F 833 -4.92 46.27 14.23
C ILE F 833 -4.89 47.54 13.40
N GLU F 834 -5.05 47.41 12.07
CA GLU F 834 -4.87 48.56 11.19
C GLU F 834 -6.11 49.46 11.10
N VAL F 835 -7.28 49.01 11.55
CA VAL F 835 -8.47 49.84 11.45
C VAL F 835 -8.72 50.68 12.69
N ASN F 836 -8.21 50.26 13.84
CA ASN F 836 -8.37 50.99 15.10
C ASN F 836 -7.14 51.81 15.45
N GLY F 837 -6.39 52.28 14.45
CA GLY F 837 -5.14 52.97 14.71
C GLY F 837 -5.33 54.39 15.21
N SER F 838 -6.23 54.58 16.16
CA SER F 838 -6.41 55.86 16.83
C SER F 838 -6.60 55.73 18.33
N ASN F 839 -6.67 54.52 18.86
CA ASN F 839 -6.77 54.31 20.30
C ASN F 839 -5.37 54.25 20.90
N LYS F 840 -5.20 54.88 22.06
CA LYS F 840 -3.87 55.08 22.63
C LYS F 840 -3.14 53.75 22.84
N PHE F 841 -3.81 52.78 23.47
CA PHE F 841 -3.17 51.51 23.79
C PHE F 841 -2.73 50.79 22.52
N VAL F 842 -3.63 50.66 21.55
CA VAL F 842 -3.27 49.97 20.31
C VAL F 842 -2.37 50.83 19.44
N MET F 843 -2.35 52.15 19.67
CA MET F 843 -1.42 53.01 18.94
C MET F 843 0.02 52.78 19.42
N GLU F 844 0.21 52.60 20.72
CA GLU F 844 1.55 52.39 21.26
C GLU F 844 1.94 50.92 21.38
N ILE F 845 1.02 50.00 21.12
CA ILE F 845 1.37 48.57 21.14
C ILE F 845 1.78 48.04 19.77
N ALA F 846 1.57 48.81 18.70
CA ALA F 846 1.82 48.30 17.35
C ALA F 846 3.28 47.96 17.13
N LYS F 847 4.19 48.82 17.58
CA LYS F 847 5.61 48.58 17.37
C LYS F 847 6.08 47.35 18.15
N THR F 848 5.63 47.21 19.40
CA THR F 848 5.99 46.04 20.19
C THR F 848 5.33 44.77 19.67
N LEU F 849 4.25 44.90 18.90
CA LEU F 849 3.58 43.73 18.36
C LEU F 849 4.11 43.30 17.01
N PHE F 850 4.69 44.22 16.22
CA PHE F 850 5.14 43.90 14.88
C PHE F 850 6.65 43.92 14.69
N GLN F 851 7.38 44.70 15.48
CA GLN F 851 8.83 44.78 15.35
C GLN F 851 9.55 44.56 16.69
N GLN F 852 8.82 44.31 17.76
CA GLN F 852 9.38 44.08 19.09
C GLN F 852 10.23 45.24 19.59
N GLY F 853 9.90 46.46 19.18
CA GLY F 853 10.46 47.65 19.78
C GLY F 853 11.81 48.09 19.23
N SER F 854 12.39 47.36 18.30
CA SER F 854 13.69 47.73 17.73
C SER F 854 13.53 48.16 16.28
N ASP F 855 14.48 48.99 15.84
CA ASP F 855 14.46 49.53 14.49
C ASP F 855 15.27 48.71 13.50
N ASN F 856 15.90 47.63 13.95
CA ASN F 856 16.69 46.79 13.08
C ASN F 856 15.97 45.53 12.62
N ILE F 857 14.76 45.27 13.14
CA ILE F 857 13.99 44.11 12.73
C ILE F 857 12.98 44.53 11.67
N SER F 858 12.96 43.80 10.55
CA SER F 858 12.01 44.07 9.50
C SER F 858 10.59 43.75 9.98
N GLU F 859 9.60 44.32 9.30
CA GLU F 859 8.21 44.14 9.68
C GLU F 859 7.82 42.67 9.50
N GLN F 860 7.30 42.07 10.57
CA GLN F 860 6.98 40.65 10.56
C GLN F 860 5.68 40.39 9.82
N LEU F 861 5.46 39.12 9.51
CA LEU F 861 4.29 38.74 8.71
C LEU F 861 3.10 38.29 9.52
N ARG F 862 3.28 37.63 10.66
CA ARG F 862 2.15 37.09 11.40
C ARG F 862 1.88 37.86 12.69
N ILE F 863 2.74 37.72 13.69
CA ILE F 863 2.70 38.50 14.92
C ILE F 863 3.91 38.06 15.74
N ILE F 864 4.36 38.89 16.68
CA ILE F 864 5.30 38.41 17.67
C ILE F 864 4.60 37.42 18.60
N SER F 865 5.23 36.26 18.82
CA SER F 865 4.69 35.21 19.70
C SER F 865 3.40 34.61 19.14
N TRP F 866 3.45 34.15 17.89
CA TRP F 866 2.30 33.48 17.27
C TRP F 866 2.22 32.02 17.70
N ASP F 867 3.28 31.25 17.43
CA ASP F 867 3.27 29.82 17.75
C ASP F 867 3.15 29.60 19.25
N PHE F 868 3.73 30.49 20.06
CA PHE F 868 3.65 30.32 21.50
C PHE F 868 2.20 30.34 21.99
N VAL F 869 1.44 31.38 21.61
CA VAL F 869 0.06 31.47 22.06
C VAL F 869 -0.80 30.40 21.39
N LEU F 870 -0.51 30.06 20.13
CA LEU F 870 -1.26 29.00 19.48
C LEU F 870 -1.13 27.69 20.24
N ASN F 871 0.10 27.30 20.58
CA ASN F 871 0.30 26.05 21.29
C ASN F 871 -0.17 26.13 22.73
N GLN F 872 -0.10 27.32 23.35
CA GLN F 872 -0.61 27.47 24.70
C GLN F 872 -2.12 27.25 24.75
N LEU F 873 -2.84 27.77 23.75
CA LEU F 873 -4.28 27.53 23.70
C LEU F 873 -4.60 26.10 23.29
N LEU F 874 -3.79 25.51 22.40
CA LEU F 874 -4.11 24.17 21.92
C LEU F 874 -3.81 23.10 22.98
N ASP F 875 -2.82 23.35 23.84
CA ASP F 875 -2.46 22.34 24.85
C ASP F 875 -3.48 22.29 25.97
N ALA F 876 -3.98 23.45 26.40
CA ALA F 876 -4.88 23.51 27.55
C ALA F 876 -6.23 22.85 27.29
N GLY F 877 -6.55 22.52 26.04
CA GLY F 877 -7.82 21.90 25.73
C GLY F 877 -8.88 22.92 25.38
N ILE F 878 -8.48 23.96 24.65
CA ILE F 878 -9.40 25.00 24.23
C ILE F 878 -9.60 25.04 22.72
N LEU F 879 -8.60 24.66 21.93
CA LEU F 879 -8.72 24.65 20.48
C LEU F 879 -8.54 23.24 19.97
N PHE F 880 -9.10 22.97 18.80
CA PHE F 880 -8.86 21.74 18.08
C PHE F 880 -8.42 22.09 16.67
N LYS F 881 -7.28 21.57 16.25
CA LYS F 881 -6.68 21.86 14.96
C LYS F 881 -6.38 20.56 14.22
N GLN F 882 -6.91 20.44 13.01
CA GLN F 882 -6.63 19.26 12.21
C GLN F 882 -5.19 19.30 11.69
N THR F 883 -4.69 18.13 11.31
CA THR F 883 -3.29 17.96 10.95
C THR F 883 -3.14 18.08 9.44
N MET F 884 -2.54 19.18 9.00
CA MET F 884 -2.15 19.38 7.61
C MET F 884 -0.85 20.15 7.57
N LYS F 885 0.02 19.80 6.63
CA LYS F 885 1.33 20.44 6.56
C LYS F 885 1.28 21.85 5.98
N ASN F 886 0.20 22.21 5.29
CA ASN F 886 0.01 23.57 4.81
C ASN F 886 -0.56 24.41 5.95
N ASP F 887 0.19 25.45 6.36
CA ASP F 887 -0.12 26.21 7.57
C ASP F 887 -0.86 27.50 7.22
N ARG F 888 -1.70 27.46 6.18
CA ARG F 888 -2.47 28.63 5.80
C ARG F 888 -3.94 28.25 5.63
N ILE F 889 -4.20 26.97 5.40
CA ILE F 889 -5.56 26.47 5.22
C ILE F 889 -5.95 25.49 6.31
N CYS F 890 -5.14 25.34 7.36
CA CYS F 890 -5.50 24.48 8.48
C CYS F 890 -6.73 25.05 9.18
N CYS F 891 -7.62 24.14 9.60
CA CYS F 891 -8.89 24.51 10.20
C CYS F 891 -8.84 24.31 11.71
N VAL F 892 -9.30 25.32 12.45
CA VAL F 892 -9.34 25.27 13.91
C VAL F 892 -10.78 25.51 14.36
N LYS F 893 -11.09 24.98 15.54
CA LYS F 893 -12.42 25.12 16.11
C LYS F 893 -12.33 25.18 17.62
N LEU F 894 -13.35 25.81 18.22
CA LEU F 894 -13.44 25.92 19.67
C LEU F 894 -13.88 24.60 20.29
N ASN F 895 -13.74 24.50 21.61
CA ASN F 895 -14.15 23.30 22.33
C ASN F 895 -14.82 23.60 23.66
N ILE F 896 -15.20 24.85 23.92
CA ILE F 896 -15.83 25.22 25.18
C ILE F 896 -17.15 25.94 24.93
N SER F 897 -17.79 25.64 23.79
CA SER F 897 -18.98 26.36 23.35
C SER F 897 -18.63 27.82 23.08
N VAL F 898 -19.63 28.69 23.02
CA VAL F 898 -19.40 30.07 22.62
C VAL F 898 -19.72 31.08 23.70
N GLU F 899 -20.66 30.81 24.60
CA GLU F 899 -21.04 31.83 25.59
C GLU F 899 -19.91 32.10 26.57
N GLU F 900 -19.16 31.06 26.94
CA GLU F 900 -18.06 31.24 27.89
C GLU F 900 -16.97 32.14 27.32
N ALA F 901 -16.63 31.95 26.04
CA ALA F 901 -15.64 32.80 25.40
C ALA F 901 -16.14 34.24 25.32
N LYS F 902 -17.43 34.43 25.03
CA LYS F 902 -18.00 35.76 25.00
C LYS F 902 -17.89 36.44 26.36
N ARG F 903 -18.20 35.70 27.43
CA ARG F 903 -18.06 36.27 28.77
C ARG F 903 -16.61 36.63 29.07
N ALA F 904 -15.68 35.74 28.74
CA ALA F 904 -14.27 36.01 29.00
C ALA F 904 -13.79 37.25 28.27
N MET F 905 -14.20 37.41 27.00
CA MET F 905 -13.83 38.61 26.26
C MET F 905 -14.48 39.85 26.85
N ASN F 906 -15.75 39.75 27.28
CA ASN F 906 -16.45 40.90 27.81
C ASN F 906 -15.86 41.35 29.14
N GLU F 907 -15.26 40.43 29.91
CA GLU F 907 -14.64 40.83 31.17
C GLU F 907 -13.40 41.70 30.98
N ASP F 908 -12.87 41.81 29.76
CA ASP F 908 -11.73 42.65 29.49
C ASP F 908 -12.15 44.11 29.36
N GLU F 909 -11.18 45.00 29.22
CA GLU F 909 -11.44 46.43 29.07
C GLU F 909 -11.02 46.94 27.70
N THR F 910 -9.76 46.73 27.30
CA THR F 910 -9.31 47.26 26.02
C THR F 910 -9.98 46.57 24.85
N LEU F 911 -10.28 45.27 24.97
CA LEU F 911 -11.00 44.57 23.91
C LEU F 911 -12.49 44.91 23.95
N ARG F 912 -13.05 45.14 25.13
CA ARG F 912 -14.45 45.53 25.22
C ARG F 912 -14.68 46.90 24.59
N ASN F 913 -13.77 47.84 24.81
CA ASN F 913 -13.97 49.21 24.33
C ASN F 913 -13.95 49.26 22.81
N LEU F 914 -12.96 48.65 22.18
CA LEU F 914 -12.84 48.68 20.73
C LEU F 914 -13.79 47.67 20.10
N PHE G 15 -22.37 -32.04 -3.00
CA PHE G 15 -21.00 -32.49 -2.78
C PHE G 15 -20.44 -33.18 -4.03
N ALA G 16 -21.02 -32.85 -5.18
CA ALA G 16 -20.54 -33.41 -6.45
C ALA G 16 -19.17 -32.84 -6.79
N ASP G 17 -18.41 -33.61 -7.58
CA ASP G 17 -17.09 -33.18 -7.98
C ASP G 17 -17.11 -31.94 -8.86
N ALA G 18 -18.24 -31.63 -9.48
CA ALA G 18 -18.39 -30.45 -10.31
C ALA G 18 -18.60 -29.18 -9.50
N GLN G 19 -18.55 -29.27 -8.17
CA GLN G 19 -18.70 -28.10 -7.32
C GLN G 19 -17.46 -27.81 -6.47
N ARG G 20 -16.54 -28.76 -6.34
CA ARG G 20 -15.34 -28.55 -5.55
C ARG G 20 -14.38 -27.62 -6.28
N SER G 21 -13.52 -26.97 -5.50
CA SER G 21 -12.56 -26.03 -6.07
C SER G 21 -11.57 -26.74 -6.98
N HIS G 22 -11.07 -27.90 -6.56
CA HIS G 22 -10.09 -28.64 -7.34
C HIS G 22 -9.99 -30.06 -6.77
N TYR G 23 -9.63 -31.01 -7.62
CA TYR G 23 -9.50 -32.39 -7.21
C TYR G 23 -8.57 -33.12 -8.17
N THR G 24 -8.08 -34.28 -7.73
CA THR G 24 -7.23 -35.13 -8.54
C THR G 24 -7.96 -36.39 -8.94
N VAL G 25 -7.70 -36.85 -10.16
CA VAL G 25 -8.35 -38.02 -10.72
C VAL G 25 -7.27 -38.94 -11.29
N TYR G 26 -7.31 -40.22 -10.90
CA TYR G 26 -6.40 -41.21 -11.47
C TYR G 26 -7.18 -42.07 -12.45
N PRO G 27 -7.01 -41.89 -13.75
CA PRO G 27 -7.73 -42.71 -14.71
C PRO G 27 -7.26 -44.16 -14.69
N SER G 28 -8.16 -45.04 -15.09
CA SER G 28 -7.89 -46.48 -15.13
C SER G 28 -7.49 -46.86 -16.55
N LEU G 29 -6.29 -47.45 -16.69
CA LEU G 29 -5.88 -47.80 -18.04
C LEU G 29 -6.33 -49.22 -18.37
N PRO G 30 -6.82 -49.46 -19.58
CA PRO G 30 -7.23 -50.81 -19.97
C PRO G 30 -6.04 -51.71 -20.26
N GLN G 31 -6.30 -52.94 -20.72
CA GLN G 31 -5.24 -53.88 -21.09
C GLN G 31 -5.18 -53.94 -22.61
N SER G 32 -4.16 -53.32 -23.18
CA SER G 32 -3.99 -53.31 -24.64
C SER G 32 -2.50 -53.26 -24.94
N ASN G 33 -1.90 -54.43 -25.15
CA ASN G 33 -0.49 -54.57 -25.54
C ASN G 33 -0.46 -55.52 -26.74
N LYS G 34 -0.68 -54.99 -27.93
CA LYS G 34 -0.68 -55.80 -29.14
C LYS G 34 0.23 -55.26 -30.23
N ASN G 35 0.32 -53.93 -30.38
CA ASN G 35 1.11 -53.34 -31.44
C ASN G 35 1.53 -51.93 -31.03
N ASP G 36 2.50 -51.39 -31.77
CA ASP G 36 3.05 -50.07 -31.47
C ASP G 36 2.13 -49.01 -32.10
N LYS G 37 0.99 -48.78 -31.44
CA LYS G 37 0.07 -47.73 -31.82
C LYS G 37 0.28 -46.46 -31.00
N HIS G 38 1.51 -46.22 -30.55
CA HIS G 38 1.83 -45.14 -29.63
C HIS G 38 2.65 -44.04 -30.31
N ILE G 39 2.36 -43.76 -31.56
CA ILE G 39 3.02 -42.71 -32.33
C ILE G 39 1.98 -41.65 -32.69
N PRO G 40 2.22 -40.37 -32.38
CA PRO G 40 1.22 -39.34 -32.70
C PRO G 40 0.92 -39.22 -34.18
N PHE G 41 1.85 -39.62 -35.05
CA PHE G 41 1.63 -39.50 -36.48
C PHE G 41 0.49 -40.42 -36.93
N VAL G 42 -0.11 -40.07 -38.06
CA VAL G 42 -1.26 -40.79 -38.59
C VAL G 42 -0.99 -41.16 -40.04
N LYS G 43 -1.70 -42.18 -40.52
CA LYS G 43 -1.52 -42.65 -41.89
C LYS G 43 -2.02 -41.62 -42.88
N LEU G 44 -1.19 -41.29 -43.87
CA LEU G 44 -1.57 -40.36 -44.92
C LEU G 44 -2.03 -41.15 -46.15
N LEU G 45 -2.25 -40.44 -47.26
CA LEU G 45 -2.71 -41.05 -48.51
C LEU G 45 -4.02 -41.81 -48.30
N SER G 46 -4.92 -41.23 -47.51
CA SER G 46 -6.24 -41.80 -47.23
C SER G 46 -6.13 -43.21 -46.62
N GLY G 47 -5.14 -43.39 -45.74
CA GLY G 47 -4.99 -44.63 -45.00
C GLY G 47 -4.29 -45.75 -45.74
N LYS G 48 -3.86 -45.54 -46.97
CA LYS G 48 -3.19 -46.58 -47.74
C LYS G 48 -1.69 -46.63 -47.50
N GLU G 49 -1.16 -45.73 -46.67
CA GLU G 49 0.27 -45.73 -46.39
C GLU G 49 0.64 -46.83 -45.40
N SER G 50 1.89 -47.28 -45.47
CA SER G 50 2.39 -48.32 -44.58
C SER G 50 2.93 -47.72 -43.29
N GLU G 51 3.06 -48.57 -42.27
CA GLU G 51 3.49 -48.12 -40.95
C GLU G 51 4.98 -47.83 -40.88
N VAL G 52 5.78 -48.56 -41.67
CA VAL G 52 7.23 -48.35 -41.66
C VAL G 52 7.55 -46.93 -42.11
N ASN G 53 6.78 -46.41 -43.06
CA ASN G 53 6.95 -45.02 -43.48
C ASN G 53 6.66 -44.06 -42.34
N VAL G 54 5.63 -44.35 -41.54
CA VAL G 54 5.33 -43.52 -40.38
C VAL G 54 6.48 -43.53 -39.38
N GLU G 55 7.04 -44.71 -39.13
CA GLU G 55 8.17 -44.81 -38.21
C GLU G 55 9.38 -44.03 -38.73
N LYS G 56 9.64 -44.14 -40.03
CA LYS G 56 10.76 -43.40 -40.63
C LYS G 56 10.55 -41.90 -40.53
N ARG G 57 9.33 -41.43 -40.76
CA ARG G 57 9.04 -40.01 -40.62
C ARG G 57 9.25 -39.55 -39.18
N TRP G 58 8.79 -40.35 -38.22
CA TRP G 58 9.00 -40.02 -36.81
C TRP G 58 10.47 -39.86 -36.50
N GLU G 59 11.28 -40.85 -36.88
CA GLU G 59 12.71 -40.80 -36.55
C GLU G 59 13.41 -39.65 -37.28
N LEU G 60 13.02 -39.37 -38.53
CA LEU G 60 13.63 -38.27 -39.26
C LEU G 60 13.32 -36.94 -38.60
N TYR G 61 12.07 -36.73 -38.20
CA TYR G 61 11.72 -35.48 -37.54
C TYR G 61 12.49 -35.31 -36.25
N HIS G 62 12.60 -36.38 -35.45
CA HIS G 62 13.35 -36.26 -34.20
C HIS G 62 14.82 -35.95 -34.47
N GLN G 63 15.41 -36.58 -35.48
CA GLN G 63 16.80 -36.32 -35.83
C GLN G 63 17.01 -34.85 -36.18
N LEU G 64 16.18 -34.31 -37.07
CA LEU G 64 16.34 -32.91 -37.47
C LEU G 64 16.12 -31.97 -36.28
N HIS G 65 15.12 -32.25 -35.44
CA HIS G 65 14.84 -31.39 -34.31
C HIS G 65 16.04 -31.33 -33.35
N SER G 66 16.61 -32.50 -33.03
CA SER G 66 17.77 -32.51 -32.14
C SER G 66 18.96 -31.79 -32.77
N HIS G 67 19.20 -32.02 -34.07
CA HIS G 67 20.34 -31.41 -34.73
C HIS G 67 20.23 -29.88 -34.73
N PHE G 68 19.01 -29.35 -34.85
CA PHE G 68 18.84 -27.90 -34.81
C PHE G 68 18.98 -27.37 -33.39
N HIS G 69 18.36 -28.04 -32.41
CA HIS G 69 18.33 -27.50 -31.07
C HIS G 69 19.68 -27.57 -30.37
N ASP G 70 20.57 -28.49 -30.77
CA ASP G 70 21.91 -28.51 -30.18
C ASP G 70 22.64 -27.19 -30.45
N GLN G 71 22.69 -26.77 -31.70
CA GLN G 71 23.35 -25.51 -32.04
C GLN G 71 22.61 -24.32 -31.44
N VAL G 72 21.27 -24.39 -31.39
CA VAL G 72 20.52 -23.32 -30.74
C VAL G 72 20.98 -23.13 -29.30
N ASP G 73 21.10 -24.24 -28.56
CA ASP G 73 21.51 -24.16 -27.16
C ASP G 73 22.95 -23.65 -27.03
N HIS G 74 23.83 -24.08 -27.93
CA HIS G 74 25.21 -23.60 -27.89
C HIS G 74 25.27 -22.08 -28.04
N ILE G 75 24.52 -21.55 -29.02
CA ILE G 75 24.51 -20.10 -29.22
C ILE G 75 23.93 -19.40 -28.00
N ILE G 76 22.86 -19.96 -27.43
CA ILE G 76 22.22 -19.34 -26.27
C ILE G 76 23.21 -19.23 -25.11
N ASP G 77 23.99 -20.29 -24.88
CA ASP G 77 24.99 -20.22 -23.81
C ASP G 77 26.09 -19.21 -24.14
N ASN G 78 26.51 -19.17 -25.40
CA ASN G 78 27.61 -18.29 -25.77
C ASN G 78 27.27 -16.81 -25.55
N ILE G 79 26.03 -16.42 -25.85
CA ILE G 79 25.67 -15.01 -25.69
C ILE G 79 25.76 -14.61 -24.22
N GLU G 80 25.30 -15.46 -23.30
CA GLU G 80 25.38 -15.15 -21.89
C GLU G 80 26.82 -15.09 -21.42
N ALA G 81 27.66 -16.01 -21.90
CA ALA G 81 29.07 -15.99 -21.52
C ALA G 81 29.74 -14.68 -21.94
N ASP G 82 29.49 -14.25 -23.18
CA ASP G 82 30.09 -13.01 -23.65
C ASP G 82 29.57 -11.80 -22.88
N LEU G 83 28.27 -11.79 -22.57
CA LEU G 83 27.71 -10.69 -21.80
C LEU G 83 28.37 -10.58 -20.43
N LYS G 84 28.53 -11.72 -19.75
CA LYS G 84 29.18 -11.71 -18.45
C LYS G 84 30.61 -11.23 -18.56
N ALA G 85 31.33 -11.68 -19.60
CA ALA G 85 32.71 -11.22 -19.77
C ALA G 85 32.78 -9.71 -19.95
N GLU G 86 31.90 -9.15 -20.77
CA GLU G 86 31.92 -7.71 -21.00
C GLU G 86 31.60 -6.93 -19.72
N ILE G 87 30.57 -7.36 -18.99
CA ILE G 87 30.19 -6.61 -17.79
C ILE G 87 31.27 -6.72 -16.72
N SER G 88 31.92 -7.89 -16.61
CA SER G 88 33.00 -8.03 -15.65
C SER G 88 34.22 -7.21 -16.04
N ASP G 89 34.49 -7.07 -17.34
CA ASP G 89 35.58 -6.20 -17.77
C ASP G 89 35.27 -4.74 -17.45
N LEU G 90 34.02 -4.32 -17.62
CA LEU G 90 33.66 -2.94 -17.26
C LEU G 90 33.74 -2.70 -15.76
N LEU G 91 33.35 -3.69 -14.95
CA LEU G 91 33.27 -3.47 -13.50
C LEU G 91 34.62 -3.17 -12.89
N TYR G 92 35.67 -3.88 -13.31
CA TYR G 92 36.98 -3.78 -12.69
C TYR G 92 37.93 -2.86 -13.46
N SER G 93 37.40 -1.94 -14.26
CA SER G 93 38.25 -0.99 -14.97
C SER G 93 38.95 -0.06 -13.99
N GLU G 94 40.14 0.39 -14.39
CA GLU G 94 40.96 1.27 -13.55
C GLU G 94 40.65 2.72 -13.91
N THR G 95 39.89 3.38 -13.04
CA THR G 95 39.57 4.81 -13.18
C THR G 95 39.78 5.46 -11.82
N THR G 96 40.81 6.30 -11.71
CA THR G 96 41.20 6.88 -10.43
C THR G 96 41.37 8.39 -10.59
N GLN G 97 40.34 9.14 -10.17
CA GLN G 97 40.44 10.58 -10.00
C GLN G 97 40.12 11.02 -8.58
N LYS G 98 39.37 10.22 -7.83
CA LYS G 98 39.05 10.45 -6.43
C LYS G 98 38.39 9.18 -5.92
N ARG G 99 38.31 9.04 -4.60
CA ARG G 99 37.72 7.85 -4.00
C ARG G 99 36.54 8.23 -3.11
N ARG G 100 35.91 9.37 -3.39
CA ARG G 100 34.72 9.82 -2.67
C ARG G 100 33.49 9.85 -3.56
N CYS G 101 33.45 9.02 -4.60
CA CYS G 101 32.35 9.01 -5.56
C CYS G 101 31.87 7.59 -5.77
N PHE G 102 30.76 7.46 -6.48
CA PHE G 102 30.16 6.17 -6.78
C PHE G 102 30.87 5.53 -7.96
N ASN G 103 30.29 4.45 -8.48
CA ASN G 103 30.75 3.82 -9.72
C ASN G 103 29.50 3.22 -10.37
N THR G 104 28.91 3.94 -11.31
CA THR G 104 27.61 3.60 -11.86
C THR G 104 27.73 2.98 -13.24
N ILE G 105 26.95 1.93 -13.47
CA ILE G 105 26.88 1.29 -14.78
C ILE G 105 25.42 1.16 -15.17
N PHE G 106 25.05 1.71 -16.32
CA PHE G 106 23.70 1.64 -16.84
C PHE G 106 23.64 0.58 -17.93
N LEU G 107 22.92 -0.51 -17.69
CA LEU G 107 22.66 -1.51 -18.71
C LEU G 107 21.34 -1.16 -19.37
N LEU G 108 21.41 -0.78 -20.65
CA LEU G 108 20.26 -0.23 -21.36
C LEU G 108 19.54 -1.31 -22.14
N GLY G 109 18.22 -1.37 -21.99
CA GLY G 109 17.41 -2.30 -22.75
C GLY G 109 17.64 -3.76 -22.46
N SER G 110 17.91 -4.11 -21.20
CA SER G 110 18.14 -5.48 -20.81
C SER G 110 17.13 -5.90 -19.74
N ASP G 111 16.47 -7.02 -19.97
CA ASP G 111 15.65 -7.62 -18.93
C ASP G 111 16.54 -8.13 -17.80
N SER G 112 16.03 -8.02 -16.57
CA SER G 112 16.81 -8.38 -15.39
C SER G 112 16.87 -9.90 -15.30
N THR G 113 17.75 -10.49 -16.11
CA THR G 113 17.92 -11.94 -16.15
C THR G 113 19.37 -12.39 -16.19
N THR G 114 20.33 -11.48 -16.26
CA THR G 114 21.73 -11.88 -16.32
C THR G 114 22.29 -12.07 -14.91
N LYS G 115 23.29 -12.95 -14.81
CA LYS G 115 23.94 -13.27 -13.55
C LYS G 115 25.35 -12.69 -13.58
N ILE G 116 25.71 -11.95 -12.55
CA ILE G 116 27.01 -11.29 -12.47
C ILE G 116 27.92 -12.10 -11.57
N GLU G 117 29.17 -12.27 -12.00
CA GLU G 117 30.18 -12.98 -11.24
C GLU G 117 31.24 -11.99 -10.75
N LEU G 118 31.63 -12.12 -9.49
CA LEU G 118 32.61 -11.24 -8.87
C LEU G 118 33.88 -12.03 -8.57
N LYS G 119 35.02 -11.53 -9.02
CA LYS G 119 36.28 -12.21 -8.82
C LYS G 119 36.67 -12.20 -7.34
N ASP G 120 37.50 -13.17 -6.96
CA ASP G 120 37.97 -13.32 -5.60
C ASP G 120 39.34 -12.67 -5.47
N GLU G 121 39.51 -11.84 -4.46
CA GLU G 121 40.77 -11.14 -4.23
C GLU G 121 41.04 -11.07 -2.73
N SER G 122 42.27 -11.37 -2.34
CA SER G 122 42.63 -11.38 -0.94
C SER G 122 42.59 -9.97 -0.35
N SER G 123 42.39 -9.89 0.96
CA SER G 123 42.34 -8.62 1.70
C SER G 123 41.19 -7.73 1.23
N ARG G 124 40.13 -8.34 0.72
CA ARG G 124 38.94 -7.60 0.29
C ARG G 124 37.78 -8.56 0.13
N TYR G 125 36.61 -8.17 0.62
CA TYR G 125 35.40 -8.96 0.50
C TYR G 125 34.54 -8.40 -0.62
N ASN G 126 34.30 -9.20 -1.65
CA ASN G 126 33.47 -8.81 -2.78
C ASN G 126 32.09 -9.42 -2.59
N VAL G 127 31.10 -8.58 -2.31
CA VAL G 127 29.74 -9.03 -2.08
C VAL G 127 28.81 -8.37 -3.10
N LEU G 128 27.79 -9.11 -3.49
CA LEU G 128 26.79 -8.66 -4.46
C LEU G 128 25.42 -8.69 -3.79
N ILE G 129 24.69 -7.58 -3.89
CA ILE G 129 23.38 -7.44 -3.25
C ILE G 129 22.36 -7.10 -4.32
N GLU G 130 21.39 -7.98 -4.52
CA GLU G 130 20.37 -7.82 -5.56
C GLU G 130 19.07 -7.35 -4.93
N LEU G 131 18.42 -6.38 -5.57
CA LEU G 131 17.17 -5.82 -5.09
C LEU G 131 16.16 -5.77 -6.23
N THR G 132 14.90 -6.00 -5.90
CA THR G 132 13.78 -6.02 -6.84
C THR G 132 12.69 -5.07 -6.39
N PRO G 133 11.85 -4.60 -7.31
CA PRO G 133 10.80 -3.64 -6.90
C PRO G 133 9.83 -4.18 -5.88
N LYS G 134 9.58 -5.50 -5.86
CA LYS G 134 8.68 -6.06 -4.87
C LYS G 134 9.30 -6.03 -3.49
N GLU G 135 10.63 -6.07 -3.40
CA GLU G 135 11.34 -6.00 -2.13
C GLU G 135 11.65 -4.58 -1.71
N SER G 136 10.94 -3.58 -2.26
CA SER G 136 11.22 -2.18 -2.02
C SER G 136 9.95 -1.43 -1.67
N PRO G 137 9.38 -1.68 -0.49
CA PRO G 137 8.20 -0.90 -0.07
C PRO G 137 8.58 0.40 0.64
N ASN G 138 9.73 0.41 1.30
CA ASN G 138 10.17 1.58 2.06
C ASN G 138 11.68 1.71 1.89
N VAL G 139 12.29 2.55 2.71
CA VAL G 139 13.75 2.70 2.73
C VAL G 139 14.38 1.84 3.82
N ARG G 140 13.79 1.87 5.02
CA ARG G 140 14.34 1.09 6.13
C ARG G 140 14.32 -0.40 5.82
N MET G 141 13.28 -0.88 5.13
CA MET G 141 13.20 -2.31 4.85
C MET G 141 14.24 -2.72 3.83
N MET G 142 14.48 -1.87 2.82
CA MET G 142 15.55 -2.14 1.87
C MET G 142 16.91 -2.15 2.56
N LEU G 143 17.13 -1.20 3.48
CA LEU G 143 18.37 -1.18 4.24
C LEU G 143 18.55 -2.45 5.06
N ARG G 144 17.47 -2.91 5.70
CA ARG G 144 17.55 -4.13 6.50
C ARG G 144 17.86 -5.34 5.63
N ARG G 145 17.21 -5.46 4.47
CA ARG G 145 17.52 -6.58 3.57
C ARG G 145 18.97 -6.54 3.11
N SER G 146 19.46 -5.36 2.72
CA SER G 146 20.83 -5.25 2.24
C SER G 146 21.82 -5.63 3.34
N MET G 147 21.60 -5.13 4.56
CA MET G 147 22.50 -5.44 5.65
C MET G 147 22.46 -6.92 6.01
N TYR G 148 21.27 -7.53 6.00
CA TYR G 148 21.18 -8.96 6.29
C TYR G 148 21.92 -9.78 5.25
N LYS G 149 21.77 -9.43 3.96
CA LYS G 149 22.48 -10.16 2.92
C LYS G 149 23.99 -10.00 3.07
N LEU G 150 24.44 -8.78 3.38
CA LEU G 150 25.87 -8.56 3.55
C LEU G 150 26.42 -9.37 4.71
N TYR G 151 25.71 -9.36 5.86
CA TYR G 151 26.18 -10.11 7.02
C TYR G 151 26.18 -11.61 6.75
N SER G 152 25.14 -12.12 6.08
CA SER G 152 25.09 -13.54 5.78
C SER G 152 26.24 -13.94 4.86
N ALA G 153 26.51 -13.15 3.82
CA ALA G 153 27.60 -13.48 2.91
C ALA G 153 28.94 -13.43 3.63
N ALA G 154 29.16 -12.42 4.46
CA ALA G 154 30.43 -12.32 5.18
C ALA G 154 30.62 -13.49 6.15
N ASP G 155 29.56 -13.85 6.87
CA ASP G 155 29.67 -14.98 7.80
C ASP G 155 29.90 -16.29 7.06
N ALA G 156 29.25 -16.46 5.91
CA ALA G 156 29.47 -17.67 5.12
C ALA G 156 30.91 -17.75 4.63
N GLU G 157 31.46 -16.62 4.18
CA GLU G 157 32.83 -16.63 3.69
C GLU G 157 33.84 -16.79 4.83
N GLU G 158 33.47 -16.38 6.05
CA GLU G 158 34.40 -16.48 7.17
C GLU G 158 34.58 -17.91 7.66
N HIS G 159 33.62 -18.80 7.37
CA HIS G 159 33.63 -20.17 7.88
C HIS G 159 33.69 -20.20 9.41
N ASN G 179 28.00 -14.08 17.48
CA ASN G 179 27.07 -13.19 18.18
C ASN G 179 26.02 -12.64 17.23
N ASP G 180 25.45 -11.48 17.59
CA ASP G 180 24.44 -10.83 16.79
C ASP G 180 24.74 -9.34 16.71
N VAL G 181 24.29 -8.71 15.63
CA VAL G 181 24.52 -7.31 15.37
C VAL G 181 23.19 -6.66 14.99
N SER G 182 23.25 -5.36 14.70
CA SER G 182 22.09 -4.58 14.27
C SER G 182 22.20 -4.32 12.78
N TYR G 183 21.12 -4.58 12.05
CA TYR G 183 21.13 -4.46 10.60
C TYR G 183 20.91 -2.99 10.23
N ASP G 184 21.98 -2.22 10.39
CA ASP G 184 22.01 -0.79 10.11
C ASP G 184 23.23 -0.49 9.25
N LEU G 185 23.38 0.79 8.90
CA LEU G 185 24.62 1.20 8.24
C LEU G 185 25.80 1.15 9.18
N SER G 186 25.55 1.08 10.50
CA SER G 186 26.65 0.96 11.46
C SER G 186 27.46 -0.30 11.24
N LEU G 187 26.82 -1.37 10.73
CA LEU G 187 27.55 -2.58 10.42
C LEU G 187 28.63 -2.32 9.38
N VAL G 188 28.41 -1.36 8.48
CA VAL G 188 29.46 -0.97 7.53
C VAL G 188 30.61 -0.30 8.26
N GLU G 189 30.30 0.49 9.30
CA GLU G 189 31.34 1.20 10.03
C GLU G 189 32.27 0.24 10.77
N ASN G 190 31.71 -0.82 11.34
CA ASN G 190 32.47 -1.73 12.19
C ASN G 190 32.92 -2.98 11.45
N PHE G 191 32.83 -3.01 10.13
CA PHE G 191 33.19 -4.22 9.39
C PHE G 191 34.66 -4.57 9.56
N LYS G 192 35.53 -3.57 9.54
CA LYS G 192 36.97 -3.85 9.64
C LYS G 192 37.32 -4.48 10.98
N ARG G 193 36.76 -3.97 12.07
CA ARG G 193 37.04 -4.54 13.38
C ARG G 193 36.46 -5.94 13.53
N LEU G 194 35.24 -6.15 13.01
CA LEU G 194 34.58 -7.44 13.20
C LEU G 194 35.25 -8.53 12.37
N PHE G 195 35.63 -8.22 11.13
CA PHE G 195 36.14 -9.24 10.22
C PHE G 195 37.62 -9.05 9.91
N GLY G 196 38.01 -7.89 9.39
CA GLY G 196 39.42 -7.64 9.13
C GLY G 196 39.74 -7.14 7.73
N LYS G 197 38.89 -7.44 6.76
CA LYS G 197 39.11 -7.05 5.38
C LYS G 197 38.26 -5.82 5.05
N ASP G 198 38.28 -5.41 3.78
CA ASP G 198 37.62 -4.19 3.33
C ASP G 198 36.50 -4.53 2.35
N LEU G 199 35.39 -3.81 2.46
CA LEU G 199 34.23 -4.09 1.61
C LEU G 199 34.48 -3.65 0.17
N ALA G 200 33.80 -4.34 -0.74
CA ALA G 200 33.71 -3.92 -2.14
C ALA G 200 32.27 -4.13 -2.63
N MET G 201 31.31 -3.69 -1.81
CA MET G 201 29.90 -3.95 -2.06
C MET G 201 29.50 -3.55 -3.48
N VAL G 202 28.68 -4.40 -4.11
CA VAL G 202 28.16 -4.15 -5.46
C VAL G 202 26.66 -4.33 -5.42
N PHE G 203 25.91 -3.25 -5.58
CA PHE G 203 24.46 -3.33 -5.63
C PHE G 203 24.01 -3.70 -7.04
N ASN G 204 22.77 -4.17 -7.13
CA ASN G 204 22.20 -4.54 -8.43
C ASN G 204 20.69 -4.37 -8.33
N PHE G 205 20.18 -3.27 -8.88
CA PHE G 205 18.75 -3.02 -8.95
C PHE G 205 18.18 -3.70 -10.19
N LYS G 206 17.05 -4.37 -10.02
CA LYS G 206 16.40 -5.10 -11.09
C LYS G 206 15.07 -4.44 -11.44
N ASP G 207 14.82 -4.27 -12.73
CA ASP G 207 13.60 -3.65 -13.24
C ASP G 207 13.39 -2.28 -12.59
N VAL G 208 14.35 -1.39 -12.82
CA VAL G 208 14.33 -0.07 -12.20
C VAL G 208 13.16 0.77 -12.66
N ASP G 209 12.50 0.41 -13.75
CA ASP G 209 11.35 1.16 -14.23
C ASP G 209 10.10 0.94 -13.40
N SER G 210 10.09 -0.03 -12.49
CA SER G 210 8.93 -0.36 -11.69
C SER G 210 9.09 0.05 -10.23
N ILE G 211 10.06 0.92 -9.93
CA ILE G 211 10.31 1.39 -8.58
C ILE G 211 9.93 2.86 -8.49
N ASN G 212 9.15 3.22 -7.49
CA ASN G 212 8.84 4.62 -7.24
C ASN G 212 10.13 5.37 -6.92
N PHE G 213 10.50 6.31 -7.78
CA PHE G 213 11.83 6.90 -7.74
C PHE G 213 12.09 7.72 -6.49
N ASN G 214 11.05 8.09 -5.73
CA ASN G 214 11.27 8.78 -4.47
C ASN G 214 12.06 7.90 -3.50
N THR G 215 11.63 6.64 -3.36
CA THR G 215 12.33 5.71 -2.47
C THR G 215 13.76 5.46 -2.94
N LEU G 216 13.95 5.29 -4.25
CA LEU G 216 15.29 5.06 -4.78
C LEU G 216 16.20 6.26 -4.54
N ASP G 217 15.68 7.47 -4.74
CA ASP G 217 16.47 8.67 -4.47
C ASP G 217 16.83 8.77 -3.00
N ASN G 218 15.88 8.49 -2.12
CA ASN G 218 16.15 8.52 -0.69
C ASN G 218 17.22 7.50 -0.31
N PHE G 219 17.15 6.31 -0.90
CA PHE G 219 18.14 5.27 -0.60
C PHE G 219 19.52 5.66 -1.10
N ILE G 220 19.60 6.28 -2.27
CA ILE G 220 20.90 6.73 -2.78
C ILE G 220 21.49 7.81 -1.87
N ILE G 221 20.64 8.75 -1.44
CA ILE G 221 21.11 9.79 -0.54
C ILE G 221 21.61 9.19 0.77
N LEU G 222 20.89 8.19 1.29
CA LEU G 222 21.31 7.51 2.51
C LEU G 222 22.66 6.80 2.30
N LEU G 223 22.81 6.09 1.18
CA LEU G 223 24.05 5.41 0.88
C LEU G 223 25.21 6.37 0.71
N LYS G 224 24.93 7.63 0.36
CA LYS G 224 26.01 8.62 0.26
C LYS G 224 26.77 8.80 1.56
N SER G 225 26.16 8.45 2.70
CA SER G 225 26.75 8.71 4.00
C SER G 225 27.90 7.77 4.34
N ALA G 226 28.16 6.74 3.53
CA ALA G 226 29.16 5.74 3.84
C ALA G 226 30.55 6.08 3.28
N PHE G 227 30.71 7.26 2.71
CA PHE G 227 31.97 7.61 2.05
C PHE G 227 33.06 8.07 3.02
N LYS G 228 32.76 8.21 4.30
CA LYS G 228 33.72 8.71 5.28
C LYS G 228 34.33 7.58 6.10
N TYR G 229 34.56 6.41 5.51
CA TYR G 229 35.08 5.28 6.24
C TYR G 229 36.40 4.74 5.73
N ASP G 230 36.85 5.16 4.54
CA ASP G 230 38.18 4.93 3.99
C ASP G 230 38.46 3.47 3.63
N HIS G 231 37.53 2.55 3.86
CA HIS G 231 37.76 1.16 3.49
C HIS G 231 36.62 0.53 2.71
N VAL G 232 35.60 1.30 2.32
CA VAL G 232 34.49 0.77 1.55
C VAL G 232 34.56 1.32 0.13
N LYS G 233 33.97 0.58 -0.81
CA LYS G 233 33.92 0.96 -2.22
C LYS G 233 32.57 0.51 -2.76
N ILE G 234 31.69 1.45 -3.02
CA ILE G 234 30.33 1.16 -3.43
C ILE G 234 30.21 1.30 -4.94
N SER G 235 29.46 0.39 -5.56
CA SER G 235 29.19 0.42 -6.99
C SER G 235 27.72 0.17 -7.21
N LEU G 236 27.21 0.66 -8.35
CA LEU G 236 25.78 0.57 -8.64
C LEU G 236 25.58 0.14 -10.09
N ILE G 237 24.57 -0.70 -10.30
CA ILE G 237 24.17 -1.16 -11.62
C ILE G 237 22.68 -0.92 -11.79
N PHE G 238 22.31 -0.25 -12.87
CA PHE G 238 20.91 0.08 -13.15
C PHE G 238 20.46 -0.66 -14.40
N ASN G 239 19.43 -1.49 -14.27
CA ASN G 239 18.89 -2.27 -15.39
C ASN G 239 17.72 -1.50 -16.00
N ILE G 240 18.05 -0.46 -16.75
CA ILE G 240 17.05 0.37 -17.41
C ILE G 240 16.51 -0.35 -18.63
N ASN G 241 15.19 -0.29 -18.83
CA ASN G 241 14.54 -0.97 -19.93
C ASN G 241 14.26 -0.05 -21.12
N THR G 242 13.77 1.17 -20.89
CA THR G 242 13.35 2.05 -21.97
C THR G 242 14.45 3.02 -22.39
N ASN G 243 14.89 3.89 -21.49
CA ASN G 243 15.87 4.92 -21.78
C ASN G 243 16.17 5.67 -20.49
N LEU G 244 17.29 6.40 -20.50
CA LEU G 244 17.71 7.16 -19.33
C LEU G 244 17.09 8.56 -19.27
N SER G 245 16.32 8.96 -20.28
CA SER G 245 15.64 10.25 -20.22
C SER G 245 14.61 10.28 -19.11
N ASN G 246 13.88 9.18 -18.93
CA ASN G 246 12.93 9.09 -17.82
C ASN G 246 13.66 9.16 -16.48
N ILE G 247 14.82 8.50 -16.39
CA ILE G 247 15.61 8.56 -15.16
C ILE G 247 16.04 9.99 -14.88
N GLU G 248 16.48 10.71 -15.92
CA GLU G 248 16.87 12.10 -15.73
C GLU G 248 15.70 12.96 -15.29
N LYS G 249 14.52 12.76 -15.89
CA LYS G 249 13.39 13.62 -15.60
C LYS G 249 12.66 13.25 -14.31
N ASN G 250 12.91 12.07 -13.75
CA ASN G 250 12.22 11.64 -12.54
C ASN G 250 13.01 11.89 -11.27
N LEU G 251 14.31 11.67 -11.28
CA LEU G 251 15.13 11.87 -10.10
C LEU G 251 15.31 13.36 -9.82
N ARG G 252 15.80 13.67 -8.62
CA ARG G 252 16.14 15.04 -8.27
C ARG G 252 17.37 15.48 -9.06
N GLN G 253 17.78 16.73 -8.86
CA GLN G 253 18.91 17.26 -9.60
C GLN G 253 20.24 17.03 -8.90
N SER G 254 20.27 17.20 -7.57
CA SER G 254 21.50 16.97 -6.82
C SER G 254 21.96 15.53 -6.95
N THR G 255 21.02 14.58 -6.95
CA THR G 255 21.40 13.18 -7.11
C THR G 255 21.94 12.90 -8.51
N ILE G 256 21.40 13.57 -9.53
CA ILE G 256 21.94 13.41 -10.88
C ILE G 256 23.36 13.97 -10.95
N ARG G 257 23.60 15.13 -10.34
CA ARG G 257 24.94 15.68 -10.31
C ARG G 257 25.90 14.75 -9.56
N LEU G 258 25.42 14.13 -8.48
CA LEU G 258 26.24 13.17 -7.75
C LEU G 258 26.58 11.95 -8.60
N LEU G 259 25.60 11.44 -9.33
CA LEU G 259 25.83 10.26 -10.17
C LEU G 259 26.74 10.57 -11.34
N LYS G 260 26.71 11.81 -11.85
CA LYS G 260 27.48 12.16 -13.03
C LYS G 260 28.98 12.29 -12.77
N ARG G 261 29.45 12.03 -11.55
CA ARG G 261 30.89 12.16 -11.28
C ARG G 261 31.70 11.20 -12.16
N ASN G 262 31.29 9.94 -12.22
CA ASN G 262 31.87 9.00 -13.17
C ASN G 262 30.85 7.91 -13.43
N TYR G 263 30.67 7.55 -14.70
CA TYR G 263 29.68 6.56 -15.08
C TYR G 263 30.06 5.98 -16.44
N HIS G 264 29.45 4.86 -16.76
CA HIS G 264 29.64 4.21 -18.05
C HIS G 264 28.30 3.68 -18.53
N LYS G 265 27.97 3.97 -19.79
CA LYS G 265 26.71 3.55 -20.39
C LYS G 265 27.01 2.44 -21.39
N LEU G 266 26.39 1.27 -21.18
CA LEU G 266 26.61 0.11 -22.02
C LEU G 266 25.29 -0.33 -22.62
N ASP G 267 25.26 -0.48 -23.94
CA ASP G 267 24.08 -0.92 -24.66
C ASP G 267 24.12 -2.44 -24.76
N VAL G 268 23.29 -3.11 -23.96
CA VAL G 268 23.23 -4.56 -23.92
C VAL G 268 21.83 -4.98 -24.36
N SER G 269 21.76 -5.60 -25.54
CA SER G 269 20.51 -6.09 -26.09
C SER G 269 20.80 -7.29 -26.99
N SER G 270 19.80 -8.15 -27.15
CA SER G 270 19.96 -9.29 -28.05
C SER G 270 20.11 -8.83 -29.50
N ASN G 271 19.31 -7.86 -29.91
CA ASN G 271 19.30 -7.39 -31.30
C ASN G 271 20.16 -6.15 -31.47
N LYS G 272 21.46 -6.29 -31.17
CA LYS G 272 22.43 -5.22 -31.40
C LYS G 272 23.18 -5.56 -32.69
N GLY G 273 22.66 -5.05 -33.81
CA GLY G 273 23.24 -5.34 -35.10
C GLY G 273 22.85 -6.68 -35.69
N PHE G 274 21.84 -7.35 -35.13
CA PHE G 274 21.39 -8.66 -35.62
C PHE G 274 22.53 -9.67 -35.61
N LYS G 275 23.36 -9.62 -34.56
CA LYS G 275 24.51 -10.51 -34.46
C LYS G 275 24.16 -11.88 -33.91
N TYR G 276 22.92 -12.10 -33.49
CA TYR G 276 22.51 -13.38 -32.92
C TYR G 276 21.40 -14.05 -33.71
N GLY G 277 20.42 -13.29 -34.19
CA GLY G 277 19.41 -13.87 -35.07
C GLY G 277 20.01 -14.42 -36.35
N ASN G 278 21.05 -13.77 -36.86
CA ASN G 278 21.75 -14.27 -38.04
C ASN G 278 22.30 -15.67 -37.78
N GLN G 279 22.87 -15.88 -36.59
CA GLN G 279 23.41 -17.20 -36.27
C GLN G 279 22.32 -18.26 -36.20
N ILE G 280 21.17 -17.91 -35.63
CA ILE G 280 20.05 -18.86 -35.55
C ILE G 280 19.58 -19.22 -36.95
N PHE G 281 19.40 -18.22 -37.81
CA PHE G 281 18.94 -18.48 -39.17
C PHE G 281 19.97 -19.31 -39.94
N GLN G 282 21.26 -19.02 -39.74
CA GLN G 282 22.31 -19.79 -40.40
C GLN G 282 22.31 -21.23 -39.93
N SER G 283 22.11 -21.46 -38.63
CA SER G 283 22.05 -22.82 -38.11
C SER G 283 20.86 -23.57 -38.70
N PHE G 284 19.70 -22.92 -38.80
CA PHE G 284 18.55 -23.56 -39.42
C PHE G 284 18.82 -23.89 -40.89
N LEU G 285 19.42 -22.95 -41.61
CA LEU G 285 19.72 -23.19 -43.03
C LEU G 285 20.70 -24.35 -43.21
N ASP G 286 21.71 -24.41 -42.34
CA ASP G 286 22.65 -25.54 -42.40
C ASP G 286 21.96 -26.86 -42.07
N THR G 287 21.05 -26.84 -41.09
CA THR G 287 20.33 -28.05 -40.74
C THR G 287 19.47 -28.55 -41.90
N VAL G 288 18.76 -27.64 -42.58
CA VAL G 288 17.87 -28.02 -43.66
C VAL G 288 18.55 -27.92 -45.03
N ASP G 289 19.87 -27.78 -45.06
CA ASP G 289 20.58 -27.63 -46.32
C ASP G 289 20.47 -28.90 -47.17
N GLY G 290 20.16 -28.72 -48.45
CA GLY G 290 20.11 -29.83 -49.38
C GLY G 290 18.98 -30.81 -49.19
N LYS G 291 18.03 -30.52 -48.30
CA LYS G 291 16.90 -31.41 -48.05
C LYS G 291 15.57 -30.76 -48.34
N LEU G 292 15.34 -29.55 -47.84
CA LEU G 292 14.09 -28.83 -48.04
C LEU G 292 14.39 -27.44 -48.58
N ASN G 293 13.32 -26.70 -48.88
CA ASN G 293 13.43 -25.37 -49.45
C ASN G 293 12.50 -24.42 -48.71
N LEU G 294 12.92 -23.15 -48.62
CA LEU G 294 12.10 -22.10 -48.04
C LEU G 294 11.54 -21.21 -49.16
N SER G 295 10.45 -20.54 -48.85
CA SER G 295 9.76 -19.69 -49.80
C SER G 295 9.88 -18.22 -49.39
N ASP G 296 9.73 -17.34 -50.39
CA ASP G 296 9.82 -15.91 -50.13
C ASP G 296 8.69 -15.44 -49.21
N ARG G 297 7.50 -16.03 -49.37
CA ARG G 297 6.40 -15.69 -48.48
C ARG G 297 6.73 -16.05 -47.03
N PHE G 298 7.39 -17.18 -46.82
CA PHE G 298 7.73 -17.60 -45.46
C PHE G 298 8.69 -16.62 -44.80
N VAL G 299 9.76 -16.25 -45.50
CA VAL G 299 10.74 -15.32 -44.91
C VAL G 299 10.12 -13.95 -44.73
N GLU G 300 9.25 -13.52 -45.66
CA GLU G 300 8.57 -12.24 -45.48
C GLU G 300 7.68 -12.26 -44.24
N PHE G 301 6.97 -13.37 -44.03
CA PHE G 301 6.15 -13.53 -42.84
C PHE G 301 7.00 -13.49 -41.58
N ILE G 302 8.16 -14.15 -41.60
CA ILE G 302 9.05 -14.15 -40.45
C ILE G 302 9.51 -12.74 -40.14
N LEU G 303 9.92 -12.00 -41.18
CA LEU G 303 10.38 -10.63 -40.98
C LEU G 303 9.27 -9.76 -40.40
N SER G 304 8.06 -9.86 -40.97
CA SER G 304 6.96 -9.03 -40.51
C SER G 304 6.61 -9.33 -39.05
N LYS G 305 6.58 -10.62 -38.68
CA LYS G 305 6.21 -10.96 -37.32
C LYS G 305 7.32 -10.67 -36.32
N MET G 306 8.58 -10.69 -36.75
CA MET G 306 9.65 -10.26 -35.86
C MET G 306 9.68 -8.75 -35.69
N ALA G 307 9.21 -8.00 -36.69
CA ALA G 307 9.22 -6.55 -36.60
C ALA G 307 8.32 -6.02 -35.48
N ASN G 308 7.38 -6.82 -34.99
CA ASN G 308 6.42 -6.38 -33.99
C ASN G 308 6.86 -6.70 -32.55
N ASN G 309 8.02 -7.30 -32.37
CA ASN G 309 8.54 -7.60 -31.03
C ASN G 309 9.96 -7.07 -30.91
N THR G 310 10.30 -6.53 -29.75
CA THR G 310 11.61 -5.94 -29.52
C THR G 310 12.33 -6.51 -28.31
N ASN G 311 11.62 -6.92 -27.26
CA ASN G 311 12.27 -7.41 -26.06
C ASN G 311 12.70 -8.87 -26.21
N HIS G 312 11.73 -9.76 -26.44
CA HIS G 312 11.99 -11.18 -26.60
C HIS G 312 11.76 -11.53 -28.07
N ASN G 313 12.84 -11.66 -28.83
CA ASN G 313 12.77 -11.84 -30.27
C ASN G 313 13.25 -13.19 -30.76
N LEU G 314 14.37 -13.69 -30.24
CA LEU G 314 14.92 -14.95 -30.72
C LEU G 314 13.99 -16.12 -30.45
N GLN G 315 13.36 -16.13 -29.26
CA GLN G 315 12.46 -17.22 -28.92
C GLN G 315 11.30 -17.30 -29.90
N LEU G 316 10.78 -16.15 -30.34
CA LEU G 316 9.71 -16.15 -31.33
C LEU G 316 10.16 -16.81 -32.63
N LEU G 317 11.36 -16.46 -33.10
CA LEU G 317 11.87 -17.05 -34.34
C LEU G 317 12.04 -18.56 -34.20
N THR G 318 12.57 -19.00 -33.05
CA THR G 318 12.69 -20.43 -32.81
C THR G 318 11.32 -21.12 -32.84
N LYS G 319 10.31 -20.48 -32.25
CA LYS G 319 8.97 -21.04 -32.26
C LYS G 319 8.43 -21.16 -33.68
N MET G 320 8.61 -20.12 -34.50
CA MET G 320 8.15 -20.18 -35.89
C MET G 320 8.82 -21.33 -36.64
N LEU G 321 10.14 -21.43 -36.51
CA LEU G 321 10.85 -22.49 -37.23
C LEU G 321 10.42 -23.88 -36.77
N ASP G 322 10.28 -24.07 -35.46
CA ASP G 322 9.89 -25.37 -34.93
C ASP G 322 8.49 -25.75 -35.40
N TYR G 323 7.56 -24.80 -35.35
CA TYR G 323 6.19 -25.11 -35.77
C TYR G 323 6.12 -25.39 -37.26
N SER G 324 6.88 -24.65 -38.07
CA SER G 324 6.90 -24.92 -39.50
C SER G 324 7.43 -26.32 -39.80
N LEU G 325 8.52 -26.71 -39.12
CA LEU G 325 9.07 -28.05 -39.32
C LEU G 325 8.07 -29.12 -38.88
N MET G 326 7.42 -28.91 -37.73
CA MET G 326 6.43 -29.86 -37.25
C MET G 326 5.30 -30.03 -38.26
N SER G 327 4.76 -28.92 -38.76
CA SER G 327 3.66 -28.99 -39.70
C SER G 327 4.08 -29.70 -40.98
N TYR G 328 5.27 -29.37 -41.50
CA TYR G 328 5.71 -30.00 -42.73
C TYR G 328 5.88 -31.50 -42.56
N PHE G 329 6.49 -31.93 -41.46
CA PHE G 329 6.68 -33.37 -41.27
C PHE G 329 5.41 -34.10 -40.88
N PHE G 330 4.39 -33.38 -40.41
CA PHE G 330 3.13 -34.02 -40.08
C PHE G 330 2.18 -34.12 -41.26
N GLN G 331 2.21 -33.16 -42.19
CA GLN G 331 1.17 -33.08 -43.21
C GLN G 331 1.56 -33.65 -44.57
N ASN G 332 2.86 -33.80 -44.85
CA ASN G 332 3.31 -34.21 -46.18
C ASN G 332 3.77 -35.66 -46.16
N ALA G 333 3.25 -36.46 -47.08
CA ALA G 333 3.59 -37.87 -47.19
C ALA G 333 4.82 -38.14 -48.04
N PHE G 334 5.38 -37.13 -48.68
CA PHE G 334 6.55 -37.30 -49.53
C PHE G 334 7.85 -37.06 -48.78
N SER G 335 7.80 -36.79 -47.48
CA SER G 335 9.02 -36.55 -46.71
C SER G 335 9.88 -37.80 -46.59
N VAL G 336 9.29 -38.99 -46.72
CA VAL G 336 10.07 -40.23 -46.56
C VAL G 336 11.23 -40.26 -47.54
N PHE G 337 11.05 -39.68 -48.73
CA PHE G 337 12.07 -39.68 -49.76
C PHE G 337 13.15 -38.62 -49.53
N ILE G 338 13.24 -38.02 -48.34
CA ILE G 338 14.35 -37.12 -48.06
C ILE G 338 15.67 -37.88 -48.11
N ASP G 339 15.72 -39.05 -47.48
CA ASP G 339 16.91 -39.88 -47.56
C ASP G 339 16.92 -40.66 -48.87
N PRO G 340 18.07 -40.77 -49.53
CA PRO G 340 18.12 -41.50 -50.80
C PRO G 340 17.87 -42.99 -50.67
N VAL G 341 17.95 -43.56 -49.47
CA VAL G 341 17.82 -45.00 -49.31
C VAL G 341 16.42 -45.47 -49.68
N ASN G 342 15.38 -44.73 -49.26
CA ASN G 342 14.00 -45.16 -49.39
C ASN G 342 13.43 -44.97 -50.81
N VAL G 343 14.27 -44.78 -51.82
CA VAL G 343 13.76 -44.58 -53.17
C VAL G 343 13.06 -45.84 -53.69
N ASP G 344 13.42 -47.01 -53.17
CA ASP G 344 12.83 -48.26 -53.64
C ASP G 344 11.50 -48.52 -52.94
N PHE G 345 10.60 -47.53 -52.97
CA PHE G 345 9.30 -47.66 -52.34
C PHE G 345 8.17 -47.03 -53.14
N LEU G 346 8.43 -46.57 -54.35
CA LEU G 346 7.42 -45.84 -55.12
C LEU G 346 6.24 -46.73 -55.47
N ASN G 347 5.04 -46.15 -55.40
CA ASN G 347 3.79 -46.83 -55.71
C ASN G 347 3.04 -46.05 -56.78
N ASP G 348 1.87 -46.56 -57.15
CA ASP G 348 1.02 -45.85 -58.11
C ASP G 348 0.49 -44.54 -57.51
N ASP G 349 0.16 -44.56 -56.22
CA ASP G 349 -0.40 -43.37 -55.59
C ASP G 349 0.60 -42.22 -55.56
N TYR G 350 1.86 -42.52 -55.24
CA TYR G 350 2.88 -41.48 -55.20
C TYR G 350 3.06 -40.84 -56.58
N LEU G 351 3.10 -41.66 -57.62
CA LEU G 351 3.21 -41.15 -58.98
C LEU G 351 2.00 -40.30 -59.34
N LYS G 352 0.80 -40.75 -58.96
CA LYS G 352 -0.41 -40.00 -59.26
C LYS G 352 -0.40 -38.64 -58.59
N ILE G 353 0.04 -38.58 -57.33
CA ILE G 353 0.12 -37.28 -56.65
C ILE G 353 1.18 -36.39 -57.28
N LEU G 354 2.36 -36.94 -57.57
CA LEU G 354 3.44 -36.10 -58.10
C LEU G 354 3.18 -35.67 -59.53
N SER G 355 2.28 -36.35 -60.26
CA SER G 355 1.96 -35.95 -61.61
C SER G 355 1.21 -34.62 -61.68
N ARG G 356 0.68 -34.14 -60.55
CA ARG G 356 -0.06 -32.88 -60.51
C ARG G 356 0.84 -31.69 -60.19
N CYS G 357 2.14 -31.88 -60.17
CA CYS G 357 3.06 -30.78 -59.90
C CYS G 357 3.01 -29.77 -61.03
N PRO G 358 2.72 -28.49 -60.74
CA PRO G 358 2.70 -27.49 -61.83
C PRO G 358 4.01 -27.39 -62.60
N THR G 359 5.14 -27.54 -61.92
CA THR G 359 6.42 -27.53 -62.64
C THR G 359 6.52 -28.70 -63.60
N PHE G 360 5.99 -29.87 -63.20
CA PHE G 360 6.00 -31.02 -64.10
C PHE G 360 5.14 -30.77 -65.34
N MET G 361 3.97 -30.15 -65.15
CA MET G 361 3.12 -29.83 -66.30
C MET G 361 3.79 -28.80 -67.20
N PHE G 362 4.47 -27.81 -66.61
CA PHE G 362 5.21 -26.83 -67.40
C PHE G 362 6.32 -27.50 -68.20
N PHE G 363 7.03 -28.44 -67.57
CA PHE G 363 8.09 -29.15 -68.28
C PHE G 363 7.52 -29.99 -69.43
N VAL G 364 6.38 -30.63 -69.21
CA VAL G 364 5.75 -31.42 -70.26
C VAL G 364 5.33 -30.52 -71.42
N GLU G 365 4.74 -29.35 -71.10
CA GLU G 365 4.34 -28.42 -72.15
C GLU G 365 5.56 -27.90 -72.92
N GLY G 366 6.64 -27.58 -72.21
CA GLY G 366 7.85 -27.15 -72.89
C GLY G 366 8.43 -28.22 -73.79
N LEU G 367 8.42 -29.47 -73.32
CA LEU G 367 8.92 -30.58 -74.13
C LEU G 367 8.08 -30.78 -75.38
N ILE G 368 6.75 -30.71 -75.25
CA ILE G 368 5.90 -30.90 -76.41
C ILE G 368 5.94 -29.70 -77.35
N LYS G 369 6.34 -28.53 -76.86
CA LYS G 369 6.45 -27.36 -77.73
C LYS G 369 7.79 -27.33 -78.47
N GLN G 370 8.90 -27.58 -77.78
CA GLN G 370 10.20 -27.50 -78.44
C GLN G 370 10.54 -28.76 -79.22
N HIS G 371 9.87 -29.87 -78.96
CA HIS G 371 10.19 -31.15 -79.59
C HIS G 371 8.95 -31.77 -80.20
N ALA G 372 9.12 -32.33 -81.39
CA ALA G 372 8.05 -32.98 -82.15
C ALA G 372 7.74 -34.40 -81.66
N PRO G 373 8.75 -35.24 -81.30
CA PRO G 373 8.45 -36.62 -80.88
C PRO G 373 7.30 -36.75 -79.89
N ALA G 374 6.24 -37.44 -80.29
CA ALA G 374 5.10 -37.73 -79.43
C ALA G 374 5.18 -39.12 -78.81
N ASP G 375 6.26 -39.86 -79.06
CA ASP G 375 6.43 -41.17 -78.44
C ASP G 375 6.87 -41.06 -76.99
N GLU G 376 7.68 -40.05 -76.66
CA GLU G 376 8.18 -39.91 -75.30
C GLU G 376 7.09 -39.46 -74.34
N ILE G 377 6.19 -38.58 -74.79
CA ILE G 377 5.16 -38.06 -73.90
C ILE G 377 4.20 -39.17 -73.47
N LEU G 378 3.81 -40.04 -74.40
CA LEU G 378 2.90 -41.13 -74.06
C LEU G 378 3.55 -42.10 -73.08
N SER G 379 4.80 -42.47 -73.34
CA SER G 379 5.50 -43.40 -72.44
C SER G 379 5.69 -42.79 -71.07
N LEU G 380 6.07 -41.51 -71.01
CA LEU G 380 6.29 -40.85 -69.72
C LEU G 380 5.01 -40.78 -68.89
N LEU G 381 3.85 -40.83 -69.53
CA LEU G 381 2.58 -40.85 -68.84
C LEU G 381 2.28 -42.27 -68.35
N THR G 382 1.03 -42.52 -67.95
CA THR G 382 0.65 -43.79 -67.35
C THR G 382 0.83 -44.98 -68.28
N ASN G 383 1.11 -44.75 -69.56
CA ASN G 383 1.33 -45.87 -70.48
C ASN G 383 2.55 -46.70 -70.07
N LYS G 384 3.63 -46.04 -69.66
CA LYS G 384 4.85 -46.71 -69.19
C LYS G 384 5.26 -46.05 -67.88
N ASN G 385 4.78 -46.61 -66.77
CA ASN G 385 5.11 -46.07 -65.46
C ASN G 385 6.59 -46.19 -65.13
N ARG G 386 7.33 -47.03 -65.85
CA ARG G 386 8.76 -47.18 -65.58
C ARG G 386 9.52 -45.90 -65.89
N GLY G 387 9.26 -45.30 -67.06
CA GLY G 387 10.03 -44.12 -67.45
C GLY G 387 9.93 -43.01 -66.43
N LEU G 388 8.72 -42.71 -65.97
CA LEU G 388 8.54 -41.70 -64.93
C LEU G 388 9.20 -42.12 -63.63
N GLU G 389 9.27 -43.43 -63.35
CA GLU G 389 9.83 -43.89 -62.10
C GLU G 389 11.30 -43.50 -61.96
N GLU G 390 12.12 -43.82 -62.96
CA GLU G 390 13.51 -43.37 -62.92
C GLU G 390 13.65 -41.90 -63.26
N PHE G 391 12.70 -41.31 -63.98
CA PHE G 391 12.77 -39.87 -64.23
C PHE G 391 12.65 -39.08 -62.94
N PHE G 392 11.84 -39.58 -62.00
CA PHE G 392 11.70 -38.93 -60.70
C PHE G 392 13.01 -38.98 -59.92
N VAL G 393 13.69 -40.13 -59.95
CA VAL G 393 14.89 -40.30 -59.13
C VAL G 393 16.16 -39.74 -59.77
N GLU G 394 16.17 -39.53 -61.08
CA GLU G 394 17.38 -39.03 -61.73
C GLU G 394 17.61 -37.55 -61.49
N PHE G 395 16.60 -36.82 -61.02
CA PHE G 395 16.67 -35.37 -60.85
C PHE G 395 16.21 -34.98 -59.45
N LEU G 396 16.58 -35.77 -58.44
CA LEU G 396 16.14 -35.54 -57.07
C LEU G 396 17.29 -35.20 -56.13
N VAL G 397 18.33 -36.03 -56.07
CA VAL G 397 19.38 -35.90 -55.06
C VAL G 397 20.45 -34.96 -55.62
N ARG G 398 20.23 -33.66 -55.45
CA ARG G 398 21.21 -32.65 -55.83
C ARG G 398 21.28 -31.63 -54.70
N GLU G 399 21.98 -30.52 -54.94
CA GLU G 399 22.14 -29.46 -53.96
C GLU G 399 21.79 -28.12 -54.59
N ASN G 400 21.28 -27.21 -53.76
CA ASN G 400 20.98 -25.88 -54.25
C ASN G 400 22.09 -24.90 -53.89
N PRO G 401 22.47 -24.02 -54.81
CA PRO G 401 23.55 -23.06 -54.52
C PRO G 401 23.15 -21.94 -53.58
N ILE G 402 21.86 -21.82 -53.24
CA ILE G 402 21.38 -20.65 -52.51
C ILE G 402 22.05 -20.53 -51.14
N ASN G 403 22.13 -21.64 -50.41
CA ASN G 403 22.66 -21.60 -49.06
C ASN G 403 24.14 -21.24 -49.05
N GLY G 404 24.94 -21.95 -49.86
CA GLY G 404 26.36 -21.66 -49.91
C GLY G 404 26.66 -20.27 -50.44
N HIS G 405 25.92 -19.84 -51.46
CA HIS G 405 26.12 -18.50 -52.00
C HIS G 405 25.78 -17.43 -50.96
N ALA G 406 24.69 -17.63 -50.22
CA ALA G 406 24.33 -16.68 -49.18
C ALA G 406 25.39 -16.63 -48.08
N LYS G 407 25.91 -17.81 -47.68
CA LYS G 407 26.97 -17.83 -46.67
C LYS G 407 28.21 -17.09 -47.16
N PHE G 408 28.61 -17.33 -48.42
CA PHE G 408 29.78 -16.67 -48.97
C PHE G 408 29.57 -15.17 -49.05
N VAL G 409 28.39 -14.73 -49.49
CA VAL G 409 28.12 -13.30 -49.59
C VAL G 409 28.15 -12.66 -48.21
N ALA G 410 27.56 -13.31 -47.21
CA ALA G 410 27.58 -12.75 -45.86
C ALA G 410 29.00 -12.65 -45.32
N ARG G 411 29.80 -13.69 -45.51
CA ARG G 411 31.19 -13.66 -45.03
C ARG G 411 31.99 -12.56 -45.73
N PHE G 412 31.84 -12.44 -47.05
CA PHE G 412 32.59 -11.42 -47.79
C PHE G 412 32.17 -10.02 -47.39
N LEU G 413 30.87 -9.80 -47.20
CA LEU G 413 30.40 -8.47 -46.83
C LEU G 413 30.76 -8.14 -45.38
N GLU G 414 30.91 -9.14 -44.53
CA GLU G 414 31.24 -8.88 -43.13
C GLU G 414 32.74 -8.65 -42.94
N GLU G 415 33.57 -9.57 -43.40
CA GLU G 415 35.00 -9.50 -43.10
C GLU G 415 35.74 -8.55 -44.02
N GLU G 416 35.70 -8.81 -45.33
CA GLU G 416 36.53 -8.07 -46.27
C GLU G 416 36.07 -6.62 -46.44
N LEU G 417 34.84 -6.29 -46.05
CA LEU G 417 34.32 -4.94 -46.20
C LEU G 417 34.08 -4.22 -44.88
N ASN G 418 34.06 -4.95 -43.76
CA ASN G 418 33.90 -4.37 -42.42
C ASN G 418 32.57 -3.65 -42.26
N ILE G 419 31.48 -4.40 -42.44
CA ILE G 419 30.14 -3.96 -42.09
C ILE G 419 29.49 -5.04 -41.25
N THR G 420 28.90 -4.64 -40.12
CA THR G 420 28.28 -5.58 -39.20
C THR G 420 26.80 -5.33 -38.96
N ASN G 421 26.25 -4.20 -39.41
CA ASN G 421 24.84 -3.87 -39.18
C ASN G 421 24.04 -4.26 -40.41
N PHE G 422 23.79 -5.57 -40.52
CA PHE G 422 22.96 -6.10 -41.60
C PHE G 422 22.23 -7.33 -41.10
N ASN G 423 21.06 -7.58 -41.68
CA ASN G 423 20.20 -8.70 -41.29
C ASN G 423 20.30 -9.81 -42.31
N LEU G 424 20.62 -11.01 -41.85
CA LEU G 424 20.73 -12.16 -42.76
C LEU G 424 19.39 -12.54 -43.35
N ILE G 425 18.31 -12.38 -42.59
CA ILE G 425 16.97 -12.73 -43.09
C ILE G 425 16.59 -11.83 -44.26
N GLU G 426 16.83 -10.53 -44.13
CA GLU G 426 16.52 -9.60 -45.22
C GLU G 426 17.36 -9.91 -46.45
N LEU G 427 18.65 -10.19 -46.26
CA LEU G 427 19.52 -10.53 -47.38
C LEU G 427 19.05 -11.80 -48.07
N TYR G 428 18.67 -12.82 -47.30
CA TYR G 428 18.20 -14.07 -47.89
C TYR G 428 16.90 -13.86 -48.64
N HIS G 429 15.98 -13.06 -48.09
CA HIS G 429 14.72 -12.78 -48.78
C HIS G 429 14.97 -12.04 -50.09
N ASN G 430 15.86 -11.04 -50.06
CA ASN G 430 16.17 -10.31 -51.28
C ASN G 430 16.82 -11.21 -52.32
N LEU G 431 17.71 -12.12 -51.88
CA LEU G 431 18.32 -13.06 -52.80
C LEU G 431 17.28 -13.99 -53.41
N LEU G 432 16.32 -14.46 -52.60
CA LEU G 432 15.25 -15.29 -53.12
C LEU G 432 14.42 -14.55 -54.16
N ILE G 433 14.07 -13.30 -53.87
CA ILE G 433 13.29 -12.51 -54.83
C ILE G 433 14.10 -12.24 -56.09
N GLY G 434 15.37 -11.90 -55.94
CA GLY G 434 16.23 -11.56 -57.06
C GLY G 434 16.70 -10.12 -57.10
N LYS G 435 16.42 -9.33 -56.07
CA LYS G 435 16.80 -7.92 -56.00
C LYS G 435 18.06 -7.72 -55.17
N LEU G 436 19.01 -8.65 -55.26
CA LEU G 436 20.23 -8.55 -54.46
C LEU G 436 21.03 -7.30 -54.81
N ASP G 437 21.10 -6.96 -56.11
CA ASP G 437 21.84 -5.78 -56.52
C ASP G 437 21.21 -4.51 -55.96
N SER G 438 19.88 -4.45 -55.91
CA SER G 438 19.21 -3.30 -55.33
C SER G 438 19.45 -3.20 -53.83
N TYR G 439 19.59 -4.34 -53.15
CA TYR G 439 19.91 -4.34 -51.73
C TYR G 439 21.37 -4.05 -51.46
N LEU G 440 22.24 -4.23 -52.45
CA LEU G 440 23.67 -4.00 -52.27
C LEU G 440 24.09 -2.59 -52.62
N ASP G 441 23.59 -2.03 -53.72
CA ASP G 441 24.04 -0.73 -54.18
C ASP G 441 23.56 0.42 -53.30
N ARG G 442 22.64 0.18 -52.38
CA ARG G 442 22.12 1.23 -51.51
C ARG G 442 23.14 1.71 -50.48
N TRP G 443 24.26 1.01 -50.32
CA TRP G 443 25.23 1.32 -49.29
C TRP G 443 26.39 2.18 -49.77
N SER G 444 26.53 2.36 -51.09
CA SER G 444 27.57 3.21 -51.68
C SER G 444 28.97 2.78 -51.25
N ALA G 445 29.17 1.48 -51.01
CA ALA G 445 30.47 0.98 -50.61
C ALA G 445 30.85 -0.34 -51.26
N CYS G 446 30.04 -0.87 -52.19
CA CYS G 446 30.32 -2.17 -52.80
C CYS G 446 30.13 -2.14 -54.30
N LYS G 447 30.29 -0.96 -54.92
CA LYS G 447 30.13 -0.86 -56.38
C LYS G 447 31.18 -1.68 -57.11
N GLU G 448 32.42 -1.65 -56.63
CA GLU G 448 33.48 -2.42 -57.30
C GLU G 448 33.26 -3.92 -57.16
N TYR G 449 32.63 -4.36 -56.08
CA TYR G 449 32.38 -5.78 -55.84
C TYR G 449 30.98 -6.22 -56.26
N LYS G 450 30.14 -5.30 -56.75
CA LYS G 450 28.81 -5.68 -57.18
C LYS G 450 28.83 -6.15 -58.64
N ASP G 451 29.73 -7.09 -58.94
CA ASP G 451 29.81 -7.69 -60.27
C ASP G 451 29.59 -9.19 -60.24
N ARG G 452 30.33 -9.93 -59.40
CA ARG G 452 30.15 -11.37 -59.30
C ARG G 452 29.35 -11.77 -58.07
N LEU G 453 28.91 -10.82 -57.25
CA LEU G 453 28.16 -11.14 -56.05
C LEU G 453 26.72 -11.51 -56.34
N HIS G 454 26.19 -11.12 -57.50
CA HIS G 454 24.80 -11.43 -57.84
C HIS G 454 24.63 -12.92 -58.08
N PHE G 455 23.43 -13.41 -57.79
CA PHE G 455 23.10 -14.83 -57.93
C PHE G 455 21.89 -14.98 -58.83
N GLU G 456 21.91 -16.03 -59.65
CA GLU G 456 20.79 -16.34 -60.54
C GLU G 456 20.01 -17.50 -59.97
N PRO G 457 18.77 -17.30 -59.50
CA PRO G 457 18.00 -18.42 -58.97
C PRO G 457 17.72 -19.47 -60.04
N ILE G 458 17.72 -20.72 -59.63
CA ILE G 458 17.50 -21.85 -60.53
C ILE G 458 16.27 -22.61 -60.05
N ASP G 459 15.27 -22.73 -60.92
CA ASP G 459 14.08 -23.50 -60.63
C ASP G 459 14.26 -24.93 -61.12
N THR G 460 13.86 -25.89 -60.30
CA THR G 460 14.02 -27.30 -60.60
C THR G 460 12.65 -27.95 -60.80
N ILE G 461 12.66 -29.26 -61.02
CA ILE G 461 11.44 -30.03 -61.19
C ILE G 461 11.08 -30.66 -59.85
N PHE G 462 9.77 -30.82 -59.61
CA PHE G 462 9.25 -31.33 -58.35
C PHE G 462 9.74 -30.49 -57.17
N GLN G 463 9.84 -29.17 -57.36
CA GLN G 463 10.42 -28.31 -56.35
C GLN G 463 9.53 -28.20 -55.11
N GLU G 464 8.24 -27.94 -55.32
CA GLU G 464 7.35 -27.65 -54.20
C GLU G 464 6.84 -28.92 -53.50
N LEU G 465 7.25 -30.10 -53.95
CA LEU G 465 7.03 -31.29 -53.12
C LEU G 465 7.90 -31.24 -51.87
N PHE G 466 8.96 -30.44 -51.89
CA PHE G 466 9.87 -30.26 -50.75
C PHE G 466 10.01 -28.76 -50.55
N THR G 467 9.10 -28.16 -49.78
CA THR G 467 9.10 -26.73 -49.57
C THR G 467 8.39 -26.37 -48.29
N LEU G 468 8.66 -25.17 -47.80
CA LEU G 468 7.99 -24.61 -46.63
C LEU G 468 7.42 -23.24 -47.00
N ASP G 469 6.15 -23.02 -46.68
CA ASP G 469 5.49 -21.75 -46.95
C ASP G 469 4.17 -21.74 -46.20
N ASN G 470 3.53 -20.57 -46.18
CA ASN G 470 2.21 -20.39 -45.58
C ASN G 470 1.27 -19.81 -46.62
N ARG G 471 0.70 -20.68 -47.45
CA ARG G 471 -0.33 -20.28 -48.41
C ARG G 471 -1.73 -20.57 -47.91
N SER G 472 -1.89 -21.50 -46.96
CA SER G 472 -3.20 -21.86 -46.43
C SER G 472 -3.56 -21.06 -45.19
N GLY G 473 -2.69 -20.15 -44.73
CA GLY G 473 -2.99 -19.37 -43.54
C GLY G 473 -3.08 -20.20 -42.28
N LEU G 474 -2.23 -21.22 -42.15
CA LEU G 474 -2.22 -22.06 -40.95
C LEU G 474 -1.28 -21.50 -39.90
N LEU G 475 -0.08 -21.08 -40.29
CA LEU G 475 0.88 -20.55 -39.32
C LEU G 475 0.37 -19.29 -38.65
N THR G 476 -0.42 -18.48 -39.37
CA THR G 476 -1.01 -17.28 -38.81
C THR G 476 -2.32 -17.54 -38.07
N GLN G 477 -2.76 -18.80 -38.02
CA GLN G 477 -3.99 -19.16 -37.32
C GLN G 477 -3.74 -19.82 -35.98
N SER G 478 -2.61 -20.50 -35.82
CA SER G 478 -2.29 -21.21 -34.59
C SER G 478 -1.26 -20.51 -33.74
N ILE G 479 -0.71 -19.37 -34.18
CA ILE G 479 0.29 -18.62 -33.45
C ILE G 479 -0.17 -17.20 -33.16
N PHE G 480 -0.72 -16.52 -34.18
CA PHE G 480 -1.23 -15.16 -34.04
C PHE G 480 -2.65 -15.09 -34.59
N PRO G 481 -3.61 -15.68 -33.89
CA PRO G 481 -4.99 -15.66 -34.37
C PRO G 481 -5.69 -14.35 -34.05
N SER G 482 -6.72 -14.07 -34.84
CA SER G 482 -7.58 -12.90 -34.61
C SER G 482 -8.69 -13.32 -33.66
N TYR G 483 -8.45 -13.12 -32.36
CA TYR G 483 -9.34 -13.61 -31.31
C TYR G 483 -10.73 -13.01 -31.40
N LYS G 484 -10.83 -11.69 -31.18
CA LYS G 484 -12.13 -11.04 -31.11
C LYS G 484 -12.87 -11.13 -32.44
N SER G 485 -12.14 -10.94 -33.55
CA SER G 485 -12.77 -11.01 -34.86
C SER G 485 -13.32 -12.41 -35.11
N ASN G 486 -12.58 -13.45 -34.70
CA ASN G 486 -13.09 -14.81 -34.86
C ASN G 486 -14.34 -15.03 -34.03
N ILE G 487 -14.37 -14.51 -32.79
CA ILE G 487 -15.55 -14.67 -31.95
C ILE G 487 -16.76 -14.02 -32.60
N GLU G 488 -16.60 -12.78 -33.08
CA GLU G 488 -17.71 -12.09 -33.73
C GLU G 488 -18.15 -12.79 -35.00
N ASP G 489 -17.20 -13.28 -35.79
CA ASP G 489 -17.56 -13.97 -37.02
C ASP G 489 -18.33 -15.25 -36.73
N ASN G 490 -17.92 -16.00 -35.70
CA ASN G 490 -18.65 -17.20 -35.32
C ASN G 490 -20.05 -16.86 -34.81
N LEU G 491 -20.18 -15.79 -34.02
CA LEU G 491 -21.47 -15.44 -33.45
C LEU G 491 -22.45 -14.96 -34.52
N LEU G 492 -21.99 -14.05 -35.39
CA LEU G 492 -22.90 -13.43 -36.35
C LEU G 492 -23.36 -14.41 -37.41
N SER G 493 -22.43 -15.16 -38.00
CA SER G 493 -22.72 -16.15 -39.02
C SER G 493 -22.42 -17.53 -38.44
N TRP G 494 -23.41 -18.10 -37.75
CA TRP G 494 -23.25 -19.41 -37.13
C TRP G 494 -23.42 -20.54 -38.13
N GLU G 495 -23.84 -20.26 -39.36
CA GLU G 495 -24.12 -21.31 -40.33
C GLU G 495 -22.86 -22.06 -40.75
N GLN G 496 -21.68 -21.48 -40.54
CA GLN G 496 -20.42 -22.13 -40.87
C GLN G 496 -19.90 -23.02 -39.75
N VAL G 497 -20.60 -23.11 -38.62
CA VAL G 497 -20.17 -23.90 -37.47
C VAL G 497 -21.06 -25.12 -37.27
N LEU G 498 -22.35 -24.92 -37.04
CA LEU G 498 -23.26 -26.03 -36.81
C LEU G 498 -23.53 -26.76 -38.12
N PRO G 499 -23.32 -28.07 -38.19
CA PRO G 499 -23.58 -28.79 -39.44
C PRO G 499 -25.05 -28.72 -39.83
N SER G 500 -25.29 -28.58 -41.13
CA SER G 500 -26.66 -28.50 -41.66
C SER G 500 -27.09 -29.86 -42.19
N LEU G 501 -27.17 -30.83 -41.28
CA LEU G 501 -27.59 -32.17 -41.65
C LEU G 501 -29.08 -32.19 -42.00
N ASP G 502 -29.44 -33.02 -42.98
CA ASP G 502 -30.83 -33.15 -43.37
C ASP G 502 -31.26 -34.58 -43.64
N LYS G 503 -30.35 -35.56 -43.54
CA LYS G 503 -30.72 -36.95 -43.81
C LYS G 503 -31.65 -37.48 -42.72
N GLU G 504 -31.33 -37.20 -41.45
CA GLU G 504 -32.08 -37.70 -40.31
C GLU G 504 -33.10 -36.69 -39.80
N ASN G 505 -33.68 -35.88 -40.70
CA ASN G 505 -34.71 -34.93 -40.30
C ASN G 505 -36.02 -35.61 -39.90
N TYR G 506 -36.16 -36.91 -40.15
CA TYR G 506 -37.40 -37.62 -39.84
C TYR G 506 -37.37 -38.26 -38.45
N ASP G 507 -36.35 -39.07 -38.18
CA ASP G 507 -36.27 -39.77 -36.89
C ASP G 507 -35.96 -38.83 -35.74
N THR G 508 -35.48 -37.62 -36.03
CA THR G 508 -35.21 -36.66 -34.97
C THR G 508 -36.52 -36.12 -34.40
N LEU G 509 -36.45 -35.62 -33.17
CA LEU G 509 -37.66 -35.14 -32.50
C LEU G 509 -38.03 -33.73 -32.95
N SER G 510 -37.17 -32.76 -32.66
CA SER G 510 -37.44 -31.36 -32.95
C SER G 510 -36.80 -30.94 -34.28
N GLY G 511 -37.15 -31.65 -35.34
CA GLY G 511 -36.62 -31.32 -36.65
C GLY G 511 -37.07 -29.96 -37.14
N ASP G 512 -38.36 -29.67 -37.03
CA ASP G 512 -38.91 -28.44 -37.60
C ASP G 512 -38.28 -27.21 -36.98
N LEU G 513 -38.05 -27.23 -35.67
CA LEU G 513 -37.38 -26.10 -35.03
C LEU G 513 -35.95 -25.95 -35.54
N ASP G 514 -35.27 -27.06 -35.80
CA ASP G 514 -33.87 -26.99 -36.24
C ASP G 514 -33.73 -26.41 -37.64
N LYS G 515 -34.83 -26.27 -38.39
CA LYS G 515 -34.78 -25.73 -39.74
C LYS G 515 -35.24 -24.29 -39.82
N ILE G 516 -36.11 -23.84 -38.92
CA ILE G 516 -36.68 -22.50 -38.99
C ILE G 516 -36.28 -21.63 -37.81
N MET G 517 -35.47 -22.12 -36.89
CA MET G 517 -35.05 -21.34 -35.72
C MET G 517 -33.55 -21.49 -35.52
N ALA G 518 -32.88 -20.36 -35.32
CA ALA G 518 -31.45 -20.28 -35.07
C ALA G 518 -31.17 -20.43 -33.58
N PRO G 519 -29.93 -20.76 -33.21
CA PRO G 519 -29.58 -20.77 -31.79
C PRO G 519 -29.76 -19.37 -31.18
N VAL G 520 -30.10 -19.36 -29.89
CA VAL G 520 -30.49 -18.11 -29.24
C VAL G 520 -29.36 -17.08 -29.28
N LEU G 521 -28.12 -17.53 -29.12
CA LEU G 521 -27.00 -16.60 -29.12
C LEU G 521 -26.85 -15.91 -30.46
N GLY G 522 -26.86 -16.68 -31.54
CA GLY G 522 -26.72 -16.09 -32.87
C GLY G 522 -27.91 -15.22 -33.25
N GLN G 523 -29.11 -15.63 -32.86
CA GLN G 523 -30.29 -14.83 -33.15
C GLN G 523 -30.27 -13.51 -32.39
N LEU G 524 -29.78 -13.54 -31.15
CA LEU G 524 -29.75 -12.31 -30.35
C LEU G 524 -28.61 -11.39 -30.76
N PHE G 525 -27.51 -11.94 -31.27
CA PHE G 525 -26.38 -11.09 -31.63
C PHE G 525 -26.70 -10.17 -32.80
N LYS G 526 -27.57 -10.62 -33.72
CA LYS G 526 -27.96 -9.75 -34.83
C LYS G 526 -28.69 -8.50 -34.32
N LEU G 527 -29.65 -8.70 -33.43
CA LEU G 527 -30.37 -7.56 -32.84
C LEU G 527 -29.42 -6.71 -32.01
N TYR G 528 -28.47 -7.34 -31.31
CA TYR G 528 -27.48 -6.58 -30.55
C TYR G 528 -26.65 -5.69 -31.47
N ARG G 529 -26.26 -6.22 -32.62
CA ARG G 529 -25.47 -5.43 -33.57
C ARG G 529 -26.29 -4.29 -34.16
N GLU G 530 -27.56 -4.56 -34.50
CA GLU G 530 -28.37 -3.54 -35.15
C GLU G 530 -28.92 -2.49 -34.20
N ALA G 531 -28.73 -2.66 -32.89
CA ALA G 531 -29.29 -1.74 -31.92
C ALA G 531 -28.40 -0.49 -31.78
N ASN G 532 -28.81 0.41 -30.89
CA ASN G 532 -28.10 1.66 -30.67
C ASN G 532 -27.08 1.46 -29.55
N MET G 533 -26.42 2.53 -29.12
CA MET G 533 -25.34 2.41 -28.14
C MET G 533 -25.87 1.95 -26.78
N THR G 534 -26.92 2.60 -26.29
CA THR G 534 -27.55 2.22 -25.03
C THR G 534 -28.98 1.79 -25.34
N ILE G 535 -29.40 0.66 -24.77
CA ILE G 535 -30.69 0.08 -25.12
C ILE G 535 -31.46 -0.29 -23.86
N ASN G 536 -32.78 -0.29 -24.00
CA ASN G 536 -33.70 -0.67 -22.93
C ASN G 536 -33.97 -2.15 -22.99
N ILE G 537 -34.13 -2.77 -21.81
CA ILE G 537 -34.30 -4.22 -21.74
C ILE G 537 -35.64 -4.64 -22.33
N TYR G 538 -36.71 -3.93 -21.99
CA TYR G 538 -38.05 -4.40 -22.36
C TYR G 538 -38.27 -4.39 -23.86
N ASP G 539 -37.86 -3.30 -24.54
CA ASP G 539 -38.03 -3.25 -25.99
C ASP G 539 -37.19 -4.30 -26.69
N PHE G 540 -35.96 -4.53 -26.20
CA PHE G 540 -35.11 -5.55 -26.77
C PHE G 540 -35.74 -6.93 -26.61
N TYR G 541 -36.30 -7.22 -25.44
CA TYR G 541 -36.99 -8.49 -25.23
C TYR G 541 -38.21 -8.62 -26.13
N ILE G 542 -38.96 -7.54 -26.30
CA ILE G 542 -40.13 -7.58 -27.18
C ILE G 542 -39.73 -7.89 -28.61
N ALA G 543 -38.67 -7.24 -29.10
CA ALA G 543 -38.18 -7.52 -30.44
C ALA G 543 -37.73 -8.96 -30.58
N PHE G 544 -36.98 -9.46 -29.60
CA PHE G 544 -36.52 -10.85 -29.66
C PHE G 544 -37.69 -11.82 -29.69
N ARG G 545 -38.71 -11.56 -28.87
CA ARG G 545 -39.91 -12.40 -28.89
C ARG G 545 -40.62 -12.34 -30.23
N GLU G 546 -40.66 -11.14 -30.84
CA GLU G 546 -41.29 -11.01 -32.15
C GLU G 546 -40.54 -11.81 -33.21
N THR G 547 -39.21 -11.90 -33.11
CA THR G 547 -38.43 -12.57 -34.15
C THR G 547 -38.77 -14.05 -34.26
N LEU G 548 -38.92 -14.75 -33.11
CA LEU G 548 -38.99 -16.21 -33.19
C LEU G 548 -40.40 -16.70 -33.46
N PRO G 549 -40.54 -17.85 -34.12
CA PRO G 549 -41.87 -18.37 -34.45
C PRO G 549 -42.62 -18.86 -33.22
N LYS G 550 -43.95 -18.89 -33.35
CA LYS G 550 -44.84 -19.15 -32.22
C LYS G 550 -45.36 -20.58 -32.17
N GLU G 551 -46.02 -21.03 -33.24
CA GLU G 551 -46.72 -22.31 -33.19
C GLU G 551 -45.75 -23.48 -32.99
N GLU G 552 -44.61 -23.45 -33.66
CA GLU G 552 -43.64 -24.54 -33.55
C GLU G 552 -43.13 -24.69 -32.13
N ILE G 553 -43.02 -23.58 -31.40
CA ILE G 553 -42.54 -23.67 -30.01
C ILE G 553 -43.53 -24.46 -29.16
N LEU G 554 -44.82 -24.16 -29.27
CA LEU G 554 -45.82 -24.90 -28.51
C LEU G 554 -45.90 -26.35 -28.96
N ASN G 555 -45.78 -26.60 -30.27
CA ASN G 555 -45.79 -27.98 -30.75
C ASN G 555 -44.62 -28.77 -30.20
N PHE G 556 -43.42 -28.16 -30.17
CA PHE G 556 -42.26 -28.81 -29.59
C PHE G 556 -42.44 -29.07 -28.10
N ILE G 557 -43.03 -28.10 -27.39
CA ILE G 557 -43.28 -28.28 -25.95
C ILE G 557 -44.22 -29.45 -25.72
N ARG G 558 -45.28 -29.55 -26.51
CA ARG G 558 -46.25 -30.64 -26.37
C ARG G 558 -45.80 -31.94 -27.01
N LYS G 559 -44.66 -31.94 -27.72
CA LYS G 559 -44.23 -33.13 -28.43
C LYS G 559 -43.96 -34.30 -27.48
N ASP G 560 -43.30 -34.03 -26.35
CA ASP G 560 -42.95 -35.09 -25.42
C ASP G 560 -44.10 -35.33 -24.46
N PRO G 561 -44.70 -36.52 -24.45
CA PRO G 561 -45.80 -36.79 -23.51
C PRO G 561 -45.36 -37.41 -22.18
N SER G 562 -44.10 -37.82 -22.05
CA SER G 562 -43.63 -38.41 -20.81
C SER G 562 -43.66 -37.40 -19.66
N ASN G 563 -43.27 -36.16 -19.94
CA ASN G 563 -43.27 -35.13 -18.91
C ASN G 563 -44.69 -34.74 -18.55
N THR G 564 -44.84 -34.20 -17.34
CA THR G 564 -46.15 -33.81 -16.82
C THR G 564 -46.26 -32.31 -16.57
N LYS G 565 -45.30 -31.73 -15.85
CA LYS G 565 -45.39 -30.31 -15.50
C LYS G 565 -45.34 -29.43 -16.75
N LEU G 566 -44.51 -29.81 -17.73
CA LEU G 566 -44.45 -29.07 -18.97
C LEU G 566 -45.78 -29.10 -19.70
N LEU G 567 -46.46 -30.25 -19.68
CA LEU G 567 -47.75 -30.36 -20.34
C LEU G 567 -48.78 -29.45 -19.69
N GLU G 568 -48.81 -29.39 -18.35
CA GLU G 568 -49.78 -28.52 -17.70
C GLU G 568 -49.40 -27.05 -17.85
N LEU G 569 -48.13 -26.75 -18.08
CA LEU G 569 -47.73 -25.39 -18.44
C LEU G 569 -48.11 -25.04 -19.88
N ALA G 570 -48.24 -26.04 -20.75
CA ALA G 570 -48.48 -25.78 -22.17
C ALA G 570 -49.82 -25.08 -22.39
N GLU G 571 -50.88 -25.56 -21.74
CA GLU G 571 -52.21 -25.02 -22.03
C GLU G 571 -52.46 -23.66 -21.40
N THR G 572 -51.54 -23.16 -20.59
CA THR G 572 -51.67 -21.81 -20.05
C THR G 572 -51.68 -20.82 -21.20
N PRO G 573 -52.61 -19.85 -21.20
CA PRO G 573 -52.75 -18.97 -22.37
C PRO G 573 -51.50 -18.16 -22.69
N ASP G 574 -50.65 -17.87 -21.72
CA ASP G 574 -49.47 -17.05 -21.93
C ASP G 574 -48.18 -17.81 -21.62
N ALA G 575 -48.12 -19.07 -22.01
CA ALA G 575 -46.89 -19.84 -21.85
C ALA G 575 -45.81 -19.39 -22.83
N PHE G 576 -46.21 -18.94 -24.03
CA PHE G 576 -45.26 -18.50 -25.03
C PHE G 576 -44.43 -17.31 -24.53
N ASP G 577 -45.09 -16.35 -23.89
CA ASP G 577 -44.40 -15.16 -23.40
C ASP G 577 -43.34 -15.53 -22.38
N LYS G 578 -43.68 -16.40 -21.43
CA LYS G 578 -42.73 -16.76 -20.39
C LYS G 578 -41.61 -17.67 -20.91
N VAL G 579 -41.92 -18.52 -21.90
CA VAL G 579 -40.85 -19.31 -22.52
C VAL G 579 -39.84 -18.40 -23.19
N ALA G 580 -40.34 -17.43 -23.98
CA ALA G 580 -39.44 -16.48 -24.63
C ALA G 580 -38.67 -15.66 -23.61
N LEU G 581 -39.32 -15.29 -22.50
CA LEU G 581 -38.65 -14.54 -21.45
C LEU G 581 -37.53 -15.35 -20.80
N ILE G 582 -37.76 -16.64 -20.55
CA ILE G 582 -36.72 -17.49 -19.96
C ILE G 582 -35.52 -17.58 -20.91
N LEU G 583 -35.79 -17.84 -22.20
CA LEU G 583 -34.70 -17.89 -23.16
C LEU G 583 -33.96 -16.56 -23.23
N PHE G 584 -34.69 -15.45 -23.13
CA PHE G 584 -34.08 -14.13 -23.18
C PHE G 584 -33.16 -13.91 -21.98
N MET G 585 -33.61 -14.29 -20.78
CA MET G 585 -32.73 -14.18 -19.61
C MET G 585 -31.48 -15.02 -19.78
N GLN G 586 -31.62 -16.25 -20.28
CA GLN G 586 -30.44 -17.10 -20.47
C GLN G 586 -29.44 -16.45 -21.41
N ALA G 587 -29.93 -15.93 -22.56
CA ALA G 587 -29.03 -15.32 -23.52
C ALA G 587 -28.39 -14.05 -22.98
N ILE G 588 -29.17 -13.23 -22.27
CA ILE G 588 -28.63 -11.99 -21.71
C ILE G 588 -27.55 -12.28 -20.68
N PHE G 589 -27.79 -13.28 -19.82
CA PHE G 589 -26.75 -13.66 -18.85
C PHE G 589 -25.52 -14.18 -19.56
N ALA G 590 -25.70 -14.94 -20.65
CA ALA G 590 -24.56 -15.41 -21.42
C ALA G 590 -23.72 -14.25 -21.95
N PHE G 591 -24.38 -13.26 -22.56
CA PHE G 591 -23.64 -12.08 -23.03
C PHE G 591 -22.96 -11.34 -21.88
N GLU G 592 -23.66 -11.15 -20.77
CA GLU G 592 -23.07 -10.38 -19.67
C GLU G 592 -21.85 -11.08 -19.11
N ASN G 593 -21.88 -12.42 -19.07
CA ASN G 593 -20.71 -13.17 -18.62
C ASN G 593 -19.60 -13.12 -19.66
N MET G 594 -19.95 -13.11 -20.95
CA MET G 594 -18.95 -13.14 -22.00
C MET G 594 -18.26 -11.80 -22.20
N GLY G 595 -18.83 -10.72 -21.68
CA GLY G 595 -18.22 -9.40 -21.78
C GLY G 595 -18.69 -8.55 -22.94
N LEU G 596 -19.79 -8.91 -23.59
CA LEU G 596 -20.30 -8.18 -24.75
C LEU G 596 -21.26 -7.06 -24.38
N ILE G 597 -21.58 -6.90 -23.09
CA ILE G 597 -22.62 -5.96 -22.68
C ILE G 597 -22.42 -5.67 -21.20
N LYS G 598 -22.90 -4.51 -20.76
CA LYS G 598 -22.90 -4.18 -19.34
C LYS G 598 -24.17 -3.43 -19.02
N PHE G 599 -24.55 -3.45 -17.75
CA PHE G 599 -25.76 -2.78 -17.28
C PHE G 599 -25.37 -1.53 -16.50
N GLN G 600 -26.02 -0.42 -16.81
CA GLN G 600 -25.69 0.85 -16.17
C GLN G 600 -26.65 1.16 -15.03
N SER G 601 -26.19 1.98 -14.09
CA SER G 601 -27.00 2.45 -12.97
C SER G 601 -27.57 1.29 -12.17
N THR G 602 -26.65 0.58 -11.50
CA THR G 602 -27.00 -0.62 -10.74
C THR G 602 -28.18 -0.42 -9.80
N LYS G 603 -28.49 0.82 -9.43
CA LYS G 603 -29.68 1.11 -8.65
C LYS G 603 -30.95 1.12 -9.49
N SER G 604 -30.82 1.08 -10.82
CA SER G 604 -31.97 1.06 -11.72
C SER G 604 -32.11 -0.23 -12.50
N TYR G 605 -30.99 -0.82 -12.94
CA TYR G 605 -30.95 -2.06 -13.72
C TYR G 605 -32.06 -2.10 -14.78
N ASP G 606 -32.07 -1.07 -15.62
CA ASP G 606 -33.05 -0.97 -16.69
C ASP G 606 -32.43 -0.65 -18.05
N LEU G 607 -31.21 -0.12 -18.11
CA LEU G 607 -30.56 0.22 -19.37
C LEU G 607 -29.21 -0.47 -19.46
N VAL G 608 -28.89 -0.98 -20.65
CA VAL G 608 -27.65 -1.72 -20.86
C VAL G 608 -26.91 -1.09 -22.03
N GLU G 609 -25.60 -0.95 -21.86
CA GLU G 609 -24.70 -0.40 -22.87
C GLU G 609 -23.86 -1.52 -23.46
N LYS G 610 -23.79 -1.56 -24.79
CA LYS G 610 -22.89 -2.48 -25.47
C LYS G 610 -21.46 -1.97 -25.39
N CYS G 611 -20.50 -2.88 -25.48
CA CYS G 611 -19.10 -2.53 -25.34
C CYS G 611 -18.21 -3.05 -26.47
N VAL G 612 -18.74 -3.85 -27.39
CA VAL G 612 -17.94 -4.44 -28.45
C VAL G 612 -18.64 -4.19 -29.79
N TRP G 613 -17.89 -3.68 -30.76
CA TRP G 613 -18.37 -3.47 -32.12
C TRP G 613 -17.57 -4.36 -33.07
N ARG G 614 -18.26 -5.06 -33.95
CA ARG G 614 -17.60 -5.96 -34.89
C ARG G 614 -16.71 -5.19 -35.86
N GLY G 615 -15.54 -5.75 -36.16
CA GLY G 615 -14.64 -5.18 -37.13
C GLY G 615 -13.54 -4.33 -36.58
N ILE G 616 -13.62 -3.92 -35.31
CA ILE G 616 -12.58 -3.11 -34.70
C ILE G 616 -11.45 -4.00 -34.21
N ASP H 46 40.45 39.89 37.71
CA ASP H 46 40.30 39.65 39.13
C ASP H 46 39.31 38.50 39.39
N PRO H 47 39.69 37.58 40.28
CA PRO H 47 38.83 36.43 40.56
C PRO H 47 37.48 36.80 41.17
N GLY H 48 37.37 37.98 41.79
CA GLY H 48 36.10 38.37 42.36
C GLY H 48 35.00 38.49 41.31
N PHE H 49 35.33 39.06 40.16
CA PHE H 49 34.35 39.17 39.08
C PHE H 49 33.94 37.78 38.58
N GLY H 50 34.89 36.86 38.46
CA GLY H 50 34.56 35.51 38.06
C GLY H 50 33.62 34.83 39.06
N SER H 51 33.90 35.01 40.36
CA SER H 51 33.02 34.43 41.37
C SER H 51 31.63 35.03 41.29
N LEU H 52 31.54 36.34 41.10
CA LEU H 52 30.23 36.99 41.00
C LEU H 52 29.47 36.49 39.77
N GLN H 53 30.16 36.35 38.64
CA GLN H 53 29.52 35.86 37.42
C GLN H 53 29.03 34.43 37.59
N ARG H 54 29.84 33.56 38.20
CA ARG H 54 29.43 32.18 38.43
C ARG H 54 28.24 32.12 39.37
N ARG H 55 28.24 32.94 40.42
CA ARG H 55 27.12 32.97 41.35
C ARG H 55 25.84 33.42 40.65
N LEU H 56 25.94 34.45 39.80
CA LEU H 56 24.77 34.91 39.07
C LEU H 56 24.24 33.83 38.13
N LEU H 57 25.13 33.14 37.43
CA LEU H 57 24.70 32.10 36.51
C LEU H 57 23.99 30.96 37.25
N GLN H 58 24.57 30.52 38.38
CA GLN H 58 23.95 29.42 39.11
C GLN H 58 22.71 29.87 39.88
N GLN H 59 22.57 31.17 40.13
CA GLN H 59 21.30 31.68 40.64
C GLN H 59 20.23 31.63 39.56
N LEU H 60 20.59 31.99 38.32
CA LEU H 60 19.62 32.00 37.24
C LEU H 60 19.16 30.59 36.88
N TYR H 61 20.10 29.66 36.72
CA TYR H 61 19.70 28.27 36.46
C TYR H 61 19.02 27.60 37.64
N GLY H 62 19.09 28.17 38.85
CA GLY H 62 18.41 27.62 39.99
C GLY H 62 19.18 26.57 40.75
N THR H 63 20.31 26.10 40.22
CA THR H 63 21.14 25.13 40.92
C THR H 63 21.78 25.82 42.12
N LEU H 64 21.27 25.55 43.31
CA LEU H 64 21.63 26.28 44.52
C LEU H 64 21.26 25.41 45.71
N PRO H 65 21.99 25.52 46.83
CA PRO H 65 21.64 24.70 48.00
C PRO H 65 20.20 24.93 48.44
N THR H 66 19.54 23.84 48.82
CA THR H 66 18.11 23.88 49.09
C THR H 66 17.75 24.74 50.28
N ASP H 67 18.69 24.99 51.19
CA ASP H 67 18.40 25.81 52.37
C ASP H 67 18.45 27.30 52.08
N GLU H 68 18.89 27.71 50.89
CA GLU H 68 18.92 29.12 50.53
C GLU H 68 18.27 29.38 49.17
N LYS H 69 17.43 28.47 48.70
CA LYS H 69 16.67 28.72 47.48
C LYS H 69 15.64 29.82 47.73
N ILE H 70 15.26 30.48 46.64
CA ILE H 70 14.31 31.58 46.69
C ILE H 70 13.09 31.21 45.87
N ILE H 71 11.91 31.56 46.36
CA ILE H 71 10.65 31.21 45.73
C ILE H 71 9.83 32.48 45.55
N PHE H 72 9.27 32.65 44.34
CA PHE H 72 8.59 33.89 43.98
C PHE H 72 7.37 34.11 44.86
N THR H 73 7.06 35.39 45.11
CA THR H 73 6.01 35.74 46.06
C THR H 73 4.61 35.47 45.53
N TYR H 74 4.46 35.32 44.21
CA TYR H 74 3.13 35.16 43.63
C TYR H 74 2.66 33.71 43.59
N LEU H 75 3.47 32.76 44.04
CA LEU H 75 3.07 31.36 44.07
C LEU H 75 3.39 30.70 45.41
N GLN H 76 3.48 31.48 46.49
CA GLN H 76 3.75 30.91 47.80
C GLN H 76 2.56 30.13 48.35
N ASP H 77 1.34 30.51 47.97
CA ASP H 77 0.16 29.80 48.46
C ASP H 77 0.13 28.37 47.94
N CYS H 78 0.48 28.16 46.67
CA CYS H 78 0.57 26.81 46.14
C CYS H 78 1.65 26.01 46.86
N GLN H 79 2.78 26.65 47.16
CA GLN H 79 3.82 26.00 47.94
C GLN H 79 3.29 25.54 49.29
N GLN H 80 2.57 26.42 49.99
CA GLN H 80 2.07 26.07 51.31
C GLN H 80 1.06 24.95 51.25
N GLU H 81 0.18 24.97 50.24
CA GLU H 81 -0.80 23.90 50.08
C GLU H 81 -0.12 22.56 49.83
N ILE H 82 0.82 22.53 48.90
CA ILE H 82 1.53 21.29 48.59
C ILE H 82 2.31 20.80 49.79
N ASP H 83 2.95 21.73 50.51
CA ASP H 83 3.71 21.36 51.69
C ASP H 83 2.81 20.76 52.77
N ARG H 84 1.62 21.35 52.96
CA ARG H 84 0.68 20.80 53.92
C ARG H 84 0.26 19.38 53.52
N ILE H 85 -0.04 19.18 52.24
CA ILE H 85 -0.45 17.85 51.79
C ILE H 85 0.66 16.83 52.04
N ILE H 86 1.90 17.17 51.65
CA ILE H 86 2.99 16.22 51.77
C ILE H 86 3.32 15.96 53.24
N LYS H 87 3.30 17.00 54.07
CA LYS H 87 3.57 16.81 55.49
C LYS H 87 2.51 15.94 56.14
N GLN H 88 1.24 16.15 55.80
CA GLN H 88 0.19 15.29 56.32
C GLN H 88 0.40 13.84 55.88
N SER H 89 0.80 13.63 54.62
CA SER H 89 0.98 12.28 54.12
C SER H 89 2.16 11.58 54.80
N ILE H 90 3.26 12.28 55.01
CA ILE H 90 4.50 11.63 55.45
C ILE H 90 4.58 11.58 56.98
N ILE H 91 4.44 12.73 57.65
CA ILE H 91 4.64 12.77 59.08
C ILE H 91 3.51 12.07 59.82
N GLN H 92 2.27 12.32 59.42
CA GLN H 92 1.10 11.83 60.14
C GLN H 92 0.52 10.54 59.58
N LYS H 93 1.14 9.98 58.54
CA LYS H 93 0.76 8.68 57.98
C LYS H 93 -0.71 8.67 57.54
N GLU H 94 -1.02 9.51 56.55
CA GLU H 94 -2.37 9.61 56.01
C GLU H 94 -2.30 9.58 54.49
N SER H 95 -3.17 8.81 53.87
CA SER H 95 -3.16 8.65 52.42
C SER H 95 -3.77 9.86 51.72
N HIS H 96 -3.28 10.15 50.53
CA HIS H 96 -3.74 11.32 49.78
C HIS H 96 -3.58 11.07 48.28
N SER H 97 -4.49 11.66 47.50
CA SER H 97 -4.41 11.66 46.06
C SER H 97 -4.77 13.05 45.55
N VAL H 98 -3.99 13.57 44.61
CA VAL H 98 -4.20 14.93 44.14
C VAL H 98 -3.62 15.08 42.73
N ILE H 99 -4.18 16.01 41.97
CA ILE H 99 -3.79 16.27 40.59
C ILE H 99 -3.50 17.76 40.43
N LEU H 100 -2.40 18.08 39.74
CA LEU H 100 -1.99 19.44 39.47
C LEU H 100 -2.14 19.73 37.98
N VAL H 101 -2.87 20.80 37.67
CA VAL H 101 -3.17 21.19 36.30
C VAL H 101 -2.61 22.58 36.05
N GLY H 102 -1.94 22.75 34.91
CA GLY H 102 -1.36 24.02 34.55
C GLY H 102 -0.62 23.94 33.23
N PRO H 103 -0.34 25.10 32.63
CA PRO H 103 0.37 25.11 31.35
C PRO H 103 1.81 24.64 31.50
N ARG H 104 2.45 24.46 30.35
CA ARG H 104 3.84 24.01 30.35
C ARG H 104 4.74 25.06 30.99
N GLN H 105 5.76 24.59 31.71
CA GLN H 105 6.70 25.45 32.42
C GLN H 105 5.98 26.42 33.36
N SER H 106 5.11 25.86 34.20
CA SER H 106 4.39 26.63 35.21
C SER H 106 4.82 26.26 36.62
N TYR H 107 6.03 25.73 36.78
CA TYR H 107 6.60 25.40 38.09
C TYR H 107 5.78 24.31 38.80
N LYS H 108 5.56 23.21 38.09
CA LYS H 108 4.90 22.04 38.70
C LYS H 108 5.94 21.10 39.28
N THR H 109 6.87 20.61 38.44
CA THR H 109 7.92 19.73 38.93
C THR H 109 8.87 20.47 39.87
N TYR H 110 9.07 21.77 39.65
CA TYR H 110 9.98 22.54 40.49
C TYR H 110 9.53 22.55 41.94
N LEU H 111 8.24 22.80 42.18
CA LEU H 111 7.73 22.86 43.55
C LEU H 111 7.78 21.50 44.22
N LEU H 112 7.42 20.44 43.49
CA LEU H 112 7.48 19.09 44.07
C LEU H 112 8.91 18.71 44.42
N ASP H 113 9.86 19.00 43.53
CA ASP H 113 11.25 18.70 43.82
C ASP H 113 11.74 19.49 45.02
N TYR H 114 11.36 20.77 45.11
CA TYR H 114 11.74 21.58 46.26
C TYR H 114 11.19 20.99 47.55
N GLU H 115 9.92 20.59 47.55
CA GLU H 115 9.32 20.03 48.76
C GLU H 115 9.98 18.72 49.16
N LEU H 116 10.24 17.84 48.19
CA LEU H 116 10.87 16.57 48.50
C LEU H 116 12.29 16.77 49.03
N SER H 117 13.06 17.67 48.41
CA SER H 117 14.40 17.94 48.89
C SER H 117 14.39 18.57 50.28
N LEU H 118 13.40 19.42 50.57
CA LEU H 118 13.29 20.00 51.89
C LEU H 118 12.97 18.94 52.93
N LEU H 119 12.09 18.00 52.61
CA LEU H 119 11.71 16.98 53.57
C LEU H 119 12.70 15.83 53.65
N GLN H 120 13.64 15.72 52.72
CA GLN H 120 14.60 14.63 52.71
C GLN H 120 15.84 14.93 53.54
N GLN H 121 15.76 15.86 54.48
CA GLN H 121 16.86 16.13 55.39
C GLN H 121 16.45 16.08 56.86
N SER H 122 15.16 15.93 57.15
CA SER H 122 14.68 15.76 58.51
C SER H 122 14.01 14.41 58.74
N TYR H 123 13.29 13.87 57.75
CA TYR H 123 12.67 12.56 57.83
C TYR H 123 13.07 11.79 56.57
N LYS H 124 14.22 11.13 56.62
CA LYS H 124 14.72 10.39 55.48
C LYS H 124 14.46 8.89 55.57
N GLU H 125 14.16 8.38 56.76
CA GLU H 125 13.93 6.97 56.98
C GLU H 125 12.46 6.59 57.00
N GLN H 126 11.57 7.51 56.62
CA GLN H 126 10.14 7.29 56.77
C GLN H 126 9.37 7.37 55.46
N PHE H 127 10.04 7.48 54.32
CA PHE H 127 9.31 7.52 53.05
C PHE H 127 10.22 7.07 51.93
N ILE H 128 9.59 6.60 50.85
CA ILE H 128 10.28 6.31 49.60
C ILE H 128 9.47 6.92 48.46
N THR H 129 10.14 7.19 47.35
CA THR H 129 9.55 7.90 46.22
C THR H 129 9.66 7.07 44.96
N ILE H 130 8.59 7.10 44.15
CA ILE H 130 8.53 6.42 42.86
C ILE H 130 7.97 7.41 41.85
N ARG H 131 8.70 7.64 40.76
CA ARG H 131 8.30 8.59 39.74
C ARG H 131 8.02 7.85 38.44
N LEU H 132 6.90 8.18 37.81
CA LEU H 132 6.53 7.61 36.52
C LEU H 132 6.23 8.74 35.53
N ASN H 133 6.62 8.53 34.28
CA ASN H 133 6.42 9.51 33.23
C ASN H 133 5.50 8.92 32.17
N GLY H 134 4.48 9.68 31.77
CA GLY H 134 3.50 9.18 30.83
C GLY H 134 3.97 9.10 29.40
N PHE H 135 5.16 9.63 29.09
CA PHE H 135 5.67 9.60 27.73
C PHE H 135 6.58 8.42 27.45
N ILE H 136 7.28 7.91 28.46
CA ILE H 136 8.21 6.81 28.28
C ILE H 136 7.80 5.58 29.08
N HIS H 137 6.52 5.49 29.46
CA HIS H 137 6.00 4.34 30.19
C HIS H 137 4.66 3.96 29.59
N SER H 138 4.61 2.80 28.96
CA SER H 138 3.37 2.30 28.37
C SER H 138 2.52 1.66 29.46
N GLU H 139 1.45 0.97 29.06
CA GLU H 139 0.58 0.29 30.01
C GLU H 139 1.18 -1.02 30.50
N GLN H 140 2.28 -1.48 29.91
CA GLN H 140 2.95 -2.71 30.32
C GLN H 140 4.26 -2.45 31.06
N THR H 141 5.08 -1.53 30.56
CA THR H 141 6.35 -1.24 31.21
C THR H 141 6.18 -0.51 32.53
N ALA H 142 4.99 0.00 32.82
CA ALA H 142 4.76 0.68 34.10
C ALA H 142 4.93 -0.29 35.26
N ILE H 143 4.45 -1.52 35.12
CA ILE H 143 4.57 -2.51 36.18
C ILE H 143 6.04 -2.81 36.45
N ASN H 144 6.81 -3.02 35.37
CA ASN H 144 8.23 -3.32 35.54
C ASN H 144 8.97 -2.15 36.18
N GLY H 145 8.67 -0.93 35.74
CA GLY H 145 9.29 0.23 36.34
C GLY H 145 8.97 0.38 37.82
N ILE H 146 7.70 0.18 38.18
CA ILE H 146 7.31 0.27 39.58
C ILE H 146 8.03 -0.77 40.41
N ALA H 147 8.08 -2.00 39.91
CA ALA H 147 8.75 -3.07 40.66
C ALA H 147 10.24 -2.77 40.84
N THR H 148 10.90 -2.34 39.76
CA THR H 148 12.33 -2.07 39.85
C THR H 148 12.63 -0.94 40.83
N GLN H 149 11.88 0.16 40.74
CA GLN H 149 12.12 1.29 41.63
C GLN H 149 11.81 0.91 43.08
N LEU H 150 10.73 0.15 43.30
CA LEU H 150 10.40 -0.30 44.65
C LEU H 150 11.52 -1.14 45.23
N GLU H 151 12.04 -2.09 44.43
CA GLU H 151 13.13 -2.93 44.90
C GLU H 151 14.37 -2.10 45.23
N GLN H 152 14.73 -1.18 44.35
CA GLN H 152 15.94 -0.37 44.58
C GLN H 152 15.81 0.48 45.83
N GLN H 153 14.67 1.17 45.98
CA GLN H 153 14.49 2.03 47.14
C GLN H 153 14.44 1.23 48.43
N LEU H 154 13.76 0.08 48.43
CA LEU H 154 13.69 -0.73 49.63
C LEU H 154 15.06 -1.28 50.01
N GLN H 155 15.86 -1.69 49.02
CA GLN H 155 17.21 -2.13 49.30
C GLN H 155 18.06 -0.99 49.87
N LYS H 156 17.91 0.21 49.32
CA LYS H 156 18.69 1.34 49.80
C LYS H 156 18.32 1.72 51.23
N ILE H 157 17.02 1.65 51.57
CA ILE H 157 16.57 2.07 52.90
C ILE H 157 17.21 1.19 53.97
N HIS H 158 17.20 -0.12 53.77
CA HIS H 158 17.79 -1.05 54.73
C HIS H 158 19.25 -1.32 54.40
N THR H 171 12.98 -12.40 44.86
CA THR H 171 12.87 -10.96 44.70
C THR H 171 11.51 -10.57 44.13
N ILE H 172 11.37 -9.29 43.76
CA ILE H 172 10.11 -8.77 43.28
C ILE H 172 10.08 -8.69 41.75
N SER H 173 11.17 -8.26 41.14
CA SER H 173 11.19 -7.96 39.70
C SER H 173 11.32 -9.20 38.83
N SER H 174 11.51 -10.38 39.40
CA SER H 174 11.74 -11.60 38.64
C SER H 174 10.42 -12.31 38.37
N GLY H 175 10.25 -12.78 37.14
CA GLY H 175 9.09 -13.55 36.73
C GLY H 175 8.39 -12.91 35.54
N SER H 176 7.25 -13.49 35.20
CA SER H 176 6.44 -12.95 34.11
C SER H 176 5.71 -11.69 34.58
N LEU H 177 4.97 -11.09 33.65
CA LEU H 177 4.26 -9.85 33.98
C LEU H 177 3.19 -10.08 35.05
N THR H 178 2.44 -11.18 34.93
CA THR H 178 1.37 -11.44 35.89
C THR H 178 1.95 -11.74 37.28
N GLU H 179 3.08 -12.43 37.36
CA GLU H 179 3.70 -12.69 38.65
C GLU H 179 4.15 -11.40 39.31
N VAL H 180 4.78 -10.51 38.54
CA VAL H 180 5.21 -9.22 39.08
C VAL H 180 4.01 -8.41 39.56
N PHE H 181 2.94 -8.38 38.76
CA PHE H 181 1.76 -7.62 39.14
C PHE H 181 1.16 -8.16 40.43
N GLU H 182 1.02 -9.48 40.54
CA GLU H 182 0.46 -10.07 41.75
C GLU H 182 1.37 -9.85 42.95
N LYS H 183 2.68 -9.85 42.74
CA LYS H 183 3.61 -9.64 43.86
C LYS H 183 3.51 -8.20 44.37
N ILE H 184 3.49 -7.22 43.48
CA ILE H 184 3.37 -5.84 43.94
C ILE H 184 1.99 -5.59 44.55
N LEU H 185 0.94 -6.24 44.03
CA LEU H 185 -0.38 -6.10 44.63
C LEU H 185 -0.40 -6.68 46.04
N LEU H 186 0.23 -7.84 46.23
CA LEU H 186 0.31 -8.43 47.56
C LEU H 186 1.13 -7.57 48.50
N LEU H 187 2.17 -6.90 47.98
CA LEU H 187 3.00 -6.04 48.83
C LEU H 187 2.24 -4.79 49.26
N LEU H 188 1.56 -4.13 48.33
CA LEU H 188 0.94 -2.84 48.63
C LEU H 188 -0.54 -2.97 49.03
N ASP H 189 -1.35 -3.59 48.17
CA ASP H 189 -2.79 -3.64 48.41
C ASP H 189 -3.12 -4.41 49.68
N SER H 190 -2.43 -5.52 49.92
CA SER H 190 -2.67 -6.37 51.08
C SER H 190 -4.12 -6.84 51.15
N SER H 206 7.48 3.50 68.73
CA SER H 206 6.89 2.20 68.40
C SER H 206 7.26 1.79 66.98
N ILE H 207 6.31 1.17 66.29
CA ILE H 207 6.51 0.67 64.93
C ILE H 207 5.52 1.36 64.02
N THR H 208 6.01 1.97 62.94
CA THR H 208 5.18 2.66 61.97
C THR H 208 5.59 2.24 60.57
N LYS H 209 4.67 2.43 59.63
CA LYS H 209 4.89 2.01 58.26
C LYS H 209 5.79 3.00 57.53
N ILE H 210 6.00 2.75 56.23
CA ILE H 210 6.79 3.61 55.37
C ILE H 210 5.92 4.04 54.20
N THR H 211 5.82 5.35 53.99
CA THR H 211 4.94 5.88 52.96
C THR H 211 5.61 5.83 51.59
N VAL H 212 4.90 5.29 50.62
CA VAL H 212 5.32 5.28 49.22
C VAL H 212 4.66 6.47 48.54
N VAL H 213 5.46 7.33 47.94
CA VAL H 213 4.97 8.55 47.32
C VAL H 213 5.11 8.40 45.80
N PHE H 214 3.97 8.33 45.11
CA PHE H 214 3.97 8.24 43.66
C PHE H 214 3.94 9.64 43.06
N ILE H 215 4.65 9.81 41.95
CA ILE H 215 4.71 11.09 41.23
C ILE H 215 4.48 10.77 39.76
N PHE H 216 3.26 11.04 39.29
CA PHE H 216 2.95 10.85 37.88
C PHE H 216 3.27 12.11 37.08
N ASP H 217 3.70 11.90 35.84
CA ASP H 217 3.91 12.98 34.89
C ASP H 217 3.10 12.67 33.63
N GLU H 218 2.32 13.66 33.18
CA GLU H 218 1.42 13.51 32.04
C GLU H 218 0.45 12.35 32.27
N ILE H 219 -0.35 12.49 33.33
CA ILE H 219 -1.29 11.45 33.71
C ILE H 219 -2.41 11.30 32.69
N ASP H 220 -2.58 12.27 31.79
CA ASP H 220 -3.67 12.20 30.82
C ASP H 220 -3.43 11.12 29.75
N THR H 221 -2.23 10.58 29.64
CA THR H 221 -1.97 9.49 28.71
C THR H 221 -2.33 8.13 29.29
N PHE H 222 -2.46 8.01 30.60
CA PHE H 222 -2.92 6.80 31.24
C PHE H 222 -4.43 6.79 31.46
N ALA H 223 -5.13 7.82 31.01
CA ALA H 223 -6.58 7.91 31.20
C ALA H 223 -7.28 7.92 29.86
N GLY H 224 -6.88 7.01 28.97
CA GLY H 224 -7.48 6.92 27.66
C GLY H 224 -8.87 6.33 27.73
N PRO H 225 -9.49 6.15 26.56
CA PRO H 225 -10.87 5.67 26.49
C PRO H 225 -11.03 4.16 26.36
N VAL H 226 -9.98 3.37 26.60
CA VAL H 226 -10.01 1.93 26.33
C VAL H 226 -10.01 1.10 27.62
N ARG H 227 -8.96 1.21 28.44
CA ARG H 227 -8.81 0.31 29.57
C ARG H 227 -8.84 1.02 30.92
N GLN H 228 -7.93 1.96 31.17
CA GLN H 228 -7.79 2.63 32.46
C GLN H 228 -7.75 1.61 33.60
N THR H 229 -6.70 0.78 33.59
CA THR H 229 -6.57 -0.27 34.60
C THR H 229 -5.54 0.05 35.68
N LEU H 230 -4.52 0.85 35.38
CA LEU H 230 -3.52 1.18 36.39
C LEU H 230 -4.07 2.20 37.38
N LEU H 231 -4.78 3.22 36.89
CA LEU H 231 -5.33 4.23 37.78
C LEU H 231 -6.34 3.64 38.74
N TYR H 232 -7.16 2.70 38.25
CA TYR H 232 -8.13 2.02 39.11
C TYR H 232 -7.42 1.34 40.27
N ASN H 233 -6.37 0.57 39.97
CA ASN H 233 -5.64 -0.14 41.02
C ASN H 233 -4.98 0.82 41.99
N LEU H 234 -4.37 1.89 41.48
CA LEU H 234 -3.67 2.82 42.37
C LEU H 234 -4.65 3.57 43.28
N PHE H 235 -5.78 4.01 42.74
CA PHE H 235 -6.77 4.67 43.59
C PHE H 235 -7.39 3.70 44.59
N ASP H 236 -7.55 2.42 44.20
CA ASP H 236 -8.01 1.43 45.16
C ASP H 236 -6.97 1.23 46.27
N MET H 237 -5.69 1.27 45.92
CA MET H 237 -4.63 1.20 46.92
C MET H 237 -4.74 2.38 47.88
N VAL H 238 -4.99 3.58 47.35
CA VAL H 238 -5.15 4.75 48.20
C VAL H 238 -6.35 4.59 49.13
N GLU H 239 -7.45 4.06 48.59
CA GLU H 239 -8.68 3.98 49.37
C GLU H 239 -8.61 2.90 50.44
N HIS H 240 -8.43 1.65 50.03
CA HIS H 240 -8.49 0.50 50.95
C HIS H 240 -7.10 -0.12 51.04
N SER H 241 -6.32 0.30 52.03
CA SER H 241 -5.02 -0.31 52.28
C SER H 241 -4.58 0.04 53.70
N ARG H 242 -3.60 -0.73 54.18
CA ARG H 242 -2.99 -0.47 55.47
C ARG H 242 -1.64 0.24 55.35
N VAL H 243 -1.10 0.35 54.14
CA VAL H 243 0.15 1.05 53.89
C VAL H 243 -0.20 2.45 53.39
N PRO H 244 0.16 3.52 54.11
CA PRO H 244 -0.18 4.87 53.64
C PRO H 244 0.45 5.16 52.29
N VAL H 245 -0.33 5.78 51.41
CA VAL H 245 0.10 6.08 50.05
C VAL H 245 -0.32 7.50 49.71
N CYS H 246 0.56 8.22 49.03
CA CYS H 246 0.27 9.56 48.53
C CYS H 246 0.64 9.61 47.05
N ILE H 247 -0.27 10.08 46.22
CA ILE H 247 -0.06 10.11 44.77
C ILE H 247 -0.35 11.50 44.23
N PHE H 248 0.59 12.01 43.44
CA PHE H 248 0.49 13.28 42.75
C PHE H 248 0.45 13.03 41.25
N GLY H 249 -0.52 13.62 40.57
CA GLY H 249 -0.59 13.59 39.13
C GLY H 249 -0.32 14.97 38.58
N CYS H 250 0.19 15.03 37.36
CA CYS H 250 0.48 16.31 36.70
C CYS H 250 -0.04 16.26 35.29
N THR H 251 -0.78 17.28 34.88
CA THR H 251 -1.27 17.35 33.52
C THR H 251 -1.57 18.81 33.17
N THR H 252 -1.74 19.06 31.87
CA THR H 252 -2.00 20.40 31.38
C THR H 252 -3.42 20.61 30.88
N LYS H 253 -4.22 19.57 30.78
CA LYS H 253 -5.59 19.71 30.31
C LYS H 253 -6.46 20.35 31.40
N LEU H 254 -7.40 21.19 30.98
CA LEU H 254 -8.28 21.88 31.91
C LEU H 254 -9.52 21.07 32.27
N ASN H 255 -9.77 19.96 31.58
CA ASN H 255 -10.94 19.12 31.81
C ASN H 255 -10.52 17.68 32.04
N ILE H 256 -9.51 17.49 32.90
CA ILE H 256 -9.00 16.15 33.17
C ILE H 256 -10.06 15.29 33.83
N LEU H 257 -10.98 15.89 34.59
CA LEU H 257 -11.98 15.12 35.30
C LEU H 257 -12.94 14.39 34.37
N GLU H 258 -13.02 14.80 33.09
CA GLU H 258 -13.89 14.15 32.13
C GLU H 258 -13.18 13.07 31.32
N TYR H 259 -11.91 12.83 31.59
CA TYR H 259 -11.20 11.71 30.96
C TYR H 259 -11.37 10.42 31.74
N LEU H 260 -11.56 10.51 33.05
CA LEU H 260 -11.69 9.32 33.89
C LEU H 260 -13.05 8.67 33.69
N GLU H 261 -13.08 7.34 33.71
CA GLU H 261 -14.33 6.61 33.61
C GLU H 261 -15.06 6.64 34.95
N LYS H 262 -16.22 6.00 34.99
CA LYS H 262 -17.11 6.16 36.14
C LYS H 262 -16.49 5.65 37.44
N ARG H 263 -15.99 4.41 37.43
CA ARG H 263 -15.45 3.84 38.66
C ARG H 263 -14.18 4.54 39.10
N VAL H 264 -13.29 4.85 38.16
CA VAL H 264 -12.04 5.54 38.50
C VAL H 264 -12.33 6.91 39.06
N LYS H 265 -13.26 7.64 38.46
CA LYS H 265 -13.62 8.96 38.98
C LYS H 265 -14.27 8.84 40.36
N SER H 266 -15.07 7.79 40.57
CA SER H 266 -15.68 7.58 41.87
C SER H 266 -14.63 7.34 42.95
N ARG H 267 -13.59 6.56 42.63
CA ARG H 267 -12.53 6.30 43.61
C ARG H 267 -11.61 7.49 43.80
N PHE H 268 -11.65 8.47 42.91
CA PHE H 268 -10.82 9.66 43.05
C PHE H 268 -11.26 10.48 44.25
N SER H 269 -10.33 11.26 44.80
CA SER H 269 -10.60 12.10 45.96
C SER H 269 -11.20 13.45 45.59
N GLN H 270 -11.37 13.73 44.29
CA GLN H 270 -12.00 14.96 43.81
C GLN H 270 -11.29 16.20 44.34
N ARG H 271 -9.96 16.17 44.35
CA ARG H 271 -9.16 17.29 44.81
C ARG H 271 -8.20 17.69 43.69
N VAL H 272 -8.46 18.86 43.09
CA VAL H 272 -7.64 19.40 42.02
C VAL H 272 -7.24 20.81 42.40
N ILE H 273 -5.95 21.13 42.26
CA ILE H 273 -5.42 22.45 42.56
C ILE H 273 -4.84 23.06 41.29
N TYR H 274 -5.21 24.30 41.00
CA TYR H 274 -4.83 24.98 39.77
C TYR H 274 -3.65 25.89 40.04
N MET H 275 -2.63 25.81 39.19
CA MET H 275 -1.43 26.61 39.37
C MET H 275 -1.74 28.09 39.18
N PRO H 276 -1.07 28.97 39.93
CA PRO H 276 -1.34 30.40 39.81
C PRO H 276 -0.76 30.98 38.52
N GLN H 277 -1.21 32.19 38.20
CA GLN H 277 -0.79 32.90 37.00
C GLN H 277 -0.41 34.32 37.36
N ILE H 278 0.40 34.93 36.49
CA ILE H 278 0.80 36.32 36.68
C ILE H 278 -0.38 37.23 36.33
N GLN H 279 -0.66 38.19 37.19
CA GLN H 279 -1.78 39.10 37.01
C GLN H 279 -1.38 40.55 36.78
N ASN H 280 -0.25 40.98 37.32
CA ASN H 280 0.20 42.36 37.19
C ASN H 280 1.61 42.39 36.58
N LEU H 281 2.17 43.59 36.51
CA LEU H 281 3.57 43.78 36.11
C LEU H 281 4.51 43.83 37.30
N ASP H 282 4.02 44.30 38.46
CA ASP H 282 4.83 44.30 39.66
C ASP H 282 5.27 42.90 40.05
N ASP H 283 4.45 41.88 39.75
CA ASP H 283 4.86 40.51 40.01
C ASP H 283 6.09 40.13 39.20
N MET H 284 6.10 40.48 37.91
CA MET H 284 7.27 40.19 37.08
C MET H 284 8.48 40.99 37.54
N VAL H 285 8.29 42.25 37.92
CA VAL H 285 9.40 43.06 38.41
C VAL H 285 9.99 42.44 39.68
N ASP H 286 9.13 42.01 40.61
CA ASP H 286 9.61 41.39 41.83
C ASP H 286 10.31 40.06 41.55
N ALA H 287 9.79 39.28 40.60
CA ALA H 287 10.45 38.03 40.24
C ALA H 287 11.85 38.29 39.69
N VAL H 288 11.99 39.30 38.82
CA VAL H 288 13.31 39.62 38.27
C VAL H 288 14.24 40.10 39.37
N ARG H 289 13.74 40.94 40.28
CA ARG H 289 14.57 41.42 41.37
C ARG H 289 15.04 40.27 42.26
N ASN H 290 14.16 39.30 42.53
CA ASN H 290 14.56 38.15 43.31
C ASN H 290 15.58 37.30 42.56
N LEU H 291 15.44 37.20 41.23
CA LEU H 291 16.39 36.42 40.45
C LEU H 291 17.78 37.03 40.46
N LEU H 292 17.88 38.35 40.28
CA LEU H 292 19.16 39.00 40.01
C LEU H 292 19.71 39.77 41.22
N THR H 293 19.47 39.29 42.42
CA THR H 293 19.95 39.95 43.64
C THR H 293 20.79 38.96 44.43
N VAL H 294 22.09 39.22 44.50
CA VAL H 294 22.99 38.40 45.30
C VAL H 294 22.87 38.83 46.76
N ARG H 295 22.62 37.88 47.65
CA ARG H 295 22.33 38.15 49.05
C ARG H 295 23.31 37.42 49.96
N SER H 296 24.58 37.39 49.57
CA SER H 296 25.61 36.73 50.37
C SER H 296 26.96 37.31 49.97
N GLU H 297 27.67 37.90 50.93
CA GLU H 297 28.97 38.51 50.65
C GLU H 297 29.97 37.44 50.23
N ILE H 298 30.30 37.39 48.94
CA ILE H 298 31.20 36.38 48.41
C ILE H 298 32.26 37.04 47.53
N SER H 299 32.02 38.30 47.15
CA SER H 299 32.92 39.01 46.25
C SER H 299 32.90 40.48 46.63
N PRO H 300 34.01 41.20 46.40
CA PRO H 300 34.03 42.64 46.72
C PRO H 300 33.02 43.46 45.93
N TRP H 301 32.59 42.99 44.76
CA TRP H 301 31.70 43.76 43.90
C TRP H 301 30.23 43.64 44.28
N VAL H 302 29.87 42.68 45.15
CA VAL H 302 28.47 42.43 45.44
C VAL H 302 27.82 43.65 46.08
N SER H 303 28.61 44.49 46.75
CA SER H 303 28.06 45.71 47.33
C SER H 303 27.57 46.67 46.25
N GLN H 304 28.32 46.79 45.15
CA GLN H 304 27.96 47.77 44.12
C GLN H 304 26.88 47.24 43.19
N TRP H 305 27.00 45.98 42.74
CA TRP H 305 26.05 45.42 41.80
C TRP H 305 24.64 45.45 42.37
N ASN H 306 24.47 45.02 43.62
CA ASN H 306 23.17 45.06 44.26
C ASN H 306 22.58 46.47 44.24
N GLU H 307 23.44 47.48 44.31
CA GLU H 307 22.95 48.86 44.19
C GLU H 307 22.52 49.16 42.76
N THR H 308 23.36 48.79 41.79
CA THR H 308 23.11 49.19 40.40
C THR H 308 21.78 48.66 39.90
N LEU H 309 21.48 47.38 40.18
CA LEU H 309 20.19 46.83 39.78
C LEU H 309 19.04 47.63 40.38
N GLU H 310 19.18 48.06 41.63
CA GLU H 310 18.12 48.83 42.27
C GLU H 310 17.89 50.17 41.58
N LYS H 311 18.87 50.67 40.83
CA LYS H 311 18.67 51.90 40.09
C LYS H 311 18.02 51.67 38.73
N GLU H 312 17.93 50.42 38.28
CA GLU H 312 17.29 50.11 37.00
C GLU H 312 15.90 49.51 37.16
N LEU H 313 15.55 49.01 38.34
CA LEU H 313 14.21 48.49 38.59
C LEU H 313 13.30 49.51 39.27
N SER H 314 13.85 50.61 39.77
CA SER H 314 13.05 51.67 40.35
C SER H 314 12.66 52.73 39.33
N ASP H 315 13.56 53.05 38.41
CA ASP H 315 13.27 54.01 37.36
C ASP H 315 12.31 53.39 36.35
N PRO H 316 11.16 54.02 36.08
CA PRO H 316 10.18 53.43 35.16
C PRO H 316 10.50 53.64 33.69
N ARG H 317 11.59 54.33 33.36
CA ARG H 317 11.96 54.60 31.97
C ARG H 317 13.16 53.80 31.51
N SER H 318 13.74 52.96 32.37
CA SER H 318 14.91 52.19 32.00
C SER H 318 14.56 51.14 30.94
N ASN H 319 15.58 50.72 30.19
CA ASN H 319 15.37 49.76 29.12
C ASN H 319 14.92 48.40 29.66
N LEU H 320 15.43 48.01 30.82
CA LEU H 320 15.03 46.74 31.40
C LEU H 320 13.54 46.70 31.68
N ASN H 321 12.99 47.80 32.21
CA ASN H 321 11.56 47.86 32.47
C ASN H 321 10.76 47.78 31.16
N ARG H 322 11.25 48.43 30.10
CA ARG H 322 10.56 48.36 28.82
C ARG H 322 10.54 46.94 28.27
N HIS H 323 11.67 46.24 28.38
CA HIS H 323 11.71 44.85 27.91
C HIS H 323 10.81 43.97 28.75
N ILE H 324 10.78 44.18 30.07
CA ILE H 324 9.91 43.42 30.94
C ILE H 324 8.44 43.65 30.55
N ARG H 325 8.08 44.91 30.30
CA ARG H 325 6.70 45.20 29.89
C ARG H 325 6.36 44.56 28.56
N MET H 326 7.29 44.58 27.61
CA MET H 326 7.04 43.93 26.32
C MET H 326 6.81 42.43 26.51
N ASN H 327 7.64 41.79 27.33
CA ASN H 327 7.46 40.37 27.60
C ASN H 327 6.12 40.12 28.30
N PHE H 328 5.72 41.02 29.19
CA PHE H 328 4.44 40.88 29.88
C PHE H 328 3.27 40.97 28.91
N GLU H 329 3.34 41.89 27.95
CA GLU H 329 2.25 42.06 27.01
C GLU H 329 2.28 41.06 25.86
N THR H 330 3.38 40.35 25.64
CA THR H 330 3.48 39.44 24.52
C THR H 330 3.60 37.98 24.95
N PHE H 331 4.62 37.64 25.75
CA PHE H 331 4.86 36.26 26.15
C PHE H 331 4.30 35.94 27.54
N ARG H 332 4.59 36.78 28.53
CA ARG H 332 4.17 36.58 29.91
C ARG H 332 4.66 35.23 30.45
N SER H 333 5.99 35.09 30.49
CA SER H 333 6.60 33.86 30.98
C SER H 333 8.02 34.17 31.44
N LEU H 334 8.31 33.83 32.70
CA LEU H 334 9.66 34.04 33.22
C LEU H 334 10.74 33.25 32.48
N PRO H 335 10.56 31.96 32.14
CA PRO H 335 11.67 31.22 31.49
C PRO H 335 12.19 31.87 30.22
N THR H 336 11.34 32.49 29.42
CA THR H 336 11.81 33.16 28.21
C THR H 336 12.75 34.30 28.55
N LEU H 337 12.38 35.11 29.54
CA LEU H 337 13.24 36.20 29.98
C LEU H 337 14.55 35.66 30.56
N LYS H 338 14.46 34.55 31.30
CA LYS H 338 15.66 33.94 31.86
C LYS H 338 16.63 33.50 30.77
N ASN H 339 16.10 32.83 29.75
CA ASN H 339 16.92 32.40 28.62
C ASN H 339 17.51 33.60 27.90
N SER H 340 16.76 34.70 27.80
CA SER H 340 17.30 35.89 27.17
C SER H 340 18.44 36.49 28.00
N ILE H 341 18.30 36.49 29.33
CA ILE H 341 19.28 37.13 30.19
C ILE H 341 20.57 36.32 30.31
N ILE H 342 20.49 34.99 30.24
CA ILE H 342 21.67 34.15 30.48
C ILE H 342 22.89 34.58 29.66
N PRO H 343 22.84 34.63 28.32
CA PRO H 343 24.04 35.04 27.57
C PRO H 343 24.46 36.47 27.85
N LEU H 344 23.55 37.35 28.24
CA LEU H 344 23.92 38.73 28.54
C LEU H 344 24.90 38.79 29.71
N VAL H 345 24.68 37.98 30.74
CA VAL H 345 25.58 37.97 31.89
C VAL H 345 26.74 37.01 31.70
N ALA H 346 26.60 36.01 30.83
CA ALA H 346 27.70 35.08 30.59
C ALA H 346 28.66 35.55 29.51
N THR H 347 28.35 36.63 28.79
CA THR H 347 29.20 37.12 27.73
C THR H 347 30.21 38.17 28.19
N SER H 348 29.80 39.03 29.13
CA SER H 348 30.65 40.14 29.54
C SER H 348 31.94 39.65 30.20
N LYS H 349 33.02 40.38 29.98
CA LYS H 349 34.34 40.01 30.48
C LYS H 349 34.78 40.82 31.69
N ASN H 350 34.28 42.05 31.84
CA ASN H 350 34.71 42.94 32.92
C ASN H 350 33.48 43.51 33.61
N PHE H 351 33.68 43.93 34.87
CA PHE H 351 32.56 44.46 35.65
C PHE H 351 31.94 45.69 35.00
N GLY H 352 32.78 46.58 34.47
CA GLY H 352 32.25 47.73 33.76
C GLY H 352 31.41 47.34 32.55
N SER H 353 31.85 46.30 31.83
CA SER H 353 31.07 45.82 30.70
C SER H 353 29.72 45.28 31.15
N LEU H 354 29.68 44.54 32.25
CA LEU H 354 28.41 44.05 32.77
C LEU H 354 27.50 45.20 33.18
N CYS H 355 28.07 46.22 33.85
CA CYS H 355 27.26 47.35 34.28
C CYS H 355 26.67 48.10 33.08
N THR H 356 27.49 48.35 32.06
CA THR H 356 26.97 49.09 30.90
C THR H 356 26.00 48.23 30.10
N ALA H 357 26.18 46.91 30.08
CA ALA H 357 25.24 46.04 29.38
C ALA H 357 23.89 46.01 30.07
N ILE H 358 23.89 45.95 31.41
CA ILE H 358 22.62 45.99 32.12
C ILE H 358 22.02 47.39 32.11
N LYS H 359 22.82 48.43 31.91
CA LYS H 359 22.28 49.77 31.78
C LYS H 359 21.62 49.99 30.42
N SER H 360 22.21 49.46 29.35
CA SER H 360 21.71 49.69 28.01
C SER H 360 20.85 48.56 27.47
N CYS H 361 21.13 47.31 27.86
CA CYS H 361 20.38 46.14 27.40
C CYS H 361 20.37 46.05 25.87
N SER H 362 21.50 46.37 25.25
CA SER H 362 21.61 46.31 23.79
C SER H 362 21.76 44.89 23.27
N PHE H 363 22.09 43.92 24.12
CA PHE H 363 22.24 42.55 23.67
C PHE H 363 20.90 41.86 23.45
N LEU H 364 19.88 42.27 24.20
CA LEU H 364 18.56 41.67 24.05
C LEU H 364 17.98 41.95 22.66
N ASP H 365 18.29 43.11 22.09
CA ASP H 365 17.85 43.40 20.73
C ASP H 365 18.46 42.42 19.74
N ILE H 366 19.76 42.14 19.88
CA ILE H 366 20.43 41.19 18.99
C ILE H 366 19.83 39.80 19.17
N TYR H 367 19.58 39.41 20.42
CA TYR H 367 18.99 38.10 20.68
C TYR H 367 17.61 37.98 20.02
N ASN H 368 16.77 39.00 20.18
CA ASN H 368 15.45 38.99 19.56
C ASN H 368 15.54 38.95 18.04
N LYS H 369 16.47 39.72 17.48
CA LYS H 369 16.65 39.73 16.03
C LYS H 369 17.05 38.35 15.51
N ASN H 370 17.96 37.66 16.21
CA ASN H 370 18.33 36.32 15.78
C ASN H 370 17.16 35.36 15.91
N GLN H 371 16.39 35.47 17.00
CA GLN H 371 15.30 34.51 17.20
C GLN H 371 14.26 34.57 16.09
N LEU H 372 14.24 35.64 15.31
CA LEU H 372 13.32 35.78 14.18
C LEU H 372 14.03 35.70 12.84
N SER H 373 15.18 35.02 12.77
CA SER H 373 16.01 35.03 11.57
C SER H 373 15.75 33.85 10.64
N ASN H 374 14.80 32.99 10.96
CA ASN H 374 14.45 31.90 10.05
C ASN H 374 12.94 31.73 9.91
N ASN H 375 12.16 32.74 10.26
CA ASN H 375 10.71 32.67 10.09
C ASN H 375 10.36 32.93 8.63
N LEU H 376 9.08 33.15 8.36
CA LEU H 376 8.61 33.21 6.98
C LEU H 376 9.18 34.42 6.25
N THR H 377 9.30 35.55 6.94
CA THR H 377 9.85 36.76 6.32
C THR H 377 11.37 36.85 6.40
N GLY H 378 12.02 35.98 7.16
CA GLY H 378 13.48 35.99 7.22
C GLY H 378 14.14 35.25 6.08
N ARG H 379 13.43 34.35 5.42
CA ARG H 379 13.97 33.65 4.28
C ARG H 379 13.79 34.44 2.99
N LEU H 380 12.70 35.21 2.90
CA LEU H 380 12.37 35.94 1.69
C LEU H 380 13.41 37.00 1.34
N GLN H 381 14.24 37.40 2.30
CA GLN H 381 15.28 38.38 2.05
C GLN H 381 16.63 37.75 1.73
N SER H 382 16.65 36.46 1.43
CA SER H 382 17.86 35.73 1.07
C SER H 382 17.62 34.90 -0.18
N LEU H 383 16.99 35.51 -1.18
CA LEU H 383 16.66 34.85 -2.44
C LEU H 383 17.30 35.59 -3.59
N SER H 384 17.74 34.84 -4.60
CA SER H 384 18.29 35.44 -5.81
C SER H 384 17.18 35.97 -6.69
N ASP H 385 17.57 36.67 -7.76
CA ASP H 385 16.59 37.31 -8.63
C ASP H 385 15.69 36.28 -9.31
N LEU H 386 16.26 35.20 -9.83
CA LEU H 386 15.45 34.20 -10.53
C LEU H 386 14.45 33.53 -9.59
N GLU H 387 14.89 33.21 -8.37
CA GLU H 387 13.98 32.60 -7.41
C GLU H 387 12.84 33.54 -7.05
N LEU H 388 13.16 34.82 -6.86
CA LEU H 388 12.11 35.80 -6.55
C LEU H 388 11.12 35.92 -7.69
N ALA H 389 11.62 35.96 -8.94
CA ALA H 389 10.73 36.05 -10.08
C ALA H 389 9.83 34.82 -10.19
N ILE H 390 10.39 33.63 -9.98
CA ILE H 390 9.59 32.41 -10.04
C ILE H 390 8.54 32.41 -8.93
N LEU H 391 8.91 32.86 -7.73
CA LEU H 391 7.94 32.92 -6.64
C LEU H 391 6.80 33.89 -6.95
N ILE H 392 7.13 35.06 -7.49
CA ILE H 392 6.10 36.03 -7.85
C ILE H 392 5.18 35.46 -8.91
N SER H 393 5.76 34.81 -9.93
CA SER H 393 4.95 34.22 -11.00
C SER H 393 4.03 33.13 -10.45
N ALA H 394 4.54 32.28 -9.57
CA ALA H 394 3.72 31.22 -9.00
C ALA H 394 2.58 31.79 -8.16
N ALA H 395 2.87 32.84 -7.38
CA ALA H 395 1.80 33.47 -6.59
C ALA H 395 0.75 34.08 -7.49
N ARG H 396 1.17 34.74 -8.58
CA ARG H 396 0.20 35.31 -9.52
C ARG H 396 -0.67 34.24 -10.14
N VAL H 397 -0.08 33.10 -10.53
CA VAL H 397 -0.86 32.02 -11.11
C VAL H 397 -1.82 31.44 -10.08
N ALA H 398 -1.36 31.27 -8.84
CA ALA H 398 -2.21 30.66 -7.81
C ALA H 398 -3.35 31.58 -7.40
N LEU H 399 -3.19 32.90 -7.55
CA LEU H 399 -4.26 33.81 -7.18
C LEU H 399 -5.49 33.65 -8.08
N ARG H 400 -5.27 33.39 -9.38
CA ARG H 400 -6.39 33.32 -10.31
C ARG H 400 -7.16 32.01 -10.19
N ALA H 401 -6.51 30.93 -9.78
CA ALA H 401 -7.16 29.64 -9.72
C ALA H 401 -8.27 29.62 -8.67
N LYS H 402 -9.21 28.69 -8.83
CA LYS H 402 -10.36 28.61 -7.95
C LYS H 402 -9.95 28.20 -6.54
N ASP H 403 -9.19 27.11 -6.42
CA ASP H 403 -8.77 26.61 -5.12
C ASP H 403 -7.29 26.88 -4.84
N GLY H 404 -6.64 27.70 -5.66
CA GLY H 404 -5.26 28.06 -5.42
C GLY H 404 -4.23 27.08 -5.91
N SER H 405 -4.64 26.01 -6.57
CA SER H 405 -3.70 25.02 -7.06
C SER H 405 -3.04 25.48 -8.36
N PHE H 406 -1.83 24.98 -8.60
CA PHE H 406 -1.09 25.29 -9.82
C PHE H 406 -0.07 24.18 -10.04
N ASN H 407 0.83 24.39 -10.99
CA ASN H 407 1.91 23.43 -11.26
C ASN H 407 3.04 24.16 -11.97
N PHE H 408 4.01 23.40 -12.47
CA PHE H 408 5.23 23.99 -13.00
C PHE H 408 4.98 24.70 -14.32
N ASN H 409 4.20 24.10 -15.22
CA ASN H 409 4.05 24.63 -16.57
C ASN H 409 3.39 26.01 -16.56
N LEU H 410 2.32 26.17 -15.77
CA LEU H 410 1.65 27.46 -15.70
C LEU H 410 2.58 28.53 -15.13
N ALA H 411 3.34 28.18 -14.09
CA ALA H 411 4.27 29.12 -13.50
C ALA H 411 5.32 29.57 -14.51
N TYR H 412 5.86 28.62 -15.28
CA TYR H 412 6.87 28.99 -16.27
C TYR H 412 6.28 29.82 -17.39
N ALA H 413 5.04 29.52 -17.80
CA ALA H 413 4.40 30.32 -18.84
C ALA H 413 4.21 31.76 -18.37
N GLU H 414 3.73 31.94 -17.14
CA GLU H 414 3.59 33.28 -16.61
C GLU H 414 4.93 33.98 -16.48
N TYR H 415 5.97 33.23 -16.07
CA TYR H 415 7.30 33.81 -15.94
C TYR H 415 7.82 34.31 -17.28
N GLU H 416 7.66 33.51 -18.34
CA GLU H 416 8.15 33.92 -19.64
C GLU H 416 7.34 35.09 -20.18
N LYS H 417 6.03 35.12 -19.93
CA LYS H 417 5.24 36.27 -20.34
C LYS H 417 5.69 37.54 -19.64
N MET H 418 5.93 37.45 -18.32
CA MET H 418 6.39 38.61 -17.56
C MET H 418 7.76 39.08 -18.05
N ILE H 419 8.68 38.15 -18.32
CA ILE H 419 10.00 38.53 -18.80
C ILE H 419 9.91 39.19 -20.16
N LYS H 420 9.08 38.65 -21.06
CA LYS H 420 8.92 39.27 -22.37
C LYS H 420 8.34 40.67 -22.25
N ALA H 421 7.36 40.85 -21.36
CA ALA H 421 6.79 42.19 -21.17
C ALA H 421 7.83 43.16 -20.64
N ILE H 422 8.63 42.73 -19.66
CA ILE H 422 9.67 43.59 -19.11
C ILE H 422 10.68 43.98 -20.19
N ASN H 423 11.11 43.00 -20.99
CA ASN H 423 12.09 43.29 -22.04
C ASN H 423 11.52 44.24 -23.09
N SER H 424 10.26 44.02 -23.50
CA SER H 424 9.67 44.86 -24.53
C SER H 424 9.38 46.27 -24.02
N ARG H 425 9.12 46.42 -22.71
CA ARG H 425 8.85 47.75 -22.17
C ARG H 425 10.07 48.65 -22.31
N ILE H 426 11.26 48.12 -22.05
CA ILE H 426 12.49 48.90 -22.15
C ILE H 426 12.96 48.96 -23.59
N ASN H 446 19.18 47.06 -19.30
CA ASN H 446 19.63 46.01 -20.20
C ASN H 446 18.63 44.87 -20.26
N THR H 447 18.75 44.04 -21.30
CA THR H 447 17.86 42.89 -21.45
C THR H 447 18.10 41.88 -20.34
N ILE H 448 17.01 41.31 -19.82
CA ILE H 448 17.07 40.31 -18.77
C ILE H 448 17.05 38.93 -19.41
N LYS H 449 18.03 38.10 -19.06
CA LYS H 449 18.13 36.77 -19.64
C LYS H 449 16.93 35.92 -19.24
N LEU H 450 16.43 35.13 -20.20
CA LEU H 450 15.31 34.22 -19.98
C LEU H 450 15.88 32.81 -19.84
N TRP H 451 15.93 32.32 -18.60
CA TRP H 451 16.49 31.00 -18.34
C TRP H 451 15.58 29.92 -18.89
N LEU H 452 16.19 28.82 -19.32
CA LEU H 452 15.47 27.73 -19.97
C LEU H 452 14.74 26.88 -18.94
N LYS H 453 13.98 25.90 -19.43
CA LYS H 453 13.17 25.05 -18.56
C LYS H 453 14.04 24.23 -17.62
N LYS H 454 15.08 23.60 -18.16
CA LYS H 454 15.93 22.71 -17.38
C LYS H 454 16.71 23.44 -16.31
N ASP H 455 16.93 24.76 -16.46
CA ASP H 455 17.57 25.52 -15.41
C ASP H 455 16.56 26.01 -14.37
N VAL H 456 15.29 26.18 -14.76
CA VAL H 456 14.27 26.54 -13.80
C VAL H 456 13.82 25.34 -12.97
N LYS H 457 14.07 24.12 -13.45
CA LYS H 457 13.76 22.94 -12.64
C LYS H 457 14.51 22.93 -11.31
N ASN H 458 15.79 23.28 -11.35
CA ASN H 458 16.58 23.32 -10.13
C ASN H 458 16.06 24.37 -9.16
N VAL H 459 15.68 25.54 -9.68
CA VAL H 459 15.13 26.59 -8.83
C VAL H 459 13.80 26.14 -8.22
N TRP H 460 13.00 25.42 -8.99
CA TRP H 460 11.73 24.89 -8.47
C TRP H 460 11.98 23.93 -7.32
N GLU H 461 12.95 23.03 -7.48
CA GLU H 461 13.26 22.09 -6.40
C GLU H 461 13.82 22.82 -5.18
N ASN H 462 14.66 23.83 -5.40
CA ASN H 462 15.19 24.61 -4.29
C ASN H 462 14.08 25.32 -3.53
N LEU H 463 13.10 25.86 -4.26
CA LEU H 463 11.99 26.55 -3.61
C LEU H 463 11.11 25.58 -2.83
N VAL H 464 10.85 24.40 -3.39
CA VAL H 464 10.00 23.45 -2.67
C VAL H 464 10.74 22.88 -1.46
N GLN H 465 12.07 22.88 -1.49
CA GLN H 465 12.82 22.43 -0.31
C GLN H 465 12.70 23.42 0.84
N LEU H 466 12.76 24.73 0.54
CA LEU H 466 12.75 25.76 1.57
C LEU H 466 11.37 26.01 2.17
N ASP H 467 10.40 25.14 1.89
CA ASP H 467 9.05 25.22 2.44
C ASP H 467 8.37 26.54 2.05
N PHE H 468 8.26 26.73 0.73
CA PHE H 468 7.42 27.79 0.17
C PHE H 468 6.16 27.26 -0.49
N PHE H 469 6.22 26.07 -1.08
CA PHE H 469 5.05 25.36 -1.59
C PHE H 469 4.85 24.07 -0.83
N THR H 470 3.62 23.57 -0.86
CA THR H 470 3.29 22.26 -0.34
C THR H 470 2.44 21.53 -1.37
N GLU H 471 2.41 20.20 -1.27
CA GLU H 471 1.61 19.43 -2.21
C GLU H 471 0.13 19.72 -2.00
N LYS H 472 -0.70 19.18 -2.90
CA LYS H 472 -2.10 19.59 -3.00
C LYS H 472 -2.82 19.42 -1.67
N SER H 473 -2.96 18.18 -1.22
CA SER H 473 -3.59 17.88 0.08
C SER H 473 -2.75 16.80 0.74
N ALA H 474 -1.74 17.22 1.49
CA ALA H 474 -0.82 16.31 2.15
C ALA H 474 -0.75 16.64 3.63
N VAL H 475 -0.93 15.63 4.47
CA VAL H 475 -0.74 15.81 5.90
C VAL H 475 0.76 15.82 6.19
N GLY H 476 1.11 16.36 7.35
CA GLY H 476 2.52 16.52 7.67
C GLY H 476 3.05 15.37 8.49
N LEU H 477 3.30 15.59 9.77
CA LEU H 477 3.78 14.53 10.65
C LEU H 477 2.62 13.96 11.45
N ARG H 478 2.55 12.64 11.50
CA ARG H 478 1.45 11.98 12.19
C ARG H 478 1.58 12.15 13.70
N ASP H 479 0.47 11.99 14.40
CA ASP H 479 0.44 12.25 15.83
C ASP H 479 1.26 11.22 16.61
N ASN H 480 1.11 9.95 16.28
CA ASN H 480 1.77 8.87 17.00
C ASN H 480 2.53 7.98 16.02
N ALA H 481 3.18 6.94 16.57
CA ALA H 481 4.04 6.07 15.78
C ALA H 481 3.25 5.14 14.89
N THR H 482 2.12 4.61 15.37
CA THR H 482 1.35 3.65 14.59
C THR H 482 0.81 4.29 13.32
N ALA H 483 0.37 5.55 13.40
CA ALA H 483 -0.13 6.24 12.21
C ALA H 483 0.98 6.40 11.17
N ALA H 484 2.18 6.76 11.62
CA ALA H 484 3.31 6.88 10.69
C ALA H 484 3.66 5.54 10.07
N PHE H 485 3.62 4.47 10.88
CA PHE H 485 3.91 3.13 10.34
C PHE H 485 2.87 2.73 9.30
N TYR H 486 1.59 3.01 9.56
CA TYR H 486 0.56 2.72 8.58
C TYR H 486 0.77 3.53 7.30
N ALA H 487 1.11 4.81 7.44
CA ALA H 487 1.26 5.67 6.27
C ALA H 487 2.51 5.35 5.47
N SER H 488 3.54 4.76 6.08
CA SER H 488 4.76 4.48 5.37
C SER H 488 4.67 3.27 4.45
N ASN H 489 3.57 2.51 4.52
CA ASN H 489 3.39 1.32 3.70
C ASN H 489 2.45 1.54 2.52
N TYR H 490 2.05 2.78 2.26
CA TYR H 490 1.11 3.10 1.20
C TYR H 490 1.77 4.06 0.23
N GLN H 491 1.66 3.76 -1.07
CA GLN H 491 2.27 4.57 -2.12
C GLN H 491 1.29 5.66 -2.53
N PHE H 492 1.59 6.89 -2.15
CA PHE H 492 0.73 8.02 -2.50
C PHE H 492 0.78 8.28 -4.01
N GLN H 493 -0.33 8.82 -4.52
CA GLN H 493 -0.43 9.10 -5.95
C GLN H 493 0.42 10.30 -6.37
N GLY H 494 0.90 11.11 -5.43
CA GLY H 494 1.74 12.24 -5.78
C GLY H 494 3.12 11.85 -6.24
N THR H 495 3.57 10.64 -5.92
CA THR H 495 4.90 10.18 -6.32
C THR H 495 4.88 9.33 -7.58
N MET H 496 3.72 9.18 -8.22
CA MET H 496 3.61 8.48 -9.49
C MET H 496 3.37 9.40 -10.67
N ILE H 497 2.72 10.53 -10.45
CA ILE H 497 2.53 11.53 -11.50
C ILE H 497 3.88 12.13 -11.87
N PRO H 498 4.16 12.39 -13.14
CA PRO H 498 5.45 13.00 -13.51
C PRO H 498 5.63 14.37 -12.87
N PHE H 499 6.85 14.90 -13.05
CA PHE H 499 7.23 16.13 -12.37
C PHE H 499 6.39 17.32 -12.80
N ASP H 500 6.01 17.39 -14.08
CA ASP H 500 5.39 18.59 -14.62
C ASP H 500 3.92 18.74 -14.22
N LEU H 501 3.30 17.73 -13.62
CA LEU H 501 1.86 17.77 -13.36
C LEU H 501 1.51 17.66 -11.88
N ARG H 502 2.46 17.77 -10.98
CA ARG H 502 2.15 17.75 -9.56
C ARG H 502 1.49 19.07 -9.16
N SER H 503 0.38 18.98 -8.43
CA SER H 503 -0.41 20.15 -8.05
C SER H 503 0.06 20.64 -6.68
N TYR H 504 0.65 21.83 -6.64
CA TYR H 504 1.14 22.43 -5.41
C TYR H 504 0.18 23.49 -4.91
N GLN H 505 0.43 23.96 -3.70
CA GLN H 505 -0.36 25.03 -3.10
C GLN H 505 0.58 26.04 -2.48
N MET H 506 0.10 27.28 -2.38
CA MET H 506 0.92 28.40 -1.95
C MET H 506 0.88 28.56 -0.44
N GLN H 507 1.97 29.10 0.12
CA GLN H 507 2.06 29.41 1.53
C GLN H 507 2.19 30.90 1.82
N ILE H 508 2.50 31.72 0.81
CA ILE H 508 2.56 33.17 0.95
C ILE H 508 1.69 33.77 -0.14
N ILE H 509 0.66 34.52 0.24
CA ILE H 509 -0.23 35.11 -0.74
C ILE H 509 0.42 36.36 -1.33
N LEU H 510 -0.14 36.88 -2.42
CA LEU H 510 0.50 37.95 -3.17
C LEU H 510 0.55 39.24 -2.36
N GLN H 511 -0.48 39.50 -1.55
CA GLN H 511 -0.50 40.73 -0.76
C GLN H 511 0.69 40.82 0.18
N GLU H 512 1.10 39.68 0.75
CA GLU H 512 2.26 39.68 1.64
C GLU H 512 3.54 39.99 0.87
N LEU H 513 3.67 39.48 -0.36
CA LEU H 513 4.80 39.85 -1.19
C LEU H 513 4.81 41.36 -1.45
N ARG H 514 3.63 41.92 -1.75
CA ARG H 514 3.56 43.36 -2.00
C ARG H 514 3.96 44.16 -0.76
N ARG H 515 3.54 43.69 0.42
CA ARG H 515 3.89 44.38 1.65
C ARG H 515 5.38 44.30 1.94
N ILE H 516 6.00 43.14 1.70
CA ILE H 516 7.37 42.93 2.17
C ILE H 516 8.39 43.52 1.20
N ILE H 517 8.25 43.23 -0.09
CA ILE H 517 9.30 43.55 -1.07
C ILE H 517 9.49 45.06 -1.13
N PRO H 518 10.72 45.57 -1.08
CA PRO H 518 10.92 47.02 -1.16
C PRO H 518 10.55 47.55 -2.53
N LYS H 519 10.19 48.84 -2.56
CA LYS H 519 9.70 49.48 -3.78
C LYS H 519 10.80 49.71 -4.81
N SER H 520 12.07 49.58 -4.43
CA SER H 520 13.16 49.78 -5.38
C SER H 520 13.41 48.59 -6.28
N ASN H 521 12.86 47.42 -5.95
CA ASN H 521 13.04 46.24 -6.78
C ASN H 521 12.30 46.41 -8.10
N MET H 522 12.90 45.87 -9.17
CA MET H 522 12.32 46.02 -10.50
C MET H 522 11.16 45.06 -10.75
N TYR H 523 10.92 44.10 -9.87
CA TYR H 523 9.75 43.23 -9.96
C TYR H 523 8.57 43.75 -9.15
N TYR H 524 8.70 44.94 -8.53
CA TYR H 524 7.67 45.41 -7.63
C TYR H 524 6.36 45.69 -8.34
N SER H 525 6.42 46.24 -9.55
CA SER H 525 5.20 46.61 -10.27
C SER H 525 4.36 45.39 -10.63
N TRP H 526 4.95 44.20 -10.63
CA TRP H 526 4.24 42.98 -11.03
C TRP H 526 3.66 42.21 -9.86
N THR H 527 3.73 42.77 -8.64
CA THR H 527 3.24 42.06 -7.47
C THR H 527 1.74 42.28 -7.22
N GLN H 528 1.06 43.00 -8.10
CA GLN H 528 -0.39 43.15 -8.01
C GLN H 528 -0.99 42.95 -9.39
N LEU H 529 -2.21 42.42 -9.42
CA LEU H 529 -2.91 42.18 -10.66
C LEU H 529 -3.48 43.48 -11.24
PG AGS I . 24.02 20.02 6.97
S1G AGS I . 23.20 19.36 5.36
O2G AGS I . 23.14 20.84 7.86
O3G AGS I . 24.76 19.01 7.78
PB AGS I . 26.18 21.82 7.52
O1B AGS I . 26.68 20.83 8.49
O2B AGS I . 25.62 23.12 7.99
O3B AGS I . 25.14 21.08 6.58
PA AGS I . 28.87 22.38 6.75
O1A AGS I . 29.41 21.27 7.58
O2A AGS I . 29.03 23.78 7.23
O3A AGS I . 27.34 22.12 6.47
O5' AGS I . 29.46 22.25 5.27
C5' AGS I . 29.72 23.44 4.51
C4' AGS I . 31.21 23.58 4.30
O4' AGS I . 31.52 24.94 3.93
C3' AGS I . 32.08 23.30 5.52
O3' AGS I . 32.41 21.91 5.63
C2' AGS I . 33.30 24.16 5.24
O2' AGS I . 34.16 23.57 4.30
C1' AGS I . 32.65 25.40 4.65
N9 AGS I . 32.20 26.39 5.63
C8 AGS I . 30.94 26.54 6.14
N7 AGS I . 30.83 27.52 7.00
C5 AGS I . 32.11 28.06 7.05
C6 AGS I . 32.65 29.13 7.77
N6 AGS I . 31.93 29.88 8.61
N1 AGS I . 33.95 29.41 7.61
C2 AGS I . 34.66 28.65 6.76
N3 AGS I . 34.26 27.61 6.02
C4 AGS I . 32.96 27.36 6.21
MG MG J . 26.00 18.63 9.22
PG AGS K . -18.21 -0.09 42.25
S1G AGS K . -19.75 -0.87 41.39
O2G AGS K . -17.75 1.22 41.71
O3G AGS K . -17.04 -1.01 42.42
PB AGS K . -19.07 -0.77 44.91
O1B AGS K . -20.54 -0.74 45.00
O2B AGS K . -18.36 -2.05 44.67
O3B AGS K . -18.61 0.24 43.76
PA AGS K . -19.14 -0.10 47.65
O1A AGS K . -20.27 0.86 47.59
O2A AGS K . -19.43 -1.51 48.00
O3A AGS K . -18.45 -0.08 46.22
O5' AGS K . -18.03 0.48 48.63
C5' AGS K . -17.83 1.92 48.66
C4' AGS K . -18.23 2.48 50.00
O4' AGS K . -19.67 2.64 50.07
C3' AGS K . -17.97 1.62 51.23
O3' AGS K . -16.60 1.68 51.61
C2' AGS K . -18.89 2.27 52.26
O2' AGS K . -18.25 3.27 53.02
C1' AGS K . -20.00 2.90 51.42
N9 AGS K . -21.32 2.37 51.68
C8 AGS K . -22.23 1.97 50.75
N7 AGS K . -23.35 1.53 51.26
C5 AGS K . -23.17 1.66 52.62
C6 AGS K . -24.00 1.37 53.72
N6 AGS K . -25.22 0.88 53.59
N1 AGS K . -23.52 1.62 54.96
C2 AGS K . -22.28 2.12 55.07
N3 AGS K . -21.42 2.44 54.12
C4 AGS K . -21.92 2.19 52.90
MG MG L . -16.67 -3.22 44.14
PG AGS M . 6.27 20.46 32.61
S1G AGS M . 4.37 20.40 32.82
O2G AGS M . 7.03 19.40 33.36
O3G AGS M . 6.75 20.53 31.19
PB AGS M . 6.58 22.29 34.76
O1B AGS M . 5.30 23.03 34.76
O2B AGS M . 6.74 21.11 35.63
O3B AGS M . 6.85 21.80 33.27
PA AGS M . 9.34 23.00 35.10
O1A AGS M . 9.54 21.72 35.82
O2A AGS M . 9.91 23.13 33.75
O3A AGS M . 7.77 23.30 35.04
O5' AGS M . 9.84 24.21 36.01
C5' AGS M . 9.80 25.54 35.47
C4' AGS M . 11.15 26.20 35.55
O4' AGS M . 11.94 25.58 36.61
C3' AGS M . 12.03 26.11 34.30
O3' AGS M . 12.92 27.21 34.25
C2' AGS M . 12.82 24.83 34.59
O2' AGS M . 13.99 24.71 33.82
C1' AGS M . 13.12 25.04 36.07
N9 AGS M . 13.44 23.81 36.77
C8 AGS M . 12.94 22.57 36.50
N7 AGS M . 13.41 21.64 37.29
C5 AGS M . 14.27 22.31 38.14
C6 AGS M . 15.07 21.87 39.20
N6 AGS M . 15.13 20.61 39.61
N1 AGS M . 15.82 22.80 39.84
C2 AGS M . 15.75 24.08 39.43
N3 AGS M . 15.03 24.60 38.45
C4 AGS M . 14.30 23.66 37.83
MG MG N . 7.39 18.07 34.87
#